data_7OJF
#
_entry.id   7OJF
#
_cell.length_a   1.000
_cell.length_b   1.000
_cell.length_c   1.000
_cell.angle_alpha   90.00
_cell.angle_beta   90.00
_cell.angle_gamma   90.00
#
_symmetry.space_group_name_H-M   'P 1'
#
loop_
_entity.id
_entity.type
_entity.pdbx_description
1 polymer 'Outer membrane lipoprotein slyB'
2 polymer 'Outer membrane protein assembly factor BamA'
3 non-polymer 'PALMITIC ACID'
4 non-polymer '(2~{R},4~{R},5~{R},6~{R})-6-[(1~{R})-1,2-bis(oxidanyl)ethyl]-2-[[(2~{R},3~{S},4~{R},5~{R},6~{R})-5-[[(~{E},3~{R})-3-dodecanoyloxytetradec-5-enoyl]amino]-6-[[(2~{R},3~{S},4~{R},5~{R},6~{R})-3-oxidanyl-5-[[(~{E},3~{R})-3-oxidanyltetradec-11-enoyl]amino]-4-[(~{E},3~{R})-3-oxidanyltetradec-5-enoyl]oxy-6-phosphonooxy-oxan-2-yl]methoxy]-3-phosphonooxy-4-[(~{E},3~{R})-3-tetradecanoyloxytetradec-7-enoyl]oxy-oxan-2-yl]methoxy]-4,5-bis(oxidanyl)oxane-2-carboxylic acid'
5 non-polymer '2-(HEXADECANOYLOXY)-1-[(PHOSPHONOOXY)METHYL]ETHYL HEXADECANOATE'
6 non-polymer GLYCEROL
#
loop_
_entity_poly.entity_id
_entity_poly.type
_entity_poly.pdbx_seq_one_letter_code
_entity_poly.pdbx_strand_id
1 'polypeptide(L)'
;MIKRVLVVSMVGLSLVGCVNNDTLSGDVYTASEAKQVQNVSYGTIVNVRPVQIQGGDDSNVIGAIGGAVLGGFLGNTVGG
GTGRSLATAAGAVAGGVAGQGVQSAMNKTQGVELEIRKDDGNTIMVVQKQGNTRFSPGQRVVLASNGSQVTVSPR
;
A,B,C,D,E,F,G,H,I,J,K,L,M
2 'polypeptide(L)'
;MAMKKLLIASLLFSSATVYGAEGFVVKDIHFEGLQRVAVGAALLSMPVRTGDTVNDEDISNTIRALFATGNFEDVRVLRD
GDTLLVQVKERPTIASITFSGNKSVKDDMLKQNLEASGVRVGESLDRTTIADIEKGLEDFYYSVGKYSASVKAVVTPLPR
NRVDLKLVFQEGVSAEIQQINIVGNHAFTTDELISHFQLRDEVPWWNVVGDRKYQKQKLAGDLETLRSYYLDRGYARFNI
DSTQVSLTPDKKGIYVTVNITEGDQYKLSGVEVSGNLAGHSAEIEQLTKIEPGELYNGTKVTKMEDDIKKLLGRYGYAYP
RVQSMPEINDADKTVKLRVNVDAGNRFYVRKIRFEGNDTSKDAVLRREMRQMEGAWLGSDLVDQGKERLNRLGFFETVDT
DTQRVPGSPDQVDVVYKVKERNTGSFNFGIGYGTESGVSFQAGVQQDNWLGTGYAVGINGTKNDYQTYAELSVTNPYFTV
DGVSLGGRLFYNDFQADDADLSDYTNKSYGTDVTLGFPINEYNSLRAGLGYVHNSLSNMQPQVAMWRYLYSMGEHPSTSD
QDNSFKTDDFTFNYGWTYNKLDRGYFPTDGSRVNLTGKVTIPGSDNEYYKVTLDTATYVPIDDDHKWVVLGRTRWGYGDG
LGGKEMPFYENFYAGGSSTVRGFQSNTIGPKAVYFPHQASNYDPDYDYECATQDGAKDLCKSDDAVGGNAMAVASLEFIT
PTPFISDKYANSVRTSFFWDMGTVWDTNWDSSQYSGYPDYSDPSNIRMSAGIALQWMSPLGPLVFSYAQPFKKYDGDKAE
QFQFNIGKTW
;
N
#
loop_
_chem_comp.id
_chem_comp.type
_chem_comp.name
_chem_comp.formula
GOL non-polymer GLYCEROL 'C3 H8 O3'
L8Z non-polymer '(2~{R},4~{R},5~{R},6~{R})-6-[(1~{R})-1,2-bis(oxidanyl)ethyl]-2-[[(2~{R},3~{S},4~{R},5~{R},6~{R})-5-[[(~{E},3~{R})-3-dodecanoyloxytetradec-5-enoyl]amino]-6-[[(2~{R},3~{S},4~{R},5~{R},6~{R})-3-oxidanyl-5-[[(~{E},3~{R})-3-oxidanyltetradec-11-enoyl]amino]-4-[(~{E},3~{R})-3-oxidanyltetradec-5-enoyl]oxy-6-phosphonooxy-oxan-2-yl]methoxy]-3-phosphonooxy-4-[(~{E},3~{R})-3-tetradecanoyloxytetradec-7-enoyl]oxy-oxan-2-yl]methoxy]-4,5-bis(oxidanyl)oxane-2-carboxylic acid' 'C102 H182 N2 O32 P2'
LPP non-polymer '2-(HEXADECANOYLOXY)-1-[(PHOSPHONOOXY)METHYL]ETHYL HEXADECANOATE' 'C35 H69 O8 P'
PLM non-polymer 'PALMITIC ACID' 'C16 H32 O2'
#
# COMPACT_ATOMS: atom_id res chain seq x y z
N CYS A 18 -6.10 -31.99 -20.90
CA CYS A 18 -7.10 -32.13 -21.98
C CYS A 18 -8.13 -31.00 -21.92
N VAL A 19 -7.69 -29.78 -22.21
CA VAL A 19 -8.58 -28.63 -22.18
C VAL A 19 -9.77 -28.88 -23.10
N ASN A 20 -10.97 -28.62 -22.58
CA ASN A 20 -12.21 -29.09 -23.20
C ASN A 20 -12.52 -28.23 -24.42
N ASN A 21 -11.83 -28.54 -25.51
CA ASN A 21 -12.15 -27.95 -26.81
C ASN A 21 -13.10 -28.83 -27.59
N ASP A 22 -14.20 -29.25 -26.97
CA ASP A 22 -15.15 -30.12 -27.62
C ASP A 22 -16.40 -29.40 -28.07
N THR A 23 -16.64 -28.20 -27.56
CA THR A 23 -17.84 -27.44 -27.87
C THR A 23 -17.71 -26.63 -29.15
N LEU A 24 -16.78 -26.97 -30.02
CA LEU A 24 -16.58 -26.26 -31.27
C LEU A 24 -17.19 -26.97 -32.46
N SER A 25 -18.19 -27.81 -32.21
CA SER A 25 -18.97 -28.46 -33.26
C SER A 25 -20.34 -27.78 -33.40
N GLY A 26 -21.09 -28.22 -34.41
CA GLY A 26 -22.47 -27.86 -34.56
C GLY A 26 -23.41 -28.84 -33.90
N ASP A 27 -22.86 -29.75 -33.10
CA ASP A 27 -23.60 -30.84 -32.47
C ASP A 27 -23.41 -30.84 -30.96
N VAL A 28 -22.76 -29.83 -30.40
CA VAL A 28 -22.48 -29.75 -28.98
C VAL A 28 -22.43 -28.28 -28.59
N TYR A 29 -23.15 -27.90 -27.55
CA TYR A 29 -23.21 -26.51 -27.12
C TYR A 29 -22.62 -26.36 -25.73
N THR A 30 -22.00 -25.21 -25.48
CA THR A 30 -21.66 -24.87 -24.12
C THR A 30 -22.95 -24.70 -23.32
N ALA A 31 -22.87 -24.96 -22.02
CA ALA A 31 -24.02 -24.63 -21.18
C ALA A 31 -24.23 -23.14 -21.07
N SER A 32 -23.27 -22.33 -21.49
CA SER A 32 -23.42 -20.89 -21.37
C SER A 32 -24.39 -20.29 -22.37
N GLU A 33 -24.78 -21.04 -23.41
CA GLU A 33 -25.66 -20.48 -24.43
C GLU A 33 -26.87 -21.36 -24.67
N ALA A 34 -27.34 -22.05 -23.66
CA ALA A 34 -28.66 -22.68 -23.73
C ALA A 34 -29.65 -21.81 -23.00
N LYS A 35 -30.90 -21.85 -23.44
CA LYS A 35 -31.93 -20.94 -22.95
C LYS A 35 -31.54 -19.48 -23.19
N GLN A 36 -31.16 -19.18 -24.44
CA GLN A 36 -30.91 -17.81 -24.87
C GLN A 36 -31.42 -17.66 -26.30
N VAL A 37 -31.61 -16.42 -26.73
CA VAL A 37 -32.29 -16.15 -27.99
C VAL A 37 -31.28 -16.12 -29.12
N GLN A 38 -31.53 -16.89 -30.17
CA GLN A 38 -30.61 -17.01 -31.29
C GLN A 38 -31.35 -16.71 -32.59
N ASN A 39 -30.89 -15.68 -33.31
CA ASN A 39 -31.52 -15.28 -34.54
C ASN A 39 -31.27 -16.31 -35.63
N VAL A 40 -32.11 -16.30 -36.66
CA VAL A 40 -32.03 -17.26 -37.74
C VAL A 40 -31.86 -16.53 -39.06
N SER A 41 -30.85 -16.92 -39.82
CA SER A 41 -30.61 -16.45 -41.17
C SER A 41 -30.47 -17.66 -42.10
N TYR A 42 -30.72 -17.45 -43.37
CA TYR A 42 -30.71 -18.54 -44.34
C TYR A 42 -29.65 -18.29 -45.40
N GLY A 43 -29.07 -19.36 -45.93
CA GLY A 43 -28.07 -19.16 -46.95
C GLY A 43 -27.69 -20.43 -47.68
N THR A 44 -27.01 -20.23 -48.80
CA THR A 44 -26.40 -21.30 -49.58
C THR A 44 -24.89 -21.29 -49.38
N ILE A 45 -24.25 -22.36 -49.83
CA ILE A 45 -22.92 -22.73 -49.37
C ILE A 45 -21.98 -22.92 -50.56
N VAL A 46 -20.73 -22.47 -50.41
CA VAL A 46 -19.70 -22.63 -51.43
C VAL A 46 -18.37 -22.98 -50.78
N ASN A 47 -17.65 -23.91 -51.44
CA ASN A 47 -16.25 -24.20 -51.13
C ASN A 47 -16.02 -24.64 -49.68
N VAL A 48 -16.53 -25.82 -49.38
CA VAL A 48 -16.15 -26.50 -48.15
C VAL A 48 -14.75 -27.06 -48.31
N ARG A 49 -13.87 -26.81 -47.33
CA ARG A 49 -12.54 -27.40 -47.33
C ARG A 49 -12.12 -27.82 -45.92
N PRO A 50 -11.37 -28.91 -45.79
CA PRO A 50 -11.02 -29.42 -44.46
C PRO A 50 -9.84 -28.69 -43.84
N VAL A 51 -9.93 -28.48 -42.53
CA VAL A 51 -8.96 -27.72 -41.75
C VAL A 51 -8.84 -28.38 -40.38
N GLN A 52 -7.75 -28.11 -39.69
CA GLN A 52 -7.54 -28.61 -38.33
C GLN A 52 -7.71 -27.47 -37.34
N ILE A 53 -8.01 -27.80 -36.09
CA ILE A 53 -8.27 -26.80 -35.06
C ILE A 53 -7.38 -27.05 -33.87
N GLN A 54 -6.74 -26.00 -33.37
CA GLN A 54 -5.96 -26.04 -32.15
C GLN A 54 -6.79 -25.48 -31.02
N GLY A 55 -6.43 -25.87 -29.79
CA GLY A 55 -7.17 -25.39 -28.63
C GLY A 55 -6.34 -25.56 -27.38
N GLY A 56 -6.59 -24.69 -26.41
CA GLY A 56 -5.87 -24.77 -25.16
C GLY A 56 -4.85 -23.66 -24.99
N ASP A 57 -3.66 -24.03 -24.54
CA ASP A 57 -2.57 -23.10 -24.26
C ASP A 57 -1.49 -23.21 -25.32
N ASP A 58 -0.62 -22.21 -25.36
CA ASP A 58 0.62 -22.29 -26.13
C ASP A 58 1.78 -22.85 -25.32
N SER A 59 1.70 -22.76 -23.99
CA SER A 59 2.81 -23.18 -23.13
C SER A 59 2.62 -24.56 -22.51
N ASN A 60 1.38 -25.02 -22.35
CA ASN A 60 1.10 -26.39 -21.90
C ASN A 60 1.75 -26.67 -20.55
N VAL A 61 1.32 -25.95 -19.52
CA VAL A 61 1.99 -26.10 -18.24
C VAL A 61 1.75 -27.48 -17.64
N ILE A 62 0.55 -28.04 -17.82
CA ILE A 62 0.24 -29.29 -17.16
C ILE A 62 1.05 -30.44 -17.74
N GLY A 63 1.19 -30.49 -19.06
CA GLY A 63 2.04 -31.50 -19.65
C GLY A 63 3.48 -31.41 -19.22
N ALA A 64 3.94 -30.21 -18.85
CA ALA A 64 5.31 -30.06 -18.39
C ALA A 64 5.54 -30.81 -17.10
N ILE A 65 4.65 -30.67 -16.13
CA ILE A 65 4.82 -31.37 -14.86
C ILE A 65 4.74 -32.88 -15.08
N GLY A 66 3.74 -33.32 -15.84
CA GLY A 66 3.53 -34.74 -16.06
C GLY A 66 4.58 -35.37 -16.95
N GLY A 67 5.41 -34.56 -17.59
CA GLY A 67 6.57 -35.11 -18.24
C GLY A 67 7.79 -35.04 -17.35
N ALA A 68 7.87 -33.98 -16.54
CA ALA A 68 9.05 -33.77 -15.71
C ALA A 68 9.16 -34.83 -14.62
N VAL A 69 8.07 -35.10 -13.90
CA VAL A 69 8.19 -36.07 -12.82
C VAL A 69 8.41 -37.46 -13.39
N LEU A 70 7.72 -37.82 -14.46
CA LEU A 70 7.89 -39.14 -15.01
C LEU A 70 9.19 -39.28 -15.79
N GLY A 71 9.89 -38.19 -16.04
CA GLY A 71 11.22 -38.32 -16.59
C GLY A 71 12.26 -38.32 -15.50
N GLY A 72 11.91 -37.74 -14.36
CA GLY A 72 12.80 -37.76 -13.21
C GLY A 72 12.84 -39.13 -12.57
N PHE A 73 11.69 -39.62 -12.15
CA PHE A 73 11.68 -40.94 -11.50
C PHE A 73 12.05 -42.05 -12.45
N LEU A 74 12.10 -41.81 -13.75
CA LEU A 74 12.67 -42.78 -14.67
C LEU A 74 14.17 -42.66 -14.77
N GLY A 75 14.76 -41.59 -14.23
CA GLY A 75 16.20 -41.52 -14.15
C GLY A 75 16.78 -42.32 -13.02
N ASN A 76 16.04 -42.45 -11.91
CA ASN A 76 16.60 -43.07 -10.73
C ASN A 76 16.91 -44.53 -10.92
N THR A 77 16.45 -45.14 -12.00
CA THR A 77 16.56 -46.57 -12.18
C THR A 77 17.92 -46.98 -12.75
N VAL A 78 18.80 -46.03 -13.03
CA VAL A 78 20.08 -46.36 -13.63
C VAL A 78 21.20 -45.70 -12.85
N GLY A 79 22.32 -46.41 -12.74
CA GLY A 79 23.53 -45.87 -12.16
C GLY A 79 23.49 -45.70 -10.65
N GLY A 80 24.57 -45.13 -10.14
CA GLY A 80 24.67 -44.84 -8.72
C GLY A 80 25.80 -43.87 -8.43
N GLY A 81 25.67 -43.18 -7.31
CA GLY A 81 26.70 -42.26 -6.84
C GLY A 81 26.50 -40.83 -7.28
N THR A 82 27.18 -40.43 -8.34
CA THR A 82 26.96 -39.16 -9.01
C THR A 82 26.32 -39.32 -10.36
N GLY A 83 26.74 -40.33 -11.13
CA GLY A 83 26.10 -40.60 -12.40
C GLY A 83 24.64 -40.94 -12.27
N ARG A 84 24.17 -41.33 -11.09
CA ARG A 84 22.74 -41.37 -10.83
C ARG A 84 22.16 -39.97 -10.83
N SER A 85 22.83 -39.04 -10.14
CA SER A 85 22.31 -37.69 -10.02
C SER A 85 22.39 -36.91 -11.30
N LEU A 86 23.06 -37.43 -12.33
CA LEU A 86 23.01 -36.80 -13.64
C LEU A 86 21.81 -37.26 -14.44
N ALA A 87 21.63 -38.58 -14.54
CA ALA A 87 20.50 -39.11 -15.29
C ALA A 87 19.17 -38.71 -14.65
N THR A 88 19.13 -38.63 -13.33
CA THR A 88 17.86 -38.26 -12.73
C THR A 88 17.56 -36.82 -12.84
N ALA A 89 18.30 -36.05 -13.61
CA ALA A 89 17.87 -34.72 -14.01
C ALA A 89 17.76 -34.59 -15.51
N ALA A 90 18.64 -35.26 -16.26
CA ALA A 90 18.49 -35.27 -17.71
C ALA A 90 17.17 -35.90 -18.11
N GLY A 91 16.79 -37.00 -17.45
CA GLY A 91 15.50 -37.57 -17.72
C GLY A 91 14.37 -36.62 -17.41
N ALA A 92 14.51 -35.83 -16.34
CA ALA A 92 13.46 -34.88 -15.98
C ALA A 92 13.30 -33.81 -17.03
N VAL A 93 14.40 -33.26 -17.54
CA VAL A 93 14.27 -32.23 -18.57
C VAL A 93 13.75 -32.82 -19.88
N ALA A 94 14.19 -34.03 -20.22
CA ALA A 94 13.66 -34.66 -21.43
C ALA A 94 12.17 -34.94 -21.31
N GLY A 95 11.73 -35.38 -20.13
CA GLY A 95 10.31 -35.55 -19.92
C GLY A 95 9.57 -34.25 -19.97
N GLY A 96 10.17 -33.17 -19.46
CA GLY A 96 9.54 -31.86 -19.55
C GLY A 96 9.33 -31.41 -20.98
N VAL A 97 10.30 -31.66 -21.85
CA VAL A 97 10.12 -31.34 -23.26
C VAL A 97 9.02 -32.21 -23.87
N ALA A 98 9.10 -33.52 -23.66
CA ALA A 98 8.10 -34.39 -24.28
C ALA A 98 6.70 -34.13 -23.76
N GLY A 99 6.57 -33.55 -22.57
CA GLY A 99 5.26 -33.24 -22.04
C GLY A 99 4.52 -32.25 -22.90
N GLN A 100 5.10 -31.05 -23.03
CA GLN A 100 4.54 -30.09 -23.97
C GLN A 100 4.45 -30.70 -25.36
N GLY A 101 5.35 -31.60 -25.69
CA GLY A 101 5.31 -32.22 -27.00
C GLY A 101 4.07 -33.04 -27.26
N VAL A 102 3.57 -33.72 -26.23
CA VAL A 102 2.51 -34.69 -26.47
C VAL A 102 1.15 -34.11 -26.09
N GLN A 103 1.14 -33.14 -25.17
CA GLN A 103 -0.14 -32.51 -24.85
C GLN A 103 -0.69 -31.75 -26.05
N SER A 104 0.15 -30.97 -26.72
CA SER A 104 -0.26 -30.20 -27.87
C SER A 104 -0.36 -31.04 -29.13
N ALA A 105 -0.31 -32.36 -29.02
CA ALA A 105 -0.72 -33.24 -30.09
C ALA A 105 -1.95 -34.04 -29.72
N MET A 106 -2.50 -33.84 -28.53
CA MET A 106 -3.78 -34.40 -28.14
C MET A 106 -4.92 -33.40 -28.33
N ASN A 107 -4.67 -32.30 -29.05
CA ASN A 107 -5.70 -31.31 -29.34
C ASN A 107 -5.93 -31.08 -30.82
N LYS A 108 -5.06 -31.59 -31.69
CA LYS A 108 -5.28 -31.46 -33.12
C LYS A 108 -6.55 -32.21 -33.51
N THR A 109 -7.60 -31.49 -33.87
CA THR A 109 -8.88 -32.08 -34.21
C THR A 109 -9.30 -31.64 -35.60
N GLN A 110 -9.89 -32.56 -36.35
CA GLN A 110 -10.36 -32.23 -37.69
C GLN A 110 -11.40 -31.12 -37.63
N GLY A 111 -11.67 -30.52 -38.78
CA GLY A 111 -12.66 -29.45 -38.84
C GLY A 111 -12.92 -29.09 -40.28
N VAL A 112 -13.86 -28.16 -40.47
CA VAL A 112 -14.20 -27.70 -41.81
C VAL A 112 -14.24 -26.18 -41.82
N GLU A 113 -14.02 -25.63 -43.01
CA GLU A 113 -14.17 -24.22 -43.30
C GLU A 113 -15.20 -24.07 -44.41
N LEU A 114 -16.23 -23.27 -44.17
CA LEU A 114 -17.37 -23.19 -45.06
C LEU A 114 -17.58 -21.74 -45.45
N GLU A 115 -17.57 -21.46 -46.76
CA GLU A 115 -18.03 -20.16 -47.23
C GLU A 115 -19.48 -20.28 -47.67
N ILE A 116 -20.30 -19.34 -47.22
CA ILE A 116 -21.74 -19.43 -47.36
C ILE A 116 -22.28 -18.08 -47.80
N ARG A 117 -23.25 -18.11 -48.71
CA ARG A 117 -23.83 -16.89 -49.29
C ARG A 117 -25.23 -16.73 -48.73
N LYS A 118 -25.44 -15.70 -47.93
CA LYS A 118 -26.73 -15.45 -47.32
C LYS A 118 -27.68 -14.84 -48.34
N ASP A 119 -28.98 -15.04 -48.09
CA ASP A 119 -29.99 -14.47 -48.97
C ASP A 119 -29.94 -12.95 -48.98
N ASP A 120 -29.32 -12.35 -47.97
CA ASP A 120 -29.10 -10.91 -47.98
C ASP A 120 -28.34 -10.50 -49.23
N GLY A 121 -27.33 -11.28 -49.60
CA GLY A 121 -26.43 -10.98 -50.70
C GLY A 121 -25.14 -10.45 -50.11
N ASN A 122 -24.22 -11.37 -49.86
CA ASN A 122 -22.97 -11.19 -49.14
C ASN A 122 -22.21 -12.49 -49.30
N THR A 123 -21.15 -12.63 -48.51
CA THR A 123 -20.55 -13.94 -48.30
C THR A 123 -19.80 -13.88 -46.99
N ILE A 124 -19.87 -14.95 -46.21
CA ILE A 124 -19.00 -15.11 -45.05
C ILE A 124 -18.48 -16.53 -45.05
N MET A 125 -17.42 -16.75 -44.27
CA MET A 125 -16.97 -18.09 -43.98
C MET A 125 -16.84 -18.26 -42.47
N VAL A 126 -17.12 -19.48 -42.03
CA VAL A 126 -17.07 -19.83 -40.62
C VAL A 126 -16.49 -21.23 -40.51
N VAL A 127 -15.81 -21.50 -39.40
CA VAL A 127 -15.03 -22.72 -39.21
C VAL A 127 -15.57 -23.48 -38.02
N GLN A 128 -15.71 -24.79 -38.17
CA GLN A 128 -16.39 -25.63 -37.20
C GLN A 128 -15.66 -26.96 -37.08
N LYS A 129 -15.92 -27.66 -35.97
CA LYS A 129 -15.37 -28.98 -35.77
C LYS A 129 -16.17 -29.99 -36.57
N GLN A 130 -15.50 -30.83 -37.33
CA GLN A 130 -16.21 -31.86 -38.09
C GLN A 130 -16.91 -32.82 -37.16
N GLY A 131 -18.16 -33.13 -37.46
CA GLY A 131 -18.91 -34.05 -36.63
C GLY A 131 -19.18 -35.35 -37.37
N ASN A 132 -20.46 -35.69 -37.52
CA ASN A 132 -20.85 -36.87 -38.28
C ASN A 132 -21.44 -36.53 -39.64
N THR A 133 -22.30 -35.52 -39.70
CA THR A 133 -22.88 -35.13 -40.97
C THR A 133 -21.83 -34.50 -41.86
N ARG A 134 -21.99 -34.70 -43.16
CA ARG A 134 -21.02 -34.26 -44.16
C ARG A 134 -21.68 -33.22 -45.06
N PHE A 135 -21.18 -31.99 -45.00
CA PHE A 135 -21.73 -30.95 -45.85
C PHE A 135 -21.49 -31.29 -47.32
N SER A 136 -22.07 -30.46 -48.19
CA SER A 136 -22.01 -30.67 -49.63
C SER A 136 -21.69 -29.36 -50.32
N PRO A 137 -21.22 -29.40 -51.56
CA PRO A 137 -20.93 -28.17 -52.32
C PRO A 137 -22.16 -27.58 -53.00
N GLY A 138 -22.92 -26.80 -52.25
CA GLY A 138 -24.18 -26.29 -52.76
C GLY A 138 -25.36 -26.94 -52.05
N GLN A 139 -25.94 -26.24 -51.10
CA GLN A 139 -26.90 -26.80 -50.16
C GLN A 139 -27.62 -25.64 -49.50
N ARG A 140 -28.39 -25.93 -48.45
CA ARG A 140 -29.06 -24.91 -47.68
C ARG A 140 -28.72 -25.09 -46.20
N VAL A 141 -28.29 -24.03 -45.55
CA VAL A 141 -27.86 -24.11 -44.16
C VAL A 141 -28.52 -22.98 -43.38
N VAL A 142 -28.89 -23.26 -42.15
CA VAL A 142 -29.73 -22.36 -41.35
C VAL A 142 -28.85 -21.78 -40.26
N LEU A 143 -28.43 -20.53 -40.46
CA LEU A 143 -27.50 -19.91 -39.54
C LEU A 143 -28.18 -19.56 -38.23
N ALA A 144 -27.54 -19.88 -37.12
CA ALA A 144 -27.95 -19.39 -35.81
C ALA A 144 -26.97 -18.33 -35.36
N SER A 145 -27.46 -17.13 -35.10
CA SER A 145 -26.58 -16.02 -34.78
C SER A 145 -26.81 -15.55 -33.36
N ASN A 146 -25.73 -15.08 -32.75
CA ASN A 146 -25.73 -14.59 -31.37
C ASN A 146 -24.80 -13.38 -31.34
N GLY A 147 -24.32 -13.03 -30.15
CA GLY A 147 -23.35 -11.96 -30.07
C GLY A 147 -22.03 -12.39 -30.69
N SER A 148 -22.05 -12.54 -32.02
CA SER A 148 -20.90 -12.96 -32.82
C SER A 148 -20.50 -14.41 -32.52
N GLN A 149 -21.48 -15.29 -32.51
CA GLN A 149 -21.28 -16.73 -32.56
C GLN A 149 -22.19 -17.25 -33.65
N VAL A 150 -21.66 -18.06 -34.56
CA VAL A 150 -22.47 -18.57 -35.65
C VAL A 150 -22.28 -20.06 -35.77
N THR A 151 -23.38 -20.77 -35.95
CA THR A 151 -23.41 -22.22 -36.10
C THR A 151 -24.10 -22.55 -37.41
N VAL A 152 -23.83 -23.73 -37.95
CA VAL A 152 -24.35 -24.11 -39.25
C VAL A 152 -25.09 -25.42 -39.13
N SER A 153 -26.39 -25.40 -39.30
CA SER A 153 -27.04 -26.69 -39.35
C SER A 153 -27.51 -27.01 -40.75
N PRO A 154 -27.35 -28.22 -41.20
CA PRO A 154 -27.71 -28.53 -42.58
C PRO A 154 -29.15 -29.00 -42.72
N ARG A 155 -29.89 -28.40 -43.64
CA ARG A 155 -31.16 -28.95 -44.07
C ARG A 155 -31.60 -28.31 -45.38
N CYS B 18 9.39 -25.55 -25.60
CA CYS B 18 9.13 -25.65 -27.03
C CYS B 18 7.84 -24.92 -27.34
N VAL B 19 7.96 -23.67 -27.79
CA VAL B 19 6.77 -22.92 -28.15
C VAL B 19 6.07 -23.65 -29.28
N ASN B 20 4.75 -23.74 -29.18
CA ASN B 20 3.95 -24.37 -30.23
C ASN B 20 3.45 -23.30 -31.20
N ASN B 21 4.40 -22.74 -31.95
CA ASN B 21 4.04 -21.75 -32.96
C ASN B 21 3.60 -22.47 -34.23
N ASP B 22 2.67 -23.42 -34.09
CA ASP B 22 2.10 -24.14 -35.21
C ASP B 22 0.77 -23.58 -35.65
N THR B 23 0.29 -22.52 -35.01
CA THR B 23 -1.01 -21.96 -35.33
C THR B 23 -0.96 -20.83 -36.34
N LEU B 24 0.23 -20.49 -36.86
CA LEU B 24 0.36 -19.39 -37.80
C LEU B 24 0.20 -19.85 -39.25
N SER B 25 -0.52 -20.93 -39.48
CA SER B 25 -0.80 -21.43 -40.82
C SER B 25 -2.17 -20.99 -41.28
N GLY B 26 -2.39 -21.07 -42.59
CA GLY B 26 -3.72 -20.88 -43.14
C GLY B 26 -4.43 -22.21 -43.18
N ASP B 27 -3.89 -23.15 -42.39
CA ASP B 27 -4.35 -24.51 -42.35
C ASP B 27 -4.52 -25.00 -40.92
N VAL B 28 -4.34 -24.13 -39.93
CA VAL B 28 -4.53 -24.49 -38.53
C VAL B 28 -5.08 -23.28 -37.79
N TYR B 29 -6.26 -23.41 -37.20
CA TYR B 29 -6.92 -22.29 -36.54
C TYR B 29 -6.93 -22.49 -35.04
N THR B 30 -6.90 -21.39 -34.30
CA THR B 30 -7.04 -21.46 -32.86
C THR B 30 -8.50 -21.63 -32.48
N ALA B 31 -8.72 -22.14 -31.27
CA ALA B 31 -10.08 -22.25 -30.77
C ALA B 31 -10.68 -20.92 -30.39
N SER B 32 -9.88 -19.85 -30.41
CA SER B 32 -10.42 -18.52 -30.13
C SER B 32 -11.23 -17.96 -31.29
N GLU B 33 -11.09 -18.53 -32.48
CA GLU B 33 -11.72 -17.97 -33.66
C GLU B 33 -12.51 -19.02 -34.44
N ALA B 34 -12.97 -20.06 -33.75
CA ALA B 34 -13.86 -21.04 -34.37
C ALA B 34 -15.29 -20.74 -33.98
N LYS B 35 -16.22 -21.13 -34.86
CA LYS B 35 -17.62 -20.77 -34.70
C LYS B 35 -17.78 -19.27 -34.50
N GLN B 36 -17.02 -18.49 -35.28
CA GLN B 36 -17.15 -17.05 -35.29
C GLN B 36 -17.24 -16.58 -36.73
N VAL B 37 -17.95 -15.46 -36.93
CA VAL B 37 -18.24 -15.00 -38.28
C VAL B 37 -17.06 -14.25 -38.86
N GLN B 38 -16.76 -14.50 -40.13
CA GLN B 38 -15.60 -13.93 -40.80
C GLN B 38 -16.01 -13.29 -42.11
N ASN B 39 -15.68 -12.03 -42.29
CA ASN B 39 -15.93 -11.34 -43.55
C ASN B 39 -15.07 -11.95 -44.64
N VAL B 40 -15.50 -11.79 -45.88
CA VAL B 40 -14.80 -12.35 -47.02
C VAL B 40 -14.57 -11.26 -48.05
N SER B 41 -13.34 -11.16 -48.52
CA SER B 41 -12.98 -10.30 -49.63
C SER B 41 -12.25 -11.14 -50.66
N TYR B 42 -12.13 -10.61 -51.87
CA TYR B 42 -11.44 -11.31 -52.93
C TYR B 42 -10.24 -10.50 -53.37
N GLY B 43 -9.24 -11.19 -53.91
CA GLY B 43 -8.08 -10.47 -54.41
C GLY B 43 -7.12 -11.39 -55.15
N THR B 44 -6.18 -10.76 -55.84
CA THR B 44 -5.08 -11.45 -56.50
C THR B 44 -3.77 -11.14 -55.79
N ILE B 45 -2.74 -11.87 -56.21
CA ILE B 45 -1.53 -12.01 -55.41
C ILE B 45 -0.31 -11.66 -56.26
N VAL B 46 0.66 -10.99 -55.64
CA VAL B 46 1.95 -10.70 -56.26
C VAL B 46 3.08 -10.90 -55.25
N ASN B 47 4.21 -11.38 -55.74
CA ASN B 47 5.45 -11.46 -54.98
C ASN B 47 5.29 -12.34 -53.74
N VAL B 48 5.26 -13.64 -53.96
CA VAL B 48 5.53 -14.59 -52.89
C VAL B 48 7.04 -14.67 -52.66
N ARG B 49 7.46 -14.66 -51.39
CA ARG B 49 8.86 -14.85 -51.07
C ARG B 49 8.98 -15.45 -49.68
N PRO B 50 10.03 -16.24 -49.44
CA PRO B 50 10.12 -16.98 -48.17
C PRO B 50 10.78 -16.17 -47.06
N VAL B 51 10.26 -16.36 -45.85
CA VAL B 51 10.68 -15.60 -44.67
C VAL B 51 10.55 -16.49 -43.44
N GLN B 52 11.57 -16.47 -42.59
CA GLN B 52 11.52 -17.19 -41.33
C GLN B 52 10.63 -16.45 -40.33
N ILE B 53 10.04 -17.18 -39.40
CA ILE B 53 9.17 -16.56 -38.39
C ILE B 53 9.61 -17.00 -37.01
N GLN B 54 9.77 -16.03 -36.11
CA GLN B 54 10.15 -16.27 -34.73
C GLN B 54 8.93 -16.05 -33.85
N GLY B 55 9.10 -16.32 -32.57
CA GLY B 55 8.01 -16.14 -31.63
C GLY B 55 8.49 -16.30 -30.20
N GLY B 56 7.62 -15.87 -29.29
CA GLY B 56 7.89 -16.06 -27.88
C GLY B 56 8.39 -14.83 -27.16
N ASP B 57 9.40 -15.02 -26.30
CA ASP B 57 9.94 -13.98 -25.46
C ASP B 57 11.35 -13.61 -25.92
N ASP B 58 11.82 -12.46 -25.44
CA ASP B 58 13.23 -12.11 -25.62
C ASP B 58 14.14 -13.00 -24.79
N SER B 59 13.71 -13.35 -23.58
CA SER B 59 14.62 -13.88 -22.57
C SER B 59 14.70 -15.40 -22.54
N ASN B 60 13.62 -16.12 -22.86
CA ASN B 60 13.60 -17.59 -22.82
C ASN B 60 14.00 -18.10 -21.44
N VAL B 61 13.17 -17.79 -20.45
CA VAL B 61 13.53 -18.13 -19.08
C VAL B 61 13.61 -19.63 -18.88
N ILE B 62 12.58 -20.36 -19.33
CA ILE B 62 12.49 -21.78 -19.02
C ILE B 62 13.67 -22.55 -19.62
N GLY B 63 14.08 -22.18 -20.83
CA GLY B 63 15.25 -22.82 -21.40
C GLY B 63 16.52 -22.53 -20.64
N ALA B 64 16.59 -21.35 -20.00
CA ALA B 64 17.79 -20.99 -19.24
C ALA B 64 18.00 -21.93 -18.07
N ILE B 65 16.97 -22.13 -17.25
CA ILE B 65 17.08 -23.02 -16.10
C ILE B 65 17.27 -24.45 -16.55
N GLY B 66 16.55 -24.87 -17.58
CA GLY B 66 16.75 -26.22 -18.09
C GLY B 66 18.18 -26.46 -18.50
N GLY B 67 18.81 -25.48 -19.14
CA GLY B 67 20.22 -25.63 -19.43
C GLY B 67 21.09 -25.60 -18.19
N ALA B 68 20.77 -24.71 -17.25
CA ALA B 68 21.65 -24.48 -16.11
C ALA B 68 21.73 -25.71 -15.21
N VAL B 69 20.60 -26.29 -14.87
CA VAL B 69 20.63 -27.44 -13.96
C VAL B 69 21.31 -28.63 -14.61
N LEU B 70 20.92 -28.97 -15.83
CA LEU B 70 21.53 -30.13 -16.48
C LEU B 70 23.01 -29.89 -16.72
N GLY B 71 23.43 -28.65 -16.91
CA GLY B 71 24.85 -28.40 -17.04
C GLY B 71 25.58 -28.25 -15.74
N GLY B 72 24.83 -28.15 -14.65
CA GLY B 72 25.44 -28.16 -13.33
C GLY B 72 25.71 -29.58 -12.89
N PHE B 73 24.72 -30.46 -13.00
CA PHE B 73 24.93 -31.83 -12.56
C PHE B 73 25.95 -32.57 -13.40
N LEU B 74 26.31 -32.05 -14.56
CA LEU B 74 27.46 -32.61 -15.26
C LEU B 74 28.76 -32.06 -14.71
N GLY B 75 28.74 -30.90 -14.08
CA GLY B 75 29.96 -30.35 -13.52
C GLY B 75 30.51 -31.18 -12.39
N ASN B 76 29.65 -31.80 -11.59
CA ASN B 76 30.11 -32.57 -10.44
C ASN B 76 31.00 -33.73 -10.82
N THR B 77 30.98 -34.16 -12.08
CA THR B 77 31.52 -35.44 -12.46
C THR B 77 32.96 -35.32 -13.00
N VAL B 78 33.68 -34.31 -12.57
CA VAL B 78 35.10 -34.20 -12.86
C VAL B 78 35.82 -33.75 -11.61
N GLY B 79 36.93 -34.41 -11.29
CA GLY B 79 37.75 -33.95 -10.19
C GLY B 79 37.05 -34.03 -8.85
N GLY B 80 37.75 -33.50 -7.85
CA GLY B 80 37.22 -33.52 -6.50
C GLY B 80 37.95 -32.54 -5.62
N GLY B 81 37.29 -32.16 -4.54
CA GLY B 81 37.87 -31.21 -3.61
C GLY B 81 37.47 -29.79 -3.95
N THR B 82 38.37 -29.05 -4.58
CA THR B 82 38.06 -27.73 -5.11
C THR B 82 37.81 -27.75 -6.60
N GLY B 83 38.63 -28.48 -7.35
CA GLY B 83 38.45 -28.57 -8.79
C GLY B 83 37.09 -29.09 -9.21
N ARG B 84 36.43 -29.85 -8.33
CA ARG B 84 35.03 -30.19 -8.59
C ARG B 84 34.12 -29.01 -8.31
N SER B 85 34.36 -28.29 -7.21
CA SER B 85 33.49 -27.17 -6.89
C SER B 85 33.57 -26.07 -7.93
N LEU B 86 34.70 -25.94 -8.61
CA LEU B 86 34.80 -24.94 -9.67
C LEU B 86 34.08 -25.40 -10.92
N ALA B 87 34.29 -26.65 -11.32
CA ALA B 87 33.70 -27.14 -12.55
C ALA B 87 32.19 -27.22 -12.45
N THR B 88 31.66 -27.53 -11.27
CA THR B 88 30.21 -27.58 -11.15
C THR B 88 29.56 -26.21 -11.24
N ALA B 89 30.34 -25.12 -11.20
CA ALA B 89 29.77 -23.81 -11.48
C ALA B 89 30.04 -23.36 -12.90
N ALA B 90 31.24 -23.64 -13.43
CA ALA B 90 31.51 -23.28 -14.81
C ALA B 90 30.58 -24.02 -15.75
N GLY B 91 30.37 -25.31 -15.51
CA GLY B 91 29.38 -26.03 -16.28
C GLY B 91 27.99 -25.46 -16.10
N ALA B 92 27.69 -24.94 -14.91
CA ALA B 92 26.37 -24.38 -14.67
C ALA B 92 26.11 -23.16 -15.55
N VAL B 93 27.04 -22.20 -15.55
CA VAL B 93 26.78 -21.02 -16.38
C VAL B 93 26.87 -21.37 -17.86
N ALA B 94 27.73 -22.30 -18.26
CA ALA B 94 27.78 -22.68 -19.66
C ALA B 94 26.48 -23.33 -20.11
N GLY B 95 25.91 -24.20 -19.27
CA GLY B 95 24.63 -24.78 -19.60
C GLY B 95 23.52 -23.76 -19.62
N GLY B 96 23.59 -22.78 -18.72
CA GLY B 96 22.61 -21.71 -18.74
C GLY B 96 22.61 -20.93 -20.05
N VAL B 97 23.79 -20.59 -20.55
CA VAL B 97 23.86 -19.93 -21.84
C VAL B 97 23.37 -20.84 -22.95
N ALA B 98 23.78 -22.11 -22.94
CA ALA B 98 23.35 -23.01 -24.00
C ALA B 98 21.83 -23.20 -23.98
N GLY B 99 21.21 -23.01 -22.84
CA GLY B 99 19.77 -23.05 -22.78
C GLY B 99 19.15 -22.06 -23.74
N GLN B 100 19.32 -20.77 -23.47
CA GLN B 100 18.81 -19.75 -24.38
C GLN B 100 19.32 -19.96 -25.79
N GLY B 101 20.51 -20.55 -25.93
CA GLY B 101 21.01 -20.80 -27.26
C GLY B 101 20.27 -21.89 -28.01
N VAL B 102 19.58 -22.77 -27.31
CA VAL B 102 18.87 -23.85 -28.00
C VAL B 102 17.37 -23.58 -28.06
N GLN B 103 16.81 -22.99 -27.00
CA GLN B 103 15.36 -22.75 -27.01
C GLN B 103 14.96 -21.84 -28.14
N SER B 104 15.68 -20.73 -28.32
CA SER B 104 15.41 -19.85 -29.44
C SER B 104 15.80 -20.45 -30.76
N ALA B 105 16.20 -21.71 -30.80
CA ALA B 105 16.47 -22.40 -32.05
C ALA B 105 15.38 -23.38 -32.44
N MET B 106 14.39 -23.60 -31.59
CA MET B 106 13.27 -24.46 -31.90
C MET B 106 12.00 -23.66 -32.11
N ASN B 107 12.12 -22.37 -32.41
CA ASN B 107 11.00 -21.56 -32.83
C ASN B 107 11.17 -21.03 -34.25
N LYS B 108 12.35 -21.16 -34.85
CA LYS B 108 12.55 -20.88 -36.27
C LYS B 108 11.62 -21.71 -37.13
N THR B 109 10.64 -21.09 -37.76
CA THR B 109 9.68 -21.81 -38.58
C THR B 109 9.63 -21.20 -39.98
N GLN B 110 9.83 -22.04 -40.99
CA GLN B 110 9.75 -21.57 -42.37
C GLN B 110 8.37 -21.01 -42.65
N GLY B 111 8.31 -19.98 -43.48
CA GLY B 111 7.04 -19.36 -43.79
C GLY B 111 7.13 -18.49 -45.02
N VAL B 112 6.04 -17.78 -45.32
CA VAL B 112 5.99 -16.92 -46.49
C VAL B 112 5.36 -15.59 -46.15
N GLU B 113 5.67 -14.61 -47.01
CA GLU B 113 5.15 -13.26 -46.91
C GLU B 113 4.63 -12.85 -48.27
N LEU B 114 3.37 -12.42 -48.33
CA LEU B 114 2.68 -12.19 -49.58
C LEU B 114 2.13 -10.78 -49.54
N GLU B 115 2.22 -10.04 -50.66
CA GLU B 115 1.36 -8.88 -50.80
C GLU B 115 0.35 -9.18 -51.88
N ILE B 116 -0.88 -8.72 -51.67
CA ILE B 116 -2.01 -9.12 -52.48
C ILE B 116 -2.77 -7.89 -52.93
N ARG B 117 -3.27 -7.93 -54.16
CA ARG B 117 -3.97 -6.81 -54.76
C ARG B 117 -5.46 -7.06 -54.63
N LYS B 118 -6.12 -6.31 -53.75
CA LYS B 118 -7.54 -6.52 -53.50
C LYS B 118 -8.37 -5.98 -54.65
N ASP B 119 -9.54 -6.58 -54.86
CA ASP B 119 -10.42 -6.13 -55.93
C ASP B 119 -11.08 -4.79 -55.61
N ASP B 120 -11.08 -4.39 -54.34
CA ASP B 120 -11.40 -3.00 -54.03
C ASP B 120 -10.49 -2.06 -54.82
N GLY B 121 -9.21 -2.38 -54.85
CA GLY B 121 -8.17 -1.59 -55.47
C GLY B 121 -7.36 -0.88 -54.41
N ASN B 122 -6.31 -1.56 -53.98
CA ASN B 122 -5.47 -1.31 -52.80
C ASN B 122 -4.26 -2.20 -52.94
N THR B 123 -3.47 -2.27 -51.88
CA THR B 123 -2.49 -3.33 -51.74
C THR B 123 -2.24 -3.52 -50.26
N ILE B 124 -2.15 -4.78 -49.84
CA ILE B 124 -1.70 -5.10 -48.49
C ILE B 124 -0.76 -6.29 -48.59
N MET B 125 -0.02 -6.51 -47.51
CA MET B 125 0.82 -7.68 -47.42
C MET B 125 0.69 -8.32 -46.05
N VAL B 126 0.76 -9.64 -46.03
CA VAL B 126 0.52 -10.44 -44.85
C VAL B 126 1.49 -11.62 -44.86
N VAL B 127 1.84 -12.09 -43.67
CA VAL B 127 2.87 -13.11 -43.51
C VAL B 127 2.29 -14.32 -42.78
N GLN B 128 2.62 -15.51 -43.27
CA GLN B 128 2.01 -16.75 -42.83
C GLN B 128 3.07 -17.85 -42.75
N LYS B 129 2.75 -18.90 -42.01
CA LYS B 129 3.54 -20.11 -42.00
C LYS B 129 3.38 -20.90 -43.29
N GLN B 130 4.46 -21.52 -43.72
CA GLN B 130 4.40 -22.42 -44.86
C GLN B 130 3.49 -23.59 -44.51
N GLY B 131 2.70 -24.04 -45.49
CA GLY B 131 1.79 -25.16 -45.28
C GLY B 131 1.93 -26.20 -46.37
N ASN B 132 0.79 -26.77 -46.77
CA ASN B 132 0.76 -27.69 -47.89
C ASN B 132 0.60 -26.95 -49.21
N THR B 133 -0.23 -25.92 -49.23
CA THR B 133 -0.51 -25.20 -50.45
C THR B 133 0.74 -24.49 -50.97
N ARG B 134 0.81 -24.36 -52.28
CA ARG B 134 1.88 -23.62 -52.94
C ARG B 134 1.28 -22.40 -53.62
N PHE B 135 1.75 -21.22 -53.25
CA PHE B 135 1.28 -20.01 -53.88
C PHE B 135 2.10 -19.68 -55.12
N SER B 136 1.55 -18.79 -55.93
CA SER B 136 2.17 -18.35 -57.17
C SER B 136 1.99 -16.84 -57.27
N PRO B 137 2.77 -16.17 -58.11
CA PRO B 137 2.55 -14.74 -58.31
C PRO B 137 1.41 -14.48 -59.28
N GLY B 138 0.20 -14.39 -58.76
CA GLY B 138 -1.00 -14.34 -59.58
C GLY B 138 -1.88 -15.55 -59.34
N GLN B 139 -2.92 -15.35 -58.54
CA GLN B 139 -3.82 -16.39 -58.08
C GLN B 139 -4.98 -15.72 -57.38
N ARG B 140 -6.15 -16.33 -57.45
CA ARG B 140 -7.36 -15.72 -56.90
C ARG B 140 -7.55 -16.24 -55.48
N VAL B 141 -6.92 -15.57 -54.52
CA VAL B 141 -6.91 -16.02 -53.14
C VAL B 141 -8.04 -15.32 -52.40
N VAL B 142 -8.70 -16.05 -51.52
CA VAL B 142 -9.92 -15.60 -50.88
C VAL B 142 -9.58 -15.21 -49.46
N LEU B 143 -9.60 -13.92 -49.17
CA LEU B 143 -9.29 -13.47 -47.82
C LEU B 143 -10.40 -13.88 -46.87
N ALA B 144 -10.01 -14.18 -45.64
CA ALA B 144 -10.92 -14.16 -44.50
C ALA B 144 -10.45 -13.07 -43.56
N SER B 145 -11.33 -12.16 -43.20
CA SER B 145 -10.96 -11.08 -42.31
C SER B 145 -11.63 -11.28 -40.96
N ASN B 146 -11.17 -10.51 -39.98
CA ASN B 146 -11.75 -10.50 -38.65
C ASN B 146 -11.47 -9.13 -38.05
N GLY B 147 -11.52 -9.03 -36.74
CA GLY B 147 -11.06 -7.82 -36.09
C GLY B 147 -9.54 -7.70 -36.17
N SER B 148 -9.04 -7.45 -37.39
CA SER B 148 -7.61 -7.29 -37.68
C SER B 148 -6.83 -8.60 -37.59
N GLN B 149 -7.44 -9.70 -37.98
CA GLN B 149 -6.77 -10.97 -38.18
C GLN B 149 -7.14 -11.46 -39.57
N VAL B 150 -6.16 -11.85 -40.36
CA VAL B 150 -6.42 -12.16 -41.76
C VAL B 150 -5.71 -13.43 -42.15
N THR B 151 -6.40 -14.28 -42.89
CA THR B 151 -5.87 -15.54 -43.41
C THR B 151 -6.03 -15.53 -44.92
N VAL B 152 -5.18 -16.26 -45.62
CA VAL B 152 -5.19 -16.23 -47.07
C VAL B 152 -5.38 -17.66 -47.57
N SER B 153 -6.50 -17.97 -47.94
CA SER B 153 -6.76 -19.28 -48.48
C SER B 153 -6.60 -19.29 -49.99
N PRO B 154 -6.26 -20.42 -50.58
CA PRO B 154 -6.06 -20.47 -52.03
C PRO B 154 -7.37 -20.60 -52.79
N ARG B 155 -7.31 -20.21 -54.06
CA ARG B 155 -8.42 -20.40 -55.00
C ARG B 155 -9.71 -19.75 -54.52
N CYS C 18 22.87 -13.91 -23.18
CA CYS C 18 22.58 -13.92 -24.62
C CYS C 18 21.25 -13.25 -24.91
N VAL C 19 21.30 -12.00 -25.35
CA VAL C 19 20.11 -11.33 -25.85
C VAL C 19 19.93 -11.65 -27.33
N ASN C 20 18.68 -11.89 -27.72
CA ASN C 20 18.33 -12.27 -29.08
C ASN C 20 17.83 -11.02 -29.80
N ASN C 21 18.74 -10.25 -30.36
CA ASN C 21 18.37 -9.17 -31.28
C ASN C 21 18.34 -9.69 -32.72
N ASP C 22 17.63 -10.79 -32.91
CA ASP C 22 17.60 -11.48 -34.19
C ASP C 22 16.37 -11.15 -35.02
N THR C 23 15.33 -10.58 -34.41
CA THR C 23 14.13 -10.23 -35.15
C THR C 23 14.21 -8.86 -35.77
N LEU C 24 15.34 -8.17 -35.66
CA LEU C 24 15.51 -6.86 -36.25
C LEU C 24 15.93 -6.93 -37.70
N SER C 25 15.92 -8.11 -38.30
CA SER C 25 16.29 -8.29 -39.69
C SER C 25 15.11 -7.96 -40.60
N GLY C 26 15.40 -7.87 -41.90
CA GLY C 26 14.34 -7.74 -42.88
C GLY C 26 13.87 -9.10 -43.31
N ASP C 27 14.21 -10.09 -42.49
CA ASP C 27 14.13 -11.49 -42.86
C ASP C 27 13.43 -12.34 -41.83
N VAL C 28 13.12 -11.81 -40.65
CA VAL C 28 12.51 -12.57 -39.58
C VAL C 28 11.46 -11.70 -38.91
N TYR C 29 10.29 -12.25 -38.64
CA TYR C 29 9.21 -11.50 -38.02
C TYR C 29 8.85 -12.13 -36.68
N THR C 30 8.54 -11.28 -35.71
CA THR C 30 8.00 -11.78 -34.46
C THR C 30 6.62 -12.37 -34.68
N ALA C 31 6.25 -13.33 -33.83
CA ALA C 31 4.96 -13.98 -33.97
C ALA C 31 3.80 -13.05 -33.67
N SER C 32 4.07 -11.87 -33.12
CA SER C 32 2.99 -10.90 -32.92
C SER C 32 2.67 -10.13 -34.19
N GLU C 33 3.45 -10.30 -35.25
CA GLU C 33 3.25 -9.58 -36.49
C GLU C 33 3.04 -10.53 -37.65
N ALA C 34 2.25 -11.56 -37.43
CA ALA C 34 1.88 -12.51 -38.47
C ALA C 34 0.37 -12.62 -38.54
N LYS C 35 -0.13 -12.90 -39.74
CA LYS C 35 -1.56 -12.85 -40.03
C LYS C 35 -2.13 -11.51 -39.58
N GLN C 36 -1.57 -10.44 -40.14
CA GLN C 36 -2.03 -9.08 -39.89
C GLN C 36 -2.09 -8.33 -41.22
N VAL C 37 -2.91 -7.30 -41.27
CA VAL C 37 -2.97 -6.41 -42.42
C VAL C 37 -2.06 -5.23 -42.16
N GLN C 38 -1.05 -5.09 -43.00
CA GLN C 38 -0.10 -3.99 -42.91
C GLN C 38 0.08 -3.39 -44.29
N ASN C 39 0.04 -2.06 -44.37
CA ASN C 39 -0.05 -1.34 -45.63
C ASN C 39 1.20 -1.48 -46.46
N VAL C 40 1.08 -1.18 -47.74
CA VAL C 40 2.22 -1.22 -48.66
C VAL C 40 2.38 0.15 -49.29
N SER C 41 3.57 0.72 -49.15
CA SER C 41 4.00 1.91 -49.86
C SER C 41 5.23 1.57 -50.67
N TYR C 42 5.62 2.45 -51.57
CA TYR C 42 6.71 2.18 -52.48
C TYR C 42 7.78 3.25 -52.34
N GLY C 43 8.98 2.97 -52.84
CA GLY C 43 10.00 3.99 -52.82
C GLY C 43 11.29 3.55 -53.46
N THR C 44 12.11 4.55 -53.77
CA THR C 44 13.47 4.39 -54.25
C THR C 44 14.45 4.69 -53.13
N ILE C 45 15.69 4.25 -53.29
CA ILE C 45 16.63 4.12 -52.19
C ILE C 45 17.95 4.80 -52.55
N VAL C 46 18.51 5.55 -51.59
CA VAL C 46 19.87 6.10 -51.67
C VAL C 46 20.51 5.99 -50.29
N ASN C 47 21.82 6.23 -50.24
CA ASN C 47 22.55 6.29 -48.97
C ASN C 47 22.39 5.00 -48.16
N VAL C 48 23.13 3.97 -48.56
CA VAL C 48 23.27 2.78 -47.74
C VAL C 48 24.64 2.81 -47.07
N ARG C 49 24.65 2.70 -45.74
CA ARG C 49 25.90 2.64 -45.00
C ARG C 49 25.76 1.67 -43.83
N PRO C 50 26.84 0.99 -43.45
CA PRO C 50 26.74 -0.02 -42.40
C PRO C 50 26.83 0.59 -41.02
N VAL C 51 26.00 0.09 -40.11
CA VAL C 51 25.93 0.56 -38.73
C VAL C 51 25.67 -0.65 -37.84
N GLN C 52 26.20 -0.59 -36.63
CA GLN C 52 26.04 -1.67 -35.65
C GLN C 52 24.84 -1.36 -34.76
N ILE C 53 24.26 -2.42 -34.18
CA ILE C 53 23.06 -2.28 -33.37
C ILE C 53 23.33 -2.87 -32.00
N GLN C 54 23.06 -2.09 -30.96
CA GLN C 54 23.16 -2.55 -29.58
C GLN C 54 21.76 -2.82 -29.09
N GLY C 55 21.52 -4.05 -28.67
CA GLY C 55 20.22 -4.45 -28.17
C GLY C 55 20.35 -4.97 -26.75
N GLY C 56 19.38 -4.62 -25.91
CA GLY C 56 19.41 -5.07 -24.54
C GLY C 56 19.46 -3.92 -23.57
N ASP C 57 19.76 -4.20 -22.31
CA ASP C 57 19.73 -3.19 -21.28
C ASP C 57 21.14 -2.70 -20.96
N ASP C 58 21.21 -1.47 -20.43
CA ASP C 58 22.50 -0.87 -20.13
C ASP C 58 23.13 -1.49 -18.89
N SER C 59 22.33 -1.65 -17.82
CA SER C 59 22.88 -2.16 -16.56
C SER C 59 23.43 -3.57 -16.73
N ASN C 60 22.67 -4.44 -17.39
CA ASN C 60 23.14 -5.77 -17.78
C ASN C 60 23.61 -6.56 -16.56
N VAL C 61 22.63 -6.91 -15.72
CA VAL C 61 22.94 -7.51 -14.43
C VAL C 61 23.10 -9.03 -14.48
N ILE C 62 22.44 -9.72 -15.42
CA ILE C 62 22.47 -11.17 -15.42
C ILE C 62 23.89 -11.69 -15.59
N GLY C 63 24.65 -11.08 -16.50
CA GLY C 63 26.03 -11.51 -16.70
C GLY C 63 26.96 -11.12 -15.58
N ALA C 64 26.58 -10.13 -14.77
CA ALA C 64 27.40 -9.78 -13.62
C ALA C 64 27.51 -10.96 -12.65
N ILE C 65 26.40 -11.63 -12.37
CA ILE C 65 26.45 -12.78 -11.48
C ILE C 65 27.18 -13.93 -12.15
N GLY C 66 26.88 -14.19 -13.41
CA GLY C 66 27.52 -15.27 -14.12
C GLY C 66 29.00 -15.08 -14.32
N GLY C 67 29.50 -13.87 -14.09
CA GLY C 67 30.93 -13.67 -14.08
C GLY C 67 31.47 -13.69 -12.68
N ALA C 68 30.72 -13.11 -11.73
CA ALA C 68 31.21 -13.02 -10.36
C ALA C 68 31.37 -14.39 -9.74
N VAL C 69 30.39 -15.28 -9.92
CA VAL C 69 30.50 -16.59 -9.29
C VAL C 69 31.62 -17.40 -9.92
N LEU C 70 31.71 -17.40 -11.24
CA LEU C 70 32.78 -18.17 -11.86
C LEU C 70 34.14 -17.57 -11.56
N GLY C 71 34.21 -16.27 -11.29
CA GLY C 71 35.48 -15.71 -10.86
C GLY C 71 35.73 -15.80 -9.39
N GLY C 72 34.72 -16.16 -8.61
CA GLY C 72 34.87 -16.35 -7.19
C GLY C 72 35.29 -17.76 -6.85
N PHE C 73 34.61 -18.76 -7.42
CA PHE C 73 35.06 -20.13 -7.23
C PHE C 73 36.46 -20.34 -7.78
N LEU C 74 36.85 -19.58 -8.81
CA LEU C 74 38.22 -19.61 -9.27
C LEU C 74 39.18 -18.96 -8.29
N GLY C 75 38.68 -18.18 -7.34
CA GLY C 75 39.54 -17.64 -6.31
C GLY C 75 39.85 -18.60 -5.20
N ASN C 76 39.16 -19.73 -5.12
CA ASN C 76 39.42 -20.73 -4.10
C ASN C 76 40.46 -21.73 -4.53
N THR C 77 41.33 -21.37 -5.45
CA THR C 77 42.24 -22.34 -6.04
C THR C 77 43.70 -21.95 -5.83
N VAL C 78 43.95 -20.84 -5.15
CA VAL C 78 45.31 -20.38 -4.92
C VAL C 78 45.49 -20.05 -3.45
N GLY C 79 46.59 -20.48 -2.88
CA GLY C 79 46.92 -20.14 -1.52
C GLY C 79 46.00 -20.78 -0.50
N GLY C 80 46.24 -20.43 0.75
CA GLY C 80 45.45 -20.96 1.85
C GLY C 80 45.51 -20.04 3.05
N GLY C 81 44.52 -20.18 3.91
CA GLY C 81 44.42 -19.31 5.07
C GLY C 81 43.84 -17.96 4.72
N THR C 82 44.34 -16.90 5.34
CA THR C 82 43.84 -15.57 5.03
C THR C 82 44.09 -15.20 3.58
N GLY C 83 45.20 -15.68 3.02
CA GLY C 83 45.52 -15.40 1.64
C GLY C 83 44.58 -16.04 0.64
N ARG C 84 43.69 -16.93 1.08
CA ARG C 84 42.73 -17.46 0.14
C ARG C 84 41.47 -16.63 0.08
N SER C 85 41.09 -16.00 1.19
CA SER C 85 39.92 -15.12 1.16
C SER C 85 40.17 -13.91 0.27
N LEU C 86 41.35 -13.31 0.36
CA LEU C 86 41.64 -12.17 -0.51
C LEU C 86 41.55 -12.58 -1.96
N ALA C 87 42.11 -13.73 -2.30
CA ALA C 87 42.09 -14.17 -3.68
C ALA C 87 40.67 -14.43 -4.15
N THR C 88 39.86 -15.10 -3.33
CA THR C 88 38.49 -15.40 -3.74
C THR C 88 37.54 -14.25 -3.54
N ALA C 89 38.01 -13.08 -3.17
CA ALA C 89 37.18 -11.89 -3.34
C ALA C 89 37.65 -11.02 -4.49
N ALA C 90 38.95 -10.86 -4.67
CA ALA C 90 39.43 -10.12 -5.83
C ALA C 90 39.02 -10.82 -7.11
N GLY C 91 39.12 -12.14 -7.15
CA GLY C 91 38.64 -12.87 -8.30
C GLY C 91 37.17 -12.65 -8.53
N ALA C 92 36.39 -12.51 -7.46
CA ALA C 92 34.95 -12.30 -7.62
C ALA C 92 34.66 -10.95 -8.29
N VAL C 93 35.30 -9.87 -7.82
CA VAL C 93 34.97 -8.60 -8.44
C VAL C 93 35.52 -8.53 -9.86
N ALA C 94 36.69 -9.13 -10.11
CA ALA C 94 37.20 -9.15 -11.48
C ALA C 94 36.28 -9.96 -12.39
N GLY C 95 35.72 -11.05 -11.87
CA GLY C 95 34.77 -11.82 -12.66
C GLY C 95 33.52 -11.04 -12.96
N GLY C 96 33.01 -10.29 -11.98
CA GLY C 96 31.82 -9.49 -12.23
C GLY C 96 32.07 -8.42 -13.29
N VAL C 97 33.19 -7.71 -13.18
CA VAL C 97 33.53 -6.70 -14.18
C VAL C 97 33.64 -7.33 -15.56
N ALA C 98 34.38 -8.44 -15.67
CA ALA C 98 34.48 -9.08 -16.97
C ALA C 98 33.14 -9.60 -17.46
N GLY C 99 32.24 -9.94 -16.55
CA GLY C 99 30.94 -10.42 -16.93
C GLY C 99 30.14 -9.36 -17.64
N GLN C 100 29.98 -8.21 -16.99
CA GLN C 100 29.28 -7.12 -17.68
C GLN C 100 30.03 -6.70 -18.93
N GLY C 101 31.35 -6.79 -18.92
CA GLY C 101 32.10 -6.39 -20.09
C GLY C 101 31.91 -7.31 -21.27
N VAL C 102 31.66 -8.59 -21.03
CA VAL C 102 31.64 -9.54 -22.13
C VAL C 102 30.21 -9.78 -22.59
N GLN C 103 29.22 -9.61 -21.72
CA GLN C 103 27.86 -9.81 -22.19
C GLN C 103 27.44 -8.71 -23.14
N SER C 104 27.67 -7.46 -22.76
CA SER C 104 27.31 -6.33 -23.61
C SER C 104 28.13 -6.29 -24.89
N ALA C 105 29.03 -7.24 -25.12
CA ALA C 105 29.73 -7.35 -26.38
C ALA C 105 29.35 -8.60 -27.14
N MET C 106 28.24 -9.23 -26.77
CA MET C 106 27.63 -10.28 -27.58
C MET C 106 26.21 -9.91 -27.97
N ASN C 107 25.90 -8.61 -27.94
CA ASN C 107 24.70 -8.07 -28.55
C ASN C 107 25.00 -7.25 -29.78
N LYS C 108 26.26 -6.89 -30.01
CA LYS C 108 26.65 -6.19 -31.22
C LYS C 108 26.19 -6.98 -32.44
N THR C 109 25.54 -6.29 -33.36
CA THR C 109 24.95 -6.94 -34.52
C THR C 109 25.00 -5.98 -35.70
N GLN C 110 25.39 -6.49 -36.86
CA GLN C 110 25.49 -5.64 -38.04
C GLN C 110 24.13 -5.07 -38.41
N GLY C 111 24.14 -4.07 -39.28
CA GLY C 111 22.90 -3.45 -39.70
C GLY C 111 23.18 -2.45 -40.79
N VAL C 112 22.10 -1.88 -41.32
CA VAL C 112 22.21 -0.92 -42.40
C VAL C 112 21.39 0.32 -42.09
N GLU C 113 21.78 1.41 -42.71
CA GLU C 113 21.06 2.67 -42.68
C GLU C 113 20.60 2.95 -44.10
N LEU C 114 19.28 3.11 -44.27
CA LEU C 114 18.70 3.29 -45.59
C LEU C 114 18.06 4.66 -45.67
N GLU C 115 18.34 5.38 -46.75
CA GLU C 115 17.73 6.67 -47.03
C GLU C 115 16.85 6.47 -48.25
N ILE C 116 15.56 6.26 -48.01
CA ILE C 116 14.61 5.89 -49.06
C ILE C 116 13.74 7.09 -49.41
N ARG C 117 13.53 7.28 -50.70
CA ARG C 117 12.63 8.31 -51.21
C ARG C 117 11.32 7.66 -51.59
N LYS C 118 10.27 7.95 -50.84
CA LYS C 118 8.96 7.40 -51.19
C LYS C 118 8.42 8.08 -52.42
N ASP C 119 7.73 7.32 -53.27
CA ASP C 119 7.24 7.86 -54.53
C ASP C 119 6.18 8.93 -54.34
N ASP C 120 5.65 9.06 -53.13
CA ASP C 120 4.86 10.24 -52.79
C ASP C 120 5.67 11.51 -53.03
N GLY C 121 6.93 11.48 -52.65
CA GLY C 121 7.80 12.63 -52.60
C GLY C 121 7.97 13.09 -51.17
N ASN C 122 9.02 12.55 -50.55
CA ASN C 122 9.44 12.74 -49.16
C ASN C 122 10.76 12.01 -49.02
N THR C 123 11.27 11.93 -47.80
CA THR C 123 12.43 11.09 -47.57
C THR C 123 12.41 10.68 -46.12
N ILE C 124 12.67 9.40 -45.87
CA ILE C 124 12.83 8.90 -44.51
C ILE C 124 14.00 7.94 -44.49
N MET C 125 14.57 7.75 -43.31
CA MET C 125 15.63 6.76 -43.11
C MET C 125 15.20 5.77 -42.03
N VAL C 126 15.64 4.52 -42.21
CA VAL C 126 15.29 3.44 -41.31
C VAL C 126 16.50 2.53 -41.14
N VAL C 127 16.67 1.99 -39.94
CA VAL C 127 17.79 1.13 -39.61
C VAL C 127 17.27 -0.27 -39.32
N GLN C 128 18.04 -1.28 -39.69
CA GLN C 128 17.50 -2.60 -39.88
C GLN C 128 18.65 -3.60 -39.89
N LYS C 129 18.56 -4.62 -39.05
CA LYS C 129 19.64 -5.60 -38.92
C LYS C 129 19.99 -6.20 -40.27
N GLN C 130 21.28 -6.36 -40.54
CA GLN C 130 21.71 -7.04 -41.74
C GLN C 130 21.14 -8.44 -41.81
N GLY C 131 20.69 -8.83 -43.00
CA GLY C 131 20.18 -10.17 -43.21
C GLY C 131 21.07 -10.97 -44.13
N ASN C 132 20.54 -11.43 -45.26
CA ASN C 132 21.33 -12.04 -46.31
C ASN C 132 21.35 -11.20 -47.59
N THR C 133 20.20 -10.69 -48.00
CA THR C 133 20.14 -9.84 -49.18
C THR C 133 20.91 -8.55 -48.93
N ARG C 134 21.58 -8.07 -49.98
CA ARG C 134 22.42 -6.88 -49.91
C ARG C 134 21.79 -5.77 -50.73
N PHE C 135 21.37 -4.70 -50.06
CA PHE C 135 20.80 -3.56 -50.76
C PHE C 135 21.86 -2.90 -51.64
N SER C 136 21.39 -1.98 -52.47
CA SER C 136 22.23 -1.34 -53.48
C SER C 136 21.92 0.14 -53.54
N PRO C 137 22.81 0.94 -54.10
CA PRO C 137 22.51 2.36 -54.31
C PRO C 137 21.62 2.57 -55.52
N GLY C 138 20.32 2.49 -55.34
CA GLY C 138 19.38 2.64 -56.44
C GLY C 138 18.65 1.34 -56.70
N GLN C 139 17.44 1.26 -56.16
CA GLN C 139 16.67 0.04 -56.15
C GLN C 139 15.25 0.40 -55.76
N ARG C 140 14.33 -0.50 -56.02
CA ARG C 140 12.93 -0.31 -55.67
C ARG C 140 12.62 -1.18 -54.45
N VAL C 141 12.12 -0.57 -53.39
CA VAL C 141 11.77 -1.31 -52.19
C VAL C 141 10.34 -0.99 -51.84
N VAL C 142 9.72 -1.92 -51.10
CA VAL C 142 8.33 -1.81 -50.70
C VAL C 142 8.28 -1.77 -49.19
N LEU C 143 7.63 -0.74 -48.65
CA LEU C 143 7.62 -0.51 -47.21
C LEU C 143 6.40 -1.21 -46.61
N ALA C 144 6.63 -2.28 -45.90
CA ALA C 144 5.54 -2.93 -45.18
C ALA C 144 5.29 -2.13 -43.91
N SER C 145 4.31 -1.24 -43.94
CA SER C 145 4.15 -0.27 -42.87
C SER C 145 3.05 -0.68 -41.92
N ASN C 146 3.17 -0.20 -40.69
CA ASN C 146 2.23 -0.48 -39.62
C ASN C 146 2.23 0.73 -38.69
N GLY C 147 1.78 0.55 -37.46
CA GLY C 147 1.82 1.64 -36.50
C GLY C 147 3.24 1.93 -36.06
N SER C 148 4.04 2.49 -36.97
CA SER C 148 5.41 2.89 -36.71
C SER C 148 6.33 1.69 -36.52
N GLN C 149 6.15 0.67 -37.35
CA GLN C 149 7.09 -0.42 -37.49
C GLN C 149 7.18 -0.70 -38.98
N VAL C 150 8.37 -0.56 -39.56
CA VAL C 150 8.49 -0.61 -41.01
C VAL C 150 9.65 -1.50 -41.40
N THR C 151 9.36 -2.49 -42.24
CA THR C 151 10.34 -3.42 -42.75
C THR C 151 10.55 -3.15 -44.22
N VAL C 152 11.80 -3.08 -44.65
CA VAL C 152 12.12 -2.67 -46.01
C VAL C 152 12.58 -3.89 -46.77
N SER C 153 11.75 -4.39 -47.59
CA SER C 153 12.13 -5.53 -48.39
C SER C 153 12.52 -5.11 -49.79
N PRO C 154 13.40 -5.86 -50.46
CA PRO C 154 13.80 -5.51 -51.82
C PRO C 154 12.72 -5.87 -52.82
N ARG C 155 12.87 -5.31 -54.02
CA ARG C 155 11.92 -5.54 -55.11
C ARG C 155 10.53 -5.08 -54.76
N CYS D 18 30.82 -1.29 -15.39
CA CYS D 18 31.01 -1.19 -16.83
C CYS D 18 29.73 -0.84 -17.57
N VAL D 19 29.12 0.28 -17.18
CA VAL D 19 27.94 0.77 -17.89
C VAL D 19 28.32 1.02 -19.34
N ASN D 20 27.40 0.64 -20.24
CA ASN D 20 27.63 0.71 -21.68
C ASN D 20 27.13 2.06 -22.21
N ASN D 21 28.05 3.01 -22.35
CA ASN D 21 27.78 4.23 -23.10
C ASN D 21 28.30 4.12 -24.54
N ASP D 22 27.97 3.05 -25.25
CA ASP D 22 28.41 2.93 -26.63
C ASP D 22 27.34 3.30 -27.62
N THR D 23 26.19 3.78 -27.15
CA THR D 23 25.14 4.22 -28.04
C THR D 23 25.27 5.69 -28.41
N LEU D 24 26.23 6.40 -27.85
CA LEU D 24 26.31 7.85 -27.99
C LEU D 24 27.00 8.30 -29.26
N SER D 25 27.34 7.39 -30.15
CA SER D 25 27.89 7.75 -31.45
C SER D 25 26.83 7.70 -32.52
N GLY D 26 27.20 8.13 -33.72
CA GLY D 26 26.35 7.99 -34.87
C GLY D 26 26.57 6.67 -35.58
N ASP D 27 27.28 5.76 -34.94
CA ASP D 27 27.70 4.51 -35.54
C ASP D 27 27.12 3.32 -34.79
N VAL D 28 26.23 3.56 -33.85
CA VAL D 28 25.57 2.51 -33.06
C VAL D 28 24.17 3.00 -32.74
N TYR D 29 23.19 2.09 -32.80
CA TYR D 29 21.83 2.43 -32.46
C TYR D 29 21.32 1.53 -31.34
N THR D 30 20.44 2.07 -30.50
CA THR D 30 19.75 1.23 -29.54
C THR D 30 18.74 0.36 -30.27
N ALA D 31 18.30 -0.70 -29.59
CA ALA D 31 17.32 -1.59 -30.20
C ALA D 31 15.95 -0.96 -30.27
N SER D 32 15.67 0.04 -29.45
CA SER D 32 14.36 0.68 -29.47
C SER D 32 14.25 1.73 -30.56
N GLU D 33 15.31 1.94 -31.34
CA GLU D 33 15.28 2.85 -32.48
C GLU D 33 15.56 2.11 -33.77
N ALA D 34 15.20 0.83 -33.84
CA ALA D 34 15.35 0.06 -35.06
C ALA D 34 13.98 -0.31 -35.59
N LYS D 35 13.88 -0.42 -36.92
CA LYS D 35 12.62 -0.66 -37.59
C LYS D 35 11.58 0.41 -37.21
N GLN D 36 11.94 1.66 -37.43
CA GLN D 36 11.04 2.77 -37.15
C GLN D 36 11.20 3.84 -38.22
N VAL D 37 10.16 4.66 -38.36
CA VAL D 37 10.16 5.73 -39.35
C VAL D 37 10.57 7.02 -38.68
N GLN D 38 11.59 7.67 -39.24
CA GLN D 38 12.15 8.88 -38.66
C GLN D 38 12.66 9.77 -39.79
N ASN D 39 12.36 11.07 -39.68
CA ASN D 39 12.48 12.01 -40.78
C ASN D 39 13.93 12.32 -41.11
N VAL D 40 14.14 13.03 -42.20
CA VAL D 40 15.47 13.42 -42.65
C VAL D 40 15.47 14.89 -43.01
N SER D 41 16.41 15.63 -42.43
CA SER D 41 16.69 17.00 -42.83
C SER D 41 18.17 17.13 -43.15
N TYR D 42 18.51 18.16 -43.89
CA TYR D 42 19.86 18.34 -44.40
C TYR D 42 20.51 19.54 -43.74
N GLY D 43 21.83 19.60 -43.81
CA GLY D 43 22.51 20.77 -43.28
C GLY D 43 24.00 20.70 -43.52
N THR D 44 24.64 21.84 -43.29
CA THR D 44 26.10 21.97 -43.32
C THR D 44 26.63 22.23 -41.92
N ILE D 45 27.95 22.07 -41.79
CA ILE D 45 28.60 21.97 -40.49
C ILE D 45 29.58 23.12 -40.29
N VAL D 46 29.61 23.68 -39.08
CA VAL D 46 30.58 24.69 -38.68
C VAL D 46 30.98 24.44 -37.23
N ASN D 47 32.25 24.76 -36.92
CA ASN D 47 32.77 24.66 -35.56
C ASN D 47 32.58 23.27 -34.95
N VAL D 48 33.47 22.36 -35.32
CA VAL D 48 33.61 21.11 -34.58
C VAL D 48 34.75 21.24 -33.57
N ARG D 49 34.49 20.87 -32.33
CA ARG D 49 35.53 20.91 -31.30
C ARG D 49 35.40 19.68 -30.40
N PRO D 50 36.51 19.21 -29.83
CA PRO D 50 36.47 17.97 -29.05
C PRO D 50 36.04 18.19 -27.62
N VAL D 51 35.29 17.20 -27.11
CA VAL D 51 34.63 17.26 -25.82
C VAL D 51 34.60 15.87 -25.23
N GLN D 52 34.71 15.79 -23.91
CA GLN D 52 34.60 14.52 -23.20
C GLN D 52 33.15 14.33 -22.75
N ILE D 53 32.76 13.08 -22.55
CA ILE D 53 31.37 12.79 -22.25
C ILE D 53 31.31 11.92 -21.01
N GLN D 54 30.63 12.41 -19.97
CA GLN D 54 30.37 11.64 -18.77
C GLN D 54 29.18 10.73 -19.01
N GLY D 55 28.87 9.90 -18.01
CA GLY D 55 27.70 9.05 -18.16
C GLY D 55 27.30 8.26 -16.93
N GLY D 56 26.02 7.96 -16.84
CA GLY D 56 25.53 6.96 -15.89
C GLY D 56 25.15 7.58 -14.54
N ASP D 57 25.79 7.08 -13.48
CA ASP D 57 25.40 7.38 -12.11
C ASP D 57 26.20 8.55 -11.56
N ASP D 58 25.62 9.20 -10.56
CA ASP D 58 26.27 10.24 -9.79
C ASP D 58 26.87 9.72 -8.50
N SER D 59 26.30 8.64 -7.95
CA SER D 59 26.66 8.11 -6.65
C SER D 59 27.71 7.00 -6.71
N ASN D 60 27.71 6.20 -7.77
CA ASN D 60 28.63 5.08 -7.92
C ASN D 60 28.46 4.07 -6.78
N VAL D 61 27.20 3.74 -6.48
CA VAL D 61 26.93 2.90 -5.33
C VAL D 61 27.50 1.51 -5.49
N ILE D 62 27.79 1.08 -6.71
CA ILE D 62 28.32 -0.26 -6.92
C ILE D 62 29.83 -0.28 -6.81
N GLY D 63 30.51 0.70 -7.41
CA GLY D 63 31.95 0.80 -7.23
C GLY D 63 32.35 0.98 -5.78
N ALA D 64 31.50 1.65 -4.99
CA ALA D 64 31.77 1.81 -3.58
C ALA D 64 31.77 0.46 -2.86
N ILE D 65 30.79 -0.39 -3.13
CA ILE D 65 30.74 -1.70 -2.49
C ILE D 65 31.87 -2.58 -2.98
N GLY D 66 32.06 -2.64 -4.30
CA GLY D 66 33.10 -3.48 -4.85
C GLY D 66 34.49 -3.03 -4.44
N GLY D 67 34.64 -1.78 -4.06
CA GLY D 67 35.91 -1.31 -3.53
C GLY D 67 36.03 -1.55 -2.05
N ALA D 68 34.92 -1.41 -1.33
CA ALA D 68 34.94 -1.60 0.12
C ALA D 68 35.27 -3.04 0.48
N VAL D 69 34.66 -4.00 -0.21
CA VAL D 69 34.92 -5.39 0.13
C VAL D 69 36.38 -5.74 -0.12
N LEU D 70 36.90 -5.42 -1.30
CA LEU D 70 38.28 -5.78 -1.57
C LEU D 70 39.25 -4.98 -0.72
N GLY D 71 38.86 -3.79 -0.28
CA GLY D 71 39.73 -3.05 0.62
C GLY D 71 39.70 -3.60 2.03
N GLY D 72 38.57 -4.17 2.43
CA GLY D 72 38.51 -4.81 3.73
C GLY D 72 39.30 -6.09 3.78
N PHE D 73 39.16 -6.94 2.75
CA PHE D 73 39.89 -8.19 2.77
C PHE D 73 41.38 -8.01 2.61
N LEU D 74 41.84 -6.83 2.19
CA LEU D 74 43.26 -6.56 2.17
C LEU D 74 43.75 -6.00 3.50
N GLY D 75 42.84 -5.64 4.40
CA GLY D 75 43.27 -5.24 5.72
C GLY D 75 43.46 -6.38 6.68
N ASN D 76 42.93 -7.56 6.37
CA ASN D 76 43.08 -8.70 7.26
C ASN D 76 44.46 -9.31 7.21
N THR D 77 45.30 -8.89 6.26
CA THR D 77 46.52 -9.60 5.99
C THR D 77 47.69 -9.08 6.81
N VAL D 78 47.50 -7.98 7.53
CA VAL D 78 48.60 -7.33 8.23
C VAL D 78 48.24 -7.22 9.71
N GLY D 79 49.21 -7.49 10.56
CA GLY D 79 49.04 -7.33 11.98
C GLY D 79 48.35 -8.53 12.63
N GLY D 80 48.10 -8.37 13.92
CA GLY D 80 47.43 -9.39 14.70
C GLY D 80 46.72 -8.79 15.89
N GLY D 81 45.45 -9.15 16.08
CA GLY D 81 44.67 -8.57 17.16
C GLY D 81 44.15 -7.20 16.80
N THR D 82 44.04 -6.34 17.81
CA THR D 82 43.48 -5.01 17.61
C THR D 82 44.34 -4.15 16.70
N GLY D 83 45.58 -4.55 16.43
CA GLY D 83 46.32 -3.91 15.37
C GLY D 83 45.88 -4.34 13.99
N ARG D 84 45.41 -5.58 13.86
CA ARG D 84 44.78 -5.98 12.61
C ARG D 84 43.40 -5.36 12.47
N SER D 85 42.61 -5.39 13.53
CA SER D 85 41.23 -4.93 13.43
C SER D 85 41.15 -3.47 13.05
N LEU D 86 42.22 -2.70 13.24
CA LEU D 86 42.25 -1.34 12.72
C LEU D 86 42.45 -1.33 11.22
N ALA D 87 43.36 -2.17 10.73
CA ALA D 87 43.67 -2.18 9.31
C ALA D 87 42.51 -2.74 8.51
N THR D 88 41.78 -3.70 9.05
CA THR D 88 40.67 -4.25 8.31
C THR D 88 39.49 -3.30 8.20
N ALA D 89 39.56 -2.12 8.80
CA ALA D 89 38.60 -1.06 8.56
C ALA D 89 39.19 0.11 7.78
N ALA D 90 40.44 0.47 8.05
CA ALA D 90 41.07 1.51 7.25
C ALA D 90 41.16 1.09 5.81
N GLY D 91 41.56 -0.16 5.55
CA GLY D 91 41.55 -0.65 4.20
C GLY D 91 40.16 -0.65 3.59
N ALA D 92 39.14 -0.92 4.40
CA ALA D 92 37.78 -0.93 3.86
C ALA D 92 37.37 0.46 3.40
N VAL D 93 37.64 1.48 4.21
CA VAL D 93 37.27 2.83 3.79
C VAL D 93 38.10 3.26 2.58
N ALA D 94 39.39 2.96 2.57
CA ALA D 94 40.22 3.36 1.42
C ALA D 94 39.74 2.68 0.16
N GLY D 95 39.40 1.40 0.23
CA GLY D 95 38.85 0.72 -0.93
C GLY D 95 37.51 1.26 -1.34
N GLY D 96 36.69 1.66 -0.37
CA GLY D 96 35.40 2.24 -0.70
C GLY D 96 35.53 3.55 -1.46
N VAL D 97 36.47 4.39 -1.06
CA VAL D 97 36.70 5.63 -1.79
C VAL D 97 37.30 5.35 -3.15
N ALA D 98 38.31 4.49 -3.21
CA ALA D 98 38.93 4.20 -4.51
C ALA D 98 37.94 3.57 -5.47
N GLY D 99 36.91 2.91 -4.96
CA GLY D 99 35.90 2.35 -5.85
C GLY D 99 35.21 3.43 -6.66
N GLN D 100 34.61 4.40 -5.98
CA GLN D 100 34.04 5.52 -6.72
C GLN D 100 35.09 6.21 -7.54
N GLY D 101 36.32 6.28 -7.05
CA GLY D 101 37.36 6.95 -7.79
C GLY D 101 37.67 6.31 -9.12
N VAL D 102 37.55 5.00 -9.21
CA VAL D 102 37.97 4.32 -10.43
C VAL D 102 36.77 4.05 -11.33
N GLN D 103 35.58 3.89 -10.74
CA GLN D 103 34.40 3.62 -11.56
C GLN D 103 34.01 4.84 -12.37
N SER D 104 34.02 6.01 -11.77
CA SER D 104 33.82 7.24 -12.52
C SER D 104 35.01 7.61 -13.38
N ALA D 105 35.97 6.70 -13.56
CA ALA D 105 37.01 6.89 -14.53
C ALA D 105 36.89 5.95 -15.71
N MET D 106 36.01 4.96 -15.65
CA MET D 106 35.68 4.14 -16.81
C MET D 106 34.40 4.59 -17.48
N ASN D 107 34.02 5.86 -17.30
CA ASN D 107 32.94 6.45 -18.06
C ASN D 107 33.39 7.64 -18.90
N LYS D 108 34.60 8.14 -18.71
CA LYS D 108 35.13 9.18 -19.59
C LYS D 108 35.22 8.65 -21.01
N THR D 109 34.48 9.26 -21.91
CA THR D 109 34.47 8.85 -23.31
C THR D 109 34.69 10.07 -24.19
N GLN D 110 35.58 9.95 -25.17
CA GLN D 110 35.80 11.06 -26.08
C GLN D 110 34.58 11.28 -26.96
N GLY D 111 34.38 12.52 -27.38
CA GLY D 111 33.21 12.88 -28.16
C GLY D 111 33.42 14.19 -28.85
N VAL D 112 32.41 14.62 -29.60
CA VAL D 112 32.51 15.86 -30.36
C VAL D 112 31.27 16.71 -30.13
N GLU D 113 31.43 18.01 -30.39
CA GLU D 113 30.36 18.99 -30.30
C GLU D 113 30.18 19.59 -31.68
N LEU D 114 29.04 19.31 -32.31
CA LEU D 114 28.83 19.72 -33.69
C LEU D 114 27.80 20.83 -33.74
N GLU D 115 28.18 21.94 -34.36
CA GLU D 115 27.26 23.02 -34.68
C GLU D 115 26.99 23.00 -36.18
N ILE D 116 25.73 23.02 -36.55
CA ILE D 116 25.35 22.77 -37.93
C ILE D 116 24.25 23.74 -38.34
N ARG D 117 24.33 24.23 -39.57
CA ARG D 117 23.31 25.09 -40.14
C ARG D 117 22.39 24.25 -41.00
N LYS D 118 21.13 24.15 -40.59
CA LYS D 118 20.15 23.45 -41.41
C LYS D 118 19.80 24.31 -42.62
N ASP D 119 19.37 23.65 -43.69
CA ASP D 119 19.02 24.40 -44.90
C ASP D 119 17.72 25.17 -44.76
N ASP D 120 16.89 24.86 -43.77
CA ASP D 120 15.71 25.65 -43.53
C ASP D 120 16.07 27.09 -43.16
N GLY D 121 17.25 27.28 -42.60
CA GLY D 121 17.74 28.56 -42.14
C GLY D 121 17.57 28.64 -40.64
N ASN D 122 18.61 28.26 -39.92
CA ASN D 122 18.66 28.08 -38.48
C ASN D 122 20.11 27.80 -38.12
N THR D 123 20.34 27.44 -36.87
CA THR D 123 21.59 26.83 -36.47
C THR D 123 21.31 26.07 -35.19
N ILE D 124 21.85 24.85 -35.08
CA ILE D 124 21.73 24.08 -33.86
C ILE D 124 23.10 23.49 -33.55
N MET D 125 23.19 22.92 -32.35
CA MET D 125 24.43 22.33 -31.86
C MET D 125 24.13 21.07 -31.09
N VAL D 126 24.79 19.97 -31.45
CA VAL D 126 24.53 18.65 -30.91
C VAL D 126 25.85 17.96 -30.61
N VAL D 127 25.86 17.17 -29.52
CA VAL D 127 27.07 16.55 -29.01
C VAL D 127 26.95 15.04 -29.12
N GLN D 128 28.05 14.37 -29.43
CA GLN D 128 27.97 13.02 -29.94
C GLN D 128 29.31 12.33 -29.77
N LYS D 129 29.28 11.04 -29.42
CA LYS D 129 30.51 10.32 -29.11
C LYS D 129 31.37 10.14 -30.34
N GLN D 130 32.67 10.36 -30.18
CA GLN D 130 33.60 10.16 -31.28
C GLN D 130 33.55 8.72 -31.77
N GLY D 131 33.63 8.56 -33.08
CA GLY D 131 33.57 7.22 -33.65
C GLY D 131 34.77 6.88 -34.50
N ASN D 132 34.53 6.59 -35.78
CA ASN D 132 35.60 6.38 -36.73
C ASN D 132 35.80 7.60 -37.63
N THR D 133 34.74 8.04 -38.29
CA THR D 133 34.86 9.16 -39.21
C THR D 133 35.26 10.43 -38.47
N ARG D 134 36.08 11.24 -39.12
CA ARG D 134 36.48 12.54 -38.59
C ARG D 134 35.71 13.63 -39.35
N PHE D 135 34.80 14.30 -38.66
CA PHE D 135 34.05 15.38 -39.28
C PHE D 135 34.99 16.52 -39.65
N SER D 136 34.59 17.31 -40.63
CA SER D 136 35.44 18.36 -41.16
C SER D 136 34.72 19.71 -41.08
N PRO D 137 35.46 20.81 -40.98
CA PRO D 137 34.80 22.12 -40.87
C PRO D 137 34.28 22.62 -42.21
N GLY D 138 33.05 22.24 -42.52
CA GLY D 138 32.47 22.56 -43.81
C GLY D 138 32.25 21.31 -44.63
N GLN D 139 31.00 20.86 -44.67
CA GLN D 139 30.63 19.56 -45.20
C GLN D 139 29.12 19.53 -45.27
N ARG D 140 28.57 18.38 -45.65
CA ARG D 140 27.14 18.17 -45.66
C ARG D 140 26.80 17.00 -44.76
N VAL D 141 25.83 17.17 -43.89
CA VAL D 141 25.41 16.08 -43.02
C VAL D 141 23.90 16.00 -43.04
N VAL D 142 23.37 14.82 -42.78
CA VAL D 142 21.94 14.58 -42.77
C VAL D 142 21.50 14.36 -41.34
N LEU D 143 20.46 15.06 -40.93
CA LEU D 143 19.98 14.97 -39.56
C LEU D 143 18.87 13.95 -39.49
N ALA D 144 19.14 12.80 -38.92
CA ALA D 144 18.11 11.82 -38.69
C ALA D 144 17.35 12.23 -37.45
N SER D 145 16.08 12.57 -37.61
CA SER D 145 15.29 13.15 -36.55
C SER D 145 14.28 12.14 -36.04
N ASN D 146 13.88 12.31 -34.79
CA ASN D 146 12.89 11.46 -34.17
C ASN D 146 12.14 12.29 -33.14
N GLY D 147 11.49 11.63 -32.19
CA GLY D 147 10.86 12.35 -31.11
C GLY D 147 11.87 12.95 -30.16
N SER D 148 12.56 14.01 -30.60
CA SER D 148 13.59 14.70 -29.84
C SER D 148 14.83 13.83 -29.63
N GLN D 149 15.27 13.17 -30.69
CA GLN D 149 16.54 12.46 -30.74
C GLN D 149 17.12 12.74 -32.10
N VAL D 150 18.39 13.12 -32.18
CA VAL D 150 18.99 13.44 -33.46
C VAL D 150 20.38 12.85 -33.53
N THR D 151 20.70 12.25 -34.66
CA THR D 151 21.98 11.63 -34.93
C THR D 151 22.52 12.19 -36.25
N VAL D 152 23.82 12.40 -36.32
CA VAL D 152 24.41 13.13 -37.44
C VAL D 152 25.31 12.19 -38.22
N SER D 153 24.92 11.89 -39.46
CA SER D 153 25.70 11.03 -40.32
C SER D 153 26.41 11.84 -41.40
N PRO D 154 27.67 11.53 -41.67
CA PRO D 154 28.45 12.36 -42.61
C PRO D 154 28.37 11.87 -44.04
N ARG D 155 28.32 12.83 -44.95
CA ARG D 155 28.69 12.71 -46.37
C ARG D 155 28.02 13.82 -47.16
N CYS E 18 32.98 10.75 -2.73
CA CYS E 18 33.61 11.73 -3.62
C CYS E 18 32.64 12.15 -4.71
N VAL E 19 31.74 13.07 -4.37
CA VAL E 19 30.70 13.51 -5.28
C VAL E 19 31.32 13.90 -6.61
N ASN E 20 30.70 13.45 -7.70
CA ASN E 20 31.23 13.70 -9.05
C ASN E 20 30.59 14.95 -9.62
N ASN E 21 31.10 16.10 -9.21
CA ASN E 21 30.78 17.34 -9.90
C ASN E 21 31.83 17.65 -10.97
N ASP E 22 32.10 16.66 -11.81
CA ASP E 22 33.03 16.84 -12.93
C ASP E 22 32.30 17.08 -14.24
N THR E 23 30.99 17.28 -14.19
CA THR E 23 30.20 17.59 -15.36
C THR E 23 29.90 19.07 -15.46
N LEU E 24 30.39 19.88 -14.54
CA LEU E 24 30.03 21.30 -14.46
C LEU E 24 31.05 22.19 -15.13
N SER E 25 31.68 21.71 -16.20
CA SER E 25 32.57 22.53 -17.00
C SER E 25 31.92 22.86 -18.33
N GLY E 26 32.60 23.71 -19.09
CA GLY E 26 32.20 24.00 -20.45
C GLY E 26 32.95 23.09 -21.39
N ASP E 27 33.46 21.99 -20.83
CA ASP E 27 34.30 21.07 -21.59
C ASP E 27 33.97 19.63 -21.24
N VAL E 28 32.80 19.38 -20.66
CA VAL E 28 32.32 18.04 -20.34
C VAL E 28 30.80 18.06 -20.39
N TYR E 29 30.20 17.04 -20.97
CA TYR E 29 28.76 16.95 -21.01
C TYR E 29 28.33 15.66 -20.34
N THR E 30 27.13 15.65 -19.77
CA THR E 30 26.62 14.44 -19.19
C THR E 30 26.07 13.52 -20.27
N ALA E 31 25.61 12.34 -19.86
CA ALA E 31 25.03 11.42 -20.81
C ALA E 31 23.63 11.81 -21.20
N SER E 32 22.87 12.44 -20.30
CA SER E 32 21.47 12.70 -20.60
C SER E 32 21.27 13.77 -21.67
N GLU E 33 22.29 14.54 -22.00
CA GLU E 33 22.15 15.61 -22.97
C GLU E 33 23.05 15.38 -24.17
N ALA E 34 23.14 14.14 -24.61
CA ALA E 34 23.85 13.83 -25.85
C ALA E 34 22.84 13.45 -26.93
N LYS E 35 23.23 13.69 -28.17
CA LYS E 35 22.39 13.38 -29.32
C LYS E 35 21.02 14.04 -29.19
N GLN E 36 21.02 15.32 -28.83
CA GLN E 36 19.79 16.10 -28.74
C GLN E 36 20.03 17.45 -29.37
N VAL E 37 18.96 18.08 -29.82
CA VAL E 37 19.04 19.37 -30.49
C VAL E 37 19.02 20.50 -29.46
N GLN E 38 20.03 21.36 -29.52
CA GLN E 38 20.14 22.52 -28.67
C GLN E 38 20.32 23.75 -29.52
N ASN E 39 19.65 24.83 -29.15
CA ASN E 39 19.71 26.07 -29.90
C ASN E 39 21.09 26.69 -29.79
N VAL E 40 21.33 27.69 -30.63
CA VAL E 40 22.57 28.45 -30.59
C VAL E 40 22.22 29.93 -30.54
N SER E 41 22.80 30.63 -29.57
CA SER E 41 22.77 32.08 -29.52
C SER E 41 24.19 32.58 -29.34
N TYR E 42 24.43 33.78 -29.85
CA TYR E 42 25.77 34.35 -29.86
C TYR E 42 25.89 35.42 -28.80
N GLY E 43 27.12 35.85 -28.53
CA GLY E 43 27.31 36.98 -27.66
C GLY E 43 28.77 37.28 -27.43
N THR E 44 29.00 38.43 -26.82
CA THR E 44 30.31 38.82 -26.32
C THR E 44 30.31 38.84 -24.80
N ILE E 45 31.49 39.05 -24.24
CA ILE E 45 31.76 38.74 -22.84
C ILE E 45 32.36 39.95 -22.14
N VAL E 46 31.94 40.18 -20.89
CA VAL E 46 32.57 41.17 -20.03
C VAL E 46 32.73 40.58 -18.63
N ASN E 47 33.70 41.12 -17.90
CA ASN E 47 33.85 40.86 -16.46
C ASN E 47 33.90 39.36 -16.13
N VAL E 48 35.01 38.73 -16.48
CA VAL E 48 35.32 37.43 -15.91
C VAL E 48 35.96 37.62 -14.54
N ARG E 49 35.60 36.76 -13.59
CA ARG E 49 36.24 36.78 -12.28
C ARG E 49 36.25 35.38 -11.69
N PRO E 50 37.20 35.06 -10.83
CA PRO E 50 37.29 33.70 -10.28
C PRO E 50 36.37 33.49 -9.10
N VAL E 51 35.86 32.26 -9.01
CA VAL E 51 34.86 31.88 -8.02
C VAL E 51 35.00 30.39 -7.76
N GLN E 52 34.70 29.97 -6.53
CA GLN E 52 34.71 28.56 -6.15
C GLN E 52 33.31 27.99 -6.22
N ILE E 53 33.21 26.68 -6.35
CA ILE E 53 31.92 26.03 -6.54
C ILE E 53 31.75 24.93 -5.50
N GLN E 54 30.58 24.89 -4.86
CA GLN E 54 30.23 23.84 -3.93
C GLN E 54 29.32 22.82 -4.60
N GLY E 55 29.53 21.55 -4.29
CA GLY E 55 28.66 20.53 -4.81
C GLY E 55 28.50 19.36 -3.86
N GLY E 56 27.27 19.04 -3.51
CA GLY E 56 27.03 17.94 -2.62
C GLY E 56 25.85 18.23 -1.71
N ASP E 57 25.88 17.64 -0.53
CA ASP E 57 24.80 17.73 0.44
C ASP E 57 25.24 18.57 1.64
N ASP E 58 24.29 18.85 2.52
CA ASP E 58 24.62 19.52 3.77
C ASP E 58 24.69 18.54 4.94
N SER E 59 24.00 17.40 4.84
CA SER E 59 24.04 16.41 5.91
C SER E 59 25.33 15.59 5.90
N ASN E 60 25.89 15.31 4.72
CA ASN E 60 27.13 14.55 4.59
C ASN E 60 27.06 13.22 5.34
N VAL E 61 26.01 12.45 5.06
CA VAL E 61 25.72 11.28 5.88
C VAL E 61 26.77 10.19 5.72
N ILE E 62 27.59 10.25 4.68
CA ILE E 62 28.56 9.19 4.39
C ILE E 62 29.93 9.51 4.94
N GLY E 63 30.38 10.74 4.76
CA GLY E 63 31.67 11.12 5.33
C GLY E 63 31.70 10.99 6.83
N ALA E 64 30.54 11.17 7.47
CA ALA E 64 30.47 11.04 8.92
C ALA E 64 30.71 9.61 9.37
N ILE E 65 30.06 8.65 8.73
CA ILE E 65 30.31 7.25 9.07
C ILE E 65 31.72 6.84 8.71
N GLY E 66 32.18 7.24 7.53
CA GLY E 66 33.52 6.87 7.11
C GLY E 66 34.61 7.42 8.00
N GLY E 67 34.38 8.58 8.60
CA GLY E 67 35.30 9.04 9.62
C GLY E 67 35.03 8.45 10.97
N ALA E 68 33.79 8.04 11.22
CA ALA E 68 33.42 7.58 12.56
C ALA E 68 34.00 6.20 12.85
N VAL E 69 33.81 5.24 11.95
CA VAL E 69 34.34 3.91 12.23
C VAL E 69 35.86 3.97 12.31
N LEU E 70 36.49 4.72 11.42
CA LEU E 70 37.95 4.78 11.44
C LEU E 70 38.44 5.48 12.70
N GLY E 71 37.73 6.49 13.19
CA GLY E 71 38.15 7.07 14.45
C GLY E 71 37.80 6.24 15.65
N GLY E 72 36.85 5.33 15.51
CA GLY E 72 36.43 4.47 16.60
C GLY E 72 37.36 3.30 16.81
N PHE E 73 37.67 2.59 15.74
CA PHE E 73 38.65 1.50 15.85
C PHE E 73 39.97 2.01 16.36
N LEU E 74 40.30 3.26 16.10
CA LEU E 74 41.55 3.80 16.62
C LEU E 74 41.52 3.94 18.13
N GLY E 75 40.34 4.01 18.74
CA GLY E 75 40.27 4.03 20.18
C GLY E 75 40.69 2.71 20.82
N ASN E 76 40.41 1.59 20.16
CA ASN E 76 40.71 0.28 20.74
C ASN E 76 42.18 0.04 20.89
N THR E 77 43.03 0.98 20.53
CA THR E 77 44.46 0.78 20.63
C THR E 77 45.04 1.34 21.92
N VAL E 78 44.33 2.24 22.60
CA VAL E 78 44.87 2.92 23.76
C VAL E 78 44.13 2.45 25.00
N GLY E 79 44.86 2.36 26.10
CA GLY E 79 44.27 2.12 27.40
C GLY E 79 43.78 0.70 27.61
N GLY E 80 43.04 0.53 28.69
CA GLY E 80 42.49 -0.76 29.05
C GLY E 80 41.37 -0.60 30.05
N GLY E 81 40.50 -1.61 30.10
CA GLY E 81 39.37 -1.56 31.01
C GLY E 81 38.40 -0.48 30.62
N THR E 82 38.02 0.35 31.60
CA THR E 82 37.13 1.46 31.33
C THR E 82 37.85 2.58 30.59
N GLY E 83 39.14 2.76 30.84
CA GLY E 83 39.87 3.78 30.12
C GLY E 83 39.87 3.56 28.62
N ARG E 84 39.78 2.31 28.19
CA ARG E 84 39.63 2.06 26.76
C ARG E 84 38.25 2.44 26.27
N SER E 85 37.22 2.04 27.01
CA SER E 85 35.86 2.23 26.51
C SER E 85 35.44 3.68 26.49
N LEU E 86 36.24 4.59 27.03
CA LEU E 86 36.01 6.02 26.89
C LEU E 86 36.76 6.61 25.71
N ALA E 87 38.00 6.17 25.51
CA ALA E 87 38.75 6.62 24.36
C ALA E 87 38.12 6.13 23.07
N THR E 88 37.53 4.94 23.07
CA THR E 88 36.86 4.43 21.89
C THR E 88 35.51 5.07 21.65
N ALA E 89 35.19 6.14 22.36
CA ALA E 89 34.08 7.00 22.00
C ALA E 89 34.53 8.42 21.72
N ALA E 90 35.52 8.92 22.47
CA ALA E 90 36.07 10.22 22.11
C ALA E 90 36.69 10.16 20.72
N GLY E 91 37.42 9.10 20.42
CA GLY E 91 37.94 8.93 19.07
C GLY E 91 36.83 8.85 18.05
N ALA E 92 35.72 8.21 18.40
CA ALA E 92 34.63 8.05 17.45
C ALA E 92 34.01 9.38 17.08
N VAL E 93 33.75 10.25 18.06
CA VAL E 93 33.14 11.52 17.68
C VAL E 93 34.17 12.44 17.03
N ALA E 94 35.44 12.35 17.40
CA ALA E 94 36.44 13.15 16.70
C ALA E 94 36.54 12.75 15.24
N GLY E 95 36.51 11.45 14.97
CA GLY E 95 36.47 10.99 13.59
C GLY E 95 35.19 11.41 12.90
N GLY E 96 34.08 11.47 13.64
CA GLY E 96 32.85 11.95 13.04
C GLY E 96 32.95 13.38 12.56
N VAL E 97 33.50 14.26 13.39
CA VAL E 97 33.70 15.64 12.97
C VAL E 97 34.63 15.72 11.79
N ALA E 98 35.76 15.01 11.85
CA ALA E 98 36.72 15.12 10.75
C ALA E 98 36.16 14.56 9.45
N GLY E 99 35.25 13.60 9.52
CA GLY E 99 34.71 13.03 8.29
C GLY E 99 34.00 14.06 7.44
N GLN E 100 33.10 14.82 8.05
CA GLN E 100 32.49 15.92 7.34
C GLN E 100 33.48 17.03 7.06
N GLY E 101 34.45 17.23 7.95
CA GLY E 101 35.41 18.29 7.74
C GLY E 101 36.33 18.07 6.58
N VAL E 102 36.45 16.83 6.11
CA VAL E 102 37.31 16.55 4.98
C VAL E 102 36.52 16.16 3.74
N GLN E 103 35.33 15.59 3.87
CA GLN E 103 34.55 15.29 2.68
C GLN E 103 34.10 16.57 1.98
N SER E 104 33.52 17.50 2.74
CA SER E 104 33.00 18.71 2.13
C SER E 104 34.08 19.74 1.84
N ALA E 105 35.34 19.45 2.17
CA ALA E 105 36.44 20.26 1.68
C ALA E 105 37.16 19.57 0.54
N MET E 106 36.62 18.47 0.04
CA MET E 106 37.15 17.78 -1.13
C MET E 106 36.15 17.84 -2.28
N ASN E 107 35.09 18.60 -2.12
CA ASN E 107 34.18 18.91 -3.22
C ASN E 107 34.34 20.34 -3.73
N LYS E 108 35.21 21.13 -3.12
CA LYS E 108 35.51 22.44 -3.66
C LYS E 108 36.09 22.27 -5.05
N THR E 109 35.72 23.17 -5.96
CA THR E 109 36.26 23.15 -7.31
C THR E 109 36.50 24.56 -7.79
N GLN E 110 37.63 24.77 -8.45
CA GLN E 110 37.88 26.07 -9.04
C GLN E 110 36.91 26.30 -10.20
N GLY E 111 36.52 27.56 -10.40
CA GLY E 111 35.51 27.87 -11.40
C GLY E 111 35.53 29.33 -11.74
N VAL E 112 34.65 29.72 -12.67
CA VAL E 112 34.57 31.10 -13.12
C VAL E 112 33.14 31.57 -13.24
N GLU E 113 32.97 32.89 -13.23
CA GLU E 113 31.69 33.58 -13.27
C GLU E 113 31.74 34.57 -14.40
N LEU E 114 30.89 34.39 -15.41
CA LEU E 114 31.03 35.10 -16.66
C LEU E 114 29.81 35.99 -16.90
N GLU E 115 30.04 37.27 -17.15
CA GLU E 115 29.01 38.13 -17.70
C GLU E 115 29.12 38.05 -19.20
N ILE E 116 27.99 37.95 -19.88
CA ILE E 116 28.01 37.98 -21.33
C ILE E 116 26.88 38.86 -21.82
N ARG E 117 27.14 39.60 -22.89
CA ARG E 117 26.12 40.39 -23.55
C ARG E 117 25.74 39.68 -24.84
N LYS E 118 24.54 39.13 -24.88
CA LYS E 118 24.07 38.51 -26.10
C LYS E 118 23.90 39.58 -27.18
N ASP E 119 24.10 39.17 -28.43
CA ASP E 119 23.84 40.08 -29.54
C ASP E 119 22.37 40.46 -29.61
N ASP E 120 21.49 39.63 -29.06
CA ASP E 120 20.07 39.93 -29.09
C ASP E 120 19.76 41.21 -28.32
N GLY E 121 20.63 41.59 -27.39
CA GLY E 121 20.51 42.80 -26.60
C GLY E 121 19.97 42.48 -25.23
N ASN E 122 20.87 42.22 -24.30
CA ASN E 122 20.63 41.81 -22.92
C ASN E 122 21.96 41.81 -22.20
N THR E 123 21.97 41.31 -20.98
CA THR E 123 23.19 40.88 -20.34
C THR E 123 22.80 39.79 -19.37
N ILE E 124 23.54 38.68 -19.39
CA ILE E 124 23.26 37.59 -18.48
C ILE E 124 24.54 37.14 -17.81
N MET E 125 24.38 36.39 -16.72
CA MET E 125 25.47 35.84 -15.93
C MET E 125 25.39 34.33 -15.97
N VAL E 126 26.54 33.67 -16.06
CA VAL E 126 26.58 32.21 -15.99
C VAL E 126 27.92 31.79 -15.42
N VAL E 127 27.91 30.71 -14.65
CA VAL E 127 29.07 30.28 -13.87
C VAL E 127 29.41 28.83 -14.22
N GLN E 128 30.70 28.55 -14.34
CA GLN E 128 31.20 27.30 -14.91
C GLN E 128 32.46 26.86 -14.18
N LYS E 129 32.78 25.57 -14.30
CA LYS E 129 34.03 25.07 -13.76
C LYS E 129 35.21 25.49 -14.64
N GLN E 130 36.32 25.80 -13.99
CA GLN E 130 37.52 26.16 -14.73
C GLN E 130 38.03 24.98 -15.52
N GLY E 131 38.47 25.24 -16.75
CA GLY E 131 38.99 24.18 -17.59
C GLY E 131 40.41 24.41 -18.06
N ASN E 132 40.59 24.51 -19.37
CA ASN E 132 41.88 24.81 -19.98
C ASN E 132 41.94 26.21 -20.55
N THR E 133 40.94 26.59 -21.33
CA THR E 133 40.91 27.88 -21.97
C THR E 133 40.78 28.99 -20.93
N ARG E 134 41.53 30.06 -21.12
CA ARG E 134 41.51 31.21 -20.23
C ARG E 134 40.76 32.34 -20.92
N PHE E 135 39.53 32.57 -20.50
CA PHE E 135 38.70 33.58 -21.13
C PHE E 135 39.31 34.98 -20.93
N SER E 136 38.71 35.95 -21.58
CA SER E 136 39.15 37.34 -21.54
C SER E 136 37.93 38.24 -21.48
N PRO E 137 38.09 39.46 -20.98
CA PRO E 137 36.95 40.40 -20.99
C PRO E 137 36.77 41.06 -22.34
N GLY E 138 35.97 40.43 -23.21
CA GLY E 138 35.83 40.86 -24.59
C GLY E 138 36.34 39.79 -25.55
N GLN E 139 35.41 39.04 -26.11
CA GLN E 139 35.65 37.84 -26.88
C GLN E 139 34.28 37.37 -27.36
N ARG E 140 34.26 36.57 -28.42
CA ARG E 140 33.01 36.05 -28.95
C ARG E 140 32.82 34.62 -28.45
N VAL E 141 31.73 34.36 -27.76
CA VAL E 141 31.45 33.04 -27.23
C VAL E 141 30.00 32.70 -27.48
N VAL E 142 29.74 31.42 -27.66
CA VAL E 142 28.46 30.92 -28.14
C VAL E 142 27.75 30.21 -27.01
N LEU E 143 26.43 30.36 -26.94
CA LEU E 143 25.62 29.79 -25.87
C LEU E 143 24.84 28.60 -26.40
N ALA E 144 25.32 27.40 -26.12
CA ALA E 144 24.55 26.22 -26.49
C ALA E 144 23.41 26.09 -25.50
N SER E 145 22.22 26.49 -25.90
CA SER E 145 21.12 26.67 -24.98
C SER E 145 20.18 25.47 -25.03
N ASN E 146 19.53 25.22 -23.90
CA ASN E 146 18.58 24.12 -23.76
C ASN E 146 17.44 24.64 -22.90
N GLY E 147 16.67 23.72 -22.33
CA GLY E 147 15.64 24.11 -21.40
C GLY E 147 16.24 24.50 -20.06
N SER E 148 16.85 25.69 -20.01
CA SER E 148 17.45 26.26 -18.80
C SER E 148 18.73 25.54 -18.35
N GLN E 149 19.61 25.27 -19.32
CA GLN E 149 21.00 24.92 -19.04
C GLN E 149 21.82 25.52 -20.17
N VAL E 150 22.84 26.30 -19.84
CA VAL E 150 23.57 27.03 -20.87
C VAL E 150 25.06 26.90 -20.64
N THR E 151 25.77 26.50 -21.68
CA THR E 151 27.21 26.27 -21.64
C THR E 151 27.89 27.26 -22.57
N VAL E 152 29.01 27.82 -22.14
CA VAL E 152 29.62 28.92 -22.86
C VAL E 152 30.93 28.42 -23.46
N SER E 153 30.89 28.06 -24.62
CA SER E 153 32.11 27.66 -25.29
C SER E 153 32.75 28.87 -25.98
N PRO E 154 34.07 28.89 -26.12
CA PRO E 154 34.70 29.96 -26.88
C PRO E 154 34.36 29.84 -28.36
N ARG E 155 34.26 31.00 -29.02
CA ARG E 155 33.89 31.10 -30.44
C ARG E 155 32.58 30.40 -30.76
N CYS F 18 28.86 19.53 11.99
CA CYS F 18 29.14 20.72 11.18
C CYS F 18 28.19 20.86 9.99
N VAL F 19 27.40 21.92 9.99
CA VAL F 19 26.64 22.32 8.80
C VAL F 19 27.47 23.27 7.97
N ASN F 20 27.57 23.00 6.66
CA ASN F 20 28.39 23.83 5.78
C ASN F 20 27.72 25.18 5.53
N ASN F 21 27.98 26.14 6.41
CA ASN F 21 27.51 27.51 6.22
C ASN F 21 28.52 28.36 5.47
N ASP F 22 28.99 27.84 4.34
CA ASP F 22 30.03 28.51 3.58
C ASP F 22 29.57 28.88 2.18
N THR F 23 28.33 28.53 1.81
CA THR F 23 27.78 28.91 0.52
C THR F 23 27.01 30.21 0.55
N LEU F 24 26.86 30.85 1.71
CA LEU F 24 26.09 32.07 1.83
C LEU F 24 26.87 33.31 1.48
N SER F 25 27.96 33.16 0.74
CA SER F 25 28.76 34.31 0.34
C SER F 25 28.47 34.68 -1.12
N GLY F 26 29.12 35.74 -1.57
CA GLY F 26 29.19 36.07 -2.98
C GLY F 26 30.44 35.58 -3.64
N ASP F 27 31.18 34.67 -3.00
CA ASP F 27 32.41 34.11 -3.53
C ASP F 27 32.35 32.60 -3.57
N VAL F 28 31.15 32.02 -3.48
CA VAL F 28 30.93 30.58 -3.51
C VAL F 28 29.57 30.35 -4.12
N TYR F 29 29.44 29.30 -4.93
CA TYR F 29 28.14 28.93 -5.48
C TYR F 29 27.89 27.45 -5.25
N THR F 30 26.62 27.07 -5.22
CA THR F 30 26.27 25.66 -5.12
C THR F 30 26.25 25.05 -6.51
N ALA F 31 26.02 23.74 -6.56
CA ALA F 31 26.01 23.05 -7.84
C ALA F 31 24.69 23.19 -8.58
N SER F 32 23.66 23.71 -7.94
CA SER F 32 22.39 23.89 -8.60
C SER F 32 22.23 25.28 -9.20
N GLU F 33 23.24 26.12 -9.07
CA GLU F 33 23.23 27.44 -9.70
C GLU F 33 24.43 27.61 -10.63
N ALA F 34 25.02 26.51 -11.07
CA ALA F 34 26.08 26.55 -12.07
C ALA F 34 25.53 26.05 -13.40
N LYS F 35 26.07 26.61 -14.48
CA LYS F 35 25.54 26.39 -15.82
C LYS F 35 24.03 26.66 -15.84
N GLN F 36 23.67 27.88 -15.48
CA GLN F 36 22.31 28.36 -15.59
C GLN F 36 22.34 29.83 -15.93
N VAL F 37 21.25 30.33 -16.50
CA VAL F 37 21.16 31.70 -16.97
C VAL F 37 20.67 32.59 -15.84
N GLN F 38 21.46 33.60 -15.49
CA GLN F 38 21.13 34.55 -14.44
C GLN F 38 21.16 35.96 -15.02
N ASN F 39 20.11 36.73 -14.73
CA ASN F 39 20.00 38.09 -15.22
C ASN F 39 20.99 39.00 -14.51
N VAL F 40 21.12 40.22 -15.00
CA VAL F 40 22.06 41.17 -14.44
C VAL F 40 21.39 42.54 -14.35
N SER F 41 21.64 43.24 -13.24
CA SER F 41 21.20 44.60 -13.05
C SER F 41 22.32 45.37 -12.37
N TYR F 42 22.20 46.69 -12.36
CA TYR F 42 23.26 47.53 -11.82
C TYR F 42 22.71 48.38 -10.67
N GLY F 43 23.57 48.67 -9.70
CA GLY F 43 23.11 49.41 -8.54
C GLY F 43 24.18 50.25 -7.88
N THR F 44 23.72 51.25 -7.14
CA THR F 44 24.54 52.06 -6.26
C THR F 44 24.25 51.67 -4.82
N ILE F 45 25.29 51.68 -4.00
CA ILE F 45 25.25 51.09 -2.67
C ILE F 45 25.31 52.19 -1.61
N VAL F 46 24.53 52.02 -0.55
CA VAL F 46 24.62 52.87 0.63
C VAL F 46 24.51 52.00 1.88
N ASN F 47 25.04 52.49 2.99
CA ASN F 47 24.74 51.99 4.32
C ASN F 47 25.00 50.49 4.46
N VAL F 48 26.28 50.13 4.57
CA VAL F 48 26.63 48.79 5.00
C VAL F 48 26.81 48.75 6.51
N ARG F 49 26.29 47.71 7.16
CA ARG F 49 26.51 47.52 8.58
C ARG F 49 26.78 46.05 8.86
N PRO F 50 27.61 45.74 9.85
CA PRO F 50 27.94 44.35 10.13
C PRO F 50 26.88 43.65 10.95
N VAL F 51 26.70 42.36 10.65
CA VAL F 51 25.62 41.55 11.21
C VAL F 51 26.11 40.11 11.25
N GLN F 52 25.67 39.37 12.26
CA GLN F 52 26.02 37.96 12.39
C GLN F 52 24.95 37.11 11.73
N ILE F 53 25.31 35.89 11.39
CA ILE F 53 24.40 35.00 10.66
C ILE F 53 24.39 33.64 11.32
N GLN F 54 23.22 33.20 11.75
CA GLN F 54 22.97 31.86 12.23
C GLN F 54 22.45 31.03 11.08
N GLY F 55 22.49 29.72 11.22
CA GLY F 55 22.04 28.87 10.14
C GLY F 55 21.95 27.42 10.56
N GLY F 56 21.24 26.65 9.73
CA GLY F 56 21.12 25.22 9.94
C GLY F 56 19.75 24.82 10.44
N ASP F 57 19.73 23.90 11.40
CA ASP F 57 18.49 23.43 11.99
C ASP F 57 18.14 24.29 13.20
N ASP F 58 17.22 23.80 14.01
CA ASP F 58 16.88 24.43 15.28
C ASP F 58 17.45 23.69 16.48
N SER F 59 17.51 22.36 16.41
CA SER F 59 17.87 21.53 17.54
C SER F 59 19.34 21.13 17.57
N ASN F 60 20.20 21.75 16.75
CA ASN F 60 21.61 21.25 16.68
C ASN F 60 21.48 19.75 16.52
N VAL F 61 20.74 19.34 15.50
CA VAL F 61 20.38 17.91 15.27
C VAL F 61 21.40 16.86 15.74
N ILE F 62 22.64 16.87 15.24
CA ILE F 62 23.48 15.69 15.44
C ILE F 62 24.44 15.88 16.59
N GLY F 63 24.85 17.12 16.86
CA GLY F 63 25.80 17.36 17.93
C GLY F 63 25.29 16.98 19.29
N ALA F 64 23.97 16.89 19.45
CA ALA F 64 23.41 16.44 20.71
C ALA F 64 23.78 14.99 21.00
N ILE F 65 23.68 14.12 20.00
CA ILE F 65 24.06 12.72 20.19
C ILE F 65 25.55 12.61 20.50
N GLY F 66 26.37 13.34 19.76
CA GLY F 66 27.80 13.29 19.98
C GLY F 66 28.18 13.81 21.35
N GLY F 67 27.47 14.80 21.86
CA GLY F 67 27.71 15.26 23.21
C GLY F 67 27.22 14.27 24.25
N ALA F 68 26.08 13.63 23.99
CA ALA F 68 25.48 12.76 24.98
C ALA F 68 26.27 11.48 25.15
N VAL F 69 26.70 10.85 24.06
CA VAL F 69 27.48 9.62 24.19
C VAL F 69 28.80 9.89 24.89
N LEU F 70 29.49 10.95 24.49
CA LEU F 70 30.76 11.26 25.12
C LEU F 70 30.57 11.59 26.59
N GLY F 71 29.52 12.33 26.93
CA GLY F 71 29.28 12.60 28.33
C GLY F 71 28.81 11.41 29.11
N GLY F 72 28.28 10.40 28.42
CA GLY F 72 27.86 9.18 29.07
C GLY F 72 29.02 8.26 29.38
N PHE F 73 29.85 7.95 28.39
CA PHE F 73 30.99 7.09 28.66
C PHE F 73 31.92 7.71 29.68
N LEU F 74 31.98 9.04 29.74
CA LEU F 74 32.78 9.67 30.79
C LEU F 74 32.14 9.51 32.16
N GLY F 75 30.90 9.02 32.21
CA GLY F 75 30.28 8.74 33.49
C GLY F 75 30.73 7.46 34.16
N ASN F 76 31.19 6.48 33.39
CA ASN F 76 31.65 5.25 34.03
C ASN F 76 32.91 5.44 34.84
N THR F 77 33.59 6.58 34.71
CA THR F 77 34.91 6.74 35.29
C THR F 77 34.84 7.44 36.63
N VAL F 78 33.71 7.33 37.32
CA VAL F 78 33.57 7.82 38.68
C VAL F 78 32.82 6.78 39.50
N GLY F 79 33.30 6.54 40.72
CA GLY F 79 32.56 5.76 41.67
C GLY F 79 32.39 4.29 41.31
N GLY F 80 31.45 3.66 41.98
CA GLY F 80 31.18 2.25 41.76
C GLY F 80 29.78 1.86 42.16
N GLY F 81 29.35 0.70 41.67
CA GLY F 81 28.04 0.18 42.01
C GLY F 81 26.94 1.14 41.59
N THR F 82 26.01 1.38 42.50
CA THR F 82 24.91 2.31 42.21
C THR F 82 25.44 3.72 41.99
N GLY F 83 26.39 4.14 42.82
CA GLY F 83 26.91 5.49 42.72
C GLY F 83 27.60 5.80 41.42
N ARG F 84 28.09 4.78 40.71
CA ARG F 84 28.53 5.01 39.34
C ARG F 84 27.35 5.23 38.42
N SER F 85 26.33 4.38 38.55
CA SER F 85 25.23 4.41 37.60
C SER F 85 24.44 5.71 37.65
N LEU F 86 24.59 6.50 38.71
CA LEU F 86 24.04 7.85 38.68
C LEU F 86 24.88 8.77 37.83
N ALA F 87 26.21 8.69 37.97
CA ALA F 87 27.09 9.54 37.20
C ALA F 87 27.00 9.24 35.73
N THR F 88 26.87 7.97 35.37
CA THR F 88 26.76 7.62 33.96
C THR F 88 25.47 8.13 33.33
N ALA F 89 24.56 8.71 34.10
CA ALA F 89 23.40 9.40 33.55
C ALA F 89 23.54 10.90 33.62
N ALA F 90 24.06 11.41 34.73
CA ALA F 90 24.26 12.85 34.84
C ALA F 90 25.21 13.33 33.76
N GLY F 91 26.28 12.57 33.52
CA GLY F 91 27.17 12.91 32.44
C GLY F 91 26.48 12.85 31.08
N ALA F 92 25.53 11.94 30.91
CA ALA F 92 24.85 11.88 29.62
C ALA F 92 23.98 13.10 29.38
N VAL F 93 23.25 13.55 30.41
CA VAL F 93 22.43 14.74 30.21
C VAL F 93 23.31 15.98 30.04
N ALA F 94 24.38 16.11 30.82
CA ALA F 94 25.23 17.28 30.68
C ALA F 94 25.92 17.31 29.32
N GLY F 95 26.41 16.15 28.86
CA GLY F 95 27.01 16.11 27.55
C GLY F 95 26.01 16.39 26.44
N GLY F 96 24.78 15.90 26.59
CA GLY F 96 23.76 16.21 25.61
C GLY F 96 23.49 17.70 25.51
N VAL F 97 23.41 18.38 26.65
CA VAL F 97 23.18 19.82 26.63
C VAL F 97 24.37 20.55 26.02
N ALA F 98 25.58 20.19 26.43
CA ALA F 98 26.76 20.87 25.88
C ALA F 98 26.89 20.61 24.39
N GLY F 99 26.36 19.48 23.90
CA GLY F 99 26.44 19.22 22.47
C GLY F 99 25.73 20.26 21.64
N GLN F 100 24.46 20.50 21.95
CA GLN F 100 23.76 21.58 21.28
C GLN F 100 24.44 22.92 21.55
N GLY F 101 24.87 23.13 22.79
CA GLY F 101 25.48 24.41 23.12
C GLY F 101 26.75 24.71 22.37
N VAL F 102 27.42 23.70 21.85
CA VAL F 102 28.65 23.92 21.11
C VAL F 102 28.46 23.79 19.61
N GLN F 103 27.43 23.08 19.14
CA GLN F 103 27.22 23.00 17.70
C GLN F 103 26.76 24.33 17.14
N SER F 104 25.86 25.03 17.82
CA SER F 104 25.42 26.33 17.31
C SER F 104 26.57 27.32 17.26
N ALA F 105 27.45 27.33 18.26
CA ALA F 105 28.56 28.26 18.22
C ALA F 105 29.55 27.92 17.12
N MET F 106 29.38 26.79 16.44
CA MET F 106 30.13 26.43 15.26
C MET F 106 29.48 26.90 13.98
N ASN F 107 28.37 27.62 14.07
CA ASN F 107 27.65 28.08 12.89
C ASN F 107 27.52 29.58 12.78
N LYS F 108 27.85 30.34 13.82
CA LYS F 108 27.88 31.79 13.67
C LYS F 108 28.90 32.20 12.62
N THR F 109 28.65 33.33 11.98
CA THR F 109 29.60 33.88 11.03
C THR F 109 29.42 35.38 10.93
N GLN F 110 30.52 36.11 10.84
CA GLN F 110 30.42 37.53 10.57
C GLN F 110 29.87 37.74 9.16
N GLY F 111 29.17 38.84 8.98
CA GLY F 111 28.52 39.10 7.71
C GLY F 111 28.18 40.56 7.59
N VAL F 112 27.53 40.91 6.48
CA VAL F 112 27.15 42.29 6.23
C VAL F 112 25.71 42.38 5.75
N GLU F 113 25.14 43.55 5.94
CA GLU F 113 23.79 43.88 5.48
C GLU F 113 23.89 45.12 4.61
N LEU F 114 23.47 45.01 3.35
CA LEU F 114 23.78 45.99 2.34
C LEU F 114 22.52 46.70 1.86
N GLU F 115 22.58 48.03 1.78
CA GLU F 115 21.59 48.79 1.04
C GLU F 115 22.12 49.14 -0.34
N ILE F 116 21.32 48.88 -1.36
CA ILE F 116 21.70 49.16 -2.73
C ILE F 116 20.53 49.78 -3.44
N ARG F 117 20.76 50.88 -4.15
CA ARG F 117 19.74 51.50 -4.97
C ARG F 117 19.91 50.99 -6.39
N LYS F 118 18.96 50.18 -6.85
CA LYS F 118 18.98 49.78 -8.24
C LYS F 118 18.81 51.02 -9.11
N ASP F 119 19.51 51.05 -10.24
CA ASP F 119 19.40 52.19 -11.13
C ASP F 119 17.98 52.37 -11.65
N ASP F 120 17.16 51.32 -11.58
CA ASP F 120 15.75 51.44 -11.97
C ASP F 120 15.06 52.53 -11.17
N GLY F 121 15.48 52.75 -9.94
CA GLY F 121 14.87 53.69 -9.02
C GLY F 121 14.01 52.93 -8.04
N ASN F 122 14.62 52.58 -6.92
CA ASN F 122 14.08 51.71 -5.88
C ASN F 122 15.04 51.77 -4.72
N THR F 123 14.86 50.88 -3.76
CA THR F 123 15.94 50.52 -2.86
C THR F 123 15.62 49.12 -2.36
N ILE F 124 16.66 48.30 -2.21
CA ILE F 124 16.52 46.98 -1.62
C ILE F 124 17.69 46.73 -0.70
N MET F 125 17.52 45.77 0.21
CA MET F 125 18.64 45.30 1.01
C MET F 125 18.83 43.82 0.76
N VAL F 126 20.07 43.38 0.95
CA VAL F 126 20.42 41.97 0.88
C VAL F 126 21.51 41.71 1.90
N VAL F 127 21.48 40.52 2.48
CA VAL F 127 22.43 40.11 3.51
C VAL F 127 23.22 38.93 2.96
N GLN F 128 24.47 38.80 3.41
CA GLN F 128 25.41 37.98 2.69
C GLN F 128 26.62 37.68 3.57
N LYS F 129 27.16 36.47 3.45
CA LYS F 129 28.33 36.10 4.22
C LYS F 129 29.48 37.04 3.95
N GLN F 130 30.20 37.41 4.99
CA GLN F 130 31.39 38.23 4.83
C GLN F 130 32.42 37.46 4.01
N GLY F 131 33.12 38.17 3.15
CA GLY F 131 34.18 37.56 2.39
C GLY F 131 35.48 38.31 2.52
N ASN F 132 36.14 38.58 1.40
CA ASN F 132 37.37 39.34 1.40
C ASN F 132 37.15 40.81 1.06
N THR F 133 36.29 41.11 0.10
CA THR F 133 36.06 42.50 -0.26
C THR F 133 35.35 43.22 0.88
N ARG F 134 35.79 44.44 1.15
CA ARG F 134 35.21 45.26 2.21
C ARG F 134 34.44 46.40 1.57
N PHE F 135 33.12 46.27 1.53
CA PHE F 135 32.27 47.23 0.86
C PHE F 135 32.35 48.60 1.52
N SER F 136 31.70 49.56 0.90
CA SER F 136 31.76 50.97 1.24
C SER F 136 30.39 51.58 0.98
N PRO F 137 29.91 52.61 1.75
CA PRO F 137 28.67 53.32 1.43
C PRO F 137 28.96 54.25 0.25
N GLY F 138 28.58 53.83 -0.95
CA GLY F 138 28.84 54.58 -2.16
C GLY F 138 29.87 53.87 -3.01
N GLN F 139 29.37 53.15 -4.02
CA GLN F 139 30.09 52.20 -4.86
C GLN F 139 29.06 51.63 -5.82
N ARG F 140 29.52 50.86 -6.78
CA ARG F 140 28.65 50.23 -7.76
C ARG F 140 28.73 48.72 -7.62
N VAL F 141 27.60 48.04 -7.80
CA VAL F 141 27.55 46.59 -7.70
C VAL F 141 26.67 46.05 -8.82
N VAL F 142 26.87 44.79 -9.15
CA VAL F 142 26.21 44.16 -10.29
C VAL F 142 25.34 43.02 -9.77
N LEU F 143 24.06 43.32 -9.58
CA LEU F 143 23.15 42.38 -8.93
C LEU F 143 22.86 41.21 -9.86
N ALA F 144 23.32 40.03 -9.50
CA ALA F 144 22.97 38.83 -10.22
C ALA F 144 21.66 38.30 -9.68
N SER F 145 20.71 38.05 -10.56
CA SER F 145 19.43 37.52 -10.14
C SER F 145 19.22 36.12 -10.67
N ASN F 146 18.19 35.48 -10.16
CA ASN F 146 17.76 34.17 -10.59
C ASN F 146 16.27 34.09 -10.30
N GLY F 147 15.74 32.89 -10.14
CA GLY F 147 14.40 32.79 -9.61
C GLY F 147 14.38 33.22 -8.16
N SER F 148 14.57 34.53 -7.94
CA SER F 148 14.52 35.17 -6.62
C SER F 148 15.70 34.76 -5.75
N GLN F 149 16.88 34.67 -6.34
CA GLN F 149 18.14 34.53 -5.59
C GLN F 149 19.07 35.63 -6.08
N VAL F 150 19.66 36.37 -5.15
CA VAL F 150 20.44 37.53 -5.53
C VAL F 150 21.82 37.44 -4.90
N THR F 151 22.84 37.73 -5.69
CA THR F 151 24.22 37.82 -5.24
C THR F 151 24.71 39.21 -5.53
N VAL F 152 25.72 39.66 -4.80
CA VAL F 152 26.25 41.01 -5.00
C VAL F 152 27.75 40.93 -5.19
N SER F 153 28.23 41.51 -6.27
CA SER F 153 29.65 41.59 -6.49
C SER F 153 30.07 43.05 -6.67
N PRO F 154 31.26 43.41 -6.23
CA PRO F 154 31.71 44.78 -6.39
C PRO F 154 32.51 45.00 -7.66
N ARG F 155 32.22 46.07 -8.40
CA ARG F 155 33.07 46.54 -9.49
C ARG F 155 32.48 47.77 -10.16
N CYS G 18 17.21 22.35 24.31
CA CYS G 18 17.18 23.78 24.00
C CYS G 18 16.67 24.03 22.58
N VAL G 19 15.52 24.70 22.46
CA VAL G 19 15.12 25.25 21.17
C VAL G 19 15.95 26.50 20.91
N ASN G 20 16.46 26.63 19.68
CA ASN G 20 17.28 27.79 19.33
C ASN G 20 16.39 28.89 18.78
N ASN G 21 15.75 29.62 19.68
CA ASN G 21 15.06 30.86 19.28
C ASN G 21 15.95 32.07 19.48
N ASP G 22 17.17 32.01 18.97
CA ASP G 22 18.09 33.14 19.05
C ASP G 22 18.14 33.94 17.75
N THR G 23 17.40 33.52 16.73
CA THR G 23 17.42 34.20 15.44
C THR G 23 16.26 35.17 15.28
N LEU G 24 15.49 35.42 16.33
CA LEU G 24 14.33 36.29 16.25
C LEU G 24 14.68 37.76 16.38
N SER G 25 15.95 38.12 16.16
CA SER G 25 16.44 39.46 16.34
C SER G 25 16.59 40.18 15.01
N GLY G 26 16.99 41.45 15.09
CA GLY G 26 17.46 42.21 13.96
C GLY G 26 18.96 42.29 13.89
N ASP G 27 19.66 41.48 14.68
CA ASP G 27 21.12 41.45 14.69
C ASP G 27 21.64 40.05 14.38
N VAL G 28 20.76 39.13 13.98
CA VAL G 28 21.14 37.85 13.41
C VAL G 28 20.11 37.51 12.34
N TYR G 29 20.46 36.58 11.47
CA TYR G 29 19.55 36.15 10.42
C TYR G 29 19.65 34.65 10.23
N THR G 30 18.54 34.04 9.81
CA THR G 30 18.60 32.63 9.49
C THR G 30 19.27 32.43 8.14
N ALA G 31 19.61 31.18 7.85
CA ALA G 31 20.21 30.86 6.56
C ALA G 31 19.19 30.83 5.44
N SER G 32 17.90 30.87 5.75
CA SER G 32 16.88 30.91 4.71
C SER G 32 16.57 32.31 4.23
N GLU G 33 17.07 33.33 4.92
CA GLU G 33 16.88 34.71 4.51
C GLU G 33 18.22 35.40 4.32
N ALA G 34 19.18 34.68 3.78
CA ALA G 34 20.43 35.25 3.30
C ALA G 34 20.50 35.02 1.80
N LYS G 35 20.99 36.03 1.08
CA LYS G 35 20.96 36.03 -0.38
C LYS G 35 19.53 35.86 -0.90
N GLN G 36 18.61 36.66 -0.37
CA GLN G 36 17.36 36.95 -1.03
C GLN G 36 17.14 38.45 -1.06
N VAL G 37 16.12 38.86 -1.80
CA VAL G 37 15.86 40.27 -2.07
C VAL G 37 14.73 40.76 -1.16
N GLN G 38 14.98 41.86 -0.45
CA GLN G 38 14.05 42.39 0.52
C GLN G 38 13.75 43.86 0.22
N ASN G 39 12.47 44.19 0.10
CA ASN G 39 12.03 45.54 -0.16
C ASN G 39 12.23 46.40 1.08
N VAL G 40 12.33 47.71 0.88
CA VAL G 40 12.66 48.62 1.96
C VAL G 40 11.62 49.73 2.03
N SER G 41 11.02 49.89 3.21
CA SER G 41 10.07 50.95 3.50
C SER G 41 10.62 51.81 4.62
N TYR G 42 9.96 52.92 4.88
CA TYR G 42 10.42 53.85 5.91
C TYR G 42 9.29 54.12 6.90
N GLY G 43 9.67 54.51 8.11
CA GLY G 43 8.65 54.77 9.10
C GLY G 43 9.16 55.48 10.34
N THR G 44 8.21 56.06 11.07
CA THR G 44 8.42 56.67 12.38
C THR G 44 7.78 55.76 13.43
N ILE G 45 8.31 55.84 14.65
CA ILE G 45 8.05 54.83 15.68
C ILE G 45 7.31 55.46 16.85
N VAL G 46 6.31 54.73 17.38
CA VAL G 46 5.54 55.15 18.55
C VAL G 46 5.22 53.94 19.42
N ASN G 47 5.07 54.19 20.72
CA ASN G 47 4.67 53.16 21.68
C ASN G 47 5.58 51.94 21.66
N VAL G 48 6.78 52.12 22.22
CA VAL G 48 7.65 50.97 22.50
C VAL G 48 7.36 50.44 23.89
N ARG G 49 7.26 49.12 24.02
CA ARG G 49 7.03 48.50 25.32
C ARG G 49 7.72 47.15 25.37
N PRO G 50 8.19 46.72 26.54
CA PRO G 50 8.92 45.46 26.64
C PRO G 50 8.01 44.25 26.84
N VAL G 51 8.35 43.16 26.18
CA VAL G 51 7.55 41.94 26.14
C VAL G 51 8.49 40.74 26.16
N GLN G 52 8.02 39.65 26.75
CA GLN G 52 8.76 38.39 26.74
C GLN G 52 8.31 37.54 25.56
N ILE G 53 9.16 36.61 25.15
CA ILE G 53 8.89 35.84 23.94
C ILE G 53 9.17 34.36 24.22
N GLN G 54 8.12 33.54 24.20
CA GLN G 54 8.28 32.10 24.27
C GLN G 54 8.75 31.58 22.92
N GLY G 55 9.14 30.31 22.88
CA GLY G 55 9.58 29.79 21.61
C GLY G 55 9.73 28.29 21.49
N GLY G 56 9.13 27.72 20.45
CA GLY G 56 9.41 26.36 20.06
C GLY G 56 8.33 25.35 20.36
N ASP G 57 8.74 24.23 20.95
CA ASP G 57 7.80 23.17 21.27
C ASP G 57 6.88 23.60 22.40
N ASP G 58 5.67 23.06 22.40
CA ASP G 58 4.81 23.07 23.57
C ASP G 58 4.86 21.76 24.33
N SER G 59 5.13 20.65 23.65
CA SER G 59 5.11 19.34 24.26
C SER G 59 6.33 19.11 25.16
N ASN G 60 7.47 19.72 24.84
CA ASN G 60 8.67 19.63 25.66
C ASN G 60 9.06 18.18 25.90
N VAL G 61 9.17 17.42 24.82
CA VAL G 61 9.39 15.99 24.99
C VAL G 61 10.79 15.72 25.54
N ILE G 62 11.79 16.44 25.05
CA ILE G 62 13.16 16.09 25.41
C ILE G 62 13.46 16.45 26.86
N GLY G 63 12.88 17.52 27.38
CA GLY G 63 13.05 17.82 28.78
C GLY G 63 12.43 16.76 29.67
N ALA G 64 11.33 16.17 29.23
CA ALA G 64 10.67 15.12 30.00
C ALA G 64 11.59 13.93 30.17
N ILE G 65 12.15 13.41 29.09
CA ILE G 65 13.01 12.24 29.18
C ILE G 65 14.29 12.57 29.95
N GLY G 66 14.88 13.72 29.65
CA GLY G 66 16.13 14.09 30.31
C GLY G 66 15.97 14.27 31.80
N GLY G 67 14.83 14.76 32.24
CA GLY G 67 14.58 14.83 33.67
C GLY G 67 14.16 13.51 34.25
N ALA G 68 13.52 12.67 33.44
CA ALA G 68 12.98 11.42 33.97
C ALA G 68 14.10 10.42 34.26
N VAL G 69 15.05 10.26 33.35
CA VAL G 69 16.11 9.29 33.63
C VAL G 69 16.96 9.76 34.80
N LEU G 70 17.18 11.07 34.91
CA LEU G 70 17.98 11.57 36.02
C LEU G 70 17.22 11.56 37.33
N GLY G 71 15.89 11.56 37.29
CA GLY G 71 15.13 11.35 38.50
C GLY G 71 14.94 9.89 38.84
N GLY G 72 15.14 9.01 37.87
CA GLY G 72 15.08 7.59 38.11
C GLY G 72 16.36 7.04 38.69
N PHE G 73 17.48 7.27 38.02
CA PHE G 73 18.75 6.78 38.53
C PHE G 73 19.17 7.46 39.82
N LEU G 74 18.51 8.53 40.21
CA LEU G 74 18.65 9.06 41.56
C LEU G 74 17.62 8.46 42.50
N GLY G 75 16.77 7.57 42.01
CA GLY G 75 15.92 6.80 42.88
C GLY G 75 16.59 5.53 43.37
N ASN G 76 17.53 4.99 42.60
CA ASN G 76 18.15 3.78 43.10
C ASN G 76 19.02 4.01 44.25
N THR G 77 19.09 5.16 44.89
CA THR G 77 20.12 5.39 45.90
C THR G 77 19.53 5.57 47.28
N VAL G 78 18.24 5.33 47.47
CA VAL G 78 17.62 5.41 48.78
C VAL G 78 16.85 4.13 49.04
N GLY G 79 17.06 3.56 50.22
CA GLY G 79 16.32 2.39 50.62
C GLY G 79 16.74 1.15 49.85
N GLY G 80 16.11 0.04 50.21
CA GLY G 80 16.42 -1.23 49.58
C GLY G 80 15.18 -2.09 49.51
N GLY G 81 15.15 -3.00 48.54
CA GLY G 81 13.97 -3.82 48.36
C GLY G 81 12.82 -3.00 47.80
N THR G 82 11.59 -3.44 48.09
CA THR G 82 10.41 -2.74 47.60
C THR G 82 10.42 -1.28 48.02
N GLY G 83 11.04 -0.97 49.15
CA GLY G 83 11.22 0.42 49.51
C GLY G 83 12.10 1.18 48.54
N ARG G 84 12.88 0.47 47.71
CA ARG G 84 13.64 1.15 46.67
C ARG G 84 12.89 1.18 45.35
N SER G 85 12.10 0.15 45.06
CA SER G 85 11.30 0.17 43.85
C SER G 85 10.26 1.28 43.87
N LEU G 86 9.86 1.75 45.04
CA LEU G 86 8.97 2.89 45.09
C LEU G 86 9.69 4.19 44.80
N ALA G 87 10.87 4.38 45.39
CA ALA G 87 11.62 5.60 45.19
C ALA G 87 12.06 5.73 43.75
N THR G 88 12.45 4.63 43.13
CA THR G 88 12.87 4.69 41.74
C THR G 88 11.74 4.86 40.80
N ALA G 89 10.54 5.11 41.26
CA ALA G 89 9.46 5.59 40.40
C ALA G 89 8.99 6.97 40.78
N ALA G 90 8.89 7.26 42.07
CA ALA G 90 8.54 8.62 42.48
C ALA G 90 9.57 9.62 42.01
N GLY G 91 10.86 9.30 42.17
CA GLY G 91 11.88 10.18 41.65
C GLY G 91 11.79 10.31 40.14
N ALA G 92 11.44 9.24 39.45
CA ALA G 92 11.36 9.29 37.99
C ALA G 92 10.28 10.27 37.55
N VAL G 93 9.09 10.19 38.14
CA VAL G 93 8.02 11.08 37.72
C VAL G 93 8.31 12.52 38.15
N ALA G 94 8.86 12.71 39.34
CA ALA G 94 9.19 14.08 39.75
C ALA G 94 10.21 14.68 38.80
N GLY G 95 11.23 13.92 38.43
CA GLY G 95 12.21 14.44 37.48
C GLY G 95 11.61 14.69 36.12
N GLY G 96 10.67 13.85 35.70
CA GLY G 96 10.02 14.06 34.43
C GLY G 96 9.25 15.37 34.38
N VAL G 97 8.56 15.70 35.47
CA VAL G 97 7.84 16.98 35.51
C VAL G 97 8.82 18.15 35.60
N ALA G 98 9.84 18.05 36.45
CA ALA G 98 10.78 19.14 36.57
C ALA G 98 11.54 19.38 35.27
N GLY G 99 11.67 18.36 34.44
CA GLY G 99 12.32 18.56 33.16
C GLY G 99 11.60 19.57 32.30
N GLN G 100 10.29 19.42 32.15
CA GLN G 100 9.53 20.44 31.46
C GLN G 100 9.59 21.75 32.21
N GLY G 101 9.50 21.70 33.53
CA GLY G 101 9.50 22.93 34.31
C GLY G 101 10.77 23.74 34.16
N VAL G 102 11.87 23.13 33.75
CA VAL G 102 13.12 23.85 33.58
C VAL G 102 13.46 24.09 32.12
N GLN G 103 13.02 23.24 31.20
CA GLN G 103 13.32 23.47 29.79
C GLN G 103 12.52 24.63 29.23
N SER G 104 11.22 24.68 29.53
CA SER G 104 10.39 25.78 29.06
C SER G 104 10.70 27.08 29.76
N ALA G 105 11.52 27.07 30.80
CA ALA G 105 12.06 28.30 31.36
C ALA G 105 13.45 28.62 30.82
N MET G 106 13.92 27.85 29.84
CA MET G 106 15.17 28.15 29.16
C MET G 106 14.92 28.80 27.81
N ASN G 107 13.67 28.85 27.35
CA ASN G 107 13.33 29.54 26.12
C ASN G 107 12.77 30.93 26.34
N LYS G 108 12.39 31.28 27.57
CA LYS G 108 11.99 32.65 27.87
C LYS G 108 13.10 33.60 27.46
N THR G 109 12.72 34.66 26.76
CA THR G 109 13.69 35.62 26.27
C THR G 109 13.11 37.02 26.31
N GLN G 110 13.90 37.97 26.79
CA GLN G 110 13.46 39.35 26.77
C GLN G 110 13.31 39.84 25.33
N GLY G 111 12.38 40.76 25.12
CA GLY G 111 12.15 41.28 23.78
C GLY G 111 11.38 42.57 23.84
N VAL G 112 11.22 43.18 22.66
CA VAL G 112 10.50 44.44 22.54
C VAL G 112 9.42 44.29 21.48
N GLU G 113 8.50 45.24 21.51
CA GLU G 113 7.35 45.24 20.63
C GLU G 113 7.09 46.67 20.23
N LEU G 114 7.00 46.91 18.92
CA LEU G 114 7.13 48.26 18.37
C LEU G 114 5.93 48.59 17.51
N GLU G 115 5.37 49.78 17.70
CA GLU G 115 4.34 50.32 16.83
C GLU G 115 4.93 51.45 16.00
N ILE G 116 4.68 51.44 14.70
CA ILE G 116 5.39 52.35 13.79
C ILE G 116 4.43 52.84 12.73
N ARG G 117 4.56 54.12 12.37
CA ARG G 117 3.80 54.70 11.27
C ARG G 117 4.65 54.72 10.02
N LYS G 118 4.25 53.94 9.03
CA LYS G 118 4.92 54.02 7.74
C LYS G 118 4.56 55.33 7.07
N ASP G 119 5.56 55.94 6.41
CA ASP G 119 5.31 57.19 5.70
C ASP G 119 4.30 56.98 4.57
N ASP G 120 4.07 55.75 4.17
CA ASP G 120 2.94 55.44 3.30
C ASP G 120 1.65 55.97 3.90
N GLY G 121 1.55 55.94 5.22
CA GLY G 121 0.38 56.38 5.94
C GLY G 121 -0.42 55.17 6.37
N ASN G 122 -0.15 54.73 7.60
CA ASN G 122 -0.67 53.49 8.15
C ASN G 122 -0.23 53.41 9.59
N THR G 123 -0.44 52.25 10.21
CA THR G 123 0.16 51.99 11.51
C THR G 123 0.24 50.48 11.64
N ILE G 124 1.45 49.96 11.84
CA ILE G 124 1.64 48.54 12.07
C ILE G 124 2.55 48.38 13.26
N MET G 125 2.47 47.20 13.85
CA MET G 125 3.25 46.89 15.04
C MET G 125 3.81 45.48 14.91
N VAL G 126 5.06 45.32 15.33
CA VAL G 126 5.83 44.11 15.09
C VAL G 126 6.66 43.81 16.34
N VAL G 127 6.85 42.53 16.62
CA VAL G 127 7.54 42.10 17.83
C VAL G 127 8.82 41.40 17.43
N GLN G 128 9.85 41.57 18.26
CA GLN G 128 11.21 41.26 17.85
C GLN G 128 12.06 41.00 19.08
N LYS G 129 13.09 40.17 18.90
CA LYS G 129 14.04 39.90 19.97
C LYS G 129 14.70 41.18 20.44
N GLN G 130 14.98 41.25 21.73
CA GLN G 130 15.75 42.38 22.24
C GLN G 130 17.18 42.28 21.75
N GLY G 131 17.70 43.39 21.25
CA GLY G 131 19.06 43.41 20.77
C GLY G 131 19.92 44.38 21.53
N ASN G 132 20.88 45.00 20.85
CA ASN G 132 21.82 45.91 21.48
C ASN G 132 21.33 47.35 21.44
N THR G 133 20.94 47.82 20.27
CA THR G 133 20.41 49.17 20.14
C THR G 133 19.10 49.31 20.90
N ARG G 134 18.94 50.43 21.58
CA ARG G 134 17.74 50.70 22.36
C ARG G 134 16.85 51.66 21.56
N PHE G 135 15.64 51.23 21.27
CA PHE G 135 14.74 52.06 20.51
C PHE G 135 14.19 53.20 21.37
N SER G 136 13.68 54.22 20.70
CA SER G 136 13.17 55.42 21.33
C SER G 136 11.76 55.69 20.82
N PRO G 137 10.94 56.34 21.63
CA PRO G 137 9.58 56.72 21.16
C PRO G 137 9.63 57.94 20.23
N GLY G 138 9.84 57.68 18.95
CA GLY G 138 10.07 58.73 17.98
C GLY G 138 11.46 58.68 17.40
N GLN G 139 11.57 58.13 16.21
CA GLN G 139 12.85 57.83 15.57
C GLN G 139 12.54 57.54 14.10
N ARG G 140 13.53 57.04 13.38
CA ARG G 140 13.34 56.59 12.01
C ARG G 140 13.79 55.15 11.91
N VAL G 141 13.00 54.31 11.23
CA VAL G 141 13.34 52.91 11.06
C VAL G 141 13.10 52.52 9.60
N VAL G 142 13.75 51.45 9.18
CA VAL G 142 13.60 50.93 7.83
C VAL G 142 13.11 49.50 7.92
N LEU G 143 12.03 49.20 7.22
CA LEU G 143 11.36 47.92 7.35
C LEU G 143 11.80 46.99 6.24
N ALA G 144 12.70 46.07 6.56
CA ALA G 144 13.08 45.06 5.59
C ALA G 144 11.90 44.13 5.39
N SER G 145 11.27 44.18 4.24
CA SER G 145 10.09 43.38 4.00
C SER G 145 10.48 42.12 3.25
N ASN G 146 9.60 41.13 3.33
CA ASN G 146 9.79 39.88 2.62
C ASN G 146 8.42 39.29 2.37
N GLY G 147 8.34 37.98 2.22
CA GLY G 147 7.03 37.37 2.22
C GLY G 147 6.42 37.45 3.61
N SER G 148 6.06 38.67 4.02
CA SER G 148 5.42 39.00 5.29
C SER G 148 6.35 38.92 6.49
N GLN G 149 7.66 38.82 6.26
CA GLN G 149 8.65 38.81 7.33
C GLN G 149 9.28 40.18 7.39
N VAL G 150 9.32 40.79 8.56
CA VAL G 150 9.76 42.18 8.68
C VAL G 150 10.79 42.30 9.79
N THR G 151 11.84 43.06 9.52
CA THR G 151 12.88 43.38 10.49
C THR G 151 13.01 44.89 10.58
N VAL G 152 13.22 45.40 11.78
CA VAL G 152 13.20 46.84 12.01
C VAL G 152 14.59 47.28 12.45
N SER G 153 15.40 47.69 11.51
CA SER G 153 16.71 48.22 11.89
C SER G 153 16.58 49.70 12.28
N PRO G 154 17.33 50.16 13.23
CA PRO G 154 17.21 51.56 13.63
C PRO G 154 18.09 52.49 12.80
N ARG G 155 17.46 53.39 12.04
CA ARG G 155 18.17 54.46 11.36
C ARG G 155 17.20 55.42 10.69
N CYS H 18 2.46 18.74 31.92
CA CYS H 18 2.04 20.12 32.14
C CYS H 18 2.16 20.89 30.82
N VAL H 19 1.05 21.00 30.09
CA VAL H 19 1.07 21.71 28.81
C VAL H 19 1.15 23.21 29.07
N ASN H 20 1.85 23.91 28.19
CA ASN H 20 2.25 25.30 28.42
C ASN H 20 1.28 26.26 27.74
N ASN H 21 0.14 26.46 28.39
CA ASN H 21 -0.76 27.50 27.92
C ASN H 21 -0.45 28.83 28.60
N ASP H 22 0.82 29.20 28.58
CA ASP H 22 1.27 30.47 29.12
C ASP H 22 1.46 31.53 28.04
N THR H 23 1.16 31.21 26.79
CA THR H 23 1.20 32.18 25.71
C THR H 23 -0.17 32.72 25.36
N LEU H 24 -1.18 32.45 26.19
CA LEU H 24 -2.50 33.04 26.01
C LEU H 24 -2.65 34.34 26.78
N SER H 25 -1.56 35.05 27.01
CA SER H 25 -1.56 36.34 27.68
C SER H 25 -1.24 37.45 26.68
N GLY H 26 -1.41 38.68 27.15
CA GLY H 26 -1.04 39.86 26.41
C GLY H 26 0.36 40.35 26.69
N ASP H 27 1.17 39.53 27.35
CA ASP H 27 2.52 39.87 27.76
C ASP H 27 3.50 38.77 27.37
N VAL H 28 3.12 37.93 26.42
CA VAL H 28 3.93 36.82 25.94
C VAL H 28 3.55 36.59 24.49
N TYR H 29 4.52 36.24 23.66
CA TYR H 29 4.22 35.88 22.28
C TYR H 29 4.91 34.58 21.93
N THR H 30 4.23 33.73 21.17
CA THR H 30 4.91 32.58 20.62
C THR H 30 5.94 33.04 19.61
N ALA H 31 7.00 32.25 19.47
CA ALA H 31 8.01 32.63 18.49
C ALA H 31 7.53 32.45 17.06
N SER H 32 6.37 31.84 16.87
CA SER H 32 5.84 31.68 15.52
C SER H 32 5.05 32.89 15.05
N GLU H 33 4.83 33.89 15.90
CA GLU H 33 4.23 35.15 15.49
C GLU H 33 5.14 36.32 15.83
N ALA H 34 6.44 36.08 15.88
CA ALA H 34 7.42 37.14 16.07
C ALA H 34 8.02 37.52 14.72
N LYS H 35 8.40 38.78 14.59
CA LYS H 35 8.87 39.34 13.33
C LYS H 35 7.85 39.10 12.22
N GLN H 36 6.62 39.52 12.46
CA GLN H 36 5.61 39.56 11.41
C GLN H 36 4.86 40.87 11.47
N VAL H 37 4.26 41.23 10.35
CA VAL H 37 3.49 42.46 10.27
C VAL H 37 2.12 42.22 10.86
N GLN H 38 1.74 43.06 11.82
CA GLN H 38 0.40 42.99 12.40
C GLN H 38 -0.26 44.35 12.25
N ASN H 39 -1.49 44.33 11.76
CA ASN H 39 -2.25 45.55 11.57
C ASN H 39 -2.76 46.06 12.90
N VAL H 40 -3.01 47.37 12.96
CA VAL H 40 -3.45 48.01 14.19
C VAL H 40 -4.81 48.64 13.96
N SER H 41 -5.76 48.31 14.82
CA SER H 41 -7.05 48.96 14.89
C SER H 41 -7.21 49.57 16.27
N TYR H 42 -8.15 50.49 16.39
CA TYR H 42 -8.35 51.19 17.64
C TYR H 42 -9.76 50.96 18.15
N GLY H 43 -9.92 51.03 19.46
CA GLY H 43 -11.23 50.78 20.03
C GLY H 43 -11.34 51.26 21.47
N THR H 44 -12.58 51.32 21.92
CA THR H 44 -12.95 51.60 23.30
C THR H 44 -13.42 50.31 23.95
N ILE H 45 -13.29 50.24 25.28
CA ILE H 45 -13.52 49.02 26.02
C ILE H 45 -14.67 49.22 27.00
N VAL H 46 -15.59 48.26 27.02
CA VAL H 46 -16.63 48.20 28.04
C VAL H 46 -16.76 46.75 28.50
N ASN H 47 -17.45 46.56 29.61
CA ASN H 47 -18.03 45.26 29.95
C ASN H 47 -16.97 44.16 30.03
N VAL H 48 -16.10 44.32 31.01
CA VAL H 48 -15.08 43.31 31.32
C VAL H 48 -15.61 42.33 32.37
N ARG H 49 -15.13 41.09 32.32
CA ARG H 49 -15.51 40.09 33.32
C ARG H 49 -14.43 39.03 33.40
N PRO H 50 -14.24 38.41 34.56
CA PRO H 50 -13.21 37.37 34.70
C PRO H 50 -13.69 36.00 34.27
N VAL H 51 -12.74 35.19 33.79
CA VAL H 51 -13.02 33.88 33.22
C VAL H 51 -11.80 33.00 33.45
N GLN H 52 -12.04 31.70 33.61
CA GLN H 52 -10.98 30.70 33.62
C GLN H 52 -10.79 30.13 32.22
N ILE H 53 -9.55 29.85 31.87
CA ILE H 53 -9.21 29.31 30.56
C ILE H 53 -8.58 27.94 30.75
N GLN H 54 -9.18 26.94 30.12
CA GLN H 54 -8.60 25.61 30.05
C GLN H 54 -7.56 25.59 28.94
N GLY H 55 -6.71 24.57 28.97
CA GLY H 55 -5.72 24.45 27.93
C GLY H 55 -5.15 23.07 27.77
N GLY H 56 -5.10 22.58 26.53
CA GLY H 56 -4.40 21.35 26.28
C GLY H 56 -5.27 20.21 25.79
N ASP H 57 -5.33 19.14 26.58
CA ASP H 57 -5.96 17.89 26.15
C ASP H 57 -7.23 17.64 26.93
N ASP H 58 -8.21 17.07 26.22
CA ASP H 58 -9.40 16.54 26.86
C ASP H 58 -9.12 15.19 27.53
N SER H 59 -8.26 14.38 26.92
CA SER H 59 -8.12 12.98 27.30
C SER H 59 -7.12 12.76 28.43
N ASN H 60 -6.13 13.64 28.61
CA ASN H 60 -5.10 13.47 29.62
C ASN H 60 -4.37 12.14 29.43
N VAL H 61 -3.66 12.05 28.31
CA VAL H 61 -3.03 10.80 27.95
C VAL H 61 -1.78 10.54 28.79
N ILE H 62 -1.08 11.58 29.23
CA ILE H 62 0.19 11.38 29.91
C ILE H 62 0.08 11.50 31.43
N GLY H 63 -0.97 12.13 31.94
CA GLY H 63 -1.19 12.09 33.37
C GLY H 63 -1.65 10.73 33.83
N ALA H 64 -2.27 9.97 32.94
CA ALA H 64 -2.80 8.66 33.32
C ALA H 64 -1.67 7.69 33.66
N ILE H 65 -0.66 7.59 32.80
CA ILE H 65 0.46 6.70 33.08
C ILE H 65 1.23 7.17 34.30
N GLY H 66 1.48 8.47 34.39
CA GLY H 66 2.21 9.00 35.52
C GLY H 66 1.53 8.70 36.84
N GLY H 67 0.20 8.77 36.86
CA GLY H 67 -0.49 8.37 38.07
C GLY H 67 -0.53 6.86 38.26
N ALA H 68 -0.62 6.11 37.16
CA ALA H 68 -0.83 4.67 37.27
C ALA H 68 0.40 3.98 37.84
N VAL H 69 1.59 4.26 37.30
CA VAL H 69 2.75 3.53 37.80
C VAL H 69 3.08 3.95 39.22
N LEU H 70 3.01 5.26 39.50
CA LEU H 70 3.29 5.70 40.85
C LEU H 70 2.28 5.14 41.84
N GLY H 71 1.06 4.86 41.40
CA GLY H 71 0.14 4.22 42.30
C GLY H 71 0.44 2.75 42.47
N GLY H 72 0.76 2.09 41.36
CA GLY H 72 0.99 0.66 41.41
C GLY H 72 2.17 0.29 42.30
N PHE H 73 3.30 0.97 42.10
CA PHE H 73 4.44 0.67 42.96
C PHE H 73 4.18 1.03 44.41
N LEU H 74 3.15 1.82 44.69
CA LEU H 74 2.69 1.99 46.05
C LEU H 74 1.74 0.88 46.47
N GLY H 75 1.24 0.09 45.54
CA GLY H 75 0.42 -1.04 45.87
C GLY H 75 1.16 -2.32 46.07
N ASN H 76 2.50 -2.31 45.99
CA ASN H 76 3.29 -3.50 46.24
C ASN H 76 3.74 -3.61 47.68
N THR H 77 3.49 -2.61 48.50
CA THR H 77 4.07 -2.54 49.83
C THR H 77 3.03 -2.87 50.91
N VAL H 78 2.04 -3.69 50.56
CA VAL H 78 1.02 -4.10 51.51
C VAL H 78 0.74 -5.58 51.32
N GLY H 79 0.62 -6.30 52.42
CA GLY H 79 0.21 -7.67 52.35
C GLY H 79 1.23 -8.58 51.69
N GLY H 80 0.80 -9.81 51.44
CA GLY H 80 1.63 -10.79 50.79
C GLY H 80 0.78 -11.81 50.07
N GLY H 81 1.35 -12.40 49.03
CA GLY H 81 0.59 -13.35 48.24
C GLY H 81 -0.47 -12.63 47.43
N THR H 82 -1.61 -13.31 47.23
CA THR H 82 -2.67 -12.73 46.42
C THR H 82 -3.14 -11.39 46.96
N GLY H 83 -3.05 -11.19 48.27
CA GLY H 83 -3.36 -9.89 48.82
C GLY H 83 -2.43 -8.81 48.31
N ARG H 84 -1.18 -9.16 48.02
CA ARG H 84 -0.29 -8.18 47.42
C ARG H 84 -0.67 -7.92 45.98
N SER H 85 -1.01 -8.95 45.23
CA SER H 85 -1.32 -8.77 43.83
C SER H 85 -2.61 -7.99 43.63
N LEU H 86 -3.56 -8.09 44.55
CA LEU H 86 -4.78 -7.31 44.40
C LEU H 86 -4.52 -5.83 44.63
N ALA H 87 -3.82 -5.51 45.72
CA ALA H 87 -3.57 -4.12 46.02
C ALA H 87 -2.65 -3.49 45.01
N THR H 88 -1.69 -4.23 44.48
CA THR H 88 -0.88 -3.65 43.43
C THR H 88 -1.59 -3.49 42.15
N ALA H 89 -2.89 -3.74 42.07
CA ALA H 89 -3.71 -3.34 40.94
C ALA H 89 -4.72 -2.28 41.31
N ALA H 90 -5.32 -2.38 42.50
CA ALA H 90 -6.21 -1.33 42.95
C ALA H 90 -5.47 0.00 43.07
N GLY H 91 -4.27 -0.03 43.63
CA GLY H 91 -3.48 1.18 43.68
C GLY H 91 -3.17 1.69 42.30
N ALA H 92 -2.91 0.80 41.35
CA ALA H 92 -2.59 1.23 39.99
C ALA H 92 -3.78 1.96 39.36
N VAL H 93 -4.98 1.42 39.52
CA VAL H 93 -6.13 2.08 38.91
C VAL H 93 -6.44 3.40 39.61
N ALA H 94 -6.38 3.42 40.94
CA ALA H 94 -6.67 4.67 41.64
C ALA H 94 -5.65 5.74 41.27
N GLY H 95 -4.38 5.34 41.13
CA GLY H 95 -3.38 6.30 40.69
C GLY H 95 -3.62 6.77 39.27
N GLY H 96 -4.03 5.86 38.39
CA GLY H 96 -4.34 6.26 37.04
C GLY H 96 -5.44 7.29 36.97
N VAL H 97 -6.49 7.10 37.75
CA VAL H 97 -7.59 8.08 37.73
C VAL H 97 -7.17 9.39 38.37
N ALA H 98 -6.47 9.35 39.51
CA ALA H 98 -5.98 10.59 40.08
C ALA H 98 -5.03 11.30 39.14
N GLY H 99 -4.40 10.57 38.21
CA GLY H 99 -3.56 11.23 37.22
C GLY H 99 -4.33 12.21 36.38
N GLN H 100 -5.43 11.77 35.77
CA GLN H 100 -6.30 12.72 35.09
C GLN H 100 -6.82 13.75 36.06
N GLY H 101 -7.07 13.35 37.31
CA GLY H 101 -7.67 14.27 38.25
C GLY H 101 -6.80 15.48 38.52
N VAL H 102 -5.49 15.30 38.54
CA VAL H 102 -4.61 16.41 38.89
C VAL H 102 -3.89 17.02 37.70
N GLN H 103 -3.76 16.29 36.59
CA GLN H 103 -3.15 16.89 35.41
C GLN H 103 -4.04 17.96 34.80
N SER H 104 -5.35 17.79 34.87
CA SER H 104 -6.28 18.76 34.34
C SER H 104 -6.63 19.85 35.33
N ALA H 105 -6.08 19.83 36.53
CA ALA H 105 -6.25 20.94 37.45
C ALA H 105 -5.05 21.85 37.49
N MET H 106 -4.01 21.55 36.74
CA MET H 106 -2.84 22.40 36.64
C MET H 106 -2.84 23.22 35.36
N ASN H 107 -3.92 23.16 34.58
CA ASN H 107 -4.08 24.00 33.40
C ASN H 107 -5.11 25.10 33.60
N LYS H 108 -5.77 25.14 34.74
CA LYS H 108 -6.67 26.24 35.04
C LYS H 108 -5.89 27.53 35.15
N THR H 109 -6.20 28.49 34.31
CA THR H 109 -5.52 29.77 34.27
C THR H 109 -6.52 30.90 34.45
N GLN H 110 -6.21 31.85 35.33
CA GLN H 110 -7.03 33.04 35.42
C GLN H 110 -7.06 33.75 34.07
N GLY H 111 -8.10 34.53 33.83
CA GLY H 111 -8.13 35.26 32.57
C GLY H 111 -9.29 36.23 32.54
N VAL H 112 -9.37 36.97 31.43
CA VAL H 112 -10.46 37.90 31.21
C VAL H 112 -10.94 37.79 29.78
N GLU H 113 -12.20 38.13 29.56
CA GLU H 113 -12.74 38.32 28.22
C GLU H 113 -13.40 39.70 28.17
N LEU H 114 -13.32 40.34 27.01
CA LEU H 114 -13.50 41.78 26.91
C LEU H 114 -14.54 42.13 25.87
N GLU H 115 -15.36 43.15 26.16
CA GLU H 115 -16.13 43.84 25.13
C GLU H 115 -15.40 45.09 24.68
N ILE H 116 -15.09 45.15 23.40
CA ILE H 116 -14.38 46.28 22.84
C ILE H 116 -15.13 46.76 21.61
N ARG H 117 -15.39 48.06 21.56
CA ARG H 117 -16.06 48.69 20.44
C ARG H 117 -15.01 49.33 19.55
N LYS H 118 -14.73 48.71 18.42
CA LYS H 118 -13.76 49.29 17.49
C LYS H 118 -14.27 50.64 17.00
N ASP H 119 -13.37 51.59 16.85
CA ASP H 119 -13.77 52.92 16.41
C ASP H 119 -14.39 52.90 15.02
N ASP H 120 -14.13 51.85 14.24
CA ASP H 120 -14.76 51.74 12.93
C ASP H 120 -16.26 51.58 13.04
N GLY H 121 -16.74 51.16 14.20
CA GLY H 121 -18.15 51.09 14.53
C GLY H 121 -18.66 49.68 14.39
N ASN H 122 -18.61 48.93 15.48
CA ASN H 122 -18.91 47.51 15.60
C ASN H 122 -18.84 47.16 17.07
N THR H 123 -18.89 45.87 17.36
CA THR H 123 -18.48 45.38 18.67
C THR H 123 -17.97 43.97 18.48
N ILE H 124 -16.87 43.64 19.14
CA ILE H 124 -16.32 42.30 19.13
C ILE H 124 -15.84 41.94 20.52
N MET H 125 -15.60 40.65 20.73
CA MET H 125 -15.33 40.12 22.05
C MET H 125 -14.18 39.14 21.97
N VAL H 126 -13.21 39.27 22.89
CA VAL H 126 -11.99 38.46 22.84
C VAL H 126 -11.52 38.19 24.26
N VAL H 127 -10.82 37.08 24.44
CA VAL H 127 -10.43 36.57 25.75
C VAL H 127 -8.91 36.38 25.81
N GLN H 128 -8.32 36.75 26.94
CA GLN H 128 -6.88 36.69 27.15
C GLN H 128 -6.57 36.31 28.59
N LYS H 129 -5.40 35.70 28.80
CA LYS H 129 -4.95 35.44 30.15
C LYS H 129 -4.74 36.74 30.91
N GLN H 130 -5.10 36.74 32.19
CA GLN H 130 -4.89 37.92 33.01
C GLN H 130 -3.42 38.04 33.36
N GLY H 131 -2.91 39.26 33.28
CA GLY H 131 -1.52 39.54 33.58
C GLY H 131 -1.40 40.71 34.54
N ASN H 132 -0.34 41.49 34.37
CA ASN H 132 -0.08 42.59 35.29
C ASN H 132 -1.04 43.75 35.06
N THR H 133 -1.29 44.08 33.81
CA THR H 133 -2.17 45.20 33.49
C THR H 133 -3.58 44.92 33.99
N ARG H 134 -4.21 45.95 34.54
CA ARG H 134 -5.57 45.85 35.06
C ARG H 134 -6.49 46.63 34.13
N PHE H 135 -7.26 45.92 33.32
CA PHE H 135 -8.20 46.56 32.41
C PHE H 135 -9.36 47.20 33.17
N SER H 136 -9.95 48.21 32.56
CA SER H 136 -10.99 49.03 33.18
C SER H 136 -12.16 49.15 32.22
N PRO H 137 -13.35 49.46 32.74
CA PRO H 137 -14.51 49.64 31.85
C PRO H 137 -14.56 51.05 31.29
N GLY H 138 -13.90 51.26 30.16
CA GLY H 138 -13.72 52.58 29.60
C GLY H 138 -12.26 52.98 29.58
N GLN H 139 -11.65 52.84 28.43
CA GLN H 139 -10.21 52.95 28.24
C GLN H 139 -9.98 52.98 26.73
N ARG H 140 -8.74 52.87 26.31
CA ARG H 140 -8.42 52.80 24.89
C ARG H 140 -7.43 51.66 24.67
N VAL H 141 -7.74 50.78 23.73
CA VAL H 141 -6.89 49.63 23.48
C VAL H 141 -6.61 49.54 22.00
N VAL H 142 -5.52 48.85 21.66
CA VAL H 142 -5.07 48.70 20.28
C VAL H 142 -5.07 47.23 19.92
N LEU H 143 -5.81 46.88 18.88
CA LEU H 143 -6.01 45.49 18.51
C LEU H 143 -4.94 45.09 17.50
N ALA H 144 -3.94 44.37 17.94
CA ALA H 144 -2.92 43.89 17.02
C ALA H 144 -3.50 42.71 16.27
N SER H 145 -3.84 42.90 15.01
CA SER H 145 -4.54 41.87 14.27
C SER H 145 -3.57 41.08 13.40
N ASN H 146 -4.03 39.94 12.95
CA ASN H 146 -3.22 39.01 12.18
C ASN H 146 -4.17 38.24 11.27
N GLY H 147 -3.72 37.08 10.80
CA GLY H 147 -4.60 36.17 10.10
C GLY H 147 -5.58 35.52 11.06
N SER H 148 -6.56 36.31 11.51
CA SER H 148 -7.59 35.89 12.47
C SER H 148 -6.97 35.56 13.84
N GLN H 149 -6.01 36.36 14.25
CA GLN H 149 -5.44 36.35 15.59
C GLN H 149 -5.55 37.76 16.13
N VAL H 150 -5.92 37.91 17.39
CA VAL H 150 -6.04 39.24 17.98
C VAL H 150 -5.45 39.25 19.37
N THR H 151 -4.64 40.25 19.65
CA THR H 151 -4.15 40.54 20.98
C THR H 151 -4.53 41.97 21.33
N VAL H 152 -5.02 42.17 22.54
CA VAL H 152 -5.48 43.48 22.96
C VAL H 152 -4.50 44.00 24.01
N SER H 153 -4.01 45.21 23.80
CA SER H 153 -3.07 45.81 24.71
C SER H 153 -3.59 47.17 25.19
N PRO H 154 -3.24 47.58 26.40
CA PRO H 154 -3.79 48.81 26.95
C PRO H 154 -3.15 50.04 26.31
N ARG H 155 -3.83 51.16 26.49
CA ARG H 155 -3.40 52.48 26.01
C ARG H 155 -3.23 52.47 24.50
N CYS I 18 -11.86 9.64 33.00
CA CYS I 18 -12.62 10.86 33.22
C CYS I 18 -12.40 11.82 32.07
N VAL I 19 -13.20 11.70 31.01
CA VAL I 19 -13.05 12.60 29.87
C VAL I 19 -13.59 13.97 30.23
N ASN I 20 -12.79 15.00 29.99
CA ASN I 20 -13.03 16.33 30.56
C ASN I 20 -14.17 17.07 29.86
N ASN I 21 -15.37 16.99 30.42
CA ASN I 21 -16.49 17.83 30.01
C ASN I 21 -16.63 19.06 30.90
N ASP I 22 -15.57 19.84 31.09
CA ASP I 22 -15.66 21.03 31.94
C ASP I 22 -15.53 22.33 31.16
N THR I 23 -15.57 22.28 29.83
CA THR I 23 -15.53 23.49 29.02
C THR I 23 -16.88 23.86 28.44
N LEU I 24 -17.96 23.19 28.86
CA LEU I 24 -19.29 23.46 28.36
C LEU I 24 -20.02 24.54 29.13
N SER I 25 -19.28 25.37 29.86
CA SER I 25 -19.87 26.47 30.62
C SER I 25 -19.78 27.78 29.84
N GLY I 26 -20.43 28.80 30.38
CA GLY I 26 -20.25 30.15 29.90
C GLY I 26 -19.19 30.83 30.72
N ASP I 27 -18.42 30.02 31.44
CA ASP I 27 -17.48 30.50 32.44
C ASP I 27 -16.19 29.70 32.37
N VAL I 28 -15.92 29.03 31.26
CA VAL I 28 -14.67 28.33 31.00
C VAL I 28 -14.47 28.30 29.50
N TYR I 29 -13.24 28.49 29.05
CA TYR I 29 -12.96 28.44 27.63
C TYR I 29 -11.80 27.50 27.34
N THR I 30 -11.87 26.82 26.21
CA THR I 30 -10.73 26.05 25.75
C THR I 30 -9.63 27.00 25.30
N ALA I 31 -8.49 26.43 24.93
CA ALA I 31 -7.42 27.22 24.36
C ALA I 31 -7.53 27.39 22.86
N SER I 32 -8.45 26.68 22.23
CA SER I 32 -8.62 26.86 20.79
C SER I 32 -9.43 28.10 20.46
N GLU I 33 -10.08 28.71 21.43
CA GLU I 33 -10.88 29.89 21.19
C GLU I 33 -10.46 31.02 22.10
N ALA I 34 -9.19 31.06 22.46
CA ALA I 34 -8.62 32.19 23.17
C ALA I 34 -7.83 33.03 22.19
N LYS I 35 -7.93 34.34 22.34
CA LYS I 35 -7.34 35.29 21.39
C LYS I 35 -7.85 35.00 19.97
N GLN I 36 -9.15 35.20 19.81
CA GLN I 36 -9.80 35.17 18.52
C GLN I 36 -10.96 36.15 18.53
N VAL I 37 -11.47 36.47 17.35
CA VAL I 37 -12.50 37.49 17.19
C VAL I 37 -13.86 36.83 17.32
N GLN I 38 -14.72 37.41 18.15
CA GLN I 38 -16.07 36.90 18.34
C GLN I 38 -17.08 38.00 18.05
N ASN I 39 -17.99 37.75 17.12
CA ASN I 39 -19.05 38.70 16.85
C ASN I 39 -19.99 38.77 18.05
N VAL I 40 -20.70 39.89 18.17
CA VAL I 40 -21.52 40.13 19.34
C VAL I 40 -22.91 40.56 18.91
N SER I 41 -23.93 39.90 19.47
CA SER I 41 -25.33 40.25 19.29
C SER I 41 -25.96 40.42 20.66
N TYR I 42 -27.20 40.90 20.69
CA TYR I 42 -27.91 41.11 21.94
C TYR I 42 -29.24 40.37 21.91
N GLY I 43 -29.80 40.15 23.10
CA GLY I 43 -31.12 39.55 23.16
C GLY I 43 -31.66 39.44 24.57
N THR I 44 -32.93 39.06 24.64
CA THR I 44 -33.60 38.72 25.89
C THR I 44 -33.87 37.22 25.92
N ILE I 45 -34.32 36.73 27.07
CA ILE I 45 -34.35 35.31 27.35
C ILE I 45 -35.72 34.89 27.87
N VAL I 46 -36.22 33.76 27.37
CA VAL I 46 -37.43 33.11 27.88
C VAL I 46 -37.22 31.60 27.88
N ASN I 47 -38.06 30.90 28.64
CA ASN I 47 -38.03 29.45 28.76
C ASN I 47 -36.64 28.93 29.11
N VAL I 48 -36.26 29.11 30.36
CA VAL I 48 -35.13 28.37 30.92
C VAL I 48 -35.65 27.12 31.62
N ARG I 49 -34.94 26.00 31.47
CA ARG I 49 -35.31 24.77 32.13
C ARG I 49 -34.05 23.96 32.38
N PRO I 50 -34.02 23.13 33.43
CA PRO I 50 -32.80 22.39 33.75
C PRO I 50 -32.71 21.08 33.00
N VAL I 51 -31.52 20.80 32.49
CA VAL I 51 -31.31 19.68 31.57
C VAL I 51 -29.93 19.10 31.81
N GLN I 52 -29.87 17.78 31.98
CA GLN I 52 -28.57 17.13 32.14
C GLN I 52 -27.81 17.19 30.82
N ILE I 53 -26.51 16.94 30.89
CA ILE I 53 -25.68 16.91 29.69
C ILE I 53 -24.76 15.70 29.74
N GLN I 54 -24.80 14.90 28.69
CA GLN I 54 -23.95 13.73 28.54
C GLN I 54 -22.61 14.16 27.97
N GLY I 55 -21.64 13.26 28.01
CA GLY I 55 -20.35 13.54 27.41
C GLY I 55 -19.55 12.26 27.28
N GLY I 56 -18.69 12.23 26.28
CA GLY I 56 -17.79 11.12 26.08
C GLY I 56 -18.18 10.24 24.91
N ASP I 57 -17.64 9.02 24.93
CA ASP I 57 -17.79 8.09 23.82
C ASP I 57 -18.97 7.16 24.06
N ASP I 58 -19.27 6.38 23.03
CA ASP I 58 -20.37 5.43 23.09
C ASP I 58 -19.98 4.17 23.87
N SER I 59 -18.73 3.73 23.73
CA SER I 59 -18.33 2.41 24.19
C SER I 59 -17.72 2.39 25.58
N ASN I 60 -17.08 3.47 26.02
CA ASN I 60 -16.44 3.52 27.34
C ASN I 60 -15.40 2.41 27.48
N VAL I 61 -14.37 2.50 26.64
CA VAL I 61 -13.41 1.40 26.61
C VAL I 61 -12.40 1.48 27.74
N ILE I 62 -12.23 2.64 28.37
CA ILE I 62 -11.21 2.74 29.41
C ILE I 62 -11.77 2.43 30.78
N GLY I 63 -13.04 2.73 31.04
CA GLY I 63 -13.65 2.25 32.26
C GLY I 63 -13.84 0.74 32.24
N ALA I 64 -14.06 0.17 31.06
CA ALA I 64 -14.29 -1.26 30.96
C ALA I 64 -13.05 -2.04 31.34
N ILE I 65 -11.90 -1.69 30.78
CA ILE I 65 -10.67 -2.42 31.07
C ILE I 65 -10.30 -2.29 32.54
N GLY I 66 -10.37 -1.08 33.08
CA GLY I 66 -10.01 -0.90 34.48
C GLY I 66 -10.91 -1.69 35.40
N GLY I 67 -12.22 -1.58 35.19
CA GLY I 67 -13.13 -2.36 36.00
C GLY I 67 -12.95 -3.85 35.81
N ALA I 68 -12.56 -4.28 34.61
CA ALA I 68 -12.38 -5.70 34.35
C ALA I 68 -11.18 -6.25 35.09
N VAL I 69 -10.02 -5.57 35.03
CA VAL I 69 -8.87 -6.11 35.74
C VAL I 69 -9.08 -6.02 37.24
N LEU I 70 -9.71 -4.94 37.71
CA LEU I 70 -9.93 -4.85 39.14
C LEU I 70 -10.91 -5.90 39.63
N GLY I 71 -11.86 -6.31 38.79
CA GLY I 71 -12.71 -7.43 39.16
C GLY I 71 -12.07 -8.78 38.95
N GLY I 72 -11.05 -8.86 38.10
CA GLY I 72 -10.37 -10.10 37.84
C GLY I 72 -9.42 -10.46 38.96
N PHE I 73 -8.59 -9.51 39.39
CA PHE I 73 -7.70 -9.80 40.50
C PHE I 73 -8.45 -9.99 41.80
N LEU I 74 -9.69 -9.51 41.89
CA LEU I 74 -10.52 -9.85 43.04
C LEU I 74 -11.10 -11.24 42.92
N GLY I 75 -11.02 -11.85 41.76
CA GLY I 75 -11.46 -13.20 41.52
C GLY I 75 -10.39 -14.25 41.70
N ASN I 76 -9.22 -13.89 42.22
CA ASN I 76 -8.19 -14.85 42.57
C ASN I 76 -8.10 -15.05 44.07
N THR I 77 -8.88 -14.32 44.85
CA THR I 77 -8.79 -14.35 46.30
C THR I 77 -9.94 -15.17 46.89
N VAL I 78 -10.48 -16.09 46.12
CA VAL I 78 -11.53 -16.99 46.59
C VAL I 78 -11.30 -18.38 46.02
N GLY I 79 -11.70 -19.38 46.79
CA GLY I 79 -11.71 -20.72 46.26
C GLY I 79 -10.32 -21.30 46.10
N GLY I 80 -10.25 -22.38 45.35
CA GLY I 80 -8.98 -23.03 45.07
C GLY I 80 -9.14 -24.04 43.95
N GLY I 81 -8.02 -24.56 43.51
CA GLY I 81 -8.02 -25.58 42.47
C GLY I 81 -8.54 -25.07 41.15
N THR I 82 -9.61 -25.69 40.66
CA THR I 82 -10.33 -25.23 39.48
C THR I 82 -11.59 -24.47 39.83
N GLY I 83 -11.83 -24.21 41.11
CA GLY I 83 -12.83 -23.26 41.50
C GLY I 83 -12.33 -21.85 41.54
N ARG I 84 -11.01 -21.68 41.46
CA ARG I 84 -10.45 -20.34 41.32
C ARG I 84 -10.63 -19.85 39.89
N SER I 85 -10.50 -20.74 38.92
CA SER I 85 -10.62 -20.34 37.53
C SER I 85 -12.01 -19.83 37.21
N LEU I 86 -13.02 -20.29 37.92
CA LEU I 86 -14.36 -19.77 37.68
C LEU I 86 -14.52 -18.36 38.23
N ALA I 87 -14.02 -18.14 39.45
CA ALA I 87 -14.19 -16.83 40.06
C ALA I 87 -13.35 -15.79 39.35
N THR I 88 -12.16 -16.16 38.88
CA THR I 88 -11.35 -15.19 38.16
C THR I 88 -11.96 -14.78 36.83
N ALA I 89 -12.97 -15.49 36.33
CA ALA I 89 -13.69 -15.01 35.16
C ALA I 89 -14.96 -14.27 35.53
N ALA I 90 -15.71 -14.77 36.52
CA ALA I 90 -16.91 -14.08 36.94
C ALA I 90 -16.58 -12.69 37.44
N GLY I 91 -15.55 -12.58 38.27
CA GLY I 91 -15.13 -11.28 38.73
C GLY I 91 -14.71 -10.38 37.59
N ALA I 92 -14.05 -10.95 36.58
CA ALA I 92 -13.62 -10.14 35.44
C ALA I 92 -14.82 -9.51 34.73
N VAL I 93 -15.80 -10.33 34.35
CA VAL I 93 -16.89 -9.73 33.58
C VAL I 93 -17.73 -8.81 34.45
N ALA I 94 -17.95 -9.15 35.72
CA ALA I 94 -18.73 -8.26 36.56
C ALA I 94 -18.02 -6.92 36.73
N GLY I 95 -16.70 -6.96 36.91
CA GLY I 95 -15.95 -5.72 37.02
C GLY I 95 -15.99 -4.91 35.74
N GLY I 96 -15.95 -5.57 34.59
CA GLY I 96 -16.03 -4.83 33.33
C GLY I 96 -17.37 -4.12 33.15
N VAL I 97 -18.46 -4.84 33.43
CA VAL I 97 -19.78 -4.23 33.25
C VAL I 97 -19.96 -3.07 34.23
N ALA I 98 -19.61 -3.28 35.50
CA ALA I 98 -19.69 -2.16 36.43
C ALA I 98 -18.73 -1.06 36.05
N GLY I 99 -17.63 -1.38 35.37
CA GLY I 99 -16.70 -0.34 34.96
C GLY I 99 -17.33 0.62 33.96
N GLN I 100 -17.91 0.08 32.90
CA GLN I 100 -18.63 0.97 32.01
C GLN I 100 -19.75 1.69 32.75
N GLY I 101 -20.50 0.97 33.56
CA GLY I 101 -21.62 1.56 34.25
C GLY I 101 -21.25 2.67 35.21
N VAL I 102 -19.99 2.72 35.64
CA VAL I 102 -19.60 3.74 36.61
C VAL I 102 -18.85 4.86 35.91
N GLN I 103 -18.24 4.55 34.78
CA GLN I 103 -17.56 5.62 34.04
C GLN I 103 -18.56 6.55 33.37
N SER I 104 -19.62 5.99 32.77
CA SER I 104 -20.63 6.81 32.13
C SER I 104 -21.50 7.55 33.13
N ALA I 105 -21.42 7.21 34.40
CA ALA I 105 -22.06 8.03 35.42
C ALA I 105 -21.12 9.07 35.99
N MET I 106 -19.90 9.14 35.48
CA MET I 106 -18.93 10.14 35.90
C MET I 106 -18.98 11.36 35.00
N ASN I 107 -19.83 11.36 33.99
CA ASN I 107 -19.96 12.47 33.05
C ASN I 107 -21.31 13.18 33.12
N LYS I 108 -22.24 12.69 33.92
CA LYS I 108 -23.49 13.42 34.12
C LYS I 108 -23.17 14.81 34.65
N THR I 109 -23.74 15.83 34.00
CA THR I 109 -23.43 17.19 34.36
C THR I 109 -24.67 18.04 34.31
N GLN I 110 -25.01 18.68 35.42
CA GLN I 110 -26.13 19.60 35.41
C GLN I 110 -25.86 20.75 34.46
N GLY I 111 -26.91 21.26 33.85
CA GLY I 111 -26.76 22.32 32.86
C GLY I 111 -28.11 22.90 32.53
N VAL I 112 -28.08 23.93 31.68
CA VAL I 112 -29.31 24.59 31.26
C VAL I 112 -29.32 24.72 29.75
N GLU I 113 -30.51 24.92 29.22
CA GLU I 113 -30.73 25.25 27.83
C GLU I 113 -31.61 26.49 27.78
N LEU I 114 -31.32 27.38 26.84
CA LEU I 114 -31.91 28.70 26.84
C LEU I 114 -32.61 28.95 25.52
N GLU I 115 -33.76 29.59 25.59
CA GLU I 115 -34.50 30.03 24.40
C GLU I 115 -34.49 31.55 24.42
N ILE I 116 -33.59 32.14 23.64
CA ILE I 116 -33.34 33.57 23.69
C ILE I 116 -33.80 34.22 22.40
N ARG I 117 -34.45 35.36 22.53
CA ARG I 117 -34.95 36.13 21.38
C ARG I 117 -33.93 37.20 21.05
N LYS I 118 -33.33 37.09 19.87
CA LYS I 118 -32.33 38.07 19.47
C LYS I 118 -33.00 39.41 19.18
N ASP I 119 -32.28 40.49 19.48
CA ASP I 119 -32.81 41.82 19.17
C ASP I 119 -33.04 41.99 17.68
N ASP I 120 -32.35 41.23 16.84
CA ASP I 120 -32.58 41.30 15.41
C ASP I 120 -33.98 40.83 15.07
N GLY I 121 -34.53 39.95 15.89
CA GLY I 121 -35.89 39.45 15.74
C GLY I 121 -35.91 38.07 15.16
N ASN I 122 -35.89 37.08 16.04
CA ASN I 122 -35.93 35.65 15.78
C ASN I 122 -36.09 34.98 17.13
N THR I 123 -35.91 33.66 17.17
CA THR I 123 -35.76 32.97 18.42
C THR I 123 -34.87 31.77 18.16
N ILE I 124 -34.00 31.45 19.12
CA ILE I 124 -33.12 30.29 19.02
C ILE I 124 -33.05 29.63 20.38
N MET I 125 -32.50 28.41 20.40
CA MET I 125 -32.42 27.61 21.62
C MET I 125 -31.04 27.02 21.72
N VAL I 126 -30.31 27.36 22.80
CA VAL I 126 -28.92 26.95 23.00
C VAL I 126 -28.78 26.40 24.41
N VAL I 127 -27.85 25.45 24.57
CA VAL I 127 -27.70 24.66 25.80
C VAL I 127 -26.29 24.81 26.34
N GLN I 128 -26.17 24.87 27.66
CA GLN I 128 -24.92 25.18 28.32
C GLN I 128 -24.84 24.47 29.66
N LYS I 129 -23.61 24.38 30.18
CA LYS I 129 -23.41 23.85 31.51
C LYS I 129 -23.70 24.90 32.56
N GLN I 130 -24.33 24.49 33.64
CA GLN I 130 -24.65 25.43 34.70
C GLN I 130 -23.38 25.92 35.36
N GLY I 131 -23.40 27.17 35.80
CA GLY I 131 -22.23 27.76 36.44
C GLY I 131 -22.52 28.34 37.81
N ASN I 132 -22.25 29.63 37.98
CA ASN I 132 -22.60 30.34 39.21
C ASN I 132 -23.90 31.10 39.08
N THR I 133 -24.00 31.97 38.08
CA THR I 133 -25.19 32.81 37.94
C THR I 133 -26.39 31.97 37.54
N ARG I 134 -27.56 32.42 37.98
CA ARG I 134 -28.83 31.76 37.68
C ARG I 134 -29.57 32.64 36.69
N PHE I 135 -29.59 32.22 35.43
CA PHE I 135 -30.41 32.91 34.45
C PHE I 135 -31.87 32.91 34.90
N SER I 136 -32.64 33.84 34.39
CA SER I 136 -34.02 34.01 34.79
C SER I 136 -34.92 34.16 33.58
N PRO I 137 -36.20 33.90 33.72
CA PRO I 137 -37.13 34.15 32.62
C PRO I 137 -37.36 35.62 32.41
N GLY I 138 -36.49 36.26 31.65
CA GLY I 138 -36.57 37.70 31.45
C GLY I 138 -35.31 38.37 31.97
N GLN I 139 -34.48 38.82 31.04
CA GLN I 139 -33.15 39.33 31.34
C GLN I 139 -32.62 39.92 30.05
N ARG I 140 -31.37 40.35 30.04
CA ARG I 140 -30.70 40.75 28.82
C ARG I 140 -29.36 40.04 28.77
N VAL I 141 -29.09 39.36 27.66
CA VAL I 141 -27.86 38.60 27.53
C VAL I 141 -27.19 38.98 26.24
N VAL I 142 -25.89 38.67 26.16
CA VAL I 142 -25.06 39.00 25.02
C VAL I 142 -24.49 37.73 24.44
N LEU I 143 -24.60 37.59 23.12
CA LEU I 143 -24.19 36.37 22.45
C LEU I 143 -22.81 36.56 21.85
N ALA I 144 -21.83 35.83 22.35
CA ALA I 144 -20.51 35.84 21.75
C ALA I 144 -20.50 34.76 20.68
N SER I 145 -20.61 35.15 19.43
CA SER I 145 -20.73 34.18 18.36
C SER I 145 -19.37 33.89 17.76
N ASN I 146 -19.30 32.80 17.00
CA ASN I 146 -18.06 32.39 16.36
C ASN I 146 -18.44 31.61 15.11
N GLY I 147 -17.51 30.80 14.61
CA GLY I 147 -17.80 29.91 13.52
C GLY I 147 -18.64 28.73 13.97
N SER I 148 -19.92 28.98 14.22
CA SER I 148 -20.90 27.99 14.66
C SER I 148 -20.63 27.52 16.08
N GLN I 149 -20.17 28.42 16.93
CA GLN I 149 -20.06 28.19 18.36
C GLN I 149 -20.61 29.43 19.03
N VAL I 150 -21.50 29.25 20.00
CA VAL I 150 -22.20 30.37 20.60
C VAL I 150 -22.17 30.23 22.11
N THR I 151 -22.00 31.35 22.80
CA THR I 151 -21.89 31.38 24.25
C THR I 151 -22.79 32.49 24.77
N VAL I 152 -23.39 32.28 25.93
CA VAL I 152 -24.34 33.25 26.47
C VAL I 152 -23.86 33.70 27.85
N SER I 153 -23.71 35.01 28.03
CA SER I 153 -23.26 35.55 29.29
C SER I 153 -24.24 36.60 29.81
N PRO I 154 -24.50 36.64 31.09
CA PRO I 154 -25.62 37.45 31.57
C PRO I 154 -25.26 38.86 31.99
N ARG I 155 -25.82 39.86 31.31
CA ARG I 155 -25.66 41.28 31.67
C ARG I 155 -26.69 42.15 30.96
N CYS J 18 -22.95 -2.50 27.37
CA CYS J 18 -24.08 -1.59 27.45
C CYS J 18 -23.91 -0.40 26.53
N VAL J 19 -24.45 -0.51 25.32
CA VAL J 19 -24.53 0.66 24.45
C VAL J 19 -25.50 1.67 25.06
N ASN J 20 -25.13 2.94 25.01
CA ASN J 20 -25.83 3.99 25.74
C ASN J 20 -26.95 4.56 24.86
N ASN J 21 -28.16 4.09 25.05
CA ASN J 21 -29.34 4.82 24.58
C ASN J 21 -29.95 5.68 25.68
N ASP J 22 -29.12 6.52 26.31
CA ASP J 22 -29.62 7.47 27.29
C ASP J 22 -29.73 8.87 26.73
N THR J 23 -29.23 9.12 25.54
CA THR J 23 -29.31 10.43 24.90
C THR J 23 -30.49 10.55 23.97
N LEU J 24 -31.48 9.67 24.08
CA LEU J 24 -32.65 9.69 23.21
C LEU J 24 -33.85 10.34 23.87
N SER J 25 -33.63 11.22 24.83
CA SER J 25 -34.70 11.96 25.48
C SER J 25 -34.68 13.42 25.07
N GLY J 26 -35.71 14.13 25.52
CA GLY J 26 -35.72 15.58 25.41
C GLY J 26 -35.16 16.14 26.69
N ASP J 27 -34.27 15.38 27.31
CA ASP J 27 -33.79 15.68 28.64
C ASP J 27 -32.30 15.41 28.82
N VAL J 28 -31.60 14.98 27.79
CA VAL J 28 -30.19 14.66 27.86
C VAL J 28 -29.54 14.98 26.53
N TYR J 29 -28.57 15.88 26.52
CA TYR J 29 -27.91 16.26 25.29
C TYR J 29 -26.49 15.70 25.28
N THR J 30 -25.95 15.51 24.09
CA THR J 30 -24.56 15.11 23.96
C THR J 30 -23.66 16.32 23.88
N ALA J 31 -22.41 16.13 24.30
CA ALA J 31 -21.46 17.24 24.29
C ALA J 31 -21.05 17.65 22.89
N SER J 32 -21.63 17.06 21.86
CA SER J 32 -21.45 17.57 20.50
C SER J 32 -22.57 18.51 20.09
N GLU J 33 -23.63 18.60 20.87
CA GLU J 33 -24.74 19.50 20.61
C GLU J 33 -24.89 20.53 21.72
N ALA J 34 -23.79 20.89 22.36
CA ALA J 34 -23.79 21.92 23.38
C ALA J 34 -23.10 23.17 22.85
N LYS J 35 -23.68 24.32 23.17
CA LYS J 35 -23.22 25.60 22.65
C LYS J 35 -23.23 25.62 21.13
N GLN J 36 -24.41 25.38 20.57
CA GLN J 36 -24.67 25.56 19.16
C GLN J 36 -26.06 26.16 19.00
N VAL J 37 -26.28 26.82 17.87
CA VAL J 37 -27.53 27.54 17.62
C VAL J 37 -28.50 26.62 16.89
N GLN J 38 -29.68 26.44 17.47
CA GLN J 38 -30.73 25.62 16.89
C GLN J 38 -32.00 26.45 16.74
N ASN J 39 -32.64 26.33 15.58
CA ASN J 39 -33.85 27.08 15.30
C ASN J 39 -34.96 26.66 16.24
N VAL J 40 -36.03 27.45 16.28
CA VAL J 40 -37.18 27.18 17.12
C VAL J 40 -38.45 27.33 16.31
N SER J 41 -39.35 26.36 16.45
CA SER J 41 -40.67 26.36 15.85
C SER J 41 -41.69 26.20 16.97
N TYR J 42 -42.96 26.04 16.60
CA TYR J 42 -44.00 25.81 17.59
C TYR J 42 -45.01 24.80 17.06
N GLY J 43 -45.73 24.16 17.97
CA GLY J 43 -46.70 23.18 17.51
C GLY J 43 -47.62 22.69 18.61
N THR J 44 -48.65 21.96 18.18
CA THR J 44 -49.66 21.35 19.03
C THR J 44 -49.60 19.84 18.87
N ILE J 45 -49.93 19.10 19.93
CA ILE J 45 -49.66 17.68 20.02
C ILE J 45 -50.97 16.89 20.04
N VAL J 46 -51.01 15.80 19.29
CA VAL J 46 -52.11 14.83 19.35
C VAL J 46 -51.52 13.42 19.31
N ASN J 47 -52.28 12.48 19.88
CA ASN J 47 -51.98 11.05 19.77
C ASN J 47 -50.56 10.70 20.22
N VAL J 48 -50.33 10.84 21.52
CA VAL J 48 -49.14 10.28 22.13
C VAL J 48 -49.36 8.81 22.42
N ARG J 49 -48.40 7.96 22.04
CA ARG J 49 -48.52 6.54 22.30
C ARG J 49 -47.16 5.93 22.67
N PRO J 50 -47.14 4.90 23.52
CA PRO J 50 -45.87 4.39 24.03
C PRO J 50 -45.22 3.35 23.13
N VAL J 51 -43.89 3.42 23.03
CA VAL J 51 -43.10 2.60 22.12
C VAL J 51 -41.77 2.29 22.79
N GLN J 52 -41.17 1.17 22.40
CA GLN J 52 -39.88 0.73 22.92
C GLN J 52 -38.79 0.94 21.88
N ILE J 53 -37.55 1.10 22.34
CA ILE J 53 -36.46 1.49 21.45
C ILE J 53 -35.28 0.56 21.66
N GLN J 54 -34.69 0.08 20.57
CA GLN J 54 -33.48 -0.73 20.60
C GLN J 54 -32.28 0.18 20.47
N GLY J 55 -31.09 -0.41 20.51
CA GLY J 55 -29.88 0.37 20.35
C GLY J 55 -28.64 -0.48 20.21
N GLY J 56 -27.64 0.06 19.54
CA GLY J 56 -26.32 -0.53 19.49
C GLY J 56 -26.10 -1.43 18.29
N ASP J 57 -25.07 -2.27 18.42
CA ASP J 57 -24.79 -3.27 17.40
C ASP J 57 -26.01 -4.14 17.16
N ASP J 58 -26.01 -4.81 16.01
CA ASP J 58 -26.99 -5.86 15.77
C ASP J 58 -26.43 -7.24 16.02
N SER J 59 -25.10 -7.39 16.04
CA SER J 59 -24.46 -8.68 16.20
C SER J 59 -24.00 -8.99 17.62
N ASN J 60 -23.84 -7.96 18.46
CA ASN J 60 -23.51 -8.14 19.87
C ASN J 60 -22.18 -8.90 20.05
N VAL J 61 -21.11 -8.27 19.57
CA VAL J 61 -19.82 -8.93 19.55
C VAL J 61 -19.20 -9.06 20.93
N ILE J 62 -19.69 -8.31 21.92
CA ILE J 62 -19.11 -8.37 23.26
C ILE J 62 -19.92 -9.28 24.18
N GLY J 63 -21.24 -9.24 24.10
CA GLY J 63 -22.03 -10.17 24.88
C GLY J 63 -21.71 -11.60 24.54
N ALA J 64 -21.41 -11.88 23.28
CA ALA J 64 -21.08 -13.23 22.87
C ALA J 64 -19.83 -13.73 23.58
N ILE J 65 -18.76 -12.94 23.58
CA ILE J 65 -17.52 -13.37 24.19
C ILE J 65 -17.66 -13.45 25.71
N GLY J 66 -18.22 -12.40 26.31
CA GLY J 66 -18.40 -12.37 27.74
C GLY J 66 -19.42 -13.35 28.26
N GLY J 67 -20.18 -13.99 27.38
CA GLY J 67 -21.04 -15.06 27.81
C GLY J 67 -20.40 -16.41 27.56
N ALA J 68 -19.69 -16.54 26.45
CA ALA J 68 -19.04 -17.80 26.12
C ALA J 68 -17.96 -18.14 27.12
N VAL J 69 -17.14 -17.15 27.51
CA VAL J 69 -16.08 -17.45 28.47
C VAL J 69 -16.66 -17.93 29.78
N LEU J 70 -17.63 -17.20 30.31
CA LEU J 70 -18.20 -17.58 31.60
C LEU J 70 -18.89 -18.92 31.51
N GLY J 71 -19.57 -19.21 30.40
CA GLY J 71 -20.13 -20.54 30.27
C GLY J 71 -19.10 -21.62 30.10
N GLY J 72 -17.90 -21.26 29.63
CA GLY J 72 -16.85 -22.24 29.46
C GLY J 72 -16.17 -22.61 30.75
N PHE J 73 -15.75 -21.60 31.52
CA PHE J 73 -15.14 -21.91 32.80
C PHE J 73 -16.13 -22.51 33.79
N LEU J 74 -17.42 -22.40 33.54
CA LEU J 74 -18.39 -23.17 34.29
C LEU J 74 -18.48 -24.60 33.79
N GLY J 75 -17.83 -24.90 32.68
CA GLY J 75 -17.75 -26.27 32.19
C GLY J 75 -16.54 -27.05 32.64
N ASN J 76 -15.57 -26.39 33.26
CA ASN J 76 -14.41 -27.08 33.80
C ASN J 76 -14.64 -27.55 35.22
N THR J 77 -15.86 -27.86 35.58
CA THR J 77 -16.17 -28.16 36.97
C THR J 77 -16.93 -29.47 37.14
N VAL J 78 -17.51 -30.02 36.09
CA VAL J 78 -18.34 -31.20 36.22
C VAL J 78 -17.67 -32.35 35.47
N GLY J 79 -17.67 -33.53 36.07
CA GLY J 79 -17.13 -34.70 35.43
C GLY J 79 -15.61 -34.66 35.30
N GLY J 80 -15.11 -35.62 34.56
CA GLY J 80 -13.67 -35.74 34.37
C GLY J 80 -13.35 -36.51 33.13
N GLY J 81 -12.11 -36.35 32.66
CA GLY J 81 -11.72 -36.97 31.42
C GLY J 81 -12.44 -36.31 30.26
N THR J 82 -12.74 -37.10 29.23
CA THR J 82 -13.43 -36.55 28.08
C THR J 82 -14.83 -36.07 28.41
N GLY J 83 -15.40 -36.51 29.54
CA GLY J 83 -16.66 -35.95 29.97
C GLY J 83 -16.53 -34.49 30.36
N ARG J 84 -15.36 -34.09 30.88
CA ARG J 84 -15.11 -32.68 31.07
C ARG J 84 -14.88 -31.98 29.74
N SER J 85 -14.18 -32.61 28.81
CA SER J 85 -13.92 -31.90 27.56
C SER J 85 -15.14 -31.81 26.67
N LEU J 86 -16.29 -32.32 27.11
CA LEU J 86 -17.56 -32.04 26.46
C LEU J 86 -18.36 -30.98 27.17
N ALA J 87 -18.39 -31.03 28.50
CA ALA J 87 -19.07 -30.00 29.27
C ALA J 87 -18.42 -28.65 29.07
N THR J 88 -17.11 -28.62 29.04
CA THR J 88 -16.43 -27.34 28.83
C THR J 88 -16.53 -26.86 27.44
N ALA J 89 -17.32 -27.48 26.58
CA ALA J 89 -17.69 -26.84 25.33
C ALA J 89 -19.18 -26.55 25.24
N ALA J 90 -20.01 -27.47 25.71
CA ALA J 90 -21.45 -27.20 25.70
C ALA J 90 -21.79 -26.02 26.60
N GLY J 91 -21.16 -25.94 27.77
CA GLY J 91 -21.36 -24.79 28.61
C GLY J 91 -20.89 -23.50 27.96
N ALA J 92 -19.78 -23.57 27.24
CA ALA J 92 -19.28 -22.38 26.55
C ALA J 92 -20.26 -21.92 25.49
N VAL J 93 -20.83 -22.85 24.72
CA VAL J 93 -21.78 -22.44 23.68
C VAL J 93 -23.06 -21.90 24.30
N ALA J 94 -23.55 -22.53 25.37
CA ALA J 94 -24.75 -22.00 26.01
C ALA J 94 -24.50 -20.61 26.55
N GLY J 95 -23.32 -20.37 27.12
CA GLY J 95 -22.98 -19.03 27.57
C GLY J 95 -22.87 -18.05 26.42
N GLY J 96 -22.33 -18.50 25.29
CA GLY J 96 -22.19 -17.63 24.13
C GLY J 96 -23.53 -17.21 23.55
N VAL J 97 -24.52 -18.10 23.59
CA VAL J 97 -25.86 -17.73 23.16
C VAL J 97 -26.53 -16.82 24.19
N ALA J 98 -26.43 -17.17 25.47
CA ALA J 98 -27.05 -16.33 26.48
C ALA J 98 -26.46 -14.94 26.51
N GLY J 99 -25.21 -14.79 26.08
CA GLY J 99 -24.63 -13.46 26.03
C GLY J 99 -25.40 -12.53 25.12
N GLN J 100 -25.61 -12.94 23.88
CA GLN J 100 -26.43 -12.15 22.98
C GLN J 100 -27.87 -12.09 23.47
N GLY J 101 -28.33 -13.14 24.14
CA GLY J 101 -29.71 -13.13 24.60
C GLY J 101 -29.96 -12.18 25.76
N VAL J 102 -28.91 -11.75 26.45
CA VAL J 102 -29.09 -10.83 27.56
C VAL J 102 -28.60 -9.42 27.24
N GLN J 103 -27.54 -9.27 26.46
CA GLN J 103 -27.06 -7.93 26.16
C GLN J 103 -28.11 -7.13 25.39
N SER J 104 -28.76 -7.76 24.43
CA SER J 104 -29.85 -7.12 23.71
C SER J 104 -31.13 -7.04 24.52
N ALA J 105 -31.11 -7.49 25.76
CA ALA J 105 -32.17 -7.18 26.71
C ALA J 105 -31.77 -6.08 27.69
N MET J 106 -30.55 -5.58 27.59
CA MET J 106 -30.10 -4.43 28.35
C MET J 106 -30.24 -3.13 27.60
N ASN J 107 -30.80 -3.16 26.40
CA ASN J 107 -30.99 -1.96 25.61
C ASN J 107 -32.45 -1.59 25.37
N LYS J 108 -33.39 -2.45 25.74
CA LYS J 108 -34.80 -2.11 25.57
C LYS J 108 -35.17 -0.97 26.50
N THR J 109 -35.57 0.15 25.90
CA THR J 109 -35.83 1.38 26.62
C THR J 109 -37.24 1.85 26.34
N GLN J 110 -37.95 2.29 27.38
CA GLN J 110 -39.27 2.85 27.18
C GLN J 110 -39.17 4.13 26.36
N GLY J 111 -40.28 4.55 25.75
CA GLY J 111 -40.26 5.76 24.95
C GLY J 111 -41.65 6.17 24.54
N VAL J 112 -41.73 7.24 23.75
CA VAL J 112 -43.00 7.69 23.21
C VAL J 112 -42.84 8.07 21.74
N GLU J 113 -43.96 8.03 21.03
CA GLU J 113 -44.08 8.50 19.67
C GLU J 113 -45.14 9.59 19.64
N LEU J 114 -44.78 10.76 19.10
CA LEU J 114 -45.58 11.96 19.26
C LEU J 114 -45.98 12.51 17.91
N GLU J 115 -47.27 12.69 17.68
CA GLU J 115 -47.74 13.45 16.53
C GLU J 115 -47.90 14.91 16.93
N ILE J 116 -47.28 15.80 16.18
CA ILE J 116 -47.32 17.22 16.49
C ILE J 116 -47.72 17.98 15.24
N ARG J 117 -48.72 18.83 15.36
CA ARG J 117 -49.14 19.70 14.27
C ARG J 117 -48.39 21.01 14.39
N LYS J 118 -47.39 21.22 13.55
CA LYS J 118 -46.72 22.51 13.54
C LYS J 118 -47.69 23.59 13.10
N ASP J 119 -47.46 24.81 13.59
CA ASP J 119 -48.36 25.89 13.24
C ASP J 119 -48.18 26.35 11.82
N ASP J 120 -47.14 25.91 11.11
CA ASP J 120 -46.99 26.27 9.71
C ASP J 120 -48.14 25.75 8.88
N GLY J 121 -48.83 24.73 9.37
CA GLY J 121 -49.89 24.02 8.69
C GLY J 121 -49.27 22.77 8.12
N ASN J 122 -49.27 21.71 8.91
CA ASN J 122 -48.54 20.50 8.54
C ASN J 122 -48.76 19.45 9.61
N THR J 123 -48.06 18.34 9.49
CA THR J 123 -48.06 17.34 10.55
C THR J 123 -46.77 16.55 10.43
N ILE J 124 -46.17 16.21 11.57
CA ILE J 124 -45.08 15.25 11.63
C ILE J 124 -45.23 14.43 12.90
N MET J 125 -44.47 13.35 12.98
CA MET J 125 -44.28 12.67 14.26
C MET J 125 -42.81 12.38 14.49
N VAL J 126 -42.45 12.32 15.76
CA VAL J 126 -41.08 12.13 16.21
C VAL J 126 -41.11 11.24 17.44
N VAL J 127 -40.01 10.52 17.66
CA VAL J 127 -39.93 9.52 18.73
C VAL J 127 -38.80 9.86 19.67
N GLN J 128 -39.04 9.68 20.97
CA GLN J 128 -38.13 10.09 22.03
C GLN J 128 -38.17 9.07 23.16
N LYS J 129 -37.07 8.99 23.91
CA LYS J 129 -37.08 8.21 25.14
C LYS J 129 -37.96 8.90 26.16
N GLN J 130 -38.69 8.11 26.94
CA GLN J 130 -39.46 8.68 28.03
C GLN J 130 -38.51 9.32 29.02
N GLY J 131 -38.82 10.54 29.43
CA GLY J 131 -37.99 11.22 30.39
C GLY J 131 -38.60 11.12 31.78
N ASN J 132 -39.24 12.20 32.22
CA ASN J 132 -40.09 12.13 33.40
C ASN J 132 -41.42 12.79 33.09
N THR J 133 -41.38 13.77 32.21
CA THR J 133 -42.58 14.53 31.86
C THR J 133 -43.60 13.62 31.21
N ARG J 134 -44.87 13.98 31.38
CA ARG J 134 -45.98 13.26 30.77
C ARG J 134 -46.60 14.16 29.71
N PHE J 135 -46.38 13.84 28.44
CA PHE J 135 -47.08 14.57 27.40
C PHE J 135 -48.56 14.25 27.44
N SER J 136 -49.36 15.14 26.87
CA SER J 136 -50.80 14.99 26.90
C SER J 136 -51.38 15.14 25.50
N PRO J 137 -52.54 14.55 25.25
CA PRO J 137 -53.19 14.75 23.95
C PRO J 137 -53.81 16.12 23.83
N GLY J 138 -53.03 17.10 23.41
CA GLY J 138 -53.48 18.48 23.34
C GLY J 138 -52.72 19.34 24.33
N GLN J 139 -51.71 20.01 23.82
CA GLN J 139 -50.70 20.72 24.58
C GLN J 139 -49.79 21.41 23.59
N ARG J 140 -49.06 22.40 24.06
CA ARG J 140 -48.19 23.20 23.20
C ARG J 140 -46.74 22.84 23.49
N VAL J 141 -46.02 22.43 22.47
CA VAL J 141 -44.63 22.02 22.63
C VAL J 141 -43.78 22.70 21.57
N VAL J 142 -42.50 22.82 21.87
CA VAL J 142 -41.57 23.58 21.05
C VAL J 142 -40.58 22.63 20.39
N LEU J 143 -40.26 22.91 19.14
CA LEU J 143 -39.41 22.04 18.35
C LEU J 143 -38.04 22.68 18.19
N ALA J 144 -37.08 22.27 19.02
CA ALA J 144 -35.72 22.74 18.85
C ALA J 144 -35.10 21.95 17.71
N SER J 145 -34.95 22.59 16.56
CA SER J 145 -34.59 21.89 15.34
C SER J 145 -33.15 22.18 14.96
N ASN J 146 -32.59 21.27 14.19
CA ASN J 146 -31.19 21.34 13.75
C ASN J 146 -31.11 20.67 12.40
N GLY J 147 -29.92 20.25 12.01
CA GLY J 147 -29.77 19.53 10.76
C GLY J 147 -30.40 18.15 10.86
N SER J 148 -31.73 18.14 10.92
CA SER J 148 -32.53 16.92 10.98
C SER J 148 -32.40 16.20 12.31
N GLN J 149 -32.29 16.96 13.39
CA GLN J 149 -32.46 16.44 14.74
C GLN J 149 -33.50 17.31 15.41
N VAL J 150 -34.58 16.72 15.89
CA VAL J 150 -35.65 17.52 16.46
C VAL J 150 -35.98 16.97 17.84
N THR J 151 -35.89 17.84 18.83
CA THR J 151 -36.20 17.56 20.22
C THR J 151 -37.51 18.23 20.57
N VAL J 152 -38.26 17.67 21.50
CA VAL J 152 -39.55 18.19 21.86
C VAL J 152 -39.61 18.40 23.35
N SER J 153 -39.89 19.63 23.78
CA SER J 153 -40.05 19.96 25.18
C SER J 153 -41.39 20.64 25.40
N PRO J 154 -41.97 20.51 26.58
CA PRO J 154 -43.30 21.07 26.80
C PRO J 154 -43.25 22.56 27.07
N ARG J 155 -44.16 23.29 26.43
CA ARG J 155 -44.39 24.70 26.69
C ARG J 155 -43.12 25.53 26.55
N CYS K 18 -28.07 -15.60 17.32
CA CYS K 18 -29.42 -15.05 17.18
C CYS K 18 -29.38 -13.74 16.39
N VAL K 19 -30.11 -13.68 15.27
CA VAL K 19 -30.30 -12.41 14.58
C VAL K 19 -31.37 -11.61 15.30
N ASN K 20 -31.08 -10.33 15.56
CA ASN K 20 -32.00 -9.46 16.29
C ASN K 20 -32.97 -8.81 15.30
N ASN K 21 -33.86 -9.65 14.78
CA ASN K 21 -34.95 -9.14 13.93
C ASN K 21 -36.18 -8.82 14.76
N ASP K 22 -35.98 -8.08 15.84
CA ASP K 22 -37.07 -7.69 16.72
C ASP K 22 -37.47 -6.24 16.48
N THR K 23 -36.77 -5.55 15.58
CA THR K 23 -37.04 -4.16 15.26
C THR K 23 -38.00 -4.02 14.09
N LEU K 24 -38.66 -5.09 13.70
CA LEU K 24 -39.52 -5.10 12.51
C LEU K 24 -40.98 -4.88 12.85
N SER K 25 -41.28 -4.40 14.05
CA SER K 25 -42.65 -4.12 14.45
C SER K 25 -42.94 -2.63 14.34
N GLY K 26 -44.20 -2.28 14.59
CA GLY K 26 -44.57 -0.90 14.71
C GLY K 26 -44.52 -0.51 16.16
N ASP K 27 -43.78 -1.32 16.92
CA ASP K 27 -43.73 -1.19 18.37
C ASP K 27 -42.30 -1.21 18.87
N VAL K 28 -41.31 -1.22 17.98
CA VAL K 28 -39.90 -1.19 18.35
C VAL K 28 -39.14 -0.42 17.29
N TYR K 29 -38.58 0.72 17.66
CA TYR K 29 -37.84 1.53 16.71
C TYR K 29 -36.35 1.37 16.90
N THR K 30 -35.62 1.25 15.81
CA THR K 30 -34.18 1.30 15.89
C THR K 30 -33.71 2.70 16.28
N ALA K 31 -32.57 2.76 16.95
CA ALA K 31 -32.11 4.04 17.47
C ALA K 31 -31.58 4.97 16.39
N SER K 32 -31.41 4.49 15.16
CA SER K 32 -31.00 5.39 14.09
C SER K 32 -32.12 6.30 13.63
N GLU K 33 -33.35 6.08 14.10
CA GLU K 33 -34.48 6.91 13.72
C GLU K 33 -35.24 7.36 14.95
N ALA K 34 -34.53 7.64 16.02
CA ALA K 34 -35.11 8.32 17.17
C ALA K 34 -34.67 9.77 17.16
N LYS K 35 -35.57 10.64 17.59
CA LYS K 35 -35.37 12.09 17.53
C LYS K 35 -35.04 12.52 16.10
N GLN K 36 -35.93 12.17 15.17
CA GLN K 36 -35.85 12.63 13.79
C GLN K 36 -37.26 12.85 13.27
N VAL K 37 -37.36 13.62 12.19
CA VAL K 37 -38.66 14.01 11.65
C VAL K 37 -39.13 13.00 10.62
N GLN K 38 -40.40 12.65 10.70
CA GLN K 38 -41.02 11.69 9.79
C GLN K 38 -42.32 12.26 9.26
N ASN K 39 -42.47 12.23 7.94
CA ASN K 39 -43.66 12.72 7.27
C ASN K 39 -44.85 11.83 7.60
N VAL K 40 -46.03 12.43 7.66
CA VAL K 40 -47.22 11.71 8.11
C VAL K 40 -48.27 11.72 7.02
N SER K 41 -48.76 10.53 6.67
CA SER K 41 -49.85 10.34 5.73
C SER K 41 -50.98 9.60 6.43
N TYR K 42 -52.07 9.41 5.71
CA TYR K 42 -53.24 8.74 6.27
C TYR K 42 -53.69 7.64 5.33
N GLY K 43 -54.51 6.73 5.83
CA GLY K 43 -55.01 5.68 4.98
C GLY K 43 -56.02 4.80 5.66
N THR K 44 -56.77 4.07 4.84
CA THR K 44 -57.72 3.05 5.24
C THR K 44 -57.18 1.69 4.82
N ILE K 45 -57.53 0.66 5.58
CA ILE K 45 -56.85 -0.63 5.49
C ILE K 45 -57.80 -1.69 4.94
N VAL K 46 -57.29 -2.51 4.02
CA VAL K 46 -58.01 -3.67 3.50
C VAL K 46 -57.05 -4.86 3.50
N ASN K 47 -57.62 -6.06 3.40
CA ASN K 47 -56.88 -7.27 3.07
C ASN K 47 -55.68 -7.43 4.02
N VAL K 48 -55.97 -7.92 5.23
CA VAL K 48 -54.91 -8.38 6.12
C VAL K 48 -54.82 -9.90 6.07
N ARG K 49 -53.61 -10.43 6.09
CA ARG K 49 -53.42 -11.88 6.15
C ARG K 49 -52.09 -12.18 6.80
N PRO K 50 -51.97 -13.33 7.48
CA PRO K 50 -50.74 -13.64 8.21
C PRO K 50 -49.62 -14.18 7.35
N VAL K 51 -48.39 -13.78 7.70
CA VAL K 51 -47.19 -14.08 6.95
C VAL K 51 -46.06 -14.26 7.96
N GLN K 52 -45.00 -14.95 7.56
CA GLN K 52 -43.83 -15.17 8.40
C GLN K 52 -42.62 -14.49 7.79
N ILE K 53 -41.66 -14.12 8.63
CA ILE K 53 -40.53 -13.31 8.19
C ILE K 53 -39.22 -13.99 8.55
N GLN K 54 -38.34 -14.14 7.57
CA GLN K 54 -37.00 -14.66 7.73
C GLN K 54 -36.08 -13.53 8.17
N GLY K 55 -34.78 -13.77 8.21
CA GLY K 55 -33.87 -12.69 8.55
C GLY K 55 -32.42 -13.12 8.55
N GLY K 56 -31.55 -12.12 8.67
CA GLY K 56 -30.13 -12.33 8.92
C GLY K 56 -29.25 -12.49 7.70
N ASP K 57 -28.28 -13.41 7.79
CA ASP K 57 -27.45 -13.83 6.67
C ASP K 57 -27.94 -15.19 6.19
N ASP K 58 -27.26 -15.74 5.19
CA ASP K 58 -27.72 -16.97 4.56
C ASP K 58 -26.85 -18.19 4.87
N SER K 59 -25.56 -17.99 5.14
CA SER K 59 -24.64 -19.12 5.30
C SER K 59 -24.53 -19.61 6.73
N ASN K 60 -25.02 -18.86 7.71
CA ASN K 60 -25.09 -19.29 9.11
C ASN K 60 -23.71 -19.73 9.61
N VAL K 61 -22.75 -18.82 9.52
CA VAL K 61 -21.36 -19.21 9.72
C VAL K 61 -21.00 -19.01 11.19
N ILE K 62 -22.03 -18.86 12.03
CA ILE K 62 -21.86 -18.92 13.48
C ILE K 62 -22.51 -20.16 14.05
N GLY K 63 -23.75 -20.44 13.66
CA GLY K 63 -24.36 -21.68 14.07
C GLY K 63 -23.68 -22.90 13.51
N ALA K 64 -22.96 -22.76 12.40
CA ALA K 64 -22.26 -23.91 11.83
C ALA K 64 -21.09 -24.32 12.72
N ILE K 65 -20.25 -23.39 13.13
CA ILE K 65 -19.13 -23.72 14.00
C ILE K 65 -19.62 -24.14 15.37
N GLY K 66 -20.61 -23.42 15.89
CA GLY K 66 -21.14 -23.76 17.19
C GLY K 66 -21.77 -25.14 17.23
N GLY K 67 -22.39 -25.56 16.13
CA GLY K 67 -22.89 -26.92 16.07
C GLY K 67 -21.79 -27.92 15.80
N ALA K 68 -20.76 -27.53 15.07
CA ALA K 68 -19.69 -28.46 14.72
C ALA K 68 -18.87 -28.86 15.94
N VAL K 69 -18.42 -27.89 16.73
CA VAL K 69 -17.57 -28.26 17.87
C VAL K 69 -18.36 -29.16 18.82
N LEU K 70 -19.61 -28.78 19.11
CA LEU K 70 -20.36 -29.56 20.07
C LEU K 70 -20.73 -30.93 19.52
N GLY K 71 -20.95 -31.05 18.21
CA GLY K 71 -21.21 -32.36 17.68
C GLY K 71 -19.97 -33.22 17.57
N GLY K 72 -18.80 -32.60 17.49
CA GLY K 72 -17.56 -33.36 17.43
C GLY K 72 -17.16 -33.86 18.79
N PHE K 73 -17.25 -33.00 19.81
CA PHE K 73 -16.88 -33.41 21.15
C PHE K 73 -17.81 -34.49 21.68
N LEU K 74 -18.96 -34.70 21.04
CA LEU K 74 -19.80 -35.82 21.42
C LEU K 74 -19.32 -37.11 20.80
N GLY K 75 -18.44 -37.04 19.80
CA GLY K 75 -17.88 -38.25 19.24
C GLY K 75 -16.75 -38.84 20.04
N ASN K 76 -16.05 -38.03 20.83
CA ASN K 76 -14.94 -38.51 21.64
C ASN K 76 -15.37 -39.35 22.74
N THR K 77 -16.65 -39.68 22.80
CA THR K 77 -17.23 -40.37 23.95
C THR K 77 -17.65 -41.80 23.56
N VAL K 78 -17.20 -42.29 22.42
CA VAL K 78 -17.48 -43.65 22.00
C VAL K 78 -16.22 -44.27 21.41
N GLY K 79 -16.18 -45.60 21.44
CA GLY K 79 -15.15 -46.34 20.75
C GLY K 79 -13.75 -46.10 21.31
N GLY K 80 -12.76 -46.51 20.51
CA GLY K 80 -11.37 -46.29 20.86
C GLY K 80 -10.46 -46.59 19.70
N GLY K 81 -9.38 -45.82 19.54
CA GLY K 81 -8.44 -46.06 18.47
C GLY K 81 -8.84 -45.33 17.17
N THR K 82 -9.30 -46.10 16.18
CA THR K 82 -9.92 -45.50 15.00
C THR K 82 -11.43 -45.49 15.10
N GLY K 83 -12.03 -46.38 15.88
CA GLY K 83 -13.46 -46.32 16.09
C GLY K 83 -13.88 -45.04 16.77
N ARG K 84 -13.03 -44.53 17.65
CA ARG K 84 -13.23 -43.17 18.15
C ARG K 84 -13.08 -42.15 17.04
N SER K 85 -12.10 -42.34 16.17
CA SER K 85 -11.81 -41.30 15.18
C SER K 85 -12.92 -41.16 14.15
N LEU K 86 -13.60 -42.24 13.81
CA LEU K 86 -14.68 -42.13 12.84
C LEU K 86 -15.87 -41.40 13.41
N ALA K 87 -16.27 -41.77 14.62
CA ALA K 87 -17.42 -41.13 15.24
C ALA K 87 -17.13 -39.68 15.59
N THR K 88 -15.89 -39.36 15.93
CA THR K 88 -15.54 -37.98 16.23
C THR K 88 -15.40 -37.11 14.99
N ALA K 89 -15.77 -37.61 13.82
CA ALA K 89 -15.98 -36.78 12.65
C ALA K 89 -17.40 -36.86 12.14
N ALA K 90 -18.04 -38.02 12.24
CA ALA K 90 -19.46 -38.09 11.92
C ALA K 90 -20.26 -37.16 12.81
N GLY K 91 -19.96 -37.18 14.11
CA GLY K 91 -20.59 -36.23 15.00
C GLY K 91 -20.30 -34.80 14.62
N ALA K 92 -19.09 -34.53 14.12
CA ALA K 92 -18.74 -33.16 13.78
C ALA K 92 -19.57 -32.64 12.60
N VAL K 93 -19.63 -33.41 11.51
CA VAL K 93 -20.39 -32.90 10.37
C VAL K 93 -21.88 -32.89 10.67
N ALA K 94 -22.39 -33.89 11.40
CA ALA K 94 -23.80 -33.86 11.74
C ALA K 94 -24.14 -32.69 12.65
N GLY K 95 -23.24 -32.38 13.59
CA GLY K 95 -23.46 -31.23 14.44
C GLY K 95 -23.43 -29.92 13.67
N GLY K 96 -22.53 -29.80 12.71
CA GLY K 96 -22.54 -28.61 11.88
C GLY K 96 -23.82 -28.45 11.09
N VAL K 97 -24.30 -29.53 10.47
CA VAL K 97 -25.54 -29.44 9.71
C VAL K 97 -26.70 -29.08 10.61
N ALA K 98 -26.81 -29.73 11.77
CA ALA K 98 -27.89 -29.36 12.66
C ALA K 98 -27.75 -27.94 13.18
N GLY K 99 -26.52 -27.43 13.28
CA GLY K 99 -26.33 -26.05 13.68
C GLY K 99 -26.95 -25.09 12.68
N GLN K 100 -26.63 -25.28 11.40
CA GLN K 100 -27.30 -24.44 10.41
C GLN K 100 -28.78 -24.69 10.39
N GLY K 101 -29.21 -25.91 10.70
CA GLY K 101 -30.63 -26.19 10.70
C GLY K 101 -31.38 -25.42 11.77
N VAL K 102 -30.79 -25.29 12.94
CA VAL K 102 -31.53 -24.68 14.05
C VAL K 102 -31.32 -23.17 14.10
N GLN K 103 -30.14 -22.67 13.71
CA GLN K 103 -29.92 -21.23 13.78
C GLN K 103 -30.89 -20.50 12.85
N SER K 104 -31.08 -21.01 11.65
CA SER K 104 -32.05 -20.42 10.75
C SER K 104 -33.48 -20.72 11.16
N ALA K 105 -33.68 -21.57 12.16
CA ALA K 105 -35.03 -21.82 12.66
C ALA K 105 -35.38 -20.94 13.85
N MET K 106 -34.43 -20.17 14.37
CA MET K 106 -34.71 -19.21 15.43
C MET K 106 -34.78 -17.80 14.90
N ASN K 107 -35.06 -17.65 13.61
CA ASN K 107 -35.32 -16.34 13.04
C ASN K 107 -36.70 -16.23 12.41
N LYS K 108 -37.35 -17.34 12.11
CA LYS K 108 -38.74 -17.34 11.69
C LYS K 108 -39.59 -16.63 12.73
N THR K 109 -40.16 -15.50 12.33
CA THR K 109 -40.96 -14.67 13.21
C THR K 109 -42.34 -14.46 12.60
N GLN K 110 -43.37 -14.50 13.44
CA GLN K 110 -44.72 -14.19 12.97
C GLN K 110 -44.78 -12.76 12.44
N GLY K 111 -45.71 -12.52 11.52
CA GLY K 111 -45.83 -11.19 10.93
C GLY K 111 -47.16 -11.05 10.22
N VAL K 112 -47.41 -9.84 9.72
CA VAL K 112 -48.63 -9.56 8.99
C VAL K 112 -48.31 -8.79 7.73
N GLU K 113 -49.19 -8.94 6.74
CA GLU K 113 -49.08 -8.26 5.46
C GLU K 113 -50.30 -7.39 5.29
N LEU K 114 -50.10 -6.10 5.01
CA LEU K 114 -51.17 -5.12 5.09
C LEU K 114 -51.39 -4.42 3.76
N GLU K 115 -52.64 -4.42 3.30
CA GLU K 115 -53.08 -3.53 2.23
C GLU K 115 -53.69 -2.27 2.83
N ILE K 116 -53.31 -1.12 2.30
CA ILE K 116 -53.83 0.15 2.79
C ILE K 116 -54.11 1.06 1.61
N ARG K 117 -55.25 1.72 1.63
CA ARG K 117 -55.62 2.70 0.61
C ARG K 117 -55.39 4.08 1.18
N LYS K 118 -54.38 4.77 0.65
CA LYS K 118 -54.10 6.11 1.13
C LYS K 118 -55.23 7.05 0.77
N ASP K 119 -55.51 8.01 1.65
CA ASP K 119 -56.51 9.02 1.33
C ASP K 119 -56.14 9.82 0.09
N ASP K 120 -54.85 9.88 -0.24
CA ASP K 120 -54.42 10.48 -1.49
C ASP K 120 -55.15 9.86 -2.67
N GLY K 121 -55.38 8.56 -2.60
CA GLY K 121 -56.02 7.80 -3.65
C GLY K 121 -54.95 7.06 -4.42
N ASN K 122 -54.70 5.84 -3.97
CA ASN K 122 -53.65 4.93 -4.43
C ASN K 122 -53.89 3.61 -3.72
N THR K 123 -52.95 2.69 -3.82
CA THR K 123 -52.91 1.58 -2.90
C THR K 123 -51.47 1.13 -2.77
N ILE K 124 -51.06 0.80 -1.56
CA ILE K 124 -49.74 0.23 -1.33
C ILE K 124 -49.89 -0.87 -0.30
N MET K 125 -48.82 -1.65 -0.13
CA MET K 125 -48.83 -2.72 0.84
C MET K 125 -47.46 -2.83 1.47
N VAL K 126 -47.45 -3.16 2.77
CA VAL K 126 -46.26 -3.21 3.59
C VAL K 126 -46.40 -4.38 4.55
N VAL K 127 -45.29 -5.09 4.79
CA VAL K 127 -45.28 -6.24 5.69
C VAL K 127 -44.56 -5.82 6.97
N GLN K 128 -44.99 -6.38 8.10
CA GLN K 128 -44.61 -5.85 9.39
C GLN K 128 -44.74 -6.93 10.44
N LYS K 129 -43.82 -6.96 11.39
CA LYS K 129 -43.86 -7.96 12.45
C LYS K 129 -45.12 -7.82 13.29
N GLN K 130 -45.68 -8.97 13.68
CA GLN K 130 -46.88 -8.96 14.51
C GLN K 130 -46.56 -8.44 15.90
N GLY K 131 -47.31 -7.44 16.33
CA GLY K 131 -47.18 -6.89 17.67
C GLY K 131 -48.26 -7.41 18.58
N ASN K 132 -48.73 -6.55 19.48
CA ASN K 132 -49.84 -6.88 20.36
C ASN K 132 -51.18 -6.45 19.81
N THR K 133 -51.23 -5.26 19.20
CA THR K 133 -52.47 -4.78 18.61
C THR K 133 -52.86 -5.64 17.41
N ARG K 134 -54.17 -5.76 17.19
CA ARG K 134 -54.71 -6.49 16.06
C ARG K 134 -55.24 -5.50 15.03
N PHE K 135 -54.80 -5.64 13.79
CA PHE K 135 -55.41 -4.89 12.72
C PHE K 135 -56.73 -5.53 12.33
N SER K 136 -57.44 -4.90 11.40
CA SER K 136 -58.78 -5.34 11.05
C SER K 136 -59.09 -5.01 9.60
N PRO K 137 -60.11 -5.63 9.03
CA PRO K 137 -60.59 -5.23 7.70
C PRO K 137 -61.49 -4.01 7.78
N GLY K 138 -60.92 -2.82 7.72
CA GLY K 138 -61.69 -1.60 7.84
C GLY K 138 -61.32 -0.84 9.10
N GLN K 139 -60.47 0.16 8.93
CA GLN K 139 -59.85 0.89 10.03
C GLN K 139 -59.16 2.10 9.46
N ARG K 140 -58.72 3.00 10.33
CA ARG K 140 -57.95 4.15 9.94
C ARG K 140 -56.57 4.05 10.55
N VAL K 141 -55.54 4.13 9.72
CA VAL K 141 -54.17 3.98 10.17
C VAL K 141 -53.35 5.15 9.64
N VAL K 142 -52.25 5.43 10.31
CA VAL K 142 -51.42 6.58 10.01
C VAL K 142 -50.05 6.10 9.60
N LEU K 143 -49.58 6.55 8.45
CA LEU K 143 -48.28 6.15 7.95
C LEU K 143 -47.23 7.16 8.36
N ALA K 144 -46.25 6.72 9.12
CA ALA K 144 -45.10 7.56 9.43
C ALA K 144 -44.02 7.26 8.41
N SER K 145 -43.80 8.18 7.50
CA SER K 145 -42.89 7.92 6.39
C SER K 145 -41.58 8.64 6.60
N ASN K 146 -40.57 8.16 5.89
CA ASN K 146 -39.20 8.65 5.97
C ASN K 146 -38.56 8.40 4.62
N GLY K 147 -37.24 8.30 4.60
CA GLY K 147 -36.56 7.96 3.36
C GLY K 147 -36.72 6.50 3.02
N SER K 148 -37.92 6.16 2.53
CA SER K 148 -38.29 4.83 2.05
C SER K 148 -38.48 3.81 3.16
N GLN K 149 -38.75 4.26 4.38
CA GLN K 149 -39.17 3.39 5.48
C GLN K 149 -40.58 3.77 5.84
N VAL K 150 -41.43 2.80 6.11
CA VAL K 150 -42.81 3.08 6.47
C VAL K 150 -43.26 2.19 7.60
N THR K 151 -43.91 2.78 8.59
CA THR K 151 -44.46 2.08 9.74
C THR K 151 -45.95 2.39 9.82
N VAL K 152 -46.74 1.43 10.24
CA VAL K 152 -48.19 1.58 10.22
C VAL K 152 -48.70 1.50 11.65
N SER K 153 -48.76 2.62 12.31
CA SER K 153 -49.37 2.62 13.63
C SER K 153 -50.89 2.64 13.49
N PRO K 154 -51.59 1.88 14.30
CA PRO K 154 -53.06 1.90 14.23
C PRO K 154 -53.66 2.93 15.16
N ARG K 155 -54.51 3.80 14.63
CA ARG K 155 -55.35 4.62 15.49
C ARG K 155 -56.38 5.38 14.68
N CYS L 18 -26.90 -26.51 3.94
CA CYS L 18 -28.31 -26.40 3.59
C CYS L 18 -28.69 -24.94 3.34
N VAL L 19 -28.32 -24.42 2.17
CA VAL L 19 -28.60 -23.02 1.87
C VAL L 19 -30.12 -22.83 1.77
N ASN L 20 -30.57 -21.62 2.09
CA ASN L 20 -31.96 -21.35 2.43
C ASN L 20 -32.75 -20.94 1.19
N ASN L 21 -33.41 -21.90 0.56
CA ASN L 21 -34.43 -21.58 -0.43
C ASN L 21 -35.82 -21.53 0.22
N ASP L 22 -35.94 -20.78 1.30
CA ASP L 22 -37.18 -20.73 2.04
C ASP L 22 -37.85 -19.37 1.96
N THR L 23 -37.23 -18.41 1.28
CA THR L 23 -37.81 -17.10 1.05
C THR L 23 -38.42 -16.97 -0.33
N LEU L 24 -38.56 -18.08 -1.06
CA LEU L 24 -39.06 -18.04 -2.44
C LEU L 24 -40.54 -18.29 -2.53
N SER L 25 -41.28 -18.10 -1.44
CA SER L 25 -42.72 -18.27 -1.41
C SER L 25 -43.42 -16.92 -1.37
N GLY L 26 -44.72 -16.96 -1.63
CA GLY L 26 -45.60 -15.84 -1.43
C GLY L 26 -46.18 -15.81 -0.04
N ASP L 27 -45.70 -16.70 0.83
CA ASP L 27 -46.17 -16.86 2.19
C ASP L 27 -45.02 -16.74 3.18
N VAL L 28 -43.89 -16.20 2.72
CA VAL L 28 -42.71 -15.92 3.52
C VAL L 28 -42.03 -14.72 2.90
N TYR L 29 -41.49 -13.83 3.73
CA TYR L 29 -40.76 -12.68 3.24
C TYR L 29 -39.40 -12.62 3.89
N THR L 30 -38.44 -12.04 3.17
CA THR L 30 -37.15 -11.77 3.77
C THR L 30 -37.18 -10.45 4.53
N ALA L 31 -36.43 -10.41 5.63
CA ALA L 31 -36.43 -9.23 6.47
C ALA L 31 -35.82 -8.01 5.81
N SER L 32 -35.15 -8.18 4.67
CA SER L 32 -34.69 -7.02 3.93
C SER L 32 -35.87 -6.22 3.39
N GLU L 33 -36.97 -6.89 3.07
CA GLU L 33 -38.14 -6.27 2.44
C GLU L 33 -39.32 -6.18 3.40
N ALA L 34 -39.06 -5.81 4.65
CA ALA L 34 -40.12 -5.54 5.60
C ALA L 34 -40.08 -4.07 5.99
N LYS L 35 -41.24 -3.56 6.38
CA LYS L 35 -41.43 -2.13 6.62
C LYS L 35 -40.92 -1.33 5.43
N GLN L 36 -41.57 -1.55 4.29
CA GLN L 36 -41.30 -0.80 3.07
C GLN L 36 -42.57 -0.73 2.25
N VAL L 37 -42.57 0.19 1.28
CA VAL L 37 -43.73 0.43 0.43
C VAL L 37 -43.56 -0.33 -0.88
N GLN L 38 -44.59 -1.08 -1.25
CA GLN L 38 -44.63 -1.83 -2.50
C GLN L 38 -45.87 -1.45 -3.26
N ASN L 39 -45.70 -1.17 -4.56
CA ASN L 39 -46.85 -0.85 -5.39
C ASN L 39 -47.71 -2.08 -5.60
N VAL L 40 -48.98 -1.84 -5.91
CA VAL L 40 -49.95 -2.91 -6.03
C VAL L 40 -50.62 -2.83 -7.38
N SER L 41 -50.64 -3.95 -8.10
CA SER L 41 -51.41 -4.11 -9.32
C SER L 41 -52.30 -5.32 -9.17
N TYR L 42 -53.19 -5.51 -10.12
CA TYR L 42 -54.13 -6.61 -10.06
C TYR L 42 -53.92 -7.53 -11.26
N GLY L 43 -54.50 -8.72 -11.19
CA GLY L 43 -54.35 -9.65 -12.29
C GLY L 43 -55.28 -10.84 -12.19
N THR L 44 -55.55 -11.42 -13.35
CA THR L 44 -56.28 -12.67 -13.50
C THR L 44 -55.31 -13.73 -14.01
N ILE L 45 -55.48 -14.96 -13.52
CA ILE L 45 -54.45 -15.99 -13.61
C ILE L 45 -54.88 -17.06 -14.60
N VAL L 46 -53.92 -17.58 -15.36
CA VAL L 46 -54.14 -18.69 -16.28
C VAL L 46 -52.94 -19.64 -16.25
N ASN L 47 -53.23 -20.93 -16.41
CA ASN L 47 -52.23 -21.97 -16.66
C ASN L 47 -51.15 -22.03 -15.58
N VAL L 48 -51.58 -22.45 -14.39
CA VAL L 48 -50.65 -22.94 -13.40
C VAL L 48 -50.11 -24.30 -13.84
N ARG L 49 -48.86 -24.59 -13.47
CA ARG L 49 -48.33 -25.94 -13.67
C ARG L 49 -47.12 -26.11 -12.78
N PRO L 50 -46.83 -27.33 -12.33
CA PRO L 50 -45.77 -27.53 -11.32
C PRO L 50 -44.37 -27.55 -11.93
N VAL L 51 -43.43 -26.98 -11.19
CA VAL L 51 -42.07 -26.77 -11.64
C VAL L 51 -41.15 -26.76 -10.43
N GLN L 52 -40.08 -27.54 -10.48
CA GLN L 52 -39.14 -27.57 -9.36
C GLN L 52 -38.28 -26.31 -9.34
N ILE L 53 -37.47 -26.17 -8.30
CA ILE L 53 -36.54 -25.06 -8.21
C ILE L 53 -35.20 -25.56 -7.70
N GLN L 54 -34.13 -25.19 -8.40
CA GLN L 54 -32.76 -25.40 -7.96
C GLN L 54 -32.26 -24.14 -7.28
N GLY L 55 -31.55 -24.29 -6.17
CA GLY L 55 -31.05 -23.16 -5.44
C GLY L 55 -29.61 -23.39 -5.03
N GLY L 56 -28.95 -22.30 -4.69
CA GLY L 56 -27.60 -22.38 -4.17
C GLY L 56 -26.54 -22.24 -5.24
N ASP L 57 -25.40 -22.87 -5.00
CA ASP L 57 -24.20 -22.66 -5.79
C ASP L 57 -24.07 -23.74 -6.86
N ASP L 58 -23.28 -23.43 -7.89
CA ASP L 58 -23.02 -24.39 -8.95
C ASP L 58 -22.03 -25.46 -8.55
N SER L 59 -21.17 -25.18 -7.58
CA SER L 59 -20.07 -26.06 -7.19
C SER L 59 -20.35 -26.88 -5.94
N ASN L 60 -21.11 -26.35 -4.98
CA ASN L 60 -21.35 -27.00 -3.70
C ASN L 60 -20.02 -27.28 -2.99
N VAL L 61 -19.33 -26.21 -2.63
CA VAL L 61 -18.00 -26.37 -2.07
C VAL L 61 -18.02 -26.98 -0.67
N ILE L 62 -19.11 -26.82 0.08
CA ILE L 62 -19.17 -27.37 1.44
C ILE L 62 -19.69 -28.80 1.45
N GLY L 63 -20.57 -29.16 0.53
CA GLY L 63 -20.95 -30.55 0.41
C GLY L 63 -19.77 -31.45 0.10
N ALA L 64 -18.70 -30.88 -0.44
CA ALA L 64 -17.49 -31.66 -0.68
C ALA L 64 -16.77 -31.95 0.64
N ILE L 65 -16.39 -30.90 1.37
CA ILE L 65 -15.53 -31.08 2.54
C ILE L 65 -16.21 -31.95 3.58
N GLY L 66 -17.45 -31.64 3.92
CA GLY L 66 -18.16 -32.47 4.88
C GLY L 66 -18.30 -33.90 4.42
N GLY L 67 -18.44 -34.10 3.12
CA GLY L 67 -18.47 -35.44 2.58
C GLY L 67 -17.10 -36.05 2.37
N ALA L 68 -16.06 -35.22 2.30
CA ALA L 68 -14.72 -35.75 2.10
C ALA L 68 -14.20 -36.41 3.37
N VAL L 69 -14.16 -35.67 4.48
CA VAL L 69 -13.51 -36.21 5.67
C VAL L 69 -14.28 -37.41 6.18
N LEU L 70 -15.61 -37.37 6.13
CA LEU L 70 -16.35 -38.54 6.57
C LEU L 70 -16.03 -39.74 5.70
N GLY L 71 -15.79 -39.51 4.40
CA GLY L 71 -15.33 -40.61 3.57
C GLY L 71 -13.88 -40.97 3.82
N GLY L 72 -13.10 -40.03 4.34
CA GLY L 72 -11.71 -40.29 4.62
C GLY L 72 -11.53 -41.13 5.86
N PHE L 73 -12.00 -40.64 7.00
CA PHE L 73 -11.84 -41.38 8.25
C PHE L 73 -12.48 -42.74 8.19
N LEU L 74 -13.45 -42.95 7.31
CA LEU L 74 -14.00 -44.29 7.17
C LEU L 74 -13.01 -45.22 6.52
N GLY L 75 -12.13 -44.68 5.66
CA GLY L 75 -11.11 -45.51 5.06
C GLY L 75 -10.16 -46.11 6.08
N ASN L 76 -9.82 -45.36 7.13
CA ASN L 76 -8.86 -45.85 8.09
C ASN L 76 -9.32 -47.09 8.83
N THR L 77 -10.56 -47.52 8.65
CA THR L 77 -11.10 -48.60 9.45
C THR L 77 -10.73 -49.96 8.89
N VAL L 78 -10.20 -50.03 7.68
CA VAL L 78 -9.96 -51.32 7.04
C VAL L 78 -8.49 -51.46 6.72
N GLY L 79 -8.04 -52.70 6.65
CA GLY L 79 -6.70 -52.99 6.18
C GLY L 79 -5.62 -52.53 7.15
N GLY L 80 -4.40 -52.57 6.63
CA GLY L 80 -3.24 -52.16 7.40
C GLY L 80 -2.00 -52.03 6.53
N GLY L 81 -1.16 -51.03 6.83
CA GLY L 81 0.04 -50.82 6.05
C GLY L 81 -0.20 -49.98 4.82
N THR L 82 0.20 -50.48 3.65
CA THR L 82 -0.11 -49.78 2.42
C THR L 82 -1.59 -49.92 2.06
N GLY L 83 -2.15 -51.11 2.28
CA GLY L 83 -3.54 -51.34 1.94
C GLY L 83 -4.50 -50.41 2.65
N ARG L 84 -4.21 -50.06 3.90
CA ARG L 84 -5.03 -49.04 4.54
C ARG L 84 -4.84 -47.70 3.86
N SER L 85 -3.61 -47.35 3.53
CA SER L 85 -3.35 -46.05 2.95
C SER L 85 -4.00 -45.89 1.58
N LEU L 86 -4.29 -46.99 0.89
CA LEU L 86 -5.08 -46.89 -0.32
C LEU L 86 -6.55 -46.71 -0.01
N ALA L 87 -7.05 -47.41 0.98
CA ALA L 87 -8.47 -47.33 1.31
C ALA L 87 -8.82 -46.03 1.99
N THR L 88 -7.87 -45.44 2.72
CA THR L 88 -8.14 -44.13 3.29
C THR L 88 -8.12 -43.02 2.27
N ALA L 89 -7.90 -43.33 1.00
CA ALA L 89 -7.99 -42.33 -0.06
C ALA L 89 -9.16 -42.56 -1.00
N ALA L 90 -9.37 -43.78 -1.48
CA ALA L 90 -10.55 -44.04 -2.29
C ALA L 90 -11.81 -43.72 -1.49
N GLY L 91 -11.73 -43.83 -0.17
CA GLY L 91 -12.79 -43.32 0.66
C GLY L 91 -12.93 -41.82 0.59
N ALA L 92 -11.82 -41.11 0.36
CA ALA L 92 -11.87 -39.65 0.36
C ALA L 92 -12.61 -39.11 -0.85
N VAL L 93 -12.28 -39.58 -2.05
CA VAL L 93 -12.93 -39.01 -3.22
C VAL L 93 -14.31 -39.61 -3.44
N ALA L 94 -14.53 -40.88 -3.10
CA ALA L 94 -15.88 -41.40 -3.15
C ALA L 94 -16.77 -40.65 -2.17
N GLY L 95 -16.24 -40.31 -1.00
CA GLY L 95 -16.97 -39.43 -0.12
C GLY L 95 -17.09 -38.02 -0.67
N GLY L 96 -16.08 -37.58 -1.43
CA GLY L 96 -16.13 -36.24 -2.00
C GLY L 96 -17.22 -36.08 -3.04
N VAL L 97 -17.39 -37.07 -3.92
CA VAL L 97 -18.42 -37.00 -4.93
C VAL L 97 -19.80 -37.12 -4.30
N ALA L 98 -19.98 -38.10 -3.42
CA ALA L 98 -21.30 -38.31 -2.82
C ALA L 98 -21.72 -37.11 -2.00
N GLY L 99 -20.78 -36.28 -1.56
CA GLY L 99 -21.16 -35.05 -0.89
C GLY L 99 -21.91 -34.11 -1.80
N GLN L 100 -21.27 -33.68 -2.89
CA GLN L 100 -21.95 -32.81 -3.83
C GLN L 100 -23.20 -33.48 -4.39
N GLY L 101 -23.21 -34.80 -4.42
CA GLY L 101 -24.37 -35.50 -4.91
C GLY L 101 -25.56 -35.47 -3.97
N VAL L 102 -25.36 -35.03 -2.73
CA VAL L 102 -26.47 -34.96 -1.79
C VAL L 102 -26.83 -33.54 -1.41
N GLN L 103 -25.85 -32.62 -1.31
CA GLN L 103 -26.21 -31.24 -1.03
C GLN L 103 -27.11 -30.68 -2.13
N SER L 104 -26.78 -30.97 -3.38
CA SER L 104 -27.59 -30.50 -4.49
C SER L 104 -28.96 -31.15 -4.53
N ALA L 105 -29.17 -32.20 -3.75
CA ALA L 105 -30.49 -32.82 -3.71
C ALA L 105 -31.34 -32.35 -2.54
N MET L 106 -30.75 -31.72 -1.53
CA MET L 106 -31.59 -31.18 -0.48
C MET L 106 -32.14 -29.80 -0.81
N ASN L 107 -31.88 -29.28 -1.99
CA ASN L 107 -32.41 -28.00 -2.39
C ASN L 107 -33.49 -28.10 -3.47
N LYS L 108 -33.65 -29.25 -4.10
CA LYS L 108 -34.78 -29.45 -5.01
C LYS L 108 -36.07 -29.17 -4.28
N THR L 109 -36.76 -28.09 -4.64
CA THR L 109 -37.92 -27.62 -3.92
C THR L 109 -39.11 -27.48 -4.86
N GLN L 110 -40.25 -28.02 -4.46
CA GLN L 110 -41.43 -27.92 -5.29
C GLN L 110 -41.81 -26.47 -5.50
N GLY L 111 -42.50 -26.18 -6.60
CA GLY L 111 -42.90 -24.82 -6.90
C GLY L 111 -43.91 -24.80 -8.03
N VAL L 112 -44.33 -23.59 -8.40
CA VAL L 112 -45.27 -23.38 -9.49
C VAL L 112 -44.86 -22.16 -10.29
N GLU L 113 -45.26 -22.15 -11.56
CA GLU L 113 -45.13 -20.95 -12.40
C GLU L 113 -46.51 -20.58 -12.89
N LEU L 114 -46.76 -19.28 -12.99
CA LEU L 114 -48.11 -18.76 -13.23
C LEU L 114 -48.10 -17.79 -14.40
N GLU L 115 -48.95 -18.04 -15.39
CA GLU L 115 -49.32 -17.01 -16.35
C GLU L 115 -50.37 -16.12 -15.69
N ILE L 116 -50.20 -14.82 -15.80
CA ILE L 116 -51.19 -13.90 -15.25
C ILE L 116 -51.46 -12.81 -16.26
N ARG L 117 -52.73 -12.48 -16.44
CA ARG L 117 -53.13 -11.37 -17.28
C ARG L 117 -53.45 -10.19 -16.38
N LYS L 118 -52.52 -9.24 -16.30
CA LYS L 118 -52.76 -8.06 -15.50
C LYS L 118 -53.96 -7.30 -16.06
N ASP L 119 -54.73 -6.68 -15.15
CA ASP L 119 -55.90 -5.93 -15.59
C ASP L 119 -55.52 -4.75 -16.46
N ASP L 120 -54.25 -4.32 -16.44
CA ASP L 120 -53.80 -3.34 -17.41
C ASP L 120 -54.01 -3.83 -18.83
N GLY L 121 -53.86 -5.12 -19.04
CA GLY L 121 -53.95 -5.74 -20.34
C GLY L 121 -52.57 -6.03 -20.86
N ASN L 122 -52.10 -7.24 -20.58
CA ASN L 122 -50.75 -7.70 -20.84
C ASN L 122 -50.77 -9.19 -20.52
N THR L 123 -49.59 -9.79 -20.48
CA THR L 123 -49.44 -11.06 -19.79
C THR L 123 -47.99 -11.15 -19.36
N ILE L 124 -47.77 -11.57 -18.12
CA ILE L 124 -46.45 -11.87 -17.62
C ILE L 124 -46.51 -13.20 -16.89
N MET L 125 -45.35 -13.75 -16.57
CA MET L 125 -45.34 -14.98 -15.80
C MET L 125 -44.21 -14.97 -14.80
N VAL L 126 -44.50 -15.51 -13.62
CA VAL L 126 -43.59 -15.47 -12.48
C VAL L 126 -43.72 -16.80 -11.74
N VAL L 127 -42.62 -17.23 -11.13
CA VAL L 127 -42.51 -18.57 -10.56
C VAL L 127 -42.12 -18.47 -9.08
N GLN L 128 -42.78 -19.28 -8.26
CA GLN L 128 -42.75 -19.14 -6.82
C GLN L 128 -42.67 -20.50 -6.16
N LYS L 129 -42.11 -20.55 -4.97
CA LYS L 129 -42.07 -21.79 -4.22
C LYS L 129 -43.49 -22.22 -3.85
N GLN L 130 -43.77 -23.50 -4.02
CA GLN L 130 -45.09 -24.02 -3.70
C GLN L 130 -45.40 -23.84 -2.23
N GLY L 131 -46.59 -23.33 -1.94
CA GLY L 131 -46.96 -22.99 -0.58
C GLY L 131 -48.25 -23.66 -0.15
N ASN L 132 -48.91 -23.04 0.82
CA ASN L 132 -50.13 -23.61 1.38
C ASN L 132 -51.33 -23.38 0.46
N THR L 133 -51.37 -22.25 -0.23
CA THR L 133 -52.54 -21.91 -1.02
C THR L 133 -52.46 -22.59 -2.37
N ARG L 134 -53.54 -23.27 -2.76
CA ARG L 134 -53.58 -23.99 -4.03
C ARG L 134 -54.20 -23.07 -5.08
N PHE L 135 -53.38 -22.57 -6.00
CA PHE L 135 -53.88 -21.69 -7.03
C PHE L 135 -54.79 -22.46 -7.99
N SER L 136 -55.47 -21.71 -8.85
CA SER L 136 -56.36 -22.26 -9.85
C SER L 136 -56.16 -21.51 -11.15
N PRO L 137 -56.47 -22.14 -12.28
CA PRO L 137 -56.44 -21.44 -13.58
C PRO L 137 -57.69 -20.61 -13.78
N GLY L 138 -57.63 -19.36 -13.32
CA GLY L 138 -58.78 -18.49 -13.27
C GLY L 138 -59.17 -18.16 -11.85
N GLN L 139 -58.76 -16.98 -11.42
CA GLN L 139 -58.86 -16.52 -10.04
C GLN L 139 -58.51 -15.05 -10.05
N ARG L 140 -58.37 -14.45 -8.89
CA ARG L 140 -57.92 -13.07 -8.79
C ARG L 140 -56.70 -13.03 -7.88
N VAL L 141 -55.67 -12.31 -8.30
CA VAL L 141 -54.44 -12.22 -7.55
C VAL L 141 -54.08 -10.75 -7.38
N VAL L 142 -53.17 -10.48 -6.46
CA VAL L 142 -52.70 -9.14 -6.19
C VAL L 142 -51.19 -9.15 -6.25
N LEU L 143 -50.62 -8.43 -7.21
CA LEU L 143 -49.17 -8.39 -7.35
C LEU L 143 -48.60 -7.30 -6.47
N ALA L 144 -47.69 -7.67 -5.59
CA ALA L 144 -46.87 -6.70 -4.88
C ALA L 144 -45.64 -6.43 -5.73
N SER L 145 -45.41 -5.18 -6.06
CA SER L 145 -44.30 -4.84 -6.95
C SER L 145 -43.23 -4.07 -6.19
N ASN L 146 -42.00 -4.22 -6.64
CA ASN L 146 -40.86 -3.52 -6.09
C ASN L 146 -39.84 -3.37 -7.21
N GLY L 147 -38.58 -3.17 -6.84
CA GLY L 147 -37.55 -3.05 -7.85
C GLY L 147 -37.31 -4.39 -8.53
N SER L 148 -38.30 -4.83 -9.30
CA SER L 148 -38.27 -6.07 -10.07
C SER L 148 -38.28 -7.30 -9.15
N GLN L 149 -39.02 -7.22 -8.06
CA GLN L 149 -39.37 -8.37 -7.24
C GLN L 149 -40.87 -8.39 -7.11
N VAL L 150 -41.51 -9.46 -7.56
CA VAL L 150 -42.96 -9.48 -7.61
C VAL L 150 -43.48 -10.74 -6.94
N THR L 151 -44.30 -10.56 -5.93
CA THR L 151 -44.93 -11.64 -5.18
C THR L 151 -46.40 -11.68 -5.54
N VAL L 152 -46.95 -12.87 -5.67
CA VAL L 152 -48.33 -13.03 -6.13
C VAL L 152 -49.13 -13.61 -4.97
N SER L 153 -49.71 -12.75 -4.20
CA SER L 153 -50.60 -13.28 -3.17
C SER L 153 -51.95 -13.62 -3.79
N PRO L 154 -52.63 -14.60 -3.26
CA PRO L 154 -53.94 -14.96 -3.80
C PRO L 154 -55.09 -14.28 -3.09
N ARG L 155 -56.04 -13.75 -3.85
CA ARG L 155 -57.38 -13.34 -3.43
C ARG L 155 -57.92 -12.27 -4.37
N CYS M 18 -18.81 -33.07 -9.67
CA CYS M 18 -20.17 -32.97 -10.20
C CYS M 18 -20.53 -31.54 -10.58
N VAL M 19 -20.41 -31.24 -11.87
CA VAL M 19 -20.90 -29.96 -12.38
C VAL M 19 -22.41 -30.04 -12.50
N ASN M 20 -23.09 -28.99 -12.02
CA ASN M 20 -24.55 -28.99 -11.97
C ASN M 20 -25.08 -28.31 -13.23
N ASN M 21 -25.15 -29.07 -14.31
CA ASN M 21 -25.88 -28.64 -15.50
C ASN M 21 -27.31 -29.17 -15.47
N ASP M 22 -28.02 -28.99 -14.36
CA ASP M 22 -29.34 -29.59 -14.27
C ASP M 22 -30.43 -28.54 -14.44
N THR M 23 -30.09 -27.26 -14.35
CA THR M 23 -31.05 -26.19 -14.52
C THR M 23 -31.25 -25.79 -15.97
N LEU M 24 -30.98 -26.67 -16.92
CA LEU M 24 -31.14 -26.37 -18.33
C LEU M 24 -32.44 -26.89 -18.90
N SER M 25 -33.36 -27.34 -18.06
CA SER M 25 -34.65 -27.83 -18.51
C SER M 25 -35.69 -26.72 -18.45
N GLY M 26 -36.86 -27.01 -19.01
CA GLY M 26 -38.01 -26.15 -18.81
C GLY M 26 -38.76 -26.44 -17.54
N ASP M 27 -38.34 -27.46 -16.80
CA ASP M 27 -38.98 -27.90 -15.57
C ASP M 27 -38.14 -27.60 -14.35
N VAL M 28 -37.15 -26.73 -14.46
CA VAL M 28 -36.28 -26.39 -13.35
C VAL M 28 -35.87 -24.93 -13.51
N TYR M 29 -35.89 -24.18 -12.43
CA TYR M 29 -35.45 -22.79 -12.46
C TYR M 29 -34.41 -22.56 -11.38
N THR M 30 -33.49 -21.63 -11.65
CA THR M 30 -32.54 -21.28 -10.61
C THR M 30 -33.20 -20.38 -9.58
N ALA M 31 -32.55 -20.24 -8.44
CA ALA M 31 -33.08 -19.41 -7.36
C ALA M 31 -32.93 -17.93 -7.62
N SER M 32 -32.31 -17.54 -8.73
CA SER M 32 -32.26 -16.14 -9.09
C SER M 32 -33.39 -15.73 -10.02
N GLU M 33 -33.93 -16.66 -10.78
CA GLU M 33 -34.98 -16.38 -11.76
C GLU M 33 -36.34 -16.82 -11.24
N ALA M 34 -36.59 -16.62 -9.95
CA ALA M 34 -37.89 -16.82 -9.36
C ALA M 34 -38.33 -15.54 -8.67
N LYS M 35 -39.65 -15.36 -8.59
CA LYS M 35 -40.24 -14.11 -8.09
C LYS M 35 -39.69 -12.91 -8.82
N GLN M 36 -39.56 -13.03 -10.14
CA GLN M 36 -39.26 -11.91 -11.01
C GLN M 36 -40.13 -12.01 -12.25
N VAL M 37 -40.46 -10.86 -12.82
CA VAL M 37 -41.43 -10.83 -13.90
C VAL M 37 -40.78 -11.22 -15.21
N GLN M 38 -41.43 -12.12 -15.94
CA GLN M 38 -40.99 -12.57 -17.25
C GLN M 38 -42.09 -12.29 -18.26
N ASN M 39 -41.74 -11.65 -19.37
CA ASN M 39 -42.71 -11.37 -20.41
C ASN M 39 -43.11 -12.66 -21.12
N VAL M 40 -44.27 -12.65 -21.74
CA VAL M 40 -44.81 -13.82 -22.41
C VAL M 40 -45.05 -13.47 -23.87
N SER M 41 -44.56 -14.33 -24.77
CA SER M 41 -44.84 -14.22 -26.18
C SER M 41 -45.27 -15.60 -26.66
N TYR M 42 -45.77 -15.68 -27.90
CA TYR M 42 -46.33 -16.91 -28.39
C TYR M 42 -45.63 -17.36 -29.66
N GLY M 43 -45.77 -18.64 -29.98
CA GLY M 43 -45.18 -19.07 -31.25
C GLY M 43 -45.59 -20.46 -31.66
N THR M 44 -45.30 -20.76 -32.93
CA THR M 44 -45.35 -22.09 -33.50
C THR M 44 -43.94 -22.65 -33.60
N ILE M 45 -43.83 -23.94 -33.91
CA ILE M 45 -42.58 -24.64 -33.75
C ILE M 45 -42.29 -25.50 -34.99
N VAL M 46 -41.04 -25.47 -35.44
CA VAL M 46 -40.54 -26.31 -36.52
C VAL M 46 -39.11 -26.75 -36.19
N ASN M 47 -38.63 -27.74 -36.94
CA ASN M 47 -37.25 -28.18 -36.95
C ASN M 47 -36.71 -28.39 -35.53
N VAL M 48 -37.26 -29.41 -34.88
CA VAL M 48 -36.69 -29.92 -33.63
C VAL M 48 -35.64 -30.97 -33.97
N ARG M 49 -34.47 -30.87 -33.36
CA ARG M 49 -33.48 -31.92 -33.59
C ARG M 49 -32.64 -32.14 -32.33
N PRO M 50 -32.15 -33.34 -32.11
CA PRO M 50 -31.41 -33.63 -30.89
C PRO M 50 -30.02 -33.00 -30.90
N VAL M 51 -29.58 -32.60 -29.71
CA VAL M 51 -28.29 -31.96 -29.54
C VAL M 51 -27.76 -32.41 -28.18
N GLN M 52 -26.44 -32.37 -28.03
CA GLN M 52 -25.79 -32.68 -26.77
C GLN M 52 -25.30 -31.40 -26.11
N ILE M 53 -25.48 -31.29 -24.81
CA ILE M 53 -25.10 -30.11 -24.06
C ILE M 53 -23.93 -30.48 -23.18
N GLN M 54 -22.85 -29.69 -23.26
CA GLN M 54 -21.65 -29.86 -22.47
C GLN M 54 -21.59 -28.72 -21.46
N GLY M 55 -21.59 -29.06 -20.18
CA GLY M 55 -21.72 -28.03 -19.17
C GLY M 55 -20.63 -28.05 -18.13
N GLY M 56 -20.04 -26.89 -17.87
CA GLY M 56 -19.02 -26.81 -16.85
C GLY M 56 -17.79 -26.04 -17.24
N ASP M 57 -16.64 -26.49 -16.73
CA ASP M 57 -15.39 -25.76 -16.85
C ASP M 57 -14.61 -26.22 -18.07
N ASP M 58 -13.65 -25.38 -18.46
CA ASP M 58 -12.76 -25.75 -19.54
C ASP M 58 -11.69 -26.72 -19.09
N SER M 59 -11.32 -26.68 -17.81
CA SER M 59 -10.15 -27.38 -17.30
C SER M 59 -10.45 -28.74 -16.70
N ASN M 60 -11.57 -28.89 -16.00
CA ASN M 60 -11.83 -30.08 -15.19
C ASN M 60 -10.73 -30.28 -14.16
N VAL M 61 -10.54 -29.25 -13.34
CA VAL M 61 -9.42 -29.20 -12.41
C VAL M 61 -9.82 -29.67 -11.02
N ILE M 62 -10.86 -30.47 -10.91
CA ILE M 62 -11.32 -31.03 -9.65
C ILE M 62 -11.22 -32.55 -9.65
N GLY M 63 -11.83 -33.18 -10.63
CA GLY M 63 -11.60 -34.60 -10.85
C GLY M 63 -10.23 -34.91 -11.38
N ALA M 64 -9.49 -33.88 -11.82
CA ALA M 64 -8.12 -34.09 -12.24
C ALA M 64 -7.21 -34.39 -11.06
N ILE M 65 -7.33 -33.61 -9.98
CA ILE M 65 -6.63 -33.95 -8.75
C ILE M 65 -7.22 -35.20 -8.12
N GLY M 66 -8.55 -35.28 -8.07
CA GLY M 66 -9.19 -36.41 -7.44
C GLY M 66 -8.78 -37.73 -8.07
N GLY M 67 -8.63 -37.74 -9.39
CA GLY M 67 -8.05 -38.91 -10.02
C GLY M 67 -6.56 -39.01 -9.82
N ALA M 68 -5.89 -37.89 -9.61
CA ALA M 68 -4.44 -37.91 -9.44
C ALA M 68 -4.04 -38.55 -8.12
N VAL M 69 -4.67 -38.13 -7.03
CA VAL M 69 -4.33 -38.71 -5.73
C VAL M 69 -4.65 -40.19 -5.71
N LEU M 70 -5.88 -40.54 -6.09
CA LEU M 70 -6.25 -41.95 -6.05
C LEU M 70 -5.42 -42.76 -7.01
N GLY M 71 -5.02 -42.19 -8.14
CA GLY M 71 -4.12 -42.91 -9.01
C GLY M 71 -2.72 -43.01 -8.47
N GLY M 72 -2.38 -42.18 -7.49
CA GLY M 72 -1.07 -42.22 -6.89
C GLY M 72 -0.95 -43.32 -5.87
N PHE M 73 -1.83 -43.32 -4.87
CA PHE M 73 -1.77 -44.32 -3.82
C PHE M 73 -1.88 -45.73 -4.38
N LEU M 74 -2.51 -45.88 -5.54
CA LEU M 74 -2.50 -47.16 -6.22
C LEU M 74 -1.13 -47.49 -6.80
N GLY M 75 -0.18 -46.59 -6.70
CA GLY M 75 1.16 -46.84 -7.17
C GLY M 75 2.07 -47.43 -6.10
N ASN M 76 1.91 -47.02 -4.85
CA ASN M 76 2.77 -47.56 -3.81
C ASN M 76 2.59 -49.05 -3.62
N THR M 77 1.62 -49.67 -4.26
CA THR M 77 1.22 -51.03 -3.92
C THR M 77 1.89 -52.06 -4.82
N VAL M 78 2.91 -51.65 -5.58
CA VAL M 78 3.64 -52.57 -6.44
C VAL M 78 5.13 -52.40 -6.19
N GLY M 79 5.89 -53.35 -6.71
CA GLY M 79 7.32 -53.24 -6.76
C GLY M 79 7.95 -53.15 -5.38
N GLY M 80 9.18 -52.66 -5.37
CA GLY M 80 9.88 -52.47 -4.12
C GLY M 80 11.08 -51.56 -4.29
N GLY M 81 11.21 -50.56 -3.42
CA GLY M 81 12.31 -49.63 -3.53
C GLY M 81 12.09 -48.61 -4.62
N THR M 82 13.12 -48.34 -5.42
CA THR M 82 13.01 -47.33 -6.46
C THR M 82 12.00 -47.75 -7.51
N GLY M 83 11.92 -49.04 -7.83
CA GLY M 83 10.90 -49.49 -8.75
C GLY M 83 9.49 -49.24 -8.25
N ARG M 84 9.31 -49.20 -6.93
CA ARG M 84 8.04 -48.73 -6.38
C ARG M 84 7.86 -47.25 -6.62
N SER M 85 8.87 -46.45 -6.23
CA SER M 85 8.77 -45.01 -6.35
C SER M 85 8.61 -44.56 -7.79
N LEU M 86 8.98 -45.39 -8.76
CA LEU M 86 8.62 -45.11 -10.14
C LEU M 86 7.11 -45.20 -10.34
N ALA M 87 6.53 -46.33 -9.93
CA ALA M 87 5.11 -46.57 -10.20
C ALA M 87 4.23 -45.63 -9.41
N THR M 88 4.66 -45.21 -8.22
CA THR M 88 3.85 -44.29 -7.45
C THR M 88 3.79 -42.91 -8.06
N ALA M 89 4.37 -42.72 -9.24
CA ALA M 89 4.16 -41.50 -10.00
C ALA M 89 3.52 -41.75 -11.36
N ALA M 90 3.88 -42.84 -12.05
CA ALA M 90 3.21 -43.17 -13.29
C ALA M 90 1.73 -43.39 -13.05
N GLY M 91 1.39 -43.99 -11.93
CA GLY M 91 -0.01 -44.11 -11.58
C GLY M 91 -0.67 -42.76 -11.38
N ALA M 92 0.08 -41.76 -10.92
CA ALA M 92 -0.51 -40.46 -10.62
C ALA M 92 -1.00 -39.78 -11.89
N VAL M 93 -0.13 -39.57 -12.87
CA VAL M 93 -0.55 -38.80 -14.04
C VAL M 93 -1.53 -39.59 -14.89
N ALA M 94 -1.34 -40.89 -15.03
CA ALA M 94 -2.37 -41.69 -15.67
C ALA M 94 -3.65 -41.65 -14.86
N GLY M 95 -3.53 -41.70 -13.54
CA GLY M 95 -4.68 -41.43 -12.69
C GLY M 95 -5.15 -40.00 -12.79
N GLY M 96 -4.22 -39.06 -12.91
CA GLY M 96 -4.60 -37.66 -13.06
C GLY M 96 -5.31 -37.38 -14.37
N VAL M 97 -4.79 -37.92 -15.48
CA VAL M 97 -5.40 -37.68 -16.78
C VAL M 97 -6.78 -38.34 -16.87
N ALA M 98 -6.88 -39.57 -16.40
CA ALA M 98 -8.17 -40.26 -16.48
C ALA M 98 -9.24 -39.55 -15.66
N GLY M 99 -8.83 -38.73 -14.70
CA GLY M 99 -9.82 -38.00 -13.92
C GLY M 99 -10.63 -37.05 -14.76
N GLN M 100 -9.97 -36.26 -15.60
CA GLN M 100 -10.69 -35.37 -16.50
C GLN M 100 -11.55 -36.16 -17.47
N GLY M 101 -11.01 -37.27 -17.98
CA GLY M 101 -11.71 -38.00 -19.02
C GLY M 101 -13.04 -38.57 -18.59
N VAL M 102 -13.25 -38.73 -17.28
CA VAL M 102 -14.51 -39.28 -16.81
C VAL M 102 -15.43 -38.16 -16.34
N GLN M 103 -14.85 -37.12 -15.73
CA GLN M 103 -15.68 -36.01 -15.26
C GLN M 103 -16.37 -35.33 -16.43
N SER M 104 -15.65 -35.10 -17.52
CA SER M 104 -16.25 -34.55 -18.72
C SER M 104 -17.17 -35.52 -19.41
N ALA M 105 -17.26 -36.76 -18.94
CA ALA M 105 -18.24 -37.68 -19.50
C ALA M 105 -19.51 -37.75 -18.68
N MET M 106 -19.56 -37.08 -17.53
CA MET M 106 -20.81 -36.95 -16.78
C MET M 106 -21.34 -35.52 -16.80
N ASN M 107 -20.90 -34.71 -17.76
CA ASN M 107 -21.51 -33.43 -18.03
C ASN M 107 -22.23 -33.40 -19.37
N LYS M 108 -22.11 -34.46 -20.15
CA LYS M 108 -22.90 -34.60 -21.36
C LYS M 108 -24.37 -34.79 -20.99
N THR M 109 -25.25 -34.02 -21.62
CA THR M 109 -26.67 -34.14 -21.36
C THR M 109 -27.45 -34.04 -22.65
N GLN M 110 -28.43 -34.92 -22.84
CA GLN M 110 -29.26 -34.81 -24.03
C GLN M 110 -30.03 -33.50 -24.03
N GLY M 111 -30.50 -33.09 -25.20
CA GLY M 111 -31.28 -31.88 -25.28
C GLY M 111 -31.81 -31.69 -26.68
N VAL M 112 -32.55 -30.60 -26.87
CA VAL M 112 -33.22 -30.37 -28.13
C VAL M 112 -32.93 -28.96 -28.65
N GLU M 113 -33.04 -28.83 -29.97
CA GLU M 113 -32.92 -27.60 -30.74
C GLU M 113 -34.26 -27.30 -31.39
N LEU M 114 -34.77 -26.09 -31.18
CA LEU M 114 -36.11 -25.72 -31.60
C LEU M 114 -36.08 -24.45 -32.43
N GLU M 115 -36.75 -24.48 -33.60
CA GLU M 115 -36.93 -23.32 -34.48
C GLU M 115 -38.35 -22.81 -34.29
N ILE M 116 -38.52 -21.80 -33.46
CA ILE M 116 -39.84 -21.28 -33.15
C ILE M 116 -40.10 -20.02 -33.98
N ARG M 117 -41.27 -19.97 -34.60
CA ARG M 117 -41.79 -18.78 -35.23
C ARG M 117 -42.64 -18.02 -34.23
N LYS M 118 -42.21 -16.83 -33.84
CA LYS M 118 -43.07 -15.98 -33.05
C LYS M 118 -44.18 -15.42 -33.92
N ASP M 119 -45.37 -15.28 -33.34
CA ASP M 119 -46.47 -14.68 -34.09
C ASP M 119 -46.21 -13.22 -34.43
N ASP M 120 -45.21 -12.61 -33.81
CA ASP M 120 -44.71 -11.32 -34.29
C ASP M 120 -44.40 -11.40 -35.77
N GLY M 121 -43.85 -12.53 -36.20
CA GLY M 121 -43.43 -12.77 -37.56
C GLY M 121 -41.93 -12.64 -37.63
N ASN M 122 -41.26 -13.77 -37.42
CA ASN M 122 -39.82 -13.91 -37.28
C ASN M 122 -39.52 -15.39 -37.19
N THR M 123 -38.29 -15.74 -36.90
CA THR M 123 -37.97 -17.06 -36.40
C THR M 123 -36.75 -16.92 -35.52
N ILE M 124 -36.70 -17.71 -34.44
CA ILE M 124 -35.51 -17.83 -33.62
C ILE M 124 -35.34 -19.30 -33.26
N MET M 125 -34.18 -19.64 -32.73
CA MET M 125 -33.96 -21.00 -32.26
C MET M 125 -33.36 -20.97 -30.87
N VAL M 126 -33.69 -22.00 -30.10
CA VAL M 126 -33.19 -22.13 -28.74
C VAL M 126 -33.05 -23.60 -28.42
N VAL M 127 -32.09 -23.91 -27.54
CA VAL M 127 -31.82 -25.28 -27.14
C VAL M 127 -32.03 -25.44 -25.65
N GLN M 128 -32.37 -26.66 -25.26
CA GLN M 128 -32.75 -26.92 -23.88
C GLN M 128 -32.38 -28.35 -23.52
N LYS M 129 -32.26 -28.60 -22.23
CA LYS M 129 -32.07 -29.96 -21.76
C LYS M 129 -33.35 -30.75 -21.97
N GLN M 130 -33.23 -31.95 -22.52
CA GLN M 130 -34.40 -32.77 -22.72
C GLN M 130 -35.08 -33.04 -21.40
N GLY M 131 -36.38 -32.76 -21.34
CA GLY M 131 -37.12 -32.96 -20.12
C GLY M 131 -38.06 -34.14 -20.23
N ASN M 132 -39.28 -33.98 -19.73
CA ASN M 132 -40.27 -35.04 -19.80
C ASN M 132 -41.27 -34.82 -20.92
N THR M 133 -41.61 -33.57 -21.20
CA THR M 133 -42.45 -33.28 -22.35
C THR M 133 -41.69 -33.57 -23.64
N ARG M 134 -42.45 -33.83 -24.69
CA ARG M 134 -41.90 -34.15 -26.01
C ARG M 134 -42.35 -33.08 -26.98
N PHE M 135 -41.41 -32.27 -27.44
CA PHE M 135 -41.74 -31.29 -28.47
C PHE M 135 -41.90 -31.98 -29.81
N SER M 136 -42.65 -31.33 -30.70
CA SER M 136 -42.95 -31.88 -32.01
C SER M 136 -42.86 -30.77 -33.05
N PRO M 137 -42.66 -31.13 -34.31
CA PRO M 137 -42.67 -30.13 -35.39
C PRO M 137 -44.06 -29.66 -35.76
N GLY M 138 -44.54 -28.62 -35.10
CA GLY M 138 -45.89 -28.12 -35.30
C GLY M 138 -46.72 -28.23 -34.04
N GLN M 139 -46.84 -27.11 -33.34
CA GLN M 139 -47.36 -27.05 -31.98
C GLN M 139 -47.35 -25.58 -31.58
N ARG M 140 -47.92 -25.28 -30.42
CA ARG M 140 -47.96 -23.94 -29.89
C ARG M 140 -47.16 -23.88 -28.61
N VAL M 141 -46.29 -22.88 -28.49
CA VAL M 141 -45.43 -22.76 -27.32
C VAL M 141 -45.46 -21.34 -26.81
N VAL M 142 -45.28 -21.22 -25.50
CA VAL M 142 -45.42 -19.94 -24.80
C VAL M 142 -44.06 -19.46 -24.33
N LEU M 143 -43.38 -18.73 -25.19
CA LEU M 143 -42.03 -18.29 -24.92
C LEU M 143 -42.02 -17.37 -23.71
N ALA M 144 -41.34 -17.78 -22.65
CA ALA M 144 -41.15 -16.95 -21.48
C ALA M 144 -39.81 -16.26 -21.57
N SER M 145 -39.81 -14.94 -21.38
CA SER M 145 -38.64 -14.12 -21.61
C SER M 145 -38.28 -13.31 -20.37
N ASN M 146 -37.00 -12.98 -20.30
CA ASN M 146 -36.43 -12.24 -19.18
C ASN M 146 -35.30 -11.40 -19.75
N GLY M 147 -34.36 -10.97 -18.92
CA GLY M 147 -33.22 -10.24 -19.46
C GLY M 147 -32.37 -11.12 -20.33
N SER M 148 -32.86 -11.37 -21.55
CA SER M 148 -32.19 -12.21 -22.56
C SER M 148 -32.09 -13.67 -22.14
N GLN M 149 -33.02 -14.12 -21.32
CA GLN M 149 -33.14 -15.52 -20.96
C GLN M 149 -34.52 -15.99 -21.38
N VAL M 150 -34.61 -17.18 -21.96
CA VAL M 150 -35.86 -17.66 -22.51
C VAL M 150 -36.06 -19.12 -22.19
N THR M 151 -37.29 -19.49 -21.85
CA THR M 151 -37.70 -20.88 -21.78
C THR M 151 -38.93 -21.09 -22.63
N VAL M 152 -39.20 -22.34 -22.98
CA VAL M 152 -40.25 -22.68 -23.93
C VAL M 152 -41.12 -23.77 -23.31
N SER M 153 -42.19 -23.38 -22.66
CA SER M 153 -43.10 -24.37 -22.12
C SER M 153 -44.07 -24.84 -23.22
N PRO M 154 -44.38 -26.12 -23.25
CA PRO M 154 -45.28 -26.63 -24.29
C PRO M 154 -46.75 -26.57 -23.92
N ARG M 155 -47.55 -25.86 -24.72
CA ARG M 155 -49.01 -25.88 -24.63
C ARG M 155 -49.62 -24.91 -25.63
N SER N 269 -5.93 16.62 -39.23
CA SER N 269 -6.31 17.39 -40.42
C SER N 269 -5.55 18.71 -40.46
N GLY N 270 -5.85 19.60 -39.53
CA GLY N 270 -5.27 20.93 -39.52
C GLY N 270 -5.48 21.57 -38.17
N VAL N 271 -5.05 22.84 -38.07
CA VAL N 271 -5.05 23.56 -36.82
C VAL N 271 -5.45 25.00 -37.11
N GLU N 272 -5.44 25.84 -36.07
CA GLU N 272 -5.61 27.28 -36.10
C GLU N 272 -5.10 27.83 -34.78
N VAL N 273 -4.51 29.03 -34.79
CA VAL N 273 -4.14 29.72 -33.55
C VAL N 273 -4.88 31.05 -33.47
N SER N 274 -5.59 31.25 -32.36
CA SER N 274 -6.39 32.46 -32.13
C SER N 274 -6.13 32.91 -30.70
N GLY N 275 -5.12 33.76 -30.52
CA GLY N 275 -4.70 34.19 -29.21
C GLY N 275 -3.20 34.38 -29.12
N ASN N 276 -2.71 34.86 -27.98
CA ASN N 276 -1.33 35.26 -27.80
C ASN N 276 -0.56 34.19 -27.03
N LEU N 277 0.35 33.52 -27.73
CA LEU N 277 1.13 32.41 -27.12
C LEU N 277 2.49 32.89 -26.60
N ALA N 278 2.82 34.17 -26.81
CA ALA N 278 4.08 34.75 -26.34
C ALA N 278 5.29 33.96 -26.82
N GLY N 279 5.21 33.37 -28.01
CA GLY N 279 6.29 32.56 -28.54
C GLY N 279 6.10 31.05 -28.59
N HIS N 280 4.93 30.59 -29.04
CA HIS N 280 4.74 29.22 -29.52
C HIS N 280 3.86 29.19 -30.77
N SER N 281 3.84 30.29 -31.53
CA SER N 281 2.87 30.44 -32.61
C SER N 281 3.17 29.49 -33.77
N ALA N 282 4.44 29.28 -34.07
CA ALA N 282 4.81 28.43 -35.21
C ALA N 282 5.01 26.97 -34.83
N GLU N 283 5.37 26.68 -33.56
CA GLU N 283 5.70 25.34 -33.09
C GLU N 283 4.48 24.47 -32.88
N ILE N 284 3.34 24.82 -33.49
CA ILE N 284 2.11 24.08 -33.27
C ILE N 284 2.19 22.70 -33.93
N GLU N 285 2.68 22.66 -35.17
CA GLU N 285 2.88 21.47 -35.97
C GLU N 285 4.07 20.60 -35.48
N GLN N 286 4.73 20.92 -34.37
CA GLN N 286 5.88 20.19 -33.84
C GLN N 286 5.68 19.68 -32.42
N LEU N 287 5.12 20.50 -31.54
CA LEU N 287 4.72 20.08 -30.20
C LEU N 287 3.33 19.48 -30.17
N THR N 288 2.47 19.83 -31.12
CA THR N 288 1.05 19.49 -31.07
C THR N 288 0.56 18.99 -32.42
N LYS N 289 1.30 18.09 -33.05
CA LYS N 289 1.00 17.70 -34.42
C LYS N 289 0.34 16.33 -34.50
N ILE N 290 -0.42 16.13 -35.59
CA ILE N 290 -0.96 14.83 -36.00
C ILE N 290 -0.77 14.69 -37.50
N GLU N 291 -1.26 13.59 -38.05
CA GLU N 291 -1.18 13.34 -39.48
C GLU N 291 -2.53 13.60 -40.14
N PRO N 292 -2.58 14.39 -41.21
CA PRO N 292 -3.86 14.66 -41.87
C PRO N 292 -4.55 13.39 -42.36
N GLY N 293 -5.88 13.43 -42.32
CA GLY N 293 -6.72 12.29 -42.63
C GLY N 293 -7.19 11.52 -41.41
N GLU N 294 -6.51 11.68 -40.28
CA GLU N 294 -6.91 11.00 -39.06
C GLU N 294 -8.26 11.53 -38.59
N LEU N 295 -9.18 10.62 -38.27
CA LEU N 295 -10.54 11.04 -38.02
C LEU N 295 -10.64 11.82 -36.71
N TYR N 296 -11.84 12.34 -36.44
CA TYR N 296 -12.10 13.13 -35.24
C TYR N 296 -11.80 12.30 -33.99
N ASN N 297 -10.77 12.69 -33.26
CA ASN N 297 -10.37 12.01 -32.03
C ASN N 297 -10.56 12.94 -30.83
N GLY N 298 -11.01 12.37 -29.72
CA GLY N 298 -11.08 13.08 -28.47
C GLY N 298 -9.81 13.05 -27.65
N THR N 299 -8.81 12.30 -28.10
CA THR N 299 -7.53 12.17 -27.42
C THR N 299 -6.37 12.70 -28.24
N LYS N 300 -6.24 12.30 -29.51
CA LYS N 300 -5.17 12.78 -30.36
C LYS N 300 -5.49 14.11 -31.02
N VAL N 301 -6.67 14.67 -30.78
CA VAL N 301 -6.95 16.06 -31.10
C VAL N 301 -6.99 16.94 -29.84
N THR N 302 -7.37 16.38 -28.70
CA THR N 302 -7.27 17.12 -27.44
C THR N 302 -5.82 17.25 -26.98
N LYS N 303 -4.97 16.27 -27.28
CA LYS N 303 -3.56 16.42 -26.93
C LYS N 303 -2.93 17.59 -27.66
N MET N 304 -3.45 17.92 -28.85
CA MET N 304 -2.99 19.11 -29.55
C MET N 304 -3.27 20.36 -28.72
N GLU N 305 -4.39 20.35 -27.99
CA GLU N 305 -4.65 21.39 -26.99
C GLU N 305 -3.66 21.28 -25.83
N ASP N 306 -3.33 20.05 -25.43
CA ASP N 306 -2.70 19.79 -24.15
C ASP N 306 -1.21 19.44 -24.24
N ASP N 307 -0.51 19.90 -25.26
CA ASP N 307 0.94 20.02 -25.16
C ASP N 307 1.41 21.44 -24.90
N ILE N 308 0.53 22.43 -25.07
CA ILE N 308 0.81 23.81 -24.67
C ILE N 308 -0.02 24.23 -23.46
N LYS N 309 -0.89 23.36 -22.94
CA LYS N 309 -1.64 23.71 -21.74
C LYS N 309 -0.81 23.64 -20.47
N LYS N 310 0.28 22.88 -20.45
CA LYS N 310 1.11 22.77 -19.27
C LYS N 310 2.43 23.50 -19.40
N LEU N 311 2.95 23.62 -20.62
CA LEU N 311 4.26 24.21 -20.83
C LEU N 311 4.33 25.65 -20.34
N LEU N 312 3.23 26.39 -20.48
CA LEU N 312 3.35 27.84 -20.48
C LEU N 312 3.68 28.40 -19.10
N GLY N 313 3.63 27.58 -18.06
CA GLY N 313 4.19 27.93 -16.76
C GLY N 313 5.70 27.90 -16.72
N ARG N 314 6.35 27.50 -17.81
CA ARG N 314 7.79 27.65 -17.98
C ARG N 314 8.16 29.01 -18.56
N TYR N 315 7.20 29.72 -19.16
CA TYR N 315 7.33 31.13 -19.50
C TYR N 315 6.89 32.06 -18.37
N GLY N 316 6.93 31.59 -17.13
CA GLY N 316 6.50 32.40 -16.02
C GLY N 316 5.02 32.71 -16.06
N TYR N 317 4.34 32.26 -17.10
CA TYR N 317 2.92 32.53 -17.26
C TYR N 317 2.11 31.67 -16.29
N ALA N 318 1.27 32.34 -15.50
CA ALA N 318 0.60 31.64 -14.40
C ALA N 318 -0.50 30.72 -14.89
N TYR N 319 -1.35 31.18 -15.81
CA TYR N 319 -2.54 30.43 -16.21
C TYR N 319 -2.53 30.13 -17.71
N PRO N 320 -2.02 28.97 -18.12
CA PRO N 320 -2.06 28.57 -19.53
C PRO N 320 -3.39 27.94 -19.92
N ARG N 321 -4.17 28.68 -20.71
CA ARG N 321 -5.50 28.26 -21.13
C ARG N 321 -5.47 27.89 -22.60
N VAL N 322 -5.79 26.64 -22.91
CA VAL N 322 -5.89 26.15 -24.28
C VAL N 322 -7.22 25.40 -24.43
N GLN N 323 -8.05 25.87 -25.35
CA GLN N 323 -9.38 25.30 -25.57
C GLN N 323 -9.72 25.44 -27.05
N SER N 324 -10.03 24.33 -27.70
CA SER N 324 -10.20 24.30 -29.16
C SER N 324 -11.53 23.64 -29.52
N MET N 325 -12.36 24.36 -30.24
CA MET N 325 -13.69 23.91 -30.64
C MET N 325 -13.78 23.91 -32.17
N PRO N 326 -13.57 22.79 -32.81
CA PRO N 326 -13.61 22.74 -34.28
C PRO N 326 -14.93 23.18 -34.90
N GLU N 327 -14.97 23.21 -36.23
CA GLU N 327 -16.20 23.20 -37.00
C GLU N 327 -16.37 21.79 -37.56
N ILE N 328 -17.19 20.98 -36.89
CA ILE N 328 -17.34 19.58 -37.28
C ILE N 328 -18.08 19.53 -38.61
N ASN N 329 -17.35 19.27 -39.68
CA ASN N 329 -17.92 19.25 -41.02
C ASN N 329 -18.09 17.80 -41.46
N ASP N 330 -19.31 17.45 -41.90
CA ASP N 330 -19.67 16.07 -42.22
C ASP N 330 -19.70 15.76 -43.70
N ALA N 331 -19.90 16.76 -44.57
CA ALA N 331 -20.23 16.50 -45.97
C ALA N 331 -19.13 15.71 -46.68
N ASP N 332 -17.89 16.19 -46.64
CA ASP N 332 -16.74 15.47 -47.18
C ASP N 332 -15.67 15.27 -46.11
N LYS N 333 -16.01 15.56 -44.87
CA LYS N 333 -15.32 15.04 -43.69
C LYS N 333 -13.89 15.61 -43.56
N THR N 334 -13.83 16.91 -43.31
CA THR N 334 -12.67 17.56 -42.71
C THR N 334 -13.11 18.28 -41.45
N VAL N 335 -12.29 18.20 -40.41
CA VAL N 335 -12.53 18.87 -39.13
C VAL N 335 -11.54 20.01 -39.02
N LYS N 336 -12.05 21.25 -39.04
CA LYS N 336 -11.18 22.42 -38.99
C LYS N 336 -11.02 22.86 -37.55
N LEU N 337 -9.90 22.51 -36.94
CA LEU N 337 -9.63 22.84 -35.55
C LEU N 337 -9.36 24.33 -35.42
N ARG N 338 -9.72 24.88 -34.26
CA ARG N 338 -9.55 26.30 -33.97
C ARG N 338 -9.04 26.40 -32.54
N VAL N 339 -7.75 26.60 -32.36
CA VAL N 339 -7.10 26.51 -31.06
C VAL N 339 -6.96 27.92 -30.50
N ASN N 340 -7.91 28.31 -29.65
CA ASN N 340 -7.84 29.59 -28.94
C ASN N 340 -6.92 29.42 -27.75
N VAL N 341 -5.65 29.80 -27.91
CA VAL N 341 -4.73 29.80 -26.78
C VAL N 341 -4.46 31.25 -26.44
N ASP N 342 -4.84 31.64 -25.23
CA ASP N 342 -4.47 32.93 -24.67
C ASP N 342 -3.53 32.64 -23.51
N ALA N 343 -2.43 33.36 -23.46
CA ALA N 343 -1.43 33.09 -22.43
C ALA N 343 -1.82 33.73 -21.09
N GLY N 344 -1.23 33.20 -20.03
CA GLY N 344 -1.51 33.70 -18.70
C GLY N 344 -0.70 34.96 -18.43
N ASN N 345 -0.05 35.05 -17.28
CA ASN N 345 0.82 36.18 -16.98
C ASN N 345 1.80 35.75 -15.89
N ARG N 346 2.66 36.69 -15.49
CA ARG N 346 3.83 36.38 -14.65
C ARG N 346 3.53 36.70 -13.19
N PHE N 347 3.11 35.70 -12.43
CA PHE N 347 2.75 35.84 -11.02
C PHE N 347 3.63 34.90 -10.19
N TYR N 348 3.76 35.21 -8.90
CA TYR N 348 4.94 34.79 -8.14
C TYR N 348 4.55 33.98 -6.90
N VAL N 349 5.57 33.56 -6.13
CA VAL N 349 5.41 32.66 -4.98
C VAL N 349 5.81 33.41 -3.72
N ARG N 350 4.83 33.90 -2.96
CA ARG N 350 5.11 34.64 -1.74
C ARG N 350 5.06 33.74 -0.49
N LYS N 351 3.92 33.14 -0.20
CA LYS N 351 3.72 32.42 1.05
C LYS N 351 2.96 31.11 0.80
N ILE N 352 3.35 30.08 1.56
CA ILE N 352 2.70 28.76 1.54
C ILE N 352 2.13 28.53 2.93
N ARG N 353 0.83 28.31 3.00
CA ARG N 353 0.10 28.45 4.27
C ARG N 353 -0.78 27.24 4.54
N PHE N 354 -0.55 26.59 5.68
CA PHE N 354 -1.28 25.40 6.11
C PHE N 354 -1.98 25.70 7.43
N GLU N 355 -3.25 25.30 7.54
CA GLU N 355 -4.06 25.64 8.70
C GLU N 355 -4.65 24.38 9.32
N GLY N 356 -4.82 24.43 10.65
CA GLY N 356 -5.41 23.36 11.41
C GLY N 356 -4.44 22.28 11.84
N ASN N 357 -3.29 22.16 11.17
CA ASN N 357 -2.33 21.10 11.40
C ASN N 357 -1.16 21.62 12.21
N ASP N 358 -0.92 21.04 13.37
CA ASP N 358 0.17 21.46 14.22
C ASP N 358 1.44 20.64 14.01
N THR N 359 1.39 19.62 13.17
CA THR N 359 2.53 18.73 12.94
C THR N 359 3.12 18.81 11.55
N SER N 360 2.30 19.01 10.52
CA SER N 360 2.78 19.05 9.16
C SER N 360 3.58 20.31 8.91
N LYS N 361 4.64 20.19 8.12
CA LYS N 361 5.61 21.25 7.96
C LYS N 361 5.42 21.96 6.62
N ASP N 362 5.83 23.22 6.59
CA ASP N 362 5.91 23.96 5.34
C ASP N 362 7.16 23.62 4.55
N ALA N 363 7.98 22.69 5.03
CA ALA N 363 9.23 22.31 4.38
C ALA N 363 9.07 21.08 3.48
N VAL N 364 8.65 19.95 4.06
CA VAL N 364 8.40 18.75 3.27
C VAL N 364 7.19 18.96 2.38
N LEU N 365 6.18 19.67 2.86
CA LEU N 365 5.04 19.99 2.03
C LEU N 365 5.34 21.11 1.05
N ARG N 366 6.61 21.46 0.88
CA ARG N 366 7.07 22.21 -0.27
C ARG N 366 7.74 21.34 -1.31
N ARG N 367 8.57 20.38 -0.86
CA ARG N 367 9.24 19.49 -1.81
C ARG N 367 8.24 18.60 -2.52
N GLU N 368 7.23 18.12 -1.82
CA GLU N 368 6.23 17.29 -2.49
C GLU N 368 5.29 18.09 -3.38
N MET N 369 5.59 19.37 -3.56
CA MET N 369 4.99 20.21 -4.59
C MET N 369 6.12 20.68 -5.50
N ARG N 370 5.78 21.26 -6.66
CA ARG N 370 6.76 21.54 -7.69
C ARG N 370 6.76 23.01 -8.08
N GLN N 371 6.88 23.90 -7.09
CA GLN N 371 7.30 25.29 -7.35
C GLN N 371 7.80 25.87 -6.03
N MET N 372 9.10 26.15 -5.96
CA MET N 372 9.77 26.50 -4.71
C MET N 372 9.40 27.93 -4.32
N GLU N 373 9.77 28.33 -3.11
CA GLU N 373 9.35 29.62 -2.59
C GLU N 373 10.23 30.73 -3.15
N GLY N 374 9.60 31.79 -3.64
CA GLY N 374 10.31 32.79 -4.42
C GLY N 374 10.56 32.39 -5.86
N ALA N 375 9.49 32.26 -6.65
CA ALA N 375 9.62 31.85 -8.04
C ALA N 375 8.40 32.31 -8.82
N TRP N 376 8.53 32.30 -10.15
CA TRP N 376 7.40 32.51 -11.03
C TRP N 376 6.36 31.42 -10.81
N LEU N 377 5.09 31.81 -10.66
CA LEU N 377 4.08 30.91 -10.14
C LEU N 377 2.93 30.77 -11.13
N GLY N 378 2.38 29.56 -11.20
CA GLY N 378 1.21 29.30 -12.00
C GLY N 378 0.34 28.21 -11.43
N SER N 379 -0.98 28.33 -11.59
CA SER N 379 -1.88 27.29 -11.10
C SER N 379 -1.65 25.98 -11.83
N ASP N 380 -1.47 26.05 -13.15
CA ASP N 380 -1.42 24.84 -13.97
C ASP N 380 -0.08 24.11 -13.81
N LEU N 381 1.01 24.82 -13.52
CA LEU N 381 2.27 24.16 -13.23
C LEU N 381 2.60 24.09 -11.74
N VAL N 382 1.60 24.31 -10.88
CA VAL N 382 1.63 23.77 -9.53
C VAL N 382 0.69 22.56 -9.43
N ASP N 383 -0.02 22.24 -10.51
CA ASP N 383 -0.85 21.05 -10.56
C ASP N 383 -0.01 19.78 -10.49
N GLN N 384 1.30 19.90 -10.64
CA GLN N 384 2.24 18.82 -10.41
C GLN N 384 2.64 18.69 -8.95
N GLY N 385 2.01 19.46 -8.05
CA GLY N 385 2.43 19.41 -6.67
C GLY N 385 1.40 19.03 -5.61
N LYS N 386 0.13 19.37 -5.82
CA LYS N 386 -0.84 19.34 -4.73
C LYS N 386 -1.13 17.92 -4.25
N GLU N 387 -1.18 16.95 -5.17
CA GLU N 387 -1.75 15.65 -4.85
C GLU N 387 -0.81 14.80 -3.98
N ARG N 388 0.48 14.79 -4.30
CA ARG N 388 1.40 13.89 -3.61
C ARG N 388 1.55 14.19 -2.13
N LEU N 389 1.09 15.36 -1.69
CA LEU N 389 1.21 15.72 -0.28
C LEU N 389 0.43 14.78 0.63
N ASN N 390 -0.60 14.12 0.09
CA ASN N 390 -1.46 13.23 0.86
C ASN N 390 -0.83 11.88 1.13
N ARG N 391 0.16 11.49 0.36
CA ARG N 391 0.84 10.22 0.58
C ARG N 391 1.68 10.20 1.85
N LEU N 392 1.54 11.24 2.67
CA LEU N 392 2.12 11.21 4.00
C LEU N 392 1.46 10.14 4.85
N GLY N 393 0.18 9.88 4.61
CA GLY N 393 -0.55 8.89 5.37
C GLY N 393 -1.22 9.39 6.61
N PHE N 394 -1.46 10.69 6.72
CA PHE N 394 -2.08 11.25 7.92
C PHE N 394 -3.16 12.27 7.64
N PHE N 395 -3.28 12.77 6.41
CA PHE N 395 -4.40 13.64 6.07
C PHE N 395 -5.59 12.81 5.59
N GLU N 396 -6.78 13.37 5.78
CA GLU N 396 -7.97 12.87 5.09
C GLU N 396 -8.14 13.49 3.72
N THR N 397 -7.87 14.79 3.60
CA THR N 397 -7.89 15.48 2.32
C THR N 397 -6.68 16.40 2.25
N VAL N 398 -6.24 16.70 1.03
CA VAL N 398 -5.19 17.67 0.79
C VAL N 398 -5.73 18.71 -0.18
N ASP N 399 -5.98 19.91 0.33
CA ASP N 399 -6.76 20.94 -0.35
C ASP N 399 -5.82 21.97 -0.94
N THR N 400 -6.30 22.68 -1.97
CA THR N 400 -5.52 23.77 -2.54
C THR N 400 -6.38 24.97 -2.91
N GLN N 403 -3.02 31.87 -4.50
CA GLN N 403 -3.65 33.15 -4.17
C GLN N 403 -2.80 34.33 -4.61
N ARG N 404 -3.37 35.23 -5.39
CA ARG N 404 -2.84 36.58 -5.47
C ARG N 404 -2.73 37.16 -4.07
N VAL N 405 -1.76 38.04 -3.86
CA VAL N 405 -1.64 38.65 -2.53
C VAL N 405 -2.94 39.37 -2.20
N PRO N 406 -3.51 39.18 -1.00
CA PRO N 406 -4.82 39.76 -0.68
C PRO N 406 -4.90 41.25 -0.92
N GLY N 407 -5.70 41.66 -1.91
CA GLY N 407 -5.79 43.07 -2.23
C GLY N 407 -4.48 43.68 -2.70
N SER N 408 -3.72 42.95 -3.52
CA SER N 408 -2.56 43.48 -4.23
C SER N 408 -2.30 42.63 -5.47
N PRO N 409 -2.38 43.22 -6.65
CA PRO N 409 -2.50 42.43 -7.88
C PRO N 409 -1.24 41.89 -8.55
N ASP N 410 -0.07 41.88 -7.89
CA ASP N 410 1.11 41.32 -8.55
C ASP N 410 1.64 40.06 -7.88
N GLN N 411 1.99 40.09 -6.59
CA GLN N 411 2.55 38.89 -5.99
C GLN N 411 1.44 37.94 -5.51
N VAL N 412 1.83 36.68 -5.34
CA VAL N 412 0.88 35.57 -5.33
C VAL N 412 1.40 34.49 -4.39
N ASP N 413 0.46 33.71 -3.82
CA ASP N 413 0.73 32.62 -2.90
C ASP N 413 0.34 31.29 -3.53
N VAL N 414 0.76 30.21 -2.89
CA VAL N 414 0.15 28.89 -3.06
C VAL N 414 -0.24 28.39 -1.68
N VAL N 415 -1.51 28.04 -1.51
CA VAL N 415 -2.08 27.74 -0.21
C VAL N 415 -2.63 26.31 -0.20
N TYR N 416 -2.71 25.73 0.99
CA TYR N 416 -3.34 24.42 1.16
C TYR N 416 -4.13 24.39 2.47
N LYS N 417 -5.03 23.42 2.56
CA LYS N 417 -5.82 23.18 3.77
C LYS N 417 -5.86 21.69 4.05
N VAL N 418 -6.01 21.34 5.32
CA VAL N 418 -6.01 19.95 5.77
C VAL N 418 -7.15 19.70 6.73
N LYS N 419 -7.78 18.53 6.60
CA LYS N 419 -8.73 18.01 7.57
C LYS N 419 -8.13 16.79 8.24
N GLU N 420 -8.11 16.80 9.57
CA GLU N 420 -7.36 15.80 10.33
C GLU N 420 -8.11 15.34 11.57
N GLY N 424 -5.69 7.96 19.96
CA GLY N 424 -5.03 6.69 20.23
C GLY N 424 -6.01 5.54 20.34
N SER N 425 -6.07 4.72 19.29
CA SER N 425 -7.03 3.62 19.21
C SER N 425 -6.38 2.34 19.71
N PHE N 426 -7.05 1.67 20.64
CA PHE N 426 -6.60 0.37 21.11
C PHE N 426 -6.61 -0.62 19.95
N ASN N 427 -5.95 -1.75 20.16
CA ASN N 427 -6.13 -2.90 19.29
C ASN N 427 -5.90 -4.14 20.11
N PHE N 428 -6.69 -5.17 19.82
CA PHE N 428 -6.68 -6.42 20.57
C PHE N 428 -6.49 -7.57 19.60
N GLY N 429 -5.51 -8.41 19.89
CA GLY N 429 -5.26 -9.58 19.06
C GLY N 429 -5.41 -10.87 19.84
N ILE N 430 -6.18 -11.80 19.29
CA ILE N 430 -6.34 -13.13 19.88
C ILE N 430 -6.18 -14.15 18.76
N GLY N 431 -5.26 -15.07 18.93
CA GLY N 431 -5.03 -16.04 17.88
C GLY N 431 -5.12 -17.47 18.33
N TYR N 432 -4.58 -18.37 17.50
CA TYR N 432 -4.51 -19.77 17.88
C TYR N 432 -3.50 -20.40 16.91
N GLY N 433 -2.92 -21.53 17.29
CA GLY N 433 -1.87 -22.02 16.43
C GLY N 433 -1.35 -23.39 16.82
N THR N 434 -0.26 -23.78 16.14
CA THR N 434 0.47 -25.02 16.34
C THR N 434 1.81 -24.81 17.03
N GLU N 435 2.50 -23.72 16.70
CA GLU N 435 3.81 -23.48 17.27
C GLU N 435 3.71 -23.05 18.73
N SER N 436 2.76 -22.18 19.05
CA SER N 436 2.52 -21.84 20.44
C SER N 436 1.03 -21.82 20.78
N GLY N 437 0.18 -22.35 19.91
CA GLY N 437 -1.24 -22.40 20.23
C GLY N 437 -1.80 -21.01 20.43
N VAL N 438 -2.36 -20.77 21.61
CA VAL N 438 -3.05 -19.52 21.87
C VAL N 438 -2.04 -18.37 21.82
N SER N 439 -2.52 -17.18 21.48
CA SER N 439 -1.63 -16.05 21.25
C SER N 439 -2.44 -14.75 21.32
N PHE N 440 -2.07 -13.86 22.24
CA PHE N 440 -2.75 -12.60 22.47
C PHE N 440 -1.91 -11.42 22.02
N GLN N 441 -2.55 -10.39 21.49
CA GLN N 441 -1.96 -9.07 21.30
C GLN N 441 -2.87 -8.01 21.89
N ALA N 442 -2.28 -6.97 22.48
CA ALA N 442 -3.07 -5.83 22.95
C ALA N 442 -2.15 -4.65 23.20
N GLY N 443 -2.39 -3.54 22.53
CA GLY N 443 -1.53 -2.38 22.67
C GLY N 443 -2.16 -1.15 22.06
N VAL N 444 -1.71 0.01 22.52
CA VAL N 444 -2.29 1.30 22.15
C VAL N 444 -1.32 2.03 21.24
N GLN N 445 -1.84 2.51 20.12
CA GLN N 445 -1.03 3.20 19.12
C GLN N 445 -1.60 4.59 18.91
N GLN N 446 -0.71 5.59 18.88
CA GLN N 446 -1.11 6.96 18.58
C GLN N 446 0.03 7.60 17.79
N ASP N 447 -0.17 7.79 16.49
CA ASP N 447 0.91 8.20 15.62
C ASP N 447 1.06 9.71 15.53
N ASN N 448 0.66 10.43 16.57
CA ASN N 448 0.83 11.88 16.61
C ASN N 448 0.86 12.31 18.07
N TRP N 449 2.05 12.63 18.56
CA TRP N 449 2.21 12.98 19.98
C TRP N 449 1.97 14.47 20.15
N LEU N 450 0.74 14.82 20.48
CA LEU N 450 0.30 16.18 20.80
C LEU N 450 0.43 17.13 19.63
N GLY N 451 0.70 16.61 18.43
CA GLY N 451 0.77 17.45 17.26
C GLY N 451 2.17 17.65 16.73
N THR N 452 3.02 16.63 16.81
CA THR N 452 4.41 16.79 16.37
C THR N 452 4.95 15.61 15.58
N GLY N 453 4.14 14.62 15.25
CA GLY N 453 4.56 13.57 14.35
C GLY N 453 5.29 12.41 14.98
N TYR N 454 5.57 12.47 16.27
CA TYR N 454 6.23 11.35 16.94
C TYR N 454 5.30 10.15 16.96
N ALA N 455 5.85 8.98 16.65
CA ALA N 455 5.06 7.75 16.58
C ALA N 455 5.30 6.93 17.83
N VAL N 456 4.32 6.91 18.73
CA VAL N 456 4.41 6.20 20.00
C VAL N 456 3.47 5.02 19.94
N GLY N 457 4.01 3.83 20.18
CA GLY N 457 3.24 2.60 20.08
C GLY N 457 3.63 1.59 21.13
N ILE N 458 2.66 0.87 21.67
CA ILE N 458 2.87 -0.10 22.73
C ILE N 458 2.27 -1.42 22.28
N ASN N 459 2.87 -2.52 22.74
CA ASN N 459 2.45 -3.84 22.29
C ASN N 459 2.64 -4.83 23.42
N GLY N 460 1.85 -5.90 23.38
CA GLY N 460 1.94 -6.95 24.37
C GLY N 460 1.47 -8.30 23.83
N THR N 461 2.31 -9.32 23.96
CA THR N 461 2.03 -10.62 23.39
C THR N 461 2.31 -11.71 24.42
N LYS N 462 1.44 -12.71 24.49
CA LYS N 462 1.60 -13.84 25.40
C LYS N 462 1.28 -15.13 24.68
N ASN N 463 2.13 -16.13 24.88
CA ASN N 463 1.89 -17.47 24.37
C ASN N 463 2.72 -18.44 25.20
N ASP N 464 2.98 -19.63 24.66
CA ASP N 464 3.57 -20.70 25.46
C ASP N 464 4.93 -20.32 26.01
N TYR N 465 5.83 -19.82 25.17
CA TYR N 465 7.20 -19.69 25.62
C TYR N 465 7.62 -18.28 26.02
N GLN N 466 7.08 -17.22 25.42
CA GLN N 466 7.53 -15.89 25.74
C GLN N 466 6.35 -14.96 25.97
N THR N 467 6.57 -13.92 26.76
CA THR N 467 5.58 -12.89 26.96
C THR N 467 6.26 -11.54 26.77
N TYR N 468 5.92 -10.85 25.70
CA TYR N 468 6.64 -9.66 25.27
C TYR N 468 5.76 -8.45 25.56
N ALA N 469 6.25 -7.54 26.39
CA ALA N 469 5.47 -6.37 26.80
C ALA N 469 6.33 -5.12 26.58
N GLU N 470 6.16 -4.46 25.45
CA GLU N 470 7.08 -3.43 25.03
C GLU N 470 6.39 -2.08 24.87
N LEU N 471 7.16 -1.04 25.12
CA LEU N 471 6.85 0.35 24.85
C LEU N 471 7.79 0.83 23.75
N SER N 472 7.34 1.74 22.91
CA SER N 472 8.18 2.16 21.81
C SER N 472 7.87 3.58 21.40
N VAL N 473 8.91 4.32 20.99
CA VAL N 473 8.80 5.71 20.55
C VAL N 473 9.59 5.88 19.27
N THR N 474 9.29 6.93 18.51
CA THR N 474 10.02 7.25 17.29
C THR N 474 9.79 8.71 16.94
N ASN N 475 10.83 9.37 16.43
CA ASN N 475 10.69 10.63 15.72
C ASN N 475 11.12 10.41 14.29
N PRO N 476 10.24 10.53 13.30
CA PRO N 476 10.60 10.13 11.95
C PRO N 476 11.48 11.15 11.25
N TYR N 477 11.42 12.41 11.69
CA TYR N 477 12.25 13.47 11.13
C TYR N 477 13.12 14.05 12.24
N PHE N 478 14.26 13.40 12.49
CA PHE N 478 15.25 13.98 13.38
C PHE N 478 15.94 15.13 12.67
N THR N 479 16.66 14.83 11.59
CA THR N 479 17.04 15.89 10.68
C THR N 479 15.84 16.22 9.81
N VAL N 480 15.77 17.47 9.35
CA VAL N 480 14.71 17.87 8.44
C VAL N 480 14.70 16.99 7.19
N ASP N 481 15.83 16.38 6.86
CA ASP N 481 16.01 15.69 5.59
C ASP N 481 15.70 14.20 5.65
N GLY N 482 15.44 13.62 6.82
CA GLY N 482 15.02 12.22 6.85
C GLY N 482 15.47 11.36 8.02
N VAL N 483 16.49 11.79 8.76
CA VAL N 483 17.04 10.97 9.83
C VAL N 483 15.95 10.64 10.84
N SER N 484 15.92 9.37 11.29
CA SER N 484 14.82 8.85 12.10
C SER N 484 15.36 8.10 13.30
N LEU N 485 14.98 8.56 14.49
CA LEU N 485 15.53 8.09 15.75
C LEU N 485 14.45 7.40 16.57
N GLY N 486 14.67 6.14 16.92
CA GLY N 486 13.73 5.37 17.71
C GLY N 486 14.38 4.81 18.95
N GLY N 487 13.66 4.86 20.07
CA GLY N 487 14.15 4.32 21.32
C GLY N 487 13.23 3.25 21.88
N ARG N 488 13.72 2.02 21.97
CA ARG N 488 12.89 0.85 22.21
C ARG N 488 13.08 0.37 23.64
N LEU N 489 11.99 0.34 24.40
CA LEU N 489 11.96 -0.20 25.76
C LEU N 489 11.20 -1.52 25.71
N PHE N 490 11.92 -2.64 25.77
CA PHE N 490 11.27 -3.93 25.65
C PHE N 490 11.48 -4.74 26.92
N TYR N 491 10.90 -5.95 26.91
CA TYR N 491 10.95 -6.88 28.03
C TYR N 491 10.48 -8.24 27.53
N ASN N 492 11.35 -9.25 27.53
CA ASN N 492 11.04 -10.53 26.87
C ASN N 492 11.16 -11.65 27.88
N ASP N 493 10.06 -11.88 28.61
CA ASP N 493 9.98 -12.88 29.66
C ASP N 493 9.74 -14.25 29.02
N PHE N 494 10.83 -14.96 28.72
CA PHE N 494 10.82 -16.14 27.88
C PHE N 494 10.85 -17.40 28.74
N GLN N 495 10.67 -18.56 28.10
CA GLN N 495 10.79 -19.86 28.75
C GLN N 495 11.05 -20.92 27.69
N ALA N 496 11.76 -21.98 28.08
CA ALA N 496 12.27 -22.97 27.13
C ALA N 496 11.43 -24.24 27.04
N ASP N 497 11.19 -24.91 28.17
CA ASP N 497 10.65 -26.27 28.15
C ASP N 497 9.40 -26.38 27.31
N ASP N 498 8.47 -25.44 27.49
CA ASP N 498 7.26 -25.45 26.67
C ASP N 498 7.56 -25.31 25.19
N ALA N 499 8.74 -24.79 24.84
CA ALA N 499 9.12 -24.59 23.45
C ALA N 499 10.01 -25.71 22.93
N ASP N 500 9.87 -26.92 23.47
CA ASP N 500 10.49 -28.15 22.99
C ASP N 500 12.01 -28.17 23.09
N LEU N 501 12.65 -27.11 23.58
CA LEU N 501 14.09 -27.09 23.69
C LEU N 501 14.50 -27.91 24.92
N SER N 502 15.75 -27.80 25.31
CA SER N 502 16.19 -28.31 26.61
C SER N 502 15.78 -27.29 27.67
N ASP N 503 16.28 -27.44 28.88
CA ASP N 503 15.81 -26.65 30.01
C ASP N 503 16.75 -25.49 30.29
N TYR N 504 16.21 -24.27 30.25
CA TYR N 504 16.80 -23.05 30.80
C TYR N 504 15.79 -21.93 30.75
N THR N 505 15.76 -21.09 31.78
CA THR N 505 14.74 -20.06 31.95
C THR N 505 15.37 -18.69 31.80
N ASN N 506 14.66 -17.76 31.16
CA ASN N 506 15.19 -16.44 30.88
C ASN N 506 14.14 -15.38 31.15
N LYS N 507 14.44 -14.50 32.09
CA LYS N 507 13.75 -13.22 32.26
C LYS N 507 14.75 -12.14 31.91
N SER N 508 14.58 -11.54 30.73
CA SER N 508 15.54 -10.60 30.18
C SER N 508 14.88 -9.26 29.95
N TYR N 509 15.56 -8.19 30.31
CA TYR N 509 15.12 -6.85 29.99
C TYR N 509 16.27 -6.08 29.37
N GLY N 510 15.94 -5.22 28.42
CA GLY N 510 16.97 -4.44 27.73
C GLY N 510 16.31 -3.30 26.99
N THR N 511 17.16 -2.41 26.46
CA THR N 511 16.69 -1.21 25.78
C THR N 511 17.65 -0.85 24.65
N ASP N 512 17.08 -0.55 23.49
CA ASP N 512 17.84 -0.26 22.28
C ASP N 512 17.37 1.08 21.73
N VAL N 513 18.29 1.79 21.08
CA VAL N 513 18.00 3.03 20.37
C VAL N 513 18.67 2.93 19.02
N THR N 514 17.97 3.33 17.97
CA THR N 514 18.56 3.25 16.65
C THR N 514 18.25 4.49 15.84
N LEU N 515 19.19 4.89 15.00
CA LEU N 515 18.97 5.93 14.02
C LEU N 515 18.50 5.32 12.72
N GLY N 516 17.89 6.15 11.87
CA GLY N 516 17.50 5.70 10.55
C GLY N 516 17.38 6.84 9.56
N PHE N 517 18.06 6.73 8.43
CA PHE N 517 18.05 7.75 7.41
C PHE N 517 17.70 7.19 6.04
N PRO N 518 16.69 7.70 5.35
CA PRO N 518 16.37 7.22 4.02
C PRO N 518 17.46 7.62 3.04
N ILE N 519 17.67 6.77 2.04
CA ILE N 519 18.66 7.10 1.02
C ILE N 519 18.10 6.94 -0.39
N ASN N 520 17.09 6.09 -0.56
CA ASN N 520 16.63 5.79 -1.93
C ASN N 520 15.12 5.79 -2.12
N GLU N 521 14.37 5.49 -1.06
CA GLU N 521 12.96 5.07 -1.07
C GLU N 521 12.85 3.62 -1.54
N TYR N 522 13.92 3.09 -2.11
CA TYR N 522 14.07 1.66 -2.25
C TYR N 522 15.01 1.09 -1.21
N ASN N 523 15.53 1.93 -0.30
CA ASN N 523 16.51 1.53 0.68
C ASN N 523 16.22 2.19 2.02
N SER N 524 17.12 1.95 2.96
CA SER N 524 17.20 2.62 4.24
C SER N 524 18.55 2.25 4.85
N LEU N 525 18.75 2.63 6.11
CA LEU N 525 19.92 2.19 6.83
C LEU N 525 19.73 2.59 8.28
N ARG N 526 20.38 1.87 9.18
CA ARG N 526 20.20 2.13 10.59
C ARG N 526 21.46 1.78 11.35
N ALA N 527 21.59 2.38 12.53
CA ALA N 527 22.68 2.11 13.46
C ALA N 527 22.21 2.51 14.84
N GLY N 528 22.70 1.83 15.86
CA GLY N 528 22.28 2.21 17.20
C GLY N 528 23.01 1.45 18.27
N LEU N 529 22.64 1.74 19.52
CA LEU N 529 23.31 1.18 20.68
C LEU N 529 22.29 0.39 21.50
N GLY N 530 22.59 -0.88 21.76
CA GLY N 530 21.61 -1.74 22.38
C GLY N 530 22.08 -2.50 23.59
N TYR N 531 21.45 -2.21 24.73
CA TYR N 531 21.82 -2.77 26.02
C TYR N 531 20.85 -3.89 26.39
N VAL N 532 21.36 -5.10 26.55
CA VAL N 532 20.53 -6.23 26.95
C VAL N 532 21.07 -6.80 28.26
N HIS N 533 20.17 -7.33 29.08
CA HIS N 533 20.49 -7.82 30.42
C HIS N 533 19.71 -9.11 30.63
N ASN N 534 20.41 -10.22 30.88
CA ASN N 534 19.77 -11.52 30.97
C ASN N 534 20.09 -12.22 32.27
N SER N 535 19.19 -13.12 32.66
CA SER N 535 19.29 -13.89 33.89
C SER N 535 19.23 -15.38 33.53
N LEU N 536 20.37 -15.95 33.19
CA LEU N 536 20.41 -17.35 32.81
C LEU N 536 20.33 -18.22 34.05
N SER N 537 19.35 -19.13 34.08
CA SER N 537 19.14 -19.97 35.25
C SER N 537 18.40 -21.23 34.85
N ASN N 538 18.38 -22.19 35.78
CA ASN N 538 17.59 -23.42 35.66
C ASN N 538 17.98 -24.21 34.41
N MET N 539 19.25 -24.60 34.34
CA MET N 539 19.79 -25.29 33.18
C MET N 539 19.83 -26.78 33.45
N GLN N 540 19.43 -27.56 32.45
CA GLN N 540 19.49 -29.01 32.47
C GLN N 540 20.90 -29.41 32.05
N PRO N 541 21.79 -29.73 33.00
CA PRO N 541 23.21 -29.92 32.67
C PRO N 541 23.47 -30.75 31.43
N GLN N 542 24.37 -30.26 30.58
CA GLN N 542 24.56 -30.81 29.25
C GLN N 542 25.81 -30.18 28.67
N VAL N 543 26.53 -30.92 27.84
CA VAL N 543 27.83 -30.44 27.40
C VAL N 543 27.70 -29.14 26.61
N ALA N 544 26.73 -29.08 25.69
CA ALA N 544 26.73 -28.03 24.68
C ALA N 544 26.75 -26.64 25.32
N MET N 545 26.06 -26.48 26.45
CA MET N 545 26.13 -25.23 27.19
C MET N 545 27.27 -25.21 28.22
N TRP N 546 27.75 -26.38 28.63
CA TRP N 546 28.81 -26.42 29.64
C TRP N 546 30.20 -26.23 29.06
N ARG N 547 30.35 -26.33 27.74
CA ARG N 547 31.52 -25.71 27.13
C ARG N 547 31.51 -24.21 27.36
N TYR N 548 30.35 -23.59 27.16
CA TYR N 548 30.25 -22.14 27.26
C TYR N 548 30.51 -21.63 28.68
N LEU N 549 29.99 -22.33 29.68
CA LEU N 549 30.14 -21.84 31.05
C LEU N 549 31.61 -21.76 31.45
N TYR N 550 32.40 -22.76 31.10
CA TYR N 550 33.82 -22.75 31.47
C TYR N 550 34.53 -21.55 30.88
N SER N 551 34.40 -21.36 29.55
CA SER N 551 35.15 -20.33 28.85
C SER N 551 34.86 -18.94 29.40
N MET N 552 33.65 -18.72 29.90
CA MET N 552 33.33 -17.45 30.52
C MET N 552 33.87 -17.37 31.95
N GLY N 553 33.78 -18.47 32.71
CA GLY N 553 34.30 -18.49 34.06
C GLY N 553 33.35 -18.94 35.16
N GLU N 554 32.30 -19.68 34.80
CA GLU N 554 31.30 -20.18 35.74
C GLU N 554 31.24 -21.70 35.66
N HIS N 555 31.61 -22.38 36.74
CA HIS N 555 31.52 -23.84 36.80
C HIS N 555 30.75 -24.26 38.05
N PRO N 556 29.42 -24.21 38.01
CA PRO N 556 28.63 -24.73 39.13
C PRO N 556 28.61 -26.25 39.12
N SER N 557 27.82 -26.85 40.01
CA SER N 557 27.72 -28.30 40.05
C SER N 557 27.32 -28.85 38.70
N THR N 558 27.88 -30.00 38.33
CA THR N 558 27.69 -30.53 36.98
C THR N 558 26.50 -31.48 36.88
N SER N 559 25.74 -31.68 37.93
CA SER N 559 24.54 -32.50 37.80
C SER N 559 23.35 -31.99 38.62
N ASP N 560 23.38 -30.75 39.12
CA ASP N 560 22.33 -30.20 39.97
C ASP N 560 22.04 -28.78 39.52
N GLN N 561 20.78 -28.33 39.68
CA GLN N 561 20.30 -27.22 38.85
C GLN N 561 19.98 -25.92 39.56
N ASP N 562 20.79 -25.53 40.55
CA ASP N 562 20.54 -24.33 41.36
C ASP N 562 21.68 -23.34 41.10
N ASN N 563 21.50 -22.51 40.08
CA ASN N 563 22.60 -21.71 39.54
C ASN N 563 22.06 -20.54 38.72
N SER N 564 22.63 -19.35 38.94
CA SER N 564 22.12 -18.12 38.34
C SER N 564 23.24 -17.35 37.67
N PHE N 565 23.44 -17.61 36.38
CA PHE N 565 24.41 -16.89 35.57
C PHE N 565 23.77 -15.61 35.06
N LYS N 566 24.41 -14.47 35.32
CA LYS N 566 23.86 -13.15 34.98
C LYS N 566 24.77 -12.45 33.98
N THR N 567 24.16 -11.94 32.91
CA THR N 567 24.88 -11.21 31.87
C THR N 567 24.31 -9.81 31.78
N ASP N 568 25.19 -8.85 31.49
CA ASP N 568 24.77 -7.54 30.99
C ASP N 568 25.56 -7.29 29.72
N ASP N 569 24.88 -7.31 28.58
CA ASP N 569 25.52 -7.07 27.30
C ASP N 569 25.11 -5.70 26.78
N PHE N 570 26.09 -4.83 26.57
CA PHE N 570 25.93 -3.70 25.67
C PHE N 570 26.25 -4.20 24.27
N THR N 571 25.54 -3.72 23.26
CA THR N 571 25.79 -4.21 21.91
C THR N 571 25.34 -3.20 20.86
N PHE N 572 26.27 -2.83 19.97
CA PHE N 572 26.01 -1.97 18.82
C PHE N 572 25.34 -2.76 17.70
N ASN N 573 24.44 -2.10 16.95
CA ASN N 573 23.63 -2.79 15.93
C ASN N 573 23.40 -1.90 14.71
N TYR N 574 23.03 -2.54 13.58
CA TYR N 574 22.89 -1.85 12.30
C TYR N 574 22.04 -2.69 11.36
N GLY N 575 21.70 -2.11 10.20
CA GLY N 575 20.81 -2.80 9.27
C GLY N 575 20.80 -2.19 7.88
N TRP N 576 19.83 -2.63 7.07
CA TRP N 576 19.59 -2.17 5.71
C TRP N 576 18.27 -2.77 5.23
N THR N 577 17.76 -2.31 4.08
CA THR N 577 16.45 -2.74 3.59
C THR N 577 16.35 -2.49 2.08
N TYR N 578 15.27 -3.02 1.47
CA TYR N 578 14.92 -2.80 0.06
C TYR N 578 13.48 -3.26 -0.20
N ASN N 579 12.69 -2.46 -0.92
CA ASN N 579 11.30 -2.82 -1.24
C ASN N 579 10.99 -2.55 -2.71
N LYS N 580 10.35 -3.51 -3.37
CA LYS N 580 9.97 -3.38 -4.77
C LYS N 580 8.59 -3.93 -5.10
N LEU N 581 7.91 -4.57 -4.14
CA LEU N 581 6.62 -5.17 -4.44
C LEU N 581 5.58 -4.10 -4.77
N ASP N 582 4.67 -4.44 -5.69
CA ASP N 582 3.68 -3.49 -6.19
C ASP N 582 2.42 -3.45 -5.34
N ARG N 583 1.96 -4.61 -4.86
CA ARG N 583 0.75 -4.71 -4.06
C ARG N 583 1.13 -5.15 -2.65
N GLY N 584 0.62 -4.44 -1.65
CA GLY N 584 0.88 -4.84 -0.28
C GLY N 584 0.29 -6.20 0.05
N TYR N 585 -0.97 -6.40 -0.31
CA TYR N 585 -1.72 -7.58 0.13
C TYR N 585 -1.67 -8.66 -0.94
N PHE N 586 -1.35 -9.87 -0.51
CA PHE N 586 -1.10 -11.00 -1.42
C PHE N 586 -0.11 -10.60 -2.53
N PRO N 587 1.11 -10.18 -2.15
CA PRO N 587 2.02 -9.64 -3.14
C PRO N 587 2.63 -10.73 -4.01
N THR N 588 2.76 -10.44 -5.30
CA THR N 588 3.39 -11.34 -6.25
C THR N 588 4.29 -10.58 -7.21
N ASP N 589 4.97 -9.55 -6.74
CA ASP N 589 5.91 -8.84 -7.59
C ASP N 589 7.01 -8.22 -6.74
N GLY N 590 8.13 -7.91 -7.39
CA GLY N 590 9.17 -7.08 -6.82
C GLY N 590 10.41 -7.84 -6.39
N SER N 591 10.99 -7.40 -5.29
CA SER N 591 12.07 -8.09 -4.60
C SER N 591 12.28 -7.42 -3.24
N ARG N 592 12.31 -8.21 -2.19
CA ARG N 592 12.48 -7.69 -0.84
C ARG N 592 13.74 -8.27 -0.22
N VAL N 593 14.52 -7.43 0.44
CA VAL N 593 15.81 -7.81 0.97
C VAL N 593 15.85 -7.33 2.41
N ASN N 594 16.84 -7.81 3.16
CA ASN N 594 17.10 -7.34 4.50
C ASN N 594 18.51 -7.76 4.90
N LEU N 595 19.19 -6.91 5.64
CA LEU N 595 20.44 -7.24 6.28
C LEU N 595 20.38 -6.75 7.71
N THR N 596 21.05 -7.46 8.61
CA THR N 596 21.24 -6.93 9.95
C THR N 596 22.44 -7.60 10.60
N GLY N 597 23.18 -6.82 11.36
CA GLY N 597 24.34 -7.31 12.07
C GLY N 597 24.29 -6.73 13.46
N LYS N 598 25.35 -6.97 14.22
CA LYS N 598 25.41 -6.52 15.60
C LYS N 598 26.78 -6.84 16.15
N VAL N 599 27.27 -6.01 17.07
CA VAL N 599 28.46 -6.36 17.84
C VAL N 599 28.48 -5.52 19.10
N THR N 600 28.91 -6.13 20.20
CA THR N 600 29.11 -5.42 21.44
C THR N 600 30.33 -4.52 21.32
N ILE N 601 30.49 -3.64 22.30
CA ILE N 601 31.82 -3.09 22.51
C ILE N 601 32.53 -4.11 23.39
N PRO N 602 33.85 -4.32 23.23
CA PRO N 602 34.58 -5.17 24.17
C PRO N 602 34.81 -4.47 25.51
N GLY N 603 33.70 -4.14 26.19
CA GLY N 603 33.77 -3.51 27.51
C GLY N 603 32.54 -3.88 28.34
N SER N 604 31.86 -4.98 27.99
CA SER N 604 30.64 -5.43 28.72
C SER N 604 30.88 -6.79 29.38
N ASP N 605 29.83 -7.62 29.52
CA ASP N 605 29.98 -8.98 30.10
C ASP N 605 30.46 -9.93 29.00
N ASN N 606 29.52 -10.50 28.23
CA ASN N 606 29.90 -11.38 27.10
C ASN N 606 30.15 -10.53 25.84
N GLU N 607 31.16 -10.90 25.05
CA GLU N 607 31.46 -10.16 23.80
C GLU N 607 31.19 -11.07 22.60
N TYR N 608 30.44 -10.58 21.60
CA TYR N 608 30.14 -11.40 20.44
C TYR N 608 29.74 -10.47 19.29
N TYR N 609 29.35 -11.10 18.18
CA TYR N 609 28.79 -10.41 17.03
C TYR N 609 27.92 -11.38 16.25
N LYS N 610 27.11 -10.84 15.34
CA LYS N 610 26.00 -11.59 14.78
C LYS N 610 25.69 -10.97 13.42
N VAL N 611 25.40 -11.79 12.42
CA VAL N 611 25.13 -11.27 11.08
C VAL N 611 23.97 -12.04 10.48
N THR N 612 22.85 -11.37 10.25
CA THR N 612 21.65 -12.04 9.74
C THR N 612 21.26 -11.39 8.43
N LEU N 613 21.10 -12.20 7.40
CA LEU N 613 20.70 -11.70 6.08
C LEU N 613 19.40 -12.34 5.68
N ASP N 614 18.56 -11.59 4.99
CA ASP N 614 17.24 -12.03 4.58
C ASP N 614 17.03 -11.70 3.10
N THR N 615 16.11 -12.41 2.47
CA THR N 615 15.80 -12.19 1.07
C THR N 615 14.33 -12.49 0.82
N ALA N 616 13.80 -11.97 -0.28
CA ALA N 616 12.46 -12.30 -0.72
C ALA N 616 12.34 -11.88 -2.18
N THR N 617 11.60 -12.65 -2.96
CA THR N 617 11.48 -12.35 -4.39
C THR N 617 10.21 -12.96 -4.94
N TYR N 618 9.30 -12.13 -5.41
CA TYR N 618 8.08 -12.59 -6.06
C TYR N 618 8.21 -12.26 -7.54
N VAL N 619 8.44 -13.28 -8.36
CA VAL N 619 8.64 -13.09 -9.80
C VAL N 619 7.36 -13.51 -10.51
N PRO N 620 6.60 -12.58 -11.08
CA PRO N 620 5.47 -12.97 -11.94
C PRO N 620 5.89 -13.07 -13.40
N ILE N 621 5.46 -14.13 -14.08
CA ILE N 621 6.03 -14.44 -15.38
C ILE N 621 5.34 -13.69 -16.52
N ASP N 622 4.11 -13.22 -16.31
CA ASP N 622 3.38 -12.50 -17.35
C ASP N 622 2.38 -11.54 -16.71
N ASP N 623 1.79 -10.69 -17.55
CA ASP N 623 0.96 -9.61 -17.04
C ASP N 623 -0.35 -10.12 -16.44
N ASP N 624 -0.91 -11.21 -16.97
CA ASP N 624 -2.16 -11.76 -16.46
C ASP N 624 -2.05 -12.19 -15.00
N HIS N 625 -0.83 -12.48 -14.54
CA HIS N 625 -0.51 -12.67 -13.13
C HIS N 625 -1.34 -13.81 -12.51
N LYS N 626 -1.05 -15.00 -12.99
CA LYS N 626 -1.50 -16.22 -12.33
C LYS N 626 -0.38 -17.18 -11.99
N TRP N 627 0.79 -17.06 -12.61
CA TRP N 627 1.96 -17.85 -12.23
C TRP N 627 2.94 -16.98 -11.47
N VAL N 628 3.29 -17.42 -10.27
CA VAL N 628 4.10 -16.65 -9.32
C VAL N 628 5.27 -17.52 -8.89
N VAL N 629 6.45 -16.90 -8.78
CA VAL N 629 7.65 -17.58 -8.31
C VAL N 629 8.17 -16.83 -7.09
N LEU N 630 8.48 -17.58 -6.02
CA LEU N 630 8.91 -17.00 -4.76
C LEU N 630 9.96 -17.89 -4.12
N GLY N 631 11.01 -17.27 -3.57
CA GLY N 631 11.98 -17.99 -2.76
C GLY N 631 12.79 -17.13 -1.82
N ARG N 632 12.82 -17.46 -0.53
CA ARG N 632 13.38 -16.58 0.49
C ARG N 632 14.64 -17.21 1.06
N THR N 633 15.79 -16.58 0.79
CA THR N 633 17.07 -17.03 1.30
C THR N 633 17.42 -16.29 2.58
N ARG N 634 17.94 -17.02 3.56
CA ARG N 634 18.35 -16.46 4.84
C ARG N 634 19.70 -17.04 5.22
N TRP N 635 20.57 -16.19 5.75
CA TRP N 635 21.89 -16.61 6.20
C TRP N 635 22.18 -15.96 7.55
N GLY N 636 23.05 -16.60 8.32
CA GLY N 636 23.47 -16.07 9.60
C GLY N 636 24.86 -16.55 9.95
N TYR N 637 25.46 -15.90 10.95
CA TYR N 637 26.71 -16.37 11.52
C TYR N 637 27.01 -15.56 12.77
N GLY N 638 27.49 -16.23 13.81
CA GLY N 638 27.90 -15.55 15.02
C GLY N 638 29.18 -16.15 15.56
N ASP N 639 29.77 -15.43 16.51
CA ASP N 639 31.01 -15.88 17.12
C ASP N 639 31.30 -15.03 18.34
N GLY N 640 31.98 -15.62 19.32
CA GLY N 640 32.60 -14.86 20.39
C GLY N 640 34.02 -14.50 20.02
N LEU N 641 34.42 -13.28 20.34
CA LEU N 641 35.60 -12.71 19.69
C LEU N 641 36.91 -13.20 20.31
N GLY N 642 37.15 -12.85 21.56
CA GLY N 642 38.46 -13.08 22.15
C GLY N 642 38.68 -14.48 22.67
N GLY N 643 38.11 -15.46 21.95
CA GLY N 643 38.10 -16.84 22.39
C GLY N 643 36.90 -17.22 23.22
N LYS N 644 36.19 -16.24 23.76
CA LYS N 644 34.93 -16.45 24.45
C LYS N 644 33.86 -16.84 23.43
N GLU N 645 32.70 -17.27 23.92
CA GLU N 645 31.71 -17.92 23.08
C GLU N 645 30.40 -17.14 23.01
N MET N 646 29.73 -17.28 21.88
CA MET N 646 28.41 -16.71 21.71
C MET N 646 27.48 -17.22 22.81
N PRO N 647 26.66 -16.37 23.41
CA PRO N 647 25.66 -16.87 24.36
C PRO N 647 24.69 -17.82 23.69
N PHE N 648 24.34 -18.89 24.41
CA PHE N 648 23.59 -19.98 23.80
C PHE N 648 22.15 -19.58 23.49
N TYR N 649 21.58 -18.67 24.27
CA TYR N 649 20.22 -18.23 23.99
C TYR N 649 20.12 -17.33 22.78
N GLU N 650 21.25 -16.94 22.18
CA GLU N 650 21.27 -16.10 20.99
C GLU N 650 21.41 -16.91 19.71
N ASN N 651 21.47 -18.23 19.79
CA ASN N 651 21.79 -19.09 18.65
C ASN N 651 20.70 -19.00 17.59
N PHE N 652 20.90 -19.70 16.46
CA PHE N 652 19.88 -19.82 15.43
C PHE N 652 19.15 -21.16 15.53
N TYR N 653 17.85 -21.12 15.24
CA TYR N 653 16.99 -22.29 15.23
C TYR N 653 16.35 -22.43 13.86
N ALA N 654 16.34 -23.65 13.34
CA ALA N 654 15.71 -23.95 12.06
C ALA N 654 14.78 -25.13 12.24
N GLY N 655 13.92 -25.35 11.25
CA GLY N 655 12.89 -26.36 11.36
C GLY N 655 11.65 -25.82 12.03
N GLY N 656 10.50 -25.94 11.37
CA GLY N 656 9.26 -25.43 11.92
C GLY N 656 8.36 -24.92 10.82
N SER N 657 7.18 -24.45 11.24
CA SER N 657 6.15 -24.05 10.29
C SER N 657 6.58 -22.84 9.47
N SER N 658 7.06 -21.79 10.14
CA SER N 658 7.26 -20.53 9.46
C SER N 658 8.48 -20.52 8.54
N THR N 659 9.42 -21.46 8.70
CA THR N 659 10.64 -21.46 7.92
C THR N 659 10.78 -22.68 7.04
N VAL N 660 10.77 -23.89 7.60
CA VAL N 660 10.99 -25.12 6.86
C VAL N 660 9.87 -26.08 7.27
N ARG N 661 8.79 -26.09 6.49
CA ARG N 661 7.58 -26.81 6.87
C ARG N 661 7.82 -28.32 6.85
N GLY N 662 7.14 -29.02 7.76
CA GLY N 662 7.18 -30.47 7.84
C GLY N 662 7.88 -31.00 9.08
N PHE N 663 8.89 -30.29 9.57
CA PHE N 663 9.65 -30.72 10.73
C PHE N 663 9.24 -29.89 11.94
N GLN N 664 9.15 -30.54 13.09
CA GLN N 664 8.64 -29.86 14.28
C GLN N 664 9.42 -28.59 14.56
N SER N 665 8.73 -27.61 15.14
CA SER N 665 9.36 -26.32 15.40
C SER N 665 10.63 -26.50 16.22
N ASN N 666 11.72 -25.95 15.70
CA ASN N 666 13.07 -25.94 16.26
C ASN N 666 13.78 -27.28 16.12
N THR N 667 13.13 -28.33 15.63
CA THR N 667 13.65 -29.69 15.80
C THR N 667 14.98 -29.93 15.11
N ILE N 668 15.39 -29.08 14.17
CA ILE N 668 16.65 -29.28 13.45
C ILE N 668 17.73 -28.43 14.11
N GLY N 669 18.90 -29.04 14.33
CA GLY N 669 19.99 -28.43 15.05
C GLY N 669 20.64 -29.43 15.96
N PRO N 670 21.96 -29.59 15.85
CA PRO N 670 22.64 -30.70 16.52
C PRO N 670 22.35 -30.76 18.01
N LYS N 671 21.84 -31.91 18.44
CA LYS N 671 21.19 -32.09 19.73
C LYS N 671 22.21 -32.10 20.87
N ALA N 672 21.69 -31.95 22.09
CA ALA N 672 22.53 -31.79 23.27
C ALA N 672 22.96 -33.15 23.81
N VAL N 673 23.66 -33.15 24.94
CA VAL N 673 24.11 -34.34 25.61
C VAL N 673 23.91 -34.16 27.11
N TYR N 674 22.83 -34.72 27.65
CA TYR N 674 22.54 -34.52 29.06
C TYR N 674 23.57 -35.22 29.94
N PHE N 675 23.86 -34.61 31.08
CA PHE N 675 24.69 -35.27 32.07
C PHE N 675 23.84 -36.17 32.95
N PRO N 676 24.44 -37.11 33.66
CA PRO N 676 23.69 -37.84 34.69
C PRO N 676 23.36 -36.94 35.86
N HIS N 677 22.11 -36.50 35.96
CA HIS N 677 21.71 -35.45 36.88
C HIS N 677 20.48 -35.90 37.66
N GLN N 678 19.99 -35.03 38.52
CA GLN N 678 18.78 -35.31 39.27
C GLN N 678 17.87 -34.08 39.29
N CYS N 690 18.30 -39.08 32.21
CA CYS N 690 19.61 -39.60 32.53
C CYS N 690 19.95 -39.31 33.99
N ALA N 691 19.56 -40.23 34.88
CA ALA N 691 19.67 -40.04 36.32
C ALA N 691 20.21 -41.30 36.97
N THR N 692 20.89 -41.11 38.12
CA THR N 692 21.56 -42.22 38.78
C THR N 692 20.61 -43.21 39.41
N GLN N 693 19.30 -43.04 39.29
CA GLN N 693 18.38 -44.05 39.82
C GLN N 693 18.35 -45.28 38.94
N ASP N 694 18.49 -45.12 37.62
CA ASP N 694 18.51 -46.23 36.67
C ASP N 694 19.90 -46.75 36.36
N GLY N 695 20.95 -46.09 36.85
CA GLY N 695 22.31 -46.49 36.54
C GLY N 695 22.90 -45.69 35.40
N ALA N 696 22.79 -44.37 35.48
CA ALA N 696 23.33 -43.47 34.46
C ALA N 696 24.73 -43.04 34.89
N LYS N 697 25.74 -43.46 34.12
CA LYS N 697 27.13 -43.14 34.43
C LYS N 697 27.91 -42.80 33.16
N ASP N 698 27.33 -41.98 32.28
CA ASP N 698 28.06 -41.49 31.12
C ASP N 698 27.24 -40.39 30.46
N LEU N 699 27.76 -39.92 29.32
CA LEU N 699 27.10 -38.92 28.49
C LEU N 699 25.91 -39.57 27.80
N CYS N 700 24.74 -39.45 28.42
CA CYS N 700 23.53 -40.03 27.86
C CYS N 700 23.21 -39.29 26.57
N LYS N 701 23.48 -39.93 25.43
CA LYS N 701 23.19 -39.29 24.15
C LYS N 701 21.73 -38.87 24.08
N SER N 702 21.52 -37.61 23.76
CA SER N 702 20.17 -37.07 23.66
C SER N 702 19.91 -36.60 22.24
N ASP N 703 18.63 -36.35 21.96
CA ASP N 703 18.18 -36.00 20.63
C ASP N 703 17.30 -34.76 20.67
N ASP N 704 17.58 -33.86 21.61
CA ASP N 704 16.74 -32.70 21.86
C ASP N 704 17.30 -31.46 21.18
N ALA N 705 16.42 -30.74 20.49
CA ALA N 705 16.85 -29.61 19.68
C ALA N 705 17.35 -28.48 20.57
N VAL N 706 18.45 -27.85 20.17
CA VAL N 706 18.96 -26.73 20.92
C VAL N 706 19.22 -25.53 20.03
N GLY N 707 19.49 -25.76 18.74
CA GLY N 707 19.80 -24.68 17.84
C GLY N 707 21.24 -24.68 17.35
N GLY N 708 21.80 -23.50 17.09
CA GLY N 708 23.15 -23.41 16.61
C GLY N 708 23.48 -22.00 16.19
N ASN N 709 24.71 -21.81 15.70
CA ASN N 709 25.20 -20.47 15.44
C ASN N 709 25.36 -20.10 13.97
N ALA N 710 25.46 -21.06 13.07
CA ALA N 710 25.52 -20.76 11.64
C ALA N 710 24.28 -21.33 10.97
N MET N 711 23.50 -20.47 10.32
CA MET N 711 22.19 -20.84 9.79
C MET N 711 22.13 -20.51 8.30
N ALA N 712 21.53 -21.40 7.52
CA ALA N 712 21.34 -21.15 6.10
C ALA N 712 20.09 -21.89 5.64
N VAL N 713 19.07 -21.14 5.24
CA VAL N 713 17.81 -21.70 4.79
C VAL N 713 17.50 -21.14 3.42
N ALA N 714 17.31 -22.02 2.45
CA ALA N 714 16.78 -21.67 1.14
C ALA N 714 15.47 -22.40 0.96
N SER N 715 14.62 -21.84 0.10
CA SER N 715 13.36 -22.49 -0.21
C SER N 715 12.84 -21.90 -1.50
N LEU N 716 12.70 -22.74 -2.52
CA LEU N 716 12.17 -22.31 -3.80
C LEU N 716 10.70 -22.70 -3.84
N GLU N 717 9.85 -21.72 -4.13
CA GLU N 717 8.41 -21.92 -4.08
C GLU N 717 7.83 -21.52 -5.42
N PHE N 718 6.81 -22.25 -5.86
CA PHE N 718 6.34 -22.18 -7.25
C PHE N 718 4.81 -22.04 -7.18
N ILE N 719 4.33 -20.80 -7.06
CA ILE N 719 2.91 -20.57 -6.79
C ILE N 719 2.09 -20.77 -8.06
N THR N 720 0.90 -21.37 -7.89
CA THR N 720 0.00 -21.81 -8.93
C THR N 720 -1.40 -21.29 -8.66
N PRO N 721 -2.29 -21.26 -9.70
CA PRO N 721 -3.67 -20.77 -9.53
C PRO N 721 -4.48 -21.39 -8.40
N THR N 722 -5.64 -20.80 -8.13
CA THR N 722 -6.56 -21.26 -7.08
C THR N 722 -7.80 -21.92 -7.71
N PRO N 723 -7.85 -23.24 -7.75
CA PRO N 723 -9.01 -23.92 -8.34
C PRO N 723 -10.13 -24.18 -7.35
N PHE N 724 -11.16 -24.86 -7.86
CA PHE N 724 -12.20 -25.58 -7.17
C PHE N 724 -13.27 -24.66 -6.59
N ILE N 725 -13.08 -23.35 -6.61
CA ILE N 725 -14.12 -22.41 -6.21
C ILE N 725 -14.60 -21.69 -7.46
N SER N 726 -15.65 -20.88 -7.31
CA SER N 726 -16.23 -20.21 -8.45
C SER N 726 -15.16 -19.38 -9.14
N ASP N 727 -15.07 -19.53 -10.47
CA ASP N 727 -14.00 -18.86 -11.21
C ASP N 727 -14.24 -17.36 -11.37
N LYS N 728 -15.41 -16.87 -10.96
CA LYS N 728 -15.58 -15.43 -10.76
C LYS N 728 -14.55 -14.89 -9.78
N TYR N 729 -14.40 -15.56 -8.64
CA TYR N 729 -13.47 -15.17 -7.59
C TYR N 729 -12.56 -16.33 -7.23
N ALA N 730 -11.98 -16.96 -8.26
CA ALA N 730 -10.98 -18.01 -8.07
C ALA N 730 -9.57 -17.48 -8.26
N ASN N 731 -9.30 -16.24 -7.81
CA ASN N 731 -7.98 -15.63 -7.93
C ASN N 731 -7.50 -15.09 -6.59
N SER N 732 -8.01 -15.62 -5.49
CA SER N 732 -7.75 -15.04 -4.18
C SER N 732 -6.98 -15.96 -3.24
N VAL N 733 -7.50 -17.16 -2.98
CA VAL N 733 -7.01 -18.00 -1.90
C VAL N 733 -5.75 -18.73 -2.36
N ARG N 734 -4.59 -18.29 -1.90
CA ARG N 734 -3.33 -18.69 -2.49
C ARG N 734 -2.87 -20.06 -2.01
N THR N 735 -2.19 -20.79 -2.91
CA THR N 735 -1.55 -22.06 -2.62
C THR N 735 -0.22 -22.14 -3.38
N SER N 736 0.66 -23.01 -2.90
CA SER N 736 1.99 -23.21 -3.48
C SER N 736 2.56 -24.56 -3.08
N PHE N 737 3.39 -25.11 -3.97
CA PHE N 737 4.19 -26.29 -3.68
C PHE N 737 5.63 -25.85 -3.44
N PHE N 738 6.28 -26.45 -2.44
CA PHE N 738 7.49 -25.90 -1.87
C PHE N 738 8.47 -27.01 -1.51
N TRP N 739 9.75 -26.66 -1.49
CA TRP N 739 10.83 -27.60 -1.19
C TRP N 739 11.84 -26.90 -0.27
N ASP N 740 11.60 -26.96 1.03
CA ASP N 740 12.32 -26.13 1.99
C ASP N 740 13.51 -26.85 2.59
N MET N 741 14.64 -26.16 2.71
CA MET N 741 15.86 -26.70 3.29
C MET N 741 16.22 -25.93 4.56
N GLY N 742 17.02 -26.55 5.42
CA GLY N 742 17.50 -25.85 6.61
C GLY N 742 18.68 -26.50 7.30
N THR N 743 19.73 -25.71 7.55
CA THR N 743 21.00 -26.27 8.04
C THR N 743 21.62 -25.34 9.07
N VAL N 744 21.39 -25.64 10.34
CA VAL N 744 22.09 -25.00 11.45
C VAL N 744 23.08 -26.00 11.99
N TRP N 745 24.30 -25.56 12.26
CA TRP N 745 25.23 -26.45 12.95
C TRP N 745 26.06 -25.66 13.93
N ASP N 746 26.67 -26.40 14.85
CA ASP N 746 27.59 -25.85 15.82
C ASP N 746 28.95 -25.71 15.14
N THR N 747 29.34 -24.46 14.84
CA THR N 747 30.60 -24.22 14.16
C THR N 747 31.80 -24.64 14.98
N ASN N 748 31.62 -24.85 16.30
CA ASN N 748 32.72 -25.24 17.16
C ASN N 748 32.52 -26.63 17.78
N TRP N 749 31.50 -27.37 17.37
CA TRP N 749 31.28 -28.71 17.88
C TRP N 749 32.47 -29.61 17.53
N ASP N 750 32.79 -30.51 18.44
CA ASP N 750 33.99 -31.34 18.35
C ASP N 750 33.64 -32.77 17.93
N SER N 751 34.53 -33.37 17.15
CA SER N 751 34.46 -34.78 16.82
C SER N 751 35.77 -35.50 17.08
N SER N 752 36.81 -34.79 17.52
CA SER N 752 37.97 -35.46 18.09
C SER N 752 37.59 -36.19 19.37
N GLN N 753 36.77 -35.54 20.20
CA GLN N 753 36.44 -36.03 21.53
C GLN N 753 35.18 -36.90 21.57
N TYR N 754 34.39 -36.94 20.48
CA TYR N 754 33.10 -37.64 20.46
C TYR N 754 33.07 -38.64 19.30
N SER N 755 33.58 -39.85 19.52
CA SER N 755 33.62 -40.83 18.43
C SER N 755 32.24 -41.44 18.18
N GLY N 756 31.61 -41.98 19.23
CA GLY N 756 30.34 -42.67 19.09
C GLY N 756 29.24 -41.79 18.54
N TYR N 757 29.34 -40.49 18.70
CA TYR N 757 28.59 -39.41 18.09
C TYR N 757 29.27 -39.01 16.80
N PRO N 758 28.51 -38.59 15.79
CA PRO N 758 29.16 -38.09 14.57
C PRO N 758 29.74 -36.72 14.79
N ASP N 759 30.44 -36.25 13.77
CA ASP N 759 30.90 -34.87 13.71
C ASP N 759 29.70 -33.97 13.41
N TYR N 760 29.17 -33.30 14.43
CA TYR N 760 27.91 -32.59 14.27
C TYR N 760 28.07 -31.28 13.51
N SER N 761 29.20 -31.10 12.83
CA SER N 761 29.49 -29.92 12.02
C SER N 761 29.62 -30.29 10.54
N ASP N 762 28.75 -31.21 10.06
CA ASP N 762 28.79 -31.63 8.66
C ASP N 762 28.25 -30.53 7.77
N PRO N 763 28.93 -30.22 6.65
CA PRO N 763 28.56 -29.05 5.85
C PRO N 763 27.37 -29.26 4.93
N SER N 764 26.84 -30.46 4.83
CA SER N 764 25.75 -30.74 3.90
C SER N 764 24.72 -31.67 4.52
N ASN N 765 24.42 -31.48 5.80
CA ASN N 765 23.33 -32.22 6.44
C ASN N 765 22.00 -31.49 6.24
N ILE N 766 21.59 -31.43 4.97
CA ILE N 766 20.45 -30.62 4.55
C ILE N 766 19.21 -31.37 5.03
N ARG N 767 18.02 -30.72 4.97
CA ARG N 767 16.75 -31.36 5.35
C ARG N 767 15.65 -30.86 4.42
N MET N 768 15.46 -31.53 3.28
CA MET N 768 14.39 -31.09 2.39
C MET N 768 13.03 -31.62 2.85
N SER N 769 11.98 -30.99 2.35
CA SER N 769 10.60 -31.38 2.64
C SER N 769 9.69 -30.75 1.60
N ALA N 770 8.51 -31.33 1.45
CA ALA N 770 7.52 -30.85 0.48
C ALA N 770 6.13 -31.06 1.07
N GLY N 771 5.12 -30.63 0.32
CA GLY N 771 3.74 -30.75 0.77
C GLY N 771 2.78 -29.78 0.12
N ILE N 772 1.86 -29.23 0.92
CA ILE N 772 0.85 -28.30 0.42
C ILE N 772 0.31 -27.50 1.59
N ALA N 773 -0.32 -26.37 1.30
CA ALA N 773 -0.94 -25.53 2.31
C ALA N 773 -1.78 -24.48 1.62
N LEU N 774 -2.85 -24.04 2.30
CA LEU N 774 -3.81 -23.11 1.72
C LEU N 774 -3.96 -21.88 2.62
N GLN N 775 -3.68 -20.70 2.07
CA GLN N 775 -3.67 -19.46 2.82
C GLN N 775 -4.64 -18.47 2.20
N TRP N 776 -5.29 -17.66 3.03
CA TRP N 776 -6.28 -16.71 2.52
C TRP N 776 -6.71 -15.75 3.63
N MET N 777 -7.68 -14.91 3.28
CA MET N 777 -8.32 -13.94 4.14
C MET N 777 -9.75 -14.35 4.42
N SER N 778 -10.20 -14.12 5.65
CA SER N 778 -11.59 -14.30 6.03
C SER N 778 -11.85 -13.46 7.27
N PRO N 779 -13.10 -13.06 7.52
CA PRO N 779 -13.36 -12.04 8.54
C PRO N 779 -12.91 -12.42 9.94
N LEU N 780 -12.39 -13.64 10.11
CA LEU N 780 -11.82 -14.10 11.36
C LEU N 780 -10.29 -14.10 11.32
N GLY N 781 -9.70 -13.18 10.56
CA GLY N 781 -8.28 -12.95 10.62
C GLY N 781 -7.49 -13.62 9.52
N PRO N 782 -6.19 -13.76 9.75
CA PRO N 782 -5.34 -14.45 8.77
C PRO N 782 -5.41 -15.95 8.98
N LEU N 783 -5.57 -16.68 7.88
CA LEU N 783 -5.74 -18.12 7.96
C LEU N 783 -4.73 -18.84 7.08
N VAL N 784 -4.33 -20.03 7.51
CA VAL N 784 -3.71 -21.01 6.62
C VAL N 784 -3.85 -22.37 7.29
N PHE N 785 -3.93 -23.42 6.47
CA PHE N 785 -3.86 -24.81 6.88
C PHE N 785 -2.85 -25.49 5.99
N SER N 786 -2.22 -26.55 6.49
CA SER N 786 -1.11 -27.15 5.76
C SER N 786 -1.17 -28.67 5.80
N TYR N 787 -0.32 -29.28 4.97
CA TYR N 787 0.09 -30.67 5.14
C TYR N 787 1.37 -30.85 4.34
N ALA N 788 2.49 -31.05 5.02
CA ALA N 788 3.78 -31.16 4.34
C ALA N 788 4.47 -32.45 4.76
N GLN N 789 4.80 -33.29 3.78
CA GLN N 789 5.47 -34.55 4.05
C GLN N 789 6.97 -34.32 4.15
N PRO N 790 7.60 -34.68 5.24
CA PRO N 790 9.06 -34.58 5.29
C PRO N 790 9.71 -35.72 4.54
N PHE N 791 10.26 -35.50 3.35
CA PHE N 791 10.72 -36.71 2.69
C PHE N 791 12.15 -37.06 3.09
N LYS N 792 13.03 -36.06 3.22
CA LYS N 792 14.42 -36.32 3.59
C LYS N 792 14.73 -35.70 4.95
N LYS N 793 15.56 -36.41 5.71
CA LYS N 793 15.88 -36.12 7.09
C LYS N 793 16.93 -37.14 7.56
N TYR N 794 17.45 -36.95 8.77
CA TYR N 794 18.36 -37.93 9.38
C TYR N 794 17.73 -38.42 10.68
N ASP N 795 18.27 -39.50 11.23
CA ASP N 795 17.82 -39.95 12.54
C ASP N 795 18.11 -38.88 13.56
N GLY N 796 17.20 -38.76 14.54
CA GLY N 796 17.24 -37.67 15.48
C GLY N 796 16.49 -36.44 15.04
N ASP N 797 16.01 -36.40 13.80
CA ASP N 797 15.21 -35.29 13.28
C ASP N 797 13.73 -35.67 13.36
N LYS N 798 13.01 -35.00 14.25
CA LYS N 798 11.57 -35.22 14.37
C LYS N 798 10.88 -34.73 13.11
N ALA N 799 9.56 -34.85 13.09
CA ALA N 799 8.76 -34.40 11.96
C ALA N 799 7.43 -33.89 12.48
N GLU N 800 6.78 -33.07 11.65
CA GLU N 800 5.45 -32.55 11.98
C GLU N 800 4.76 -32.28 10.65
N GLN N 801 3.91 -33.22 10.21
CA GLN N 801 3.36 -33.16 8.87
C GLN N 801 2.39 -32.01 8.68
N PHE N 802 1.67 -31.63 9.74
CA PHE N 802 0.52 -30.74 9.61
C PHE N 802 0.57 -29.59 10.60
N GLN N 803 0.26 -28.38 10.13
CA GLN N 803 0.31 -27.17 10.93
C GLN N 803 -0.69 -26.15 10.40
N PHE N 804 -1.16 -25.27 11.30
CA PHE N 804 -2.19 -24.29 10.98
C PHE N 804 -1.87 -22.93 11.61
N ASN N 805 -2.69 -21.94 11.28
CA ASN N 805 -2.45 -20.54 11.63
C ASN N 805 -3.76 -19.77 11.61
N ILE N 806 -4.23 -19.33 12.77
CA ILE N 806 -5.35 -18.39 12.85
C ILE N 806 -5.03 -17.37 13.92
N GLY N 807 -5.13 -16.09 13.58
CA GLY N 807 -4.74 -15.04 14.49
C GLY N 807 -3.38 -14.47 14.16
N LYS N 808 -2.34 -14.89 14.90
CA LYS N 808 -0.98 -14.54 14.53
C LYS N 808 -0.01 -15.61 14.99
N THR N 809 1.03 -15.82 14.17
CA THR N 809 2.17 -16.66 14.50
C THR N 809 3.47 -15.85 14.43
C1 PLM O . -4.97 -32.66 -20.99
O2 PLM O . -4.72 -33.39 -21.96
C2 PLM O . -3.86 -32.56 -19.87
C3 PLM O . -2.79 -33.66 -19.94
C4 PLM O . -1.71 -33.61 -18.83
C5 PLM O . -0.34 -34.15 -19.29
C6 PLM O . -0.32 -35.64 -19.70
C7 PLM O . 0.74 -35.97 -20.75
C8 PLM O . 1.63 -37.16 -20.40
C9 PLM O . 3.13 -36.82 -20.33
CA PLM O . 4.04 -37.98 -20.75
CB PLM O . 5.52 -37.78 -20.44
CC PLM O . 6.45 -38.75 -21.20
CD PLM O . 7.56 -39.34 -20.32
CE PLM O . 8.90 -39.56 -21.06
CF PLM O . 10.05 -40.09 -20.15
CG PLM O . 11.41 -40.20 -20.86
C1 L8Z P . 23.23 -50.07 -14.13
C2 L8Z P . 22.37 -50.82 -15.13
C3 L8Z P . 20.85 -50.56 -14.95
C4 L8Z P . 19.89 -51.62 -15.57
C5 L8Z P . 18.47 -51.71 -14.93
C6 L8Z P . 17.30 -50.93 -15.64
C7 L8Z P . 17.54 -50.41 -17.09
C8 L8Z P . 16.45 -50.72 -18.18
C9 L8Z P . 15.70 -49.50 -18.81
C10 L8Z P . 16.22 -48.04 -18.46
C11 L8Z P . 16.78 -47.11 -19.64
C12 L8Z P . 15.91 -46.98 -20.93
C13 L8Z P . 16.65 -47.11 -22.29
C14 L8Z P . 15.79 -47.72 -23.44
O2 L8Z P . 22.62 -48.95 -13.63
O3 L8Z P . 20.59 -50.54 -13.62
O1 L8Z P . 25.55 -42.75 -14.43
C15 L8Z P . 28.21 -50.36 -14.46
C21 L8Z P . 28.98 -49.96 -15.70
C31 L8Z P . 28.16 -49.59 -16.95
C41 L8Z P . 27.55 -48.15 -16.89
C51 L8Z P . 26.07 -48.00 -16.39
C61 L8Z P . 25.00 -47.57 -17.44
C71 L8Z P . 24.64 -46.07 -17.50
C81 L8Z P . 24.05 -45.54 -18.85
C91 L8Z P . 22.51 -45.22 -18.90
C16 L8Z P . 22.05 -43.72 -18.96
C17 L8Z P . 21.14 -43.30 -20.16
C18 L8Z P . 20.12 -42.13 -19.92
C19 L8Z P . 18.86 -42.43 -19.03
C20 L8Z P . 17.66 -41.51 -19.28
O21 L8Z P . 28.58 -51.58 -13.97
O31 L8Z P . 28.95 -49.67 -18.05
C1A L8Z P . 27.65 -45.07 -13.08
C22 L8Z P . 27.27 -45.27 -14.56
C32 L8Z P . 27.73 -44.24 -15.63
C42 L8Z P . 28.70 -44.83 -16.70
C52 L8Z P . 28.57 -44.29 -18.18
C62 L8Z P . 27.64 -45.05 -19.17
C72 L8Z P . 28.22 -45.38 -20.57
C82 L8Z P . 27.23 -45.28 -21.77
C92 L8Z P . 25.99 -44.36 -21.57
C23 L8Z P . 25.30 -43.78 -22.85
C24 L8Z P . 24.44 -42.49 -22.64
C25 L8Z P . 24.64 -41.38 -23.66
C26 L8Z P . 25.76 -41.64 -24.69
C27 L8Z P . 25.47 -41.14 -26.11
O22 L8Z P . 26.56 -44.80 -12.29
O32 L8Z P . 26.67 -43.76 -16.35
C1B L8Z P . 25.65 -43.04 -15.76
C28 L8Z P . 24.44 -42.48 -16.51
C33 L8Z P . 24.90 -41.50 -17.58
C43 L8Z P . 23.72 -40.61 -17.93
C53 L8Z P . 24.06 -39.75 -19.13
C63 L8Z P . 22.83 -38.95 -19.53
C73 L8Z P . 23.24 -37.83 -20.48
C83 L8Z P . 22.09 -36.86 -20.66
C93 L8Z P . 21.09 -37.41 -21.68
C29 L8Z P . 20.14 -36.29 -22.14
C30 L8Z P . 19.61 -36.57 -23.56
C34 L8Z P . 19.23 -35.28 -24.29
C1C L8Z P . 30.81 -42.15 -12.13
C2A L8Z P . 30.67 -40.91 -12.97
C35 L8Z P . 30.15 -41.20 -14.38
C44 L8Z P . 29.09 -40.21 -14.92
C54 L8Z P . 29.47 -39.49 -16.23
C64 L8Z P . 28.32 -39.01 -17.15
C74 L8Z P . 28.69 -37.91 -18.19
C84 L8Z P . 28.66 -38.33 -19.68
C94 L8Z P . 28.38 -37.20 -20.72
C36 L8Z P . 27.48 -37.58 -21.93
C37 L8Z P . 27.56 -36.66 -23.18
C38 L8Z P . 28.28 -37.25 -24.45
C39 L8Z P . 29.33 -36.32 -25.15
C40 L8Z P . 29.69 -35.02 -24.40
O23 L8Z P . 32.07 -42.66 -12.10
O33 L8Z P . 31.17 -41.18 -15.28
C1D L8Z P . 31.85 -42.37 -15.56
O11 L8Z P . 31.51 -43.43 -14.99
C2B L8Z P . 32.95 -42.38 -16.57
C3A L8Z P . 32.34 -43.02 -17.81
C45 L8Z P . 32.79 -42.33 -19.09
C55 L8Z P . 31.75 -42.52 -20.20
C65 L8Z P . 30.45 -41.84 -19.82
C75 L8Z P . 29.47 -41.88 -20.97
C85 L8Z P . 29.82 -40.85 -22.04
C95 L8Z P . 29.84 -41.46 -23.43
C46 L8Z P . 30.04 -40.40 -24.50
C47 L8Z P . 31.43 -39.79 -24.45
C48 L8Z P . 31.73 -38.94 -25.69
C49 L8Z P . 32.39 -39.74 -26.81
C50 L8Z P . 31.37 -40.30 -27.79
P L8Z P . 23.63 -51.90 -10.50
O12 L8Z P . 22.83 -52.09 -11.76
O24 L8Z P . 24.02 -53.26 -10.00
O34 L8Z P . 22.80 -51.22 -9.46
P1 L8Z P . 31.23 -41.64 -8.40
O13 L8Z P . 30.65 -41.82 -7.02
O25 L8Z P . 30.26 -40.84 -9.24
O35 L8Z P . 32.51 -40.87 -8.27
C1E L8Z P . 24.63 -49.81 -11.37
O14 L8Z P . 24.96 -51.03 -10.81
C2C L8Z P . 25.16 -49.63 -12.79
N2 L8Z P . 24.44 -50.43 -13.76
C3B L8Z P . 26.62 -50.07 -12.72
O36 L8Z P . 27.25 -49.59 -13.87
C4A L8Z P . 27.48 -49.41 -11.62
O4 L8Z P . 28.18 -50.55 -11.18
C56 L8Z P . 26.69 -48.85 -10.43
O5 L8Z P . 25.30 -48.88 -10.61
C66 L8Z P . 27.19 -47.39 -10.22
O6 L8Z P . 28.46 -47.28 -10.84
C1F L8Z P . 29.36 -46.28 -10.45
C2D L8Z P . 29.00 -44.96 -11.08
C3C L8Z P . 30.06 -43.98 -10.76
C4B L8Z P . 30.24 -43.75 -9.29
C57 L8Z P . 30.42 -45.11 -8.60
C67 L8Z P . 30.39 -44.98 -7.11
N21 L8Z P . 28.86 -45.16 -12.56
O37 L8Z P . 29.76 -42.76 -11.48
O41 L8Z P . 31.48 -43.05 -9.12
O51 L8Z P . 29.41 -46.10 -8.97
O61 L8Z P . 30.04 -46.25 -6.63
C1G L8Z P . 32.36 -45.89 -5.22
O1A L8Z P . 32.31 -44.89 -4.45
O1B L8Z P . 33.33 -46.36 -5.73
C2E L8Z P . 30.82 -46.61 -5.48
C3D L8Z P . 31.02 -48.12 -5.42
C4C L8Z P . 29.71 -48.85 -5.47
O42 L8Z P . 29.95 -50.20 -5.21
C58 L8Z P . 28.76 -48.29 -4.39
O52 L8Z P . 29.32 -48.54 -3.15
C68 L8Z P . 28.59 -46.75 -4.54
O62 L8Z P . 29.84 -46.14 -4.57
C76 L8Z P . 27.83 -46.18 -3.26
O7 L8Z P . 26.50 -46.44 -3.30
C86 L8Z P . 28.08 -44.60 -3.07
O8 L8Z P . 29.38 -44.31 -3.48
P1 LPP Q . 16.59 -42.76 -0.87
O2 LPP Q . 16.86 -41.72 0.20
O3 LPP Q . 15.29 -43.51 -0.75
O4 LPP Q . 17.78 -43.51 -1.41
O5 LPP Q . 16.19 -41.60 -2.26
C6 LPP Q . 15.42 -40.55 -1.99
C7 LPP Q . 16.15 -39.09 -2.29
C8 LPP Q . 17.66 -39.25 -2.65
O9 LPP Q . 15.29 -38.40 -3.25
O27 LPP Q . 18.08 -38.21 -3.56
C11 LPP Q . 14.95 -38.84 -4.49
O10 LPP Q . 15.33 -39.90 -4.96
C12 LPP Q . 14.05 -37.85 -5.21
C13 LPP Q . 13.89 -38.15 -6.71
C14 LPP Q . 14.23 -36.98 -7.64
C15 LPP Q . 13.32 -36.95 -8.88
C16 LPP Q . 11.99 -36.18 -8.70
C17 LPP Q . 11.60 -35.32 -9.92
C18 LPP Q . 12.26 -33.94 -10.00
C19 LPP Q . 11.52 -32.85 -9.19
C20 LPP Q . 10.13 -32.49 -9.77
C21 LPP Q . 10.15 -31.78 -11.14
C22 LPP Q . 9.70 -30.30 -11.06
C23 LPP Q . 9.14 -29.76 -12.39
C24 LPP Q . 8.47 -28.38 -12.26
C25 LPP Q . 8.12 -27.79 -13.63
C26 LPP Q . 7.56 -26.37 -13.55
C29 LPP Q . 18.66 -38.56 -4.71
O28 LPP Q . 18.88 -39.71 -5.03
C30 LPP Q . 19.06 -37.40 -5.60
C31 LPP Q . 19.14 -36.05 -4.86
C32 LPP Q . 18.46 -34.89 -5.63
C33 LPP Q . 18.32 -35.08 -7.16
C34 LPP Q . 17.14 -34.27 -7.76
C35 LPP Q . 17.34 -33.72 -9.19
C36 LPP Q . 16.48 -32.48 -9.55
C37 LPP Q . 16.29 -32.26 -11.07
C38 LPP Q . 15.62 -30.92 -11.45
C39 LPP Q . 15.03 -30.85 -12.89
C40 LPP Q . 14.28 -29.53 -13.19
C41 LPP Q . 14.01 -29.26 -14.69
C42 LPP Q . 12.75 -28.41 -14.96
C43 LPP Q . 12.60 -27.95 -16.42
C44 LPP Q . 11.19 -28.08 -16.96
C1 GOL R . 9.08 -31.64 -29.87
O1 GOL R . 9.70 -32.84 -29.65
C2 GOL R . 7.95 -32.00 -30.82
O2 GOL R . 8.01 -31.25 -31.95
C3 GOL R . 6.67 -31.68 -30.07
C1 PLM S . 10.59 -25.75 -25.11
O2 PLM S . 11.57 -26.03 -25.86
C2 PLM S . 10.86 -25.65 -23.59
C3 PLM S . 12.32 -25.63 -23.17
C4 PLM S . 12.92 -27.01 -22.92
C5 PLM S . 14.35 -26.93 -22.43
C6 PLM S . 15.40 -26.96 -23.53
C7 PLM S . 16.81 -26.63 -23.04
C8 PLM S . 17.82 -27.77 -23.22
C9 PLM S . 19.01 -27.68 -22.26
CA PLM S . 20.29 -28.29 -22.82
CB PLM S . 21.47 -28.19 -21.87
CC PLM S . 22.81 -28.50 -22.52
CD PLM S . 24.03 -28.23 -21.62
CE PLM S . 25.38 -28.23 -22.37
CF PLM S . 26.58 -27.94 -21.48
CG PLM S . 27.91 -27.92 -22.23
C1 L8Z T . 38.83 -36.89 -13.16
C2 L8Z T . 38.46 -37.44 -14.52
C3 L8Z T . 36.94 -37.75 -14.62
C4 L8Z T . 36.58 -38.97 -15.49
C5 L8Z T . 35.08 -39.36 -15.46
C6 L8Z T . 34.24 -38.97 -16.73
C7 L8Z T . 33.39 -37.66 -16.66
C8 L8Z T . 33.21 -36.90 -17.99
C9 L8Z T . 33.70 -37.63 -19.28
C10 L8Z T . 33.05 -37.18 -20.62
C11 L8Z T . 33.82 -36.09 -21.45
C12 L8Z T . 33.40 -35.91 -22.93
C13 L8Z T . 34.55 -35.89 -23.98
C14 L8Z T . 34.21 -35.22 -25.33
O2 L8Z T . 38.08 -35.78 -12.83
O3 L8Z T . 36.47 -38.03 -13.39
O1 L8Z T . 40.06 -29.89 -11.23
C15 L8Z T . 42.55 -36.18 -12.77
C21 L8Z T . 43.25 -35.12 -13.57
C31 L8Z T . 43.89 -35.58 -14.85
C41 L8Z T . 43.31 -34.85 -16.11
C51 L8Z T . 41.82 -34.36 -16.03
C61 L8Z T . 41.42 -33.17 -16.98
C71 L8Z T . 40.04 -32.50 -16.72
C81 L8Z T . 39.18 -32.16 -17.98
C91 L8Z T . 37.74 -31.59 -17.73
C16 L8Z T . 37.39 -30.20 -18.36
C17 L8Z T . 35.91 -29.99 -18.84
C18 L8Z T . 35.03 -28.99 -18.01
C19 L8Z T . 33.48 -29.15 -18.10
C20 L8Z T . 32.69 -27.91 -17.70
O21 L8Z T . 42.33 -37.35 -13.44
O31 L8Z T . 45.23 -35.32 -14.75
C1A L8Z T . 41.68 -32.33 -9.99
C22 L8Z T . 42.11 -32.45 -11.45
C32 L8Z T . 42.41 -31.16 -12.16
C42 L8Z T . 43.78 -31.17 -12.96
C52 L8Z T . 44.46 -29.80 -13.31
C62 L8Z T . 44.14 -29.16 -14.71
C72 L8Z T . 44.19 -30.10 -15.97
C82 L8Z T . 43.23 -29.76 -17.15
C92 L8Z T . 42.69 -28.31 -17.18
C23 L8Z T . 41.82 -27.89 -18.37
C24 L8Z T . 41.45 -26.37 -18.45
C25 L8Z T . 41.55 -25.70 -19.86
C26 L8Z T . 42.20 -24.29 -19.94
C27 L8Z T . 41.94 -23.54 -21.26
O22 L8Z T . 40.32 -32.22 -9.89
O32 L8Z T . 41.39 -30.90 -13.03
C1B L8Z T . 40.25 -30.27 -12.55
C28 L8Z T . 39.04 -29.91 -13.39
C33 L8Z T . 39.11 -28.43 -13.71
C43 L8Z T . 37.82 -28.04 -14.40
C53 L8Z T . 37.97 -26.68 -15.05
C63 L8Z T . 36.60 -26.24 -15.53
C73 L8Z T . 36.73 -24.93 -16.29
C83 L8Z T . 36.75 -23.77 -15.31
C93 L8Z T . 37.17 -22.49 -16.02
C29 L8Z T . 36.31 -22.32 -17.25
C30 L8Z T . 37.12 -21.62 -18.32
C34 L8Z T . 36.27 -21.28 -19.55
C1C L8Z T . 43.26 -28.94 -7.50
C2A L8Z T . 42.98 -27.61 -8.14
C35 L8Z T . 43.45 -27.55 -9.62
C44 L8Z T . 42.94 -26.30 -10.40
C54 L8Z T . 42.21 -26.53 -11.76
C64 L8Z T . 41.32 -25.34 -12.31
C74 L8Z T . 41.97 -24.35 -13.34
C84 L8Z T . 41.78 -24.70 -14.86
C94 L8Z T . 41.92 -23.54 -15.91
C36 L8Z T . 40.71 -23.27 -16.87
C37 L8Z T . 40.49 -21.81 -17.37
C38 L8Z T . 41.75 -20.97 -17.75
C39 L8Z T . 42.03 -19.71 -16.87
C40 L8Z T . 41.87 -18.37 -17.60
O23 L8Z T . 44.55 -29.05 -7.08
O33 L8Z T . 44.83 -27.56 -9.63
C1D L8Z T . 45.55 -28.73 -9.93
O11 L8Z T . 44.94 -29.78 -10.20
C2B L8Z T . 47.06 -28.74 -9.95
C3A L8Z T . 47.54 -29.05 -11.37
C45 L8Z T . 48.85 -28.36 -11.73
C55 L8Z T . 48.90 -28.05 -13.23
C65 L8Z T . 47.62 -27.33 -13.66
C75 L8Z T . 47.58 -27.07 -15.17
C85 L8Z T . 46.32 -26.33 -15.56
C95 L8Z T . 46.68 -24.98 -16.16
C46 L8Z T . 45.92 -24.72 -17.46
C47 L8Z T . 46.24 -23.34 -18.04
C48 L8Z T . 45.61 -23.19 -19.41
C49 L8Z T . 45.74 -21.76 -19.92
C50 L8Z T . 45.14 -21.62 -21.32
P L8Z T . 38.65 -39.91 -9.81
O12 L8Z T . 39.05 -41.14 -10.60
O24 L8Z T . 38.33 -40.29 -8.38
O34 L8Z T . 37.42 -39.30 -10.43
P1 L8Z T . 42.57 -29.34 -3.70
O13 L8Z T . 41.50 -29.91 -2.80
O25 L8Z T . 41.95 -28.31 -4.62
O35 L8Z T . 43.59 -28.67 -2.84
C1E L8Z T . 39.31 -37.58 -9.92
O14 L8Z T . 39.84 -38.85 -9.80
C2C L8Z T . 40.02 -36.82 -11.05
N2 L8Z T . 39.74 -37.42 -12.36
C3B L8Z T . 41.51 -36.90 -10.71
O36 L8Z T . 42.16 -35.94 -11.47
C4A L8Z T . 41.87 -36.35 -9.34
O4 L8Z T . 43.11 -37.00 -9.19
C56 L8Z T . 40.93 -36.81 -8.26
O5 L8Z T . 39.61 -36.94 -8.74
C66 L8Z T . 40.97 -35.76 -7.14
O6 L8Z T . 41.33 -34.52 -7.74
C1F L8Z T . 42.07 -33.60 -6.98
C2D L8Z T . 41.95 -32.22 -7.58
C3C L8Z T . 42.66 -31.21 -6.77
C4B L8Z T . 42.31 -31.23 -5.32
C57 L8Z T . 42.43 -32.68 -4.84
C67 L8Z T . 42.10 -32.85 -3.39
N21 L8Z T . 42.50 -32.33 -8.96
O37 L8Z T . 42.30 -29.94 -7.37
O41 L8Z T . 43.27 -30.47 -4.59
O51 L8Z T . 41.55 -33.57 -5.59
O61 L8Z T . 42.07 -34.23 -3.13
C1G L8Z T . 43.70 -33.26 -1.25
O1A L8Z T . 43.08 -32.49 -0.46
O1B L8Z T . 44.82 -33.18 -1.59
C2E L8Z T . 42.70 -34.51 -1.87
C3D L8Z T . 43.49 -35.82 -1.93
C4C L8Z T . 42.70 -36.93 -2.61
O42 L8Z T . 43.40 -38.11 -2.46
C58 L8Z T . 41.38 -37.09 -1.88
O52 L8Z T . 41.68 -37.64 -0.66
C68 L8Z T . 40.65 -35.68 -1.71
O62 L8Z T . 41.51 -34.74 -1.13
C76 L8Z T . 39.33 -35.78 -0.81
O7 L8Z T . 38.23 -35.72 -1.62
C86 L8Z T . 39.22 -34.63 0.27
O8 L8Z T . 40.29 -34.76 1.14
P1 LPP U . 27.39 -35.31 -1.86
O2 LPP U . 27.15 -34.85 -0.44
O3 LPP U . 26.24 -36.03 -2.52
O4 LPP U . 28.78 -35.76 -2.20
O5 LPP U . 27.29 -33.66 -2.70
C6 LPP U . 26.23 -32.91 -2.47
C7 LPP U . 26.55 -31.41 -1.94
C8 LPP U . 28.08 -31.17 -1.85
O9 LPP U . 25.83 -30.52 -2.82
O27 LPP U . 28.43 -29.93 -2.49
C11 LPP U . 26.03 -30.41 -4.15
O10 LPP U . 26.88 -31.06 -4.75
C12 LPP U . 25.11 -29.41 -4.82
C13 LPP U . 24.71 -29.76 -6.26
C14 LPP U . 25.26 -28.82 -7.34
C15 LPP U . 24.63 -29.05 -8.73
C16 LPP U . 23.43 -28.16 -9.05
C17 LPP U . 23.72 -27.12 -10.14
C18 LPP U . 23.40 -25.66 -9.76
C19 LPP U . 22.00 -25.49 -9.15
C20 LPP U . 20.93 -24.95 -10.13
C21 LPP U . 21.38 -23.78 -11.01
C22 LPP U . 20.63 -22.46 -10.77
C23 LPP U . 20.64 -21.55 -12.00
C24 LPP U . 19.90 -20.21 -11.85
C25 LPP U . 19.46 -19.68 -13.22
C26 LPP U . 19.02 -18.20 -13.23
C29 LPP U . 29.69 -29.72 -2.92
O28 LPP U . 30.58 -30.54 -2.79
C30 LPP U . 29.91 -28.36 -3.59
C31 LPP U . 29.21 -27.19 -2.90
C32 LPP U . 28.61 -26.14 -3.89
C33 LPP U . 28.80 -26.43 -5.41
C34 LPP U . 27.60 -26.02 -6.30
C35 LPP U . 27.82 -24.86 -7.31
C36 LPP U . 26.62 -23.87 -7.49
C37 LPP U . 26.91 -22.62 -8.36
C38 LPP U . 25.68 -21.71 -8.65
C39 LPP U . 25.82 -20.80 -9.91
C40 LPP U . 24.49 -20.24 -10.44
C41 LPP U . 24.58 -19.29 -11.67
C42 LPP U . 23.24 -19.18 -12.45
C43 LPP U . 23.22 -18.16 -13.60
C44 LPP U . 22.60 -18.74 -14.87
C1 PLM V . 24.05 -14.10 -22.66
O2 PLM V . 25.05 -14.31 -23.38
C2 PLM V . 24.25 -14.05 -21.10
C3 PLM V . 25.52 -14.68 -20.54
C4 PLM V . 25.91 -14.18 -19.14
C5 PLM V . 27.25 -14.72 -18.63
C6 PLM V . 28.29 -14.88 -19.75
C7 PLM V . 29.64 -15.40 -19.28
C8 PLM V . 30.48 -14.35 -18.55
C9 PLM V . 31.42 -14.91 -17.47
CA PLM V . 32.91 -14.61 -17.71
CB PLM V . 33.73 -14.58 -16.42
CC PLM V . 35.25 -14.47 -16.63
CD PLM V . 36.01 -14.19 -15.32
CE PLM V . 37.55 -14.19 -15.46
CF PLM V . 38.31 -13.68 -14.22
CG PLM V . 39.84 -13.63 -14.37
C1 GOL W . 25.14 -17.15 -28.23
O1 GOL W . 25.40 -18.51 -28.18
C2 GOL W . 25.35 -16.72 -29.71
O2 GOL W . 26.41 -17.40 -30.25
C3 GOL W . 25.65 -15.23 -29.63
C1 L8Z X . 49.30 -22.61 -4.10
C2 L8Z X . 49.37 -23.03 -5.55
C3 L8Z X . 48.78 -24.41 -5.86
C4 L8Z X . 48.98 -24.85 -7.35
C5 L8Z X . 47.81 -24.51 -8.32
C6 L8Z X . 48.01 -24.85 -9.83
C7 L8Z X . 46.91 -24.36 -10.82
C8 L8Z X . 46.16 -23.08 -10.43
C9 L8Z X . 45.18 -22.55 -11.51
C10 L8Z X . 44.66 -21.08 -11.35
C11 L8Z X . 44.08 -20.39 -12.64
C12 L8Z X . 43.74 -21.31 -13.86
C13 L8Z X . 44.85 -21.52 -14.95
C14 L8Z X . 45.49 -20.24 -15.50
O2 L8Z X . 48.19 -21.87 -3.82
O3 L8Z X . 49.35 -25.33 -5.02
O1 L8Z X . 47.91 -14.50 -1.18
C15 L8Z X . 53.01 -21.39 -2.66
C21 L8Z X . 53.79 -20.35 -3.45
C31 L8Z X . 53.44 -20.24 -4.93
C41 L8Z X . 51.91 -20.19 -5.18
C51 L8Z X . 51.18 -18.91 -4.74
C61 L8Z X . 49.93 -18.53 -5.59
C71 L8Z X . 49.59 -17.02 -5.70
C81 L8Z X . 49.32 -16.47 -7.15
C91 L8Z X . 48.46 -15.16 -7.28
C16 L8Z X . 48.90 -14.16 -8.41
C17 L8Z X . 47.86 -13.86 -9.51
C18 L8Z X . 46.38 -13.87 -9.03
C19 L8Z X . 45.37 -14.67 -9.87
C20 L8Z X . 43.89 -14.34 -9.60
O21 L8Z X . 53.47 -22.65 -2.82
O31 L8Z X . 53.99 -19.10 -5.43
C1A L8Z X . 49.56 -17.82 0.74
C22 L8Z X . 50.05 -17.53 -0.69
C32 L8Z X . 50.27 -16.09 -1.14
C42 L8Z X . 51.76 -15.76 -1.41
C52 L8Z X . 52.06 -14.62 -2.40
C62 L8Z X . 52.39 -15.06 -3.85
C72 L8Z X . 52.80 -13.92 -4.81
C82 L8Z X . 51.65 -13.19 -5.54
C92 L8Z X . 51.92 -11.73 -6.02
C23 L8Z X . 50.84 -11.12 -6.96
C24 L8Z X . 50.48 -9.64 -6.71
C25 L8Z X . 51.21 -8.64 -7.63
C26 L8Z X . 51.35 -7.19 -7.09
C27 L8Z X . 51.56 -6.11 -8.17
O22 L8Z X . 48.37 -18.49 0.75
O32 L8Z X . 49.61 -15.89 -2.30
C1B L8Z X . 48.46 -15.10 -2.31
C28 L8Z X . 47.63 -14.78 -3.54
C33 L8Z X . 46.99 -13.43 -3.36
C43 L8Z X . 46.49 -12.97 -4.72
C53 L8Z X . 45.40 -11.96 -4.50
C63 L8Z X . 45.00 -11.34 -5.82
C73 L8Z X . 45.90 -10.16 -6.11
C83 L8Z X . 45.20 -8.87 -5.75
C93 L8Z X . 46.06 -7.68 -6.16
C29 L8Z X . 46.52 -7.86 -7.61
C30 L8Z X . 46.50 -6.51 -8.31
C34 L8Z X . 45.27 -6.32 -9.18
C1C L8Z X . 50.35 -14.84 3.63
C2A L8Z X . 50.13 -13.36 3.41
C35 L8Z X . 50.92 -12.69 2.28
C44 L8Z X . 50.00 -11.79 1.43
C54 L8Z X . 50.49 -11.20 0.10
C64 L8Z X . 49.63 -10.01 -0.40
C74 L8Z X . 49.62 -9.74 -1.92
C84 L8Z X . 48.59 -8.71 -2.41
C94 L8Z X . 49.09 -7.73 -3.51
C36 L8Z X . 48.35 -6.35 -3.62
C37 L8Z X . 49.21 -5.06 -3.39
C38 L8Z X . 48.89 -3.79 -4.28
C39 L8Z X . 48.28 -2.54 -3.58
C40 L8Z X . 47.30 -1.76 -4.46
O23 L8Z X . 51.59 -15.27 3.28
O33 L8Z X . 51.94 -11.93 2.79
C1D L8Z X . 53.23 -12.45 2.92
O11 L8Z X . 53.46 -13.63 2.57
C2B L8Z X . 54.37 -11.64 3.47
C3A L8Z X . 55.61 -11.87 2.61
C45 L8Z X . 56.45 -10.60 2.45
C55 L8Z X . 56.42 -10.01 1.04
C65 L8Z X . 55.14 -10.42 0.31
C75 L8Z X . 54.64 -9.36 -0.67
C85 L8Z X . 54.13 -8.10 0.02
C95 L8Z X . 53.45 -7.15 -0.95
C46 L8Z X . 53.75 -7.57 -2.39
C47 L8Z X . 53.43 -6.47 -3.40
C48 L8Z X . 54.10 -6.84 -4.73
C49 L8Z X . 54.23 -5.62 -5.64
C50 L8Z X . 55.04 -5.98 -6.89
P L8Z X . 49.03 -25.81 -1.53
O12 L8Z X . 49.49 -26.05 -2.94
O24 L8Z X . 49.14 -27.10 -0.75
O34 L8Z X . 47.58 -25.40 -1.53
P1 L8Z X . 48.49 -16.24 7.62
O13 L8Z X . 47.21 -17.02 7.53
O25 L8Z X . 48.23 -14.81 7.21
O35 L8Z X . 48.94 -16.23 9.06
C1E L8Z X . 49.26 -23.45 -0.96
O14 L8Z X . 49.93 -24.67 -0.84
C2C L8Z X . 49.99 -22.43 -1.85
N2 L8Z X . 50.21 -22.93 -3.19
C3B L8Z X . 51.29 -22.12 -1.15
O36 L8Z X . 51.93 -21.10 -1.85
C4A L8Z X . 51.02 -21.41 0.17
O4 L8Z X . 52.34 -21.41 0.66
C56 L8Z X . 50.11 -22.24 1.08
O5 L8Z X . 49.12 -22.93 0.34
C66 L8Z X . 49.42 -21.29 2.14
O6 L8Z X . 50.24 -20.16 2.37
C1F L8Z X . 50.04 -19.30 3.46
C2D L8Z X . 49.51 -17.93 3.12
C3C L8Z X . 49.78 -17.08 4.31
C4B L8Z X . 49.09 -17.59 5.55
C57 L8Z X . 49.42 -19.06 5.73
C67 L8Z X . 48.67 -19.67 6.88
N21 L8Z X . 50.19 -17.50 1.86
O37 L8Z X . 49.39 -15.70 4.15
O41 L8Z X . 49.63 -16.86 6.66
O51 L8Z X . 49.18 -19.88 4.53
O61 L8Z X . 48.60 -21.05 6.61
C1G L8Z X . 50.85 -20.93 8.14
O1A L8Z X . 50.45 -20.45 9.23
O1B L8Z X . 51.94 -20.85 7.69
C2E L8Z X . 49.61 -21.79 7.30
C3D L8Z X . 50.25 -22.87 6.37
C4C L8Z X . 49.40 -24.12 6.02
O42 L8Z X . 50.24 -25.22 5.98
C58 L8Z X . 48.38 -24.44 7.11
O52 L8Z X . 49.10 -24.98 8.17
C68 L8Z X . 47.67 -23.10 7.52
O62 L8Z X . 48.62 -22.32 8.18
C76 L8Z X . 46.39 -23.32 8.46
O7 L8Z X . 45.26 -23.30 7.70
C86 L8Z X . 46.25 -22.20 9.56
O8 L8Z X . 47.52 -21.83 9.92
P1 LPP Y . 34.77 -26.26 2.70
O2 LPP Y . 33.67 -25.82 3.64
O3 LPP Y . 34.37 -27.27 1.67
O4 LPP Y . 36.17 -26.35 3.26
O5 LPP Y . 34.94 -24.70 1.72
C6 LPP Y . 33.86 -23.97 1.52
C7 LPP Y . 33.84 -22.55 2.31
C8 LPP Y . 35.27 -22.04 2.64
O9 LPP Y . 33.04 -21.66 1.51
O27 LPP Y . 35.19 -20.59 2.73
C11 LPP Y . 33.28 -21.29 0.20
O10 LPP Y . 34.22 -21.72 -0.45
C12 LPP Y . 32.23 -20.33 -0.31
C13 LPP Y . 32.32 -20.01 -1.82
C14 LPP Y . 33.00 -18.68 -2.18
C15 LPP Y . 32.73 -18.25 -3.64
C16 LPP Y . 31.46 -17.42 -3.82
C17 LPP Y . 31.61 -16.32 -4.88
C18 LPP Y . 31.76 -14.91 -4.32
C19 LPP Y . 30.43 -14.25 -3.91
C20 LPP Y . 29.18 -14.69 -4.66
C21 LPP Y . 28.54 -13.63 -5.58
C22 LPP Y . 27.86 -12.47 -4.85
C23 LPP Y . 27.66 -11.25 -5.76
C24 LPP Y . 26.39 -10.44 -5.47
C25 LPP Y . 26.27 -9.20 -6.34
C26 LPP Y . 24.88 -8.61 -6.36
C29 LPP Y . 36.29 -19.83 2.82
O28 LPP Y . 37.42 -20.31 2.83
C30 LPP Y . 36.06 -18.33 2.88
C31 LPP Y . 34.73 -17.88 3.52
C32 LPP Y . 34.44 -16.38 3.24
C33 LPP Y . 34.88 -15.91 1.83
C34 LPP Y . 33.73 -15.51 0.87
C35 LPP Y . 33.97 -14.18 0.10
C36 LPP Y . 32.73 -13.59 -0.64
C37 LPP Y . 32.94 -12.13 -1.15
C38 LPP Y . 31.93 -11.68 -2.24
C39 LPP Y . 32.34 -10.47 -3.11
C40 LPP Y . 31.18 -9.44 -3.27
C41 LPP Y . 31.39 -8.34 -4.32
C42 LPP Y . 30.18 -8.11 -5.26
C43 LPP Y . 30.48 -7.20 -6.45
C44 LPP Y . 29.51 -7.36 -7.61
C1 PLM Z . 31.63 -0.68 -14.56
O2 PLM Z . 32.58 0.02 -14.98
C2 PLM Z . 31.43 -0.77 -13.00
C3 PLM Z . 32.18 -1.91 -12.33
C4 PLM Z . 31.74 -2.21 -10.88
C5 PLM Z . 32.72 -1.73 -9.80
C6 PLM Z . 34.13 -2.35 -9.91
C7 PLM Z . 35.26 -1.36 -9.62
C8 PLM Z . 36.56 -2.02 -9.20
C9 PLM Z . 36.98 -1.68 -7.78
CA PLM Z . 38.49 -1.56 -7.60
CB PLM Z . 38.91 -1.48 -6.15
CC PLM Z . 40.37 -1.15 -5.95
CD PLM Z . 40.87 -1.39 -4.53
CE PLM Z . 42.15 -0.61 -4.18
CF PLM Z . 42.67 -0.88 -2.76
CG PLM Z . 43.53 0.26 -2.18
C1 GOL AA . 35.38 -2.35 -19.13
O1 GOL AA . 35.83 -3.65 -19.15
C2 GOL AA . 35.87 -1.74 -20.41
O2 GOL AA . 37.24 -1.83 -20.47
C3 GOL AA . 35.39 -0.28 -20.33
C1 L8Z BA . 53.57 -8.71 10.39
C2 L8Z BA . 54.16 -8.95 9.04
C3 L8Z BA . 53.14 -8.95 7.91
C4 L8Z BA . 53.66 -8.34 6.58
C5 L8Z BA . 52.94 -8.84 5.28
C6 L8Z BA . 52.26 -7.76 4.40
C7 L8Z BA . 51.26 -8.30 3.32
C8 L8Z BA . 50.13 -7.31 2.84
C9 L8Z BA . 50.42 -6.45 1.57
C10 L8Z BA . 49.40 -5.33 1.23
C11 L8Z BA . 49.84 -3.86 1.55
C12 L8Z BA . 50.36 -3.03 0.36
C13 L8Z BA . 51.20 -3.79 -0.72
C14 L8Z BA . 51.69 -2.93 -1.90
O2 L8Z BA . 52.56 -7.77 10.34
O3 L8Z BA . 52.78 -10.24 7.69
O1 L8Z BA . 48.69 -2.16 14.14
C15 L8Z BA . 54.75 -6.39 12.79
C21 L8Z BA . 55.82 -5.34 12.46
C31 L8Z BA . 56.33 -5.32 11.00
C41 L8Z BA . 56.35 -3.90 10.31
C51 L8Z BA . 55.04 -3.07 10.27
C61 L8Z BA . 54.13 -3.21 9.00
C71 L8Z BA . 52.65 -3.69 9.23
C81 L8Z BA . 51.50 -2.60 9.20
C91 L8Z BA . 51.69 -1.31 8.31
C16 L8Z BA . 50.44 -0.42 8.02
C17 L8Z BA . 49.94 -0.35 6.53
C18 L8Z BA . 48.51 -0.93 6.20
C19 L8Z BA . 48.40 -1.86 4.96
C20 L8Z BA . 47.05 -1.85 4.22
O21 L8Z BA . 53.51 -6.05 12.31
O31 L8Z BA . 57.59 -5.85 10.96
C1A L8Z BA . 50.37 -5.18 15.55
C22 L8Z BA . 51.18 -4.41 14.52
C32 L8Z BA . 51.39 -2.90 14.62
C42 L8Z BA . 52.88 -2.51 14.85
C52 L8Z BA . 53.35 -1.11 14.38
C62 L8Z BA . 53.65 -0.89 12.87
C72 L8Z BA . 53.53 0.58 12.35
C82 L8Z BA . 52.17 1.00 11.70
C92 L8Z BA . 51.57 2.39 12.13
C23 L8Z BA . 51.01 3.33 10.99
C24 L8Z BA . 51.51 4.84 10.95
C25 L8Z BA . 52.80 5.13 10.12
C26 L8Z BA . 53.96 5.79 10.87
C27 L8Z BA . 53.54 7.05 11.62
O22 L8Z BA . 49.46 -6.00 14.94
O32 L8Z BA . 51.02 -2.42 13.43
C1B L8Z BA . 49.70 -2.06 13.20
C28 L8Z BA . 49.15 -1.52 11.88
C33 L8Z BA . 47.78 -0.93 12.12
C43 L8Z BA . 47.23 -0.43 10.80
C53 L8Z BA . 47.39 1.07 10.71
C63 L8Z BA . 46.34 1.60 9.78
C73 L8Z BA . 46.71 2.98 9.28
C83 L8Z BA . 45.45 3.69 8.85
C93 L8Z BA . 45.68 4.44 7.56
C29 L8Z BA . 44.33 4.85 6.98
C30 L8Z BA . 44.54 5.70 5.73
C34 L8Z BA . 43.29 6.48 5.36
C1C L8Z BA . 49.35 -3.17 19.09
C2A L8Z BA . 48.82 -1.75 19.10
C35 L8Z BA . 49.49 -0.81 18.07
C44 L8Z BA . 48.55 -0.35 16.92
C54 L8Z BA . 49.02 0.83 16.02
C64 L8Z BA . 47.91 1.82 15.55
C74 L8Z BA . 48.36 3.27 15.19
C84 L8Z BA . 47.86 3.86 13.84
C94 L8Z BA . 48.68 5.08 13.26
C36 L8Z BA . 47.87 6.26 12.67
C37 L8Z BA . 46.90 6.97 13.65
C38 L8Z BA . 47.17 8.48 13.90
C39 L8Z BA . 46.72 9.04 15.27
C40 L8Z BA . 46.63 10.56 15.34
O23 L8Z BA . 50.71 -3.24 19.15
O33 L8Z BA . 50.01 0.28 18.70
C1D L8Z BA . 51.37 0.24 19.03
O11 L8Z BA . 52.01 -0.78 18.73
C2B L8Z BA . 52.08 1.37 19.72
C3A L8Z BA . 53.31 1.65 18.89
C45 L8Z BA . 52.85 2.06 17.49
C55 L8Z BA . 53.99 2.14 16.48
C65 L8Z BA . 53.52 2.88 15.23
C75 L8Z BA . 53.48 4.38 15.52
C85 L8Z BA . 52.06 4.92 15.68
C95 L8Z BA . 52.03 6.11 16.63
C46 L8Z BA . 53.26 6.98 16.49
C47 L8Z BA . 53.08 8.01 15.40
C48 L8Z BA . 54.19 9.06 15.46
C49 L8Z BA . 53.95 10.17 14.45
C50 L8Z BA . 54.99 11.27 14.58
P L8Z BA . 52.75 -12.02 12.14
O12 L8Z BA . 54.13 -11.92 11.54
O24 L8Z BA . 52.36 -13.45 12.40
O34 L8Z BA . 51.75 -11.39 11.22
P1 L8Z BA . 47.04 -5.70 21.53
O13 L8Z BA . 46.14 -6.90 21.50
O25 L8Z BA . 46.59 -4.71 20.48
O35 L8Z BA . 47.01 -5.05 22.88
C1E L8Z BA . 52.21 -9.97 13.20
O14 L8Z BA . 52.79 -11.18 13.50
C2C L8Z BA . 53.22 -8.91 12.70
N2 L8Z BA . 53.94 -9.30 11.50
C3B L8Z BA . 54.15 -8.58 13.85
O36 L8Z BA . 55.05 -7.54 13.49
C4A L8Z BA . 53.37 -8.11 15.12
O4 L8Z BA . 54.40 -8.03 16.07
C56 L8Z BA . 52.52 -9.28 15.49
O5 L8Z BA . 51.69 -9.55 14.41
C66 L8Z BA . 51.71 -8.99 16.76
O6 L8Z BA . 50.85 -7.90 16.57
C1F L8Z BA . 50.32 -7.37 17.74
C2D L8Z BA . 49.59 -6.05 17.62
C3C L8Z BA . 49.32 -5.58 19.01
C4B L8Z BA . 48.60 -6.60 19.85
C57 L8Z BA . 49.38 -7.92 19.82
C67 L8Z BA . 48.83 -9.03 20.66
N21 L8Z BA . 50.51 -5.15 16.86
O37 L8Z BA . 48.58 -4.33 19.01
O41 L8Z BA . 48.55 -6.14 21.20
O51 L8Z BA . 49.49 -8.39 18.44
O61 L8Z BA . 49.81 -10.05 20.62
C1G L8Z BA . 49.15 -10.79 23.01
O1A L8Z BA . 48.14 -11.38 23.45
O1B L8Z BA . 49.85 -10.02 23.56
C2E L8Z BA . 49.46 -11.21 21.41
C3D L8Z BA . 50.67 -12.13 21.43
C4C L8Z BA . 51.00 -12.69 20.05
O42 L8Z BA . 52.06 -13.58 20.15
C58 L8Z BA . 49.77 -13.45 19.52
O52 L8Z BA . 49.53 -14.55 20.31
C68 L8Z BA . 48.52 -12.51 19.56
O62 L8Z BA . 48.36 -11.92 20.83
C76 L8Z BA . 47.25 -13.38 19.23
O7 L8Z BA . 47.30 -13.74 17.93
C86 L8Z BA . 45.90 -12.62 19.54
O8 L8Z BA . 46.18 -11.58 20.42
P1 LPP CA . 39.34 -16.52 10.66
O2 LPP CA . 38.04 -17.16 11.08
O3 LPP CA . 39.85 -16.92 9.30
O4 LPP CA . 40.35 -16.29 11.74
O5 LPP CA . 38.76 -14.78 10.30
C6 LPP CA . 37.48 -14.55 10.04
C7 LPP CA . 36.77 -13.43 11.02
C8 LPP CA . 37.82 -12.64 11.87
O9 LPP CA . 35.96 -12.59 10.18
O27 LPP CA . 37.27 -11.31 12.06
C11 LPP CA . 36.44 -11.72 9.25
O10 LPP CA . 37.64 -11.58 9.05
C12 LPP CA . 35.37 -10.97 8.51
C13 LPP CA . 35.86 -10.36 7.18
C14 LPP CA . 36.15 -8.86 7.24
C15 LPP CA . 36.18 -8.22 5.83
C16 LPP CA . 34.83 -7.72 5.30
C17 LPP CA . 34.79 -6.21 5.00
C18 LPP CA . 34.20 -5.32 6.12
C19 LPP CA . 32.68 -5.13 6.03
C20 LPP CA . 32.11 -5.18 4.60
C21 LPP CA . 32.01 -3.83 3.87
C22 LPP CA . 30.58 -3.23 3.87
C23 LPP CA . 30.41 -2.07 2.88
C24 LPP CA . 29.10 -1.29 3.11
C25 LPP CA . 29.17 0.11 2.48
C26 LPP CA . 27.98 1.00 2.85
C29 LPP CA . 37.95 -10.36 12.72
O28 LPP CA . 39.06 -10.54 13.19
C30 LPP CA . 37.23 -9.01 12.83
C31 LPP CA . 35.77 -9.05 13.31
C32 LPP CA . 35.13 -7.62 13.36
C33 LPP CA . 35.91 -6.51 12.58
C34 LPP CA . 35.33 -6.11 11.19
C35 LPP CA . 35.56 -4.65 10.75
C36 LPP CA . 34.72 -4.16 9.54
C37 LPP CA . 35.07 -2.74 9.02
C38 LPP CA . 33.99 -2.08 8.11
C39 LPP CA . 34.37 -0.74 7.42
C40 LPP CA . 33.16 0.06 6.86
C41 LPP CA . 33.49 1.18 5.85
C42 LPP CA . 32.28 1.59 4.98
C43 LPP CA . 32.56 2.81 4.07
C44 LPP CA . 31.79 2.75 2.74
C1 GOL DA . 39.41 10.38 -5.03
O1 GOL DA . 40.16 9.37 -4.39
C2 GOL DA . 40.26 10.97 -6.18
O2 GOL DA . 39.91 12.30 -6.41
C3 GOL DA . 39.97 10.07 -7.44
C1 PLM EA . 33.35 10.65 -1.48
O2 PLM EA . 34.24 11.37 -1.01
C2 PLM EA . 32.69 9.61 -0.51
C3 PLM EA . 32.84 9.92 0.98
C4 PLM EA . 33.91 9.07 1.71
C5 PLM EA . 34.25 9.60 3.11
C6 PLM EA . 35.68 10.10 3.27
C7 PLM EA . 36.20 10.03 4.69
C8 PLM EA . 37.63 10.56 4.87
C9 PLM EA . 38.35 9.95 6.07
CA PLM EA . 38.93 10.98 7.05
CB PLM EA . 39.29 10.37 8.40
CC PLM EA . 40.00 11.31 9.37
CD PLM EA . 40.36 10.62 10.69
CE PLM EA . 40.69 11.57 11.84
CF PLM EA . 40.67 10.91 13.24
CG PLM EA . 41.31 11.76 14.34
C1 L8Z FA . 48.64 1.69 26.76
C2 L8Z FA . 49.43 1.94 25.49
C3 L8Z FA . 49.07 1.00 24.29
C4 L8Z FA . 49.32 1.63 22.89
C5 L8Z FA . 49.04 3.14 22.72
C6 L8Z FA . 50.15 3.96 21.99
C7 L8Z FA . 49.81 4.47 20.54
C8 L8Z FA . 48.30 4.64 20.17
C9 L8Z FA . 47.97 5.54 18.93
C10 L8Z FA . 47.39 6.95 19.22
C11 L8Z FA . 48.41 8.04 19.70
C12 L8Z FA . 48.41 9.40 18.94
C13 L8Z FA . 49.79 10.01 18.62
C14 L8Z FA . 49.87 10.69 17.25
O2 L8Z FA . 47.29 1.61 26.53
O3 L8Z FA . 49.79 -0.15 24.38
O1 L8Z FA . 41.88 7.24 30.19
C15 L8Z FA . 49.54 3.74 30.12
C21 L8Z FA . 49.57 5.20 30.51
C31 L8Z FA . 50.49 6.06 29.66
C41 L8Z FA . 49.72 7.04 28.71
C51 L8Z FA . 48.66 6.43 27.71
C61 L8Z FA . 49.15 6.10 26.26
C71 L8Z FA . 48.18 6.44 25.09
C81 L8Z FA . 47.02 7.45 25.35
C91 L8Z FA . 46.58 8.36 24.14
C16 L8Z FA . 45.10 8.94 24.13
C17 L8Z FA . 44.89 10.40 23.52
C18 L8Z FA . 43.52 10.70 22.76
C19 L8Z FA . 42.95 9.61 21.81
C20 L8Z FA . 43.59 9.55 20.41
O21 L8Z FA . 50.38 3.42 29.10
O31 L8Z FA . 51.30 6.79 30.49
C1A L8Z FA . 44.16 3.35 31.60
C22 L8Z FA . 44.96 4.59 31.13
C32 L8Z FA . 44.24 5.92 30.83
C42 L8Z FA . 45.14 7.15 31.08
C52 L8Z FA . 44.51 8.38 31.78
C62 L8Z FA . 44.85 9.78 31.19
C72 L8Z FA . 44.22 11.00 31.92
C82 L8Z FA . 43.26 11.88 31.06
C92 L8Z FA . 43.89 13.14 30.38
C23 L8Z FA . 43.69 13.27 28.83
C24 L8Z FA . 42.66 14.34 28.34
C25 L8Z FA . 43.23 15.65 27.69
C26 L8Z FA . 43.22 16.93 28.59
C27 L8Z FA . 42.97 18.24 27.85
O22 L8Z FA . 43.69 2.63 30.55
O32 L8Z FA . 43.90 6.01 29.53
C1B L8Z FA . 42.70 6.68 29.23
C28 L8Z FA . 42.12 6.94 27.84
C33 L8Z FA . 41.27 8.20 27.93
C43 L8Z FA . 41.61 9.10 26.76
C53 L8Z FA . 41.08 10.50 27.03
C63 L8Z FA . 39.69 10.68 26.41
C73 L8Z FA . 39.15 12.07 26.69
C83 L8Z FA . 39.40 12.98 25.49
C93 L8Z FA . 39.50 14.44 25.92
C29 L8Z FA . 39.74 15.33 24.69
C30 L8Z FA . 38.50 16.21 24.41
C34 L8Z FA . 38.25 16.45 22.92
C1C L8Z FA . 41.54 3.97 34.45
C2A L8Z FA . 40.56 5.12 34.41
C35 L8Z FA . 41.17 6.44 33.95
C44 L8Z FA . 40.29 7.25 32.96
C54 L8Z FA . 40.36 8.80 33.08
C64 L8Z FA . 39.40 9.61 32.17
C74 L8Z FA . 39.68 11.13 32.06
C84 L8Z FA . 39.37 11.82 30.70
C94 L8Z FA . 40.05 13.21 30.45
C36 L8Z FA . 39.13 14.42 30.10
C37 L8Z FA . 39.15 15.63 31.08
C38 L8Z FA . 38.24 16.85 30.68
C39 L8Z FA . 36.77 16.82 31.17
C40 L8Z FA . 35.89 17.99 30.66
O23 L8Z FA . 42.82 4.36 34.75
O33 L8Z FA . 41.41 7.24 35.02
C1D L8Z FA . 42.62 7.11 35.72
O11 L8Z FA . 43.47 6.27 35.38
C2B L8Z FA . 42.92 8.00 36.91
C3A L8Z FA . 44.28 8.63 36.64
C45 L8Z FA . 44.65 9.58 37.77
C55 L8Z FA . 44.75 11.01 37.26
C65 L8Z FA . 43.50 11.45 36.51
C75 L8Z FA . 43.57 12.93 36.16
C85 L8Z FA . 42.52 13.30 35.12
C95 L8Z FA . 41.95 14.67 35.45
C46 L8Z FA . 41.97 15.58 34.24
C47 L8Z FA . 41.62 16.99 34.71
C48 L8Z FA . 42.18 18.07 33.79
C49 L8Z FA . 42.21 19.42 34.51
C50 L8Z FA . 42.64 20.53 33.57
P L8Z FA . 48.65 -2.36 28.02
O12 L8Z FA . 49.95 -3.01 27.63
O24 L8Z FA . 47.84 -3.30 28.88
O34 L8Z FA . 47.88 -2.03 26.77
P1 L8Z FA . 39.48 0.39 35.65
O13 L8Z FA . 39.05 -0.81 34.86
O25 L8Z FA . 39.08 1.64 34.93
O35 L8Z FA . 38.82 0.35 37.00
C1E L8Z FA . 47.82 -0.20 28.83
O14 L8Z FA . 48.96 -1.00 28.84
C2C L8Z FA . 48.16 1.28 28.99
N2 L8Z FA . 49.14 1.54 27.97
C3B L8Z FA . 48.67 1.48 30.41
O36 L8Z FA . 48.72 2.83 30.74
C4A L8Z FA . 47.61 1.08 31.43
O4 L8Z FA . 48.44 1.15 32.56
C56 L8Z FA . 47.17 -0.36 31.23
O5 L8Z FA . 47.01 -0.64 29.88
C66 L8Z FA . 45.82 -0.59 31.94
O6 L8Z FA . 45.20 0.62 32.25
C1F L8Z FA . 44.23 0.61 33.25
C2D L8Z FA . 43.20 1.70 33.08
C3C L8Z FA . 42.34 1.70 34.28
C4B L8Z FA . 41.67 0.36 34.51
C57 L8Z FA . 42.67 -0.80 34.43
C67 L8Z FA . 41.95 -2.12 34.39
N21 L8Z FA . 43.97 2.97 32.85
O37 L8Z FA . 41.25 2.65 34.19
O41 L8Z FA . 41.08 0.39 35.80
O51 L8Z FA . 43.56 -0.72 33.27
O61 L8Z FA . 42.83 -3.14 33.96
C1G L8Z FA . 42.11 -4.02 36.34
O1A L8Z FA . 40.90 -4.34 36.25
O1B L8Z FA . 42.69 -3.65 37.30
C2E L8Z FA . 42.91 -4.22 34.90
C3D L8Z FA . 44.36 -4.51 35.24
C4C L8Z FA . 45.19 -4.67 33.97
O42 L8Z FA . 46.49 -5.06 34.32
C58 L8Z FA . 44.58 -5.78 33.05
O52 L8Z FA . 44.94 -7.02 33.53
C68 L8Z FA . 42.99 -5.62 32.93
O62 L8Z FA . 42.37 -5.31 34.16
C76 L8Z FA . 42.33 -6.97 32.36
O7 L8Z FA . 41.52 -6.67 31.33
C86 L8Z FA . 41.48 -7.74 33.42
O8 L8Z FA . 40.71 -6.79 34.07
C1 GOL GA . 35.76 21.34 10.17
O1 GOL GA . 36.81 20.65 9.56
C2 GOL GA . 36.16 21.58 11.63
O2 GOL GA . 37.03 20.57 12.08
C3 GOL GA . 34.80 21.72 12.42
C1 PLM HA . 29.26 19.52 13.26
O2 PLM HA . 29.86 20.52 13.74
C2 PLM HA . 29.03 18.28 14.22
C3 PLM HA . 29.52 18.45 15.68
C4 PLM HA . 29.22 17.23 16.60
C5 PLM HA . 29.53 17.48 18.09
C6 PLM HA . 30.85 18.21 18.35
C7 PLM HA . 31.04 18.62 19.81
C8 PLM HA . 31.15 17.44 20.79
C9 PLM HA . 30.32 17.60 22.07
CA PLM HA . 31.06 18.27 23.22
CB PLM HA . 31.32 17.35 24.39
CC PLM HA . 31.68 18.08 25.69
CD PLM HA . 31.75 17.15 26.92
CE PLM HA . 31.62 17.87 28.27
CF PLM HA . 31.02 17.00 29.39
CG PLM HA . 30.44 17.80 30.58
C1 L8Z IA . 36.82 7.32 43.54
C2 L8Z IA . 37.91 8.24 43.10
C3 L8Z IA . 37.64 8.81 41.74
C4 L8Z IA . 38.67 8.40 40.66
C5 L8Z IA . 38.23 8.49 39.16
C6 L8Z IA . 39.06 9.45 38.24
C7 L8Z IA . 38.28 10.06 37.03
C8 L8Z IA . 38.33 11.60 36.86
C9 L8Z IA . 37.98 12.15 35.43
C10 L8Z IA . 37.06 13.41 35.36
C11 L8Z IA . 36.98 14.31 36.64
C12 L8Z IA . 36.85 15.83 36.40
C13 L8Z IA . 37.58 16.40 35.15
C14 L8Z IA . 37.80 17.92 35.15
O2 L8Z IA . 35.59 7.90 43.49
O3 L8Z IA . 36.44 8.30 41.35
O1 L8Z IA . 28.28 8.18 43.09
C15 L8Z IA . 35.37 7.48 46.69
C21 L8Z IA . 34.60 8.72 47.04
C31 L8Z IA . 35.53 9.96 47.24
C41 L8Z IA . 34.85 11.39 47.21
C51 L8Z IA . 34.49 12.02 45.81
C61 L8Z IA . 35.62 12.07 44.68
C71 L8Z IA . 35.17 12.12 43.15
C81 L8Z IA . 33.66 12.36 42.84
C91 L8Z IA . 33.32 13.13 41.50
C16 L8Z IA . 31.81 13.41 41.18
C17 L8Z IA . 31.46 14.78 40.50
C18 L8Z IA . 30.49 14.76 39.26
C19 L8Z IA . 30.73 13.64 38.19
C20 L8Z IA . 30.08 13.90 36.82
O21 L8Z IA . 36.66 7.58 47.06
O31 L8Z IA . 36.17 9.81 48.42
C1A L8Z IA . 30.73 5.78 45.08
C22 L8Z IA . 31.22 7.27 44.90
C32 L8Z IA . 30.28 8.48 45.11
C42 L8Z IA . 30.76 9.42 46.23
C52 L8Z IA . 30.61 10.93 45.96
C62 L8Z IA . 30.43 11.83 47.24
C72 L8Z IA . 29.96 13.30 47.03
C82 L8Z IA . 28.92 13.54 45.90
C92 L8Z IA . 28.55 15.02 45.61
C23 L8Z IA . 28.93 15.58 44.20
C24 L8Z IA . 28.09 16.76 43.64
C25 L8Z IA . 28.67 18.19 43.92
C26 L8Z IA . 29.25 18.47 45.34
C27 L8Z IA . 29.71 19.92 45.58
O22 L8Z IA . 30.66 5.12 43.89
O32 L8Z IA . 30.27 9.28 44.00
C1B L8Z IA . 29.28 9.12 43.03
C28 L8Z IA . 29.14 9.94 41.75
C33 L8Z IA . 28.48 11.27 42.08
C43 L8Z IA . 27.87 11.82 40.82
C53 L8Z IA . 26.79 12.84 41.18
C63 L8Z IA . 26.52 13.71 39.96
C73 L8Z IA . 25.28 14.57 40.15
C83 L8Z IA . 24.05 13.80 39.70
C93 L8Z IA . 22.84 14.72 39.66
C29 L8Z IA . 22.94 15.62 38.44
C30 L8Z IA . 21.93 16.78 38.53
C34 L8Z IA . 22.02 17.73 37.33
C1C L8Z IA . 27.07 4.79 47.37
C2A L8Z IA . 25.93 5.76 47.20
C35 L8Z IA . 26.40 7.23 47.15
C44 L8Z IA . 25.33 8.23 46.68
C54 L8Z IA . 25.50 9.68 47.14
C64 L8Z IA . 25.66 10.73 46.02
C74 L8Z IA . 24.39 11.13 45.25
C84 L8Z IA . 24.41 12.53 44.59
C94 L8Z IA . 23.36 13.57 45.09
C36 L8Z IA . 23.71 15.07 44.94
C37 L8Z IA . 22.63 16.00 44.32
C38 L8Z IA . 22.09 17.13 45.24
C39 L8Z IA . 20.55 17.16 45.49
C40 L8Z IA . 19.94 18.57 45.70
O23 L8Z IA . 27.41 4.62 48.67
O33 L8Z IA . 26.81 7.63 48.39
C1D L8Z IA . 28.18 7.58 48.71
O11 L8Z IA . 29.00 7.18 47.88
C2B L8Z IA . 28.66 8.03 50.07
C3A L8Z IA . 28.59 9.55 50.11
C45 L8Z IA . 27.71 10.00 51.26
C55 L8Z IA . 27.36 11.46 51.12
C65 L8Z IA . 26.16 11.63 50.21
C75 L8Z IA . 25.73 13.08 50.18
C85 L8Z IA . 24.30 13.22 49.69
C95 L8Z IA . 23.97 14.70 49.55
C46 L8Z IA . 25.04 15.45 48.78
C47 L8Z IA . 24.45 16.72 48.18
C48 L8Z IA . 25.53 17.76 47.93
C49 L8Z IA . 24.91 19.11 47.58
C50 L8Z IA . 25.93 20.23 47.71
P L8Z IA . 37.82 2.62 42.88
O12 L8Z IA . 39.22 3.17 42.85
O24 L8Z IA . 37.87 1.11 42.88
O34 L8Z IA . 37.06 3.09 41.67
P1 L8Z IA . 26.19 0.95 46.84
O13 L8Z IA . 26.59 0.17 45.61
O25 L8Z IA . 25.30 2.09 46.43
O35 L8Z IA . 25.44 0.05 47.78
C1E L8Z IA . 35.94 3.85 43.75
O14 L8Z IA . 37.06 3.16 44.19
C2C L8Z IA . 35.86 5.29 44.28
N2 L8Z IA . 37.02 6.08 43.90
C3B L8Z IA . 35.73 5.30 45.79
O36 L8Z IA . 34.86 6.37 46.06
C4A L8Z IA . 35.12 4.04 46.48
O4 L8Z IA . 36.26 3.66 47.23
C56 L8Z IA . 34.82 2.84 45.57
O5 L8Z IA . 34.88 3.18 44.25
C66 L8Z IA . 33.41 2.25 45.91
O6 L8Z IA . 32.42 3.26 45.92
C1F L8Z IA . 31.19 2.87 46.45
C2D L8Z IA . 30.04 3.72 45.98
C3C L8Z IA . 28.82 3.29 46.71
C4B L8Z IA . 28.48 1.85 46.53
C57 L8Z IA . 29.71 0.97 46.80
C67 L8Z IA . 29.52 -0.48 46.45
N21 L8Z IA . 30.43 5.15 46.19
O37 L8Z IA . 27.73 4.16 46.33
O41 L8Z IA . 27.51 1.55 47.53
O51 L8Z IA . 30.91 1.45 46.09
O61 L8Z IA . 30.72 -0.97 45.91
C1G L8Z IA . 30.95 -1.92 48.42
O1A L8Z IA . 30.02 -2.75 48.58
O1B L8Z IA . 31.48 -1.26 49.24
C2E L8Z IA . 31.47 -1.85 46.79
C3D L8Z IA . 32.98 -1.43 46.82
C4C L8Z IA . 34.07 -2.47 46.40
O42 L8Z IA . 34.76 -2.95 47.53
C58 L8Z IA . 33.53 -3.70 45.63
O52 L8Z IA . 33.51 -4.79 46.50
C68 L8Z IA . 32.10 -3.42 45.05
O62 L8Z IA . 31.19 -3.05 46.08
C76 L8Z IA . 31.56 -4.72 44.29
O7 L8Z IA . 32.58 -5.25 43.57
C86 L8Z IA . 30.30 -4.45 43.37
O8 L8Z IA . 29.21 -4.23 44.21
P1 LPP JA . 31.42 -2.55 33.66
O2 LPP JA . 30.33 -3.48 34.11
O3 LPP JA . 32.53 -3.18 32.85
O4 LPP JA . 31.81 -1.44 34.60
O5 LPP JA . 30.50 -1.63 32.35
C6 LPP JA . 29.66 -2.31 31.57
C7 LPP JA . 28.08 -2.07 31.91
C8 LPP JA . 27.93 -1.32 33.26
O9 LPP JA . 27.51 -1.44 30.75
O27 LPP JA . 26.76 -0.48 33.20
C11 LPP JA . 27.86 -0.19 30.33
O10 LPP JA . 28.68 0.51 30.90
C12 LPP JA . 27.14 0.26 29.07
C13 LPP JA . 27.61 1.64 28.54
C14 LPP JA . 27.12 2.84 29.35
C15 LPP JA . 27.32 4.17 28.63
C16 LPP JA . 26.31 4.45 27.50
C17 LPP JA . 25.91 5.93 27.41
C18 LPP JA . 24.45 6.18 27.01
C19 LPP JA . 24.10 5.70 25.58
C20 LPP JA . 23.89 6.84 24.56
C21 LPP JA . 22.98 7.98 25.04
C22 LPP JA . 21.82 8.25 24.08
C23 LPP JA . 21.60 9.74 23.76
C24 LPP JA . 20.17 10.01 23.23
C25 LPP JA . 19.88 11.51 22.97
C26 LPP JA . 18.39 11.84 23.07
C29 LPP JA . 25.95 -0.42 34.27
O28 LPP JA . 26.17 -1.04 35.30
C30 LPP JA . 24.74 0.49 34.11
C31 LPP JA . 23.36 -0.23 33.94
C32 LPP JA . 22.41 0.56 33.02
C33 LPP JA . 22.91 2.00 32.74
C34 LPP JA . 22.52 2.65 31.38
C35 LPP JA . 22.72 4.19 31.37
C36 LPP JA . 22.20 4.90 30.11
C37 LPP JA . 21.82 6.38 30.29
C38 LPP JA . 20.68 6.84 29.35
C39 LPP JA . 20.60 8.36 29.12
C40 LPP JA . 19.65 8.81 27.99
C41 LPP JA . 19.12 10.26 28.15
C42 LPP JA . 19.17 11.13 26.88
C43 LPP JA . 18.97 12.63 27.16
C44 LPP JA . 19.48 13.50 26.03
C1 GOL KA . 23.80 26.72 25.84
O1 GOL KA . 22.86 25.89 26.44
C2 GOL KA . 23.72 28.00 26.54
O2 GOL KA . 22.51 28.07 27.23
C3 GOL KA . 23.78 29.04 25.43
C1 PLM LA . 17.28 21.97 25.57
O2 PLM LA . 17.33 22.79 26.51
C2 PLM LA . 17.32 20.47 25.96
C3 PLM LA . 17.03 20.20 27.43
C4 PLM LA . 16.97 18.72 27.80
C5 PLM LA . 16.50 18.48 29.25
C6 PLM LA . 17.24 19.32 30.29
C7 PLM LA . 16.67 19.18 31.69
C8 PLM LA . 17.69 19.31 32.79
C9 PLM LA . 17.57 18.24 33.89
CA PLM LA . 16.78 18.68 35.11
CB PLM LA . 16.90 17.72 36.29
CC PLM LA . 16.02 18.07 37.47
CD PLM LA . 15.73 16.89 38.41
CE PLM LA . 14.50 17.10 39.30
CF PLM LA . 14.22 15.94 40.25
CG PLM LA . 13.06 16.19 41.22
C1 L8Z MA . 19.81 3.86 52.93
C2 L8Z MA . 20.64 5.13 52.88
C3 L8Z MA . 21.26 5.42 51.48
C4 L8Z MA . 22.40 6.47 51.46
C5 L8Z MA . 22.37 7.54 50.34
C6 L8Z MA . 21.49 8.79 50.61
C7 L8Z MA . 21.43 9.83 49.47
C8 L8Z MA . 20.04 10.45 49.19
C9 L8Z MA . 20.01 11.89 48.63
C10 L8Z MA . 18.61 12.44 48.25
C11 L8Z MA . 18.36 13.94 48.53
C12 L8Z MA . 19.64 14.83 48.62
C13 L8Z MA . 19.59 15.98 49.66
C14 L8Z MA . 20.15 17.33 49.16
O2 L8Z MA . 19.03 3.71 51.83
O3 L8Z MA . 21.78 4.25 50.98
O1 L8Z MA . 11.22 3.15 50.98
C15 L8Z MA . 17.21 3.33 56.22
C21 L8Z MA . 16.12 4.42 56.38
C31 L8Z MA . 16.44 5.80 57.01
C41 L8Z MA . 16.31 7.00 56.01
C51 L8Z MA . 15.77 6.71 54.57
C61 L8Z MA . 15.50 7.96 53.67
C71 L8Z MA . 14.56 7.76 52.44
C81 L8Z MA . 13.59 8.94 52.09
C91 L8Z MA . 14.13 10.06 51.13
C16 L8Z MA . 13.90 9.85 49.59
C17 L8Z MA . 13.02 10.92 48.85
C18 L8Z MA . 12.99 10.88 47.28
C19 L8Z MA . 14.37 10.78 46.57
C20 L8Z MA . 14.49 11.66 45.33
O21 L8Z MA . 18.11 3.25 57.23
O31 L8Z MA . 15.56 6.02 58.04
C1A L8Z MA . 13.72 0.55 53.14
C22 L8Z MA . 13.75 2.06 53.51
C32 L8Z MA . 12.44 2.85 53.59
C42 L8Z MA . 12.08 3.31 55.02
C52 L8Z MA . 10.90 4.31 55.16
C62 L8Z MA . 10.87 5.22 56.42
C72 L8Z MA . 10.50 6.71 56.15
C82 L8Z MA . 10.11 7.05 54.69
C92 L8Z MA . 8.98 8.10 54.51
C23 L8Z MA . 8.48 8.80 55.81
C24 L8Z MA . 7.26 9.76 55.66
C25 L8Z MA . 5.85 9.11 55.71
C26 L8Z MA . 4.73 9.88 54.98
C27 L8Z MA . 4.75 11.40 55.23
O22 L8Z MA . 14.39 0.30 51.97
O32 L8Z MA . 12.57 3.99 52.87
C1B L8Z MA . 11.96 4.12 51.62
C28 L8Z MA . 12.04 5.35 50.75
C33 L8Z MA . 10.72 5.55 50.06
C43 L8Z MA . 10.62 7.01 49.66
C53 L8Z MA . 9.93 7.11 48.33
C63 L8Z MA . 9.48 8.53 48.12
C73 L8Z MA . 8.05 8.69 48.60
C83 L8Z MA . 7.11 8.54 47.42
C93 L8Z MA . 5.89 9.44 47.59
C29 L8Z MA . 5.57 10.12 46.27
C30 L8Z MA . 6.12 11.55 46.27
C34 L8Z MA . 5.44 12.44 45.25
C1C L8Z MA . 10.18 -1.30 53.50
C2A L8Z MA . 8.86 -0.74 52.98
C35 L8Z MA . 8.69 0.78 53.11
C44 L8Z MA . 7.91 1.43 51.98
C54 L8Z MA . 6.77 2.35 52.43
C64 L8Z MA . 6.56 3.62 51.57
C74 L8Z MA . 5.72 4.76 52.21
C84 L8Z MA . 6.40 6.15 52.16
C94 L8Z MA . 5.53 7.32 52.64
C36 L8Z MA . 4.44 7.80 51.64
C37 L8Z MA . 3.03 8.12 52.23
C38 L8Z MA . 2.44 9.51 51.93
C39 L8Z MA . 1.89 9.73 50.51
C40 L8Z MA . 1.82 11.21 50.10
O23 L8Z MA . 10.57 -0.76 54.69
O33 L8Z MA . 7.96 1.09 54.20
C1D L8Z MA . 8.58 1.31 55.42
O11 L8Z MA . 9.83 1.22 55.51
C2B L8Z MA . 7.76 1.67 56.63
C3A L8Z MA . 7.83 3.18 56.77
C45 L8Z MA . 7.55 3.64 58.18
C55 L8Z MA . 6.78 4.96 58.17
C65 L8Z MA . 5.63 4.86 57.18
C75 L8Z MA . 4.66 6.00 57.41
C85 L8Z MA . 3.29 5.58 56.91
C95 L8Z MA . 2.20 6.49 57.42
C46 L8Z MA . 2.44 7.93 56.98
C47 L8Z MA . 1.29 8.84 57.40
C48 L8Z MA . 1.50 10.25 56.83
C49 L8Z MA . 0.28 11.13 57.08
C50 L8Z MA . 0.52 12.54 56.55
P L8Z MA . 22.13 0.59 54.06
O12 L8Z MA . 22.77 1.37 55.20
O24 L8Z MA . 22.89 -0.67 53.79
O34 L8Z MA . 22.08 1.43 52.83
P1 L8Z MA . 10.63 -5.38 51.90
O13 L8Z MA . 11.70 -5.91 50.99
O25 L8Z MA . 9.96 -4.20 51.27
O35 L8Z MA . 9.61 -6.46 52.14
C1E L8Z MA . 19.78 0.53 53.43
O14 L8Z MA . 20.63 0.20 54.47
C2C L8Z MA . 18.97 1.81 53.73
N2 L8Z MA . 19.84 2.96 53.90
C3B L8Z MA . 18.17 1.52 54.98
O36 L8Z MA . 17.22 2.51 55.12
C4A L8Z MA . 17.22 0.33 54.73
O4 L8Z MA . 16.73 0.19 56.05
C56 L8Z MA . 18.00 -0.92 54.33
O5 L8Z MA . 18.92 -0.57 53.32
C66 L8Z MA . 17.03 -2.07 53.87
O6 L8Z MA . 15.72 -1.60 53.56
C1F L8Z MA . 14.59 -2.39 53.83
C2D L8Z MA . 13.32 -1.80 53.25
C3C L8Z MA . 12.16 -2.70 53.49
C4B L8Z MA . 12.42 -4.09 52.97
C57 L8Z MA . 13.65 -4.63 53.67
C67 L8Z MA . 13.91 -6.08 53.36
N21 L8Z MA . 13.17 -0.43 53.83
O37 L8Z MA . 10.94 -2.26 52.84
O41 L8Z MA . 11.29 -4.91 53.29
O51 L8Z MA . 14.80 -3.79 53.32
O61 L8Z MA . 15.04 -6.26 52.55
C1G L8Z MA . 16.26 -8.39 53.67
O1A L8Z MA . 16.02 -9.13 52.69
O1B L8Z MA . 16.55 -8.70 54.78
C2E L8Z MA . 16.18 -6.78 53.28
C3D L8Z MA . 16.76 -5.91 54.40
C4C L8Z MA . 18.25 -6.12 54.59
O42 L8Z MA . 18.45 -7.32 55.27
C58 L8Z MA . 18.99 -6.19 53.23
O52 L8Z MA . 19.54 -7.46 53.12
C68 L8Z MA . 18.05 -5.88 51.98
O62 L8Z MA . 16.82 -6.55 52.04
C76 L8Z MA . 18.79 -6.33 50.64
O7 L8Z MA . 19.36 -5.24 50.06
C86 L8Z MA . 17.85 -7.06 49.58
O8 L8Z MA . 16.64 -7.39 50.19
P1 LPP NA . 20.83 -3.85 40.84
O2 LPP NA . 20.26 -5.14 40.29
O3 LPP NA . 22.29 -3.60 40.56
O4 LPP NA . 20.30 -3.37 42.15
O5 LPP NA . 20.07 -2.67 39.63
C6 LPP NA . 19.83 -3.06 38.39
C7 LPP NA . 18.28 -3.54 38.12
C8 LPP NA . 17.56 -3.85 39.47
O9 LPP NA . 17.69 -2.56 37.25
O27 LPP NA . 16.16 -3.49 39.39
C11 LPP NA . 17.50 -1.22 37.51
O10 LPP NA . 17.84 -0.70 38.56
C12 LPP NA . 16.85 -0.49 36.35
C13 LPP NA . 17.06 1.04 36.36
C14 LPP NA . 16.05 1.83 37.21
C15 LPP NA . 16.00 3.33 36.88
C16 LPP NA . 15.36 3.70 35.53
C17 LPP NA . 14.61 5.04 35.54
C18 LPP NA . 13.30 5.02 34.74
C19 LPP NA . 13.49 4.81 33.23
C20 LPP NA . 13.61 6.12 32.41
C21 LPP NA . 12.32 6.96 32.35
C22 LPP NA . 11.53 6.79 31.04
C23 LPP NA . 10.42 7.83 30.83
C24 LPP NA . 10.00 7.98 29.37
C25 LPP NA . 8.69 8.77 29.21
C26 LPP NA . 8.32 9.04 27.75
C29 LPP NA . 15.32 -3.83 40.39
O28 LPP NA . 15.68 -4.44 41.38
C30 LPP NA . 13.87 -3.38 40.19
C31 LPP NA . 13.21 -3.80 38.86
C32 LPP NA . 12.98 -2.63 37.85
C33 LPP NA . 12.29 -1.32 38.41
C34 LPP NA . 11.90 -0.31 37.28
C35 LPP NA . 11.09 0.95 37.68
C36 LPP NA . 10.24 1.53 36.52
C37 LPP NA . 10.19 3.08 36.41
C38 LPP NA . 9.54 3.62 35.10
C39 LPP NA . 9.15 5.13 35.10
C40 LPP NA . 8.14 5.55 33.99
C41 LPP NA . 7.46 6.93 34.20
C42 LPP NA . 7.39 7.83 32.94
C43 LPP NA . 6.78 9.21 33.22
C44 LPP NA . 6.99 10.20 32.08
C1 PLM OA . 2.28 17.83 32.86
O2 PLM OA . 1.73 18.11 33.96
C2 PLM OA . 2.73 16.34 32.64
C3 PLM OA . 1.98 15.26 33.43
C4 PLM OA . 2.37 15.13 34.91
C5 PLM OA . 1.59 14.05 35.66
C6 PLM OA . 1.67 14.11 37.18
C7 PLM OA . 0.76 13.09 37.84
C8 PLM OA . 0.83 13.03 39.36
C9 PLM OA . 0.43 11.63 39.90
CA PLM OA . -0.03 11.57 41.36
CB PLM OA . -0.23 10.12 41.84
CC PLM OA . -0.96 9.97 43.17
CD PLM OA . -1.78 8.67 43.27
CE PLM OA . -2.20 8.30 44.71
CF PLM OA . -3.22 7.15 44.78
CG PLM OA . -2.91 6.13 45.89
C1 GOL PA . 4.97 23.18 36.17
O1 GOL PA . 5.99 22.24 36.12
C2 GOL PA . 4.38 23.11 37.60
O2 GOL PA . 5.37 23.03 38.56
C3 GOL PA . 3.43 21.88 37.62
C1 L8Z QA . 0.75 -5.96 56.22
C2 L8Z QA . 0.86 -4.49 56.67
C3 L8Z QA . 1.74 -3.63 55.70
C4 L8Z QA . 2.01 -2.16 56.14
C5 L8Z QA . 3.32 -1.52 55.60
C6 L8Z QA . 3.26 -0.03 55.14
C7 L8Z QA . 2.60 0.25 53.76
C8 L8Z QA . 1.40 1.25 53.77
C9 L8Z QA . 1.73 2.77 53.79
C10 L8Z QA . 1.44 3.60 52.47
C11 L8Z QA . -0.03 4.07 52.22
C12 L8Z QA . -0.35 5.54 52.60
C13 L8Z QA . 0.41 6.10 53.84
C14 L8Z QA . -0.36 7.16 54.64
O2 L8Z QA . 0.92 -6.07 54.86
O3 L8Z QA . 2.95 -4.23 55.55
O1 L8Z QA . -4.02 -8.50 51.84
C15 L8Z QA . -2.02 -8.26 58.05
C21 L8Z QA . -3.54 -8.14 58.29
C31 L8Z QA . -4.06 -7.10 59.32
C41 L8Z QA . -4.61 -5.75 58.69
C51 L8Z QA . -4.59 -5.55 57.12
C61 L8Z QA . -3.67 -4.42 56.55
C71 L8Z QA . -3.96 -3.89 55.09
C81 L8Z QA . -4.62 -2.46 54.99
C91 L8Z QA . -4.06 -1.42 53.95
C16 L8Z QA . -4.76 -1.40 52.54
C17 L8Z QA . -5.53 -0.10 52.13
C18 L8Z QA . -5.46 0.32 50.61
C19 L8Z QA . -4.05 0.33 49.95
C20 L8Z QA . -3.95 1.10 48.61
O21 L8Z QA . -1.28 -7.21 58.54
O31 L8Z QA . -5.06 -7.68 60.05
C1A L8Z QA . -2.97 -10.71 53.82
C22 L8Z QA . -3.70 -9.76 54.77
C32 L8Z QA . -5.09 -9.21 54.40
C42 L8Z QA . -6.10 -9.27 55.61
C52 L8Z QA . -7.52 -8.71 55.40
C62 L8Z QA . -7.76 -7.24 55.86
C72 L8Z QA . -8.80 -6.41 55.04
C82 L8Z QA . -8.22 -5.42 53.98
C92 L8Z QA . -9.21 -4.71 53.00
C23 L8Z QA . -9.08 -3.15 52.87
C24 L8Z QA . -9.97 -2.42 51.82
C25 L8Z QA . -11.31 -1.80 52.35
C26 L8Z QA . -12.21 -2.77 53.18
C27 L8Z QA . -13.72 -2.58 53.01
O22 L8Z QA . -2.32 -10.03 52.83
O32 L8Z QA . -4.99 -7.90 54.02
C1B L8Z QA . -4.47 -7.58 52.77
C28 L8Z QA . -4.33 -6.19 52.22
C33 L8Z QA . -4.91 -6.24 50.81
C43 L8Z QA . -5.31 -4.84 50.38
C53 L8Z QA . -6.80 -4.79 50.12
C63 L8Z QA . -7.07 -3.71 49.10
C73 L8Z QA . -8.45 -3.92 48.52
C83 L8Z QA . -8.58 -3.07 47.27
C93 L8Z QA . -9.86 -3.40 46.53
C29 L8Z QA . -11.03 -2.72 47.21
C30 L8Z QA . -12.22 -2.76 46.27
C34 L8Z QA . -13.21 -1.65 46.60
C1C L8Z QA . -5.13 -13.36 52.12
C2A L8Z QA . -6.39 -13.03 51.33
C35 L8Z QA . -7.22 -11.85 51.88
C44 L8Z QA . -7.34 -10.64 50.91
C54 L8Z QA . -8.36 -9.53 51.28
C64 L8Z QA . -9.59 -9.36 50.35
C74 L8Z QA . -10.59 -8.23 50.74
C84 L8Z QA . -11.11 -7.35 49.58
C94 L8Z QA . -12.60 -6.93 49.66
C36 L8Z QA . -12.92 -5.49 50.14
C37 L8Z QA . -13.63 -4.57 49.11
C38 L8Z QA . -15.19 -4.60 49.11
C39 L8Z QA . -15.88 -4.46 47.72
C40 L8Z QA . -17.42 -4.42 47.74
O23 L8Z QA . -5.31 -13.18 53.46
O33 L8Z QA . -8.49 -12.25 52.14
C1D L8Z QA . -8.78 -12.84 53.38
O11 L8Z QA . -7.86 -12.99 54.21
C2B L8Z QA . -10.18 -13.30 53.70
C3A L8Z QA . -10.25 -13.71 55.18
C45 L8Z QA . -11.64 -13.52 55.78
C55 L8Z QA . -11.91 -12.06 56.17
C65 L8Z QA . -12.65 -11.30 55.08
C75 L8Z QA . -12.39 -9.80 55.12
C85 L8Z QA . -12.90 -9.13 53.85
C95 L8Z QA . -14.40 -8.92 53.90
C46 L8Z QA . -14.70 -7.44 54.13
C47 L8Z QA . -16.20 -7.15 54.20
C48 L8Z QA . -16.44 -5.64 54.27
C49 L8Z QA . -17.93 -5.32 54.30
C50 L8Z QA . -18.17 -3.81 54.46
P L8Z QA . 4.21 -8.38 56.57
O12 L8Z QA . 5.06 -7.91 57.72
O24 L8Z QA . 4.86 -9.56 55.88
O34 L8Z QA . 4.08 -7.26 55.58
P1 L8Z QA . -2.76 -16.16 49.83
O13 L8Z QA . -1.48 -15.77 49.14
O25 L8Z QA . -3.83 -15.14 49.54
O35 L8Z QA . -3.18 -17.52 49.34
C1E L8Z QA . 1.93 -8.72 55.96
O14 L8Z QA . 2.74 -8.80 57.07
C2C L8Z QA . 0.48 -8.29 56.32
N2 L8Z QA . 0.53 -7.00 56.99
C3B L8Z QA . -0.08 -9.43 57.14
O36 L8Z QA . -1.46 -9.30 57.37
C4A L8Z QA . -0.11 -10.71 56.30
O4 L8Z QA . -0.55 -11.63 57.28
C56 L8Z QA . 1.27 -11.11 55.81
O5 L8Z QA . 1.97 -9.99 55.38
C66 L8Z QA . 1.12 -12.10 54.63
O6 L8Z QA . -0.11 -11.92 53.96
C1F L8Z QA . -0.82 -13.08 53.62
C2D L8Z QA . -2.14 -12.78 52.91
C3C L8Z QA . -2.80 -14.04 52.46
C4B L8Z QA . -1.86 -14.94 51.73
C57 L8Z QA . -0.65 -15.24 52.61
C67 L8Z QA . 0.30 -16.23 52.01
N21 L8Z QA . -2.94 -12.02 53.92
O37 L8Z QA . -3.92 -13.77 51.57
O41 L8Z QA . -2.51 -16.17 51.42
O51 L8Z QA . 0.07 -14.00 52.86
O61 L8Z QA . 1.57 -15.92 52.52
C1G L8Z QA . 1.81 -18.56 52.37
O1A L8Z QA . 2.14 -18.94 51.22
O1B L8Z QA . 1.19 -19.11 53.20
C2E L8Z QA . 2.44 -17.07 52.62
C3D L8Z QA . 3.09 -17.03 54.00
C4C L8Z QA . 3.80 -15.70 54.21
O42 L8Z QA . 4.48 -15.71 55.43
C58 L8Z QA . 4.84 -15.50 53.07
O52 L8Z QA . 5.87 -16.43 53.25
C68 L8Z QA . 4.11 -15.67 51.65
O62 L8Z QA . 3.41 -16.89 51.64
C76 L8Z QA . 5.12 -15.66 50.39
O7 L8Z QA . 5.42 -14.39 50.03
C86 L8Z QA . 4.53 -16.45 49.13
O8 L8Z QA . 3.63 -17.41 49.58
P1 LPP RA . 10.63 -10.24 42.48
O2 LPP RA . 11.09 -10.09 41.05
O3 LPP RA . 11.27 -9.32 43.48
O4 LPP RA . 10.27 -11.63 42.94
O5 LPP RA . 8.94 -9.44 42.37
C6 LPP RA . 8.68 -8.63 41.34
C7 LPP RA . 7.31 -9.02 40.55
C8 LPP RA . 6.26 -9.59 41.53
O9 LPP RA . 6.91 -7.85 39.85
O27 LPP RA . 4.99 -9.70 40.87
C11 LPP RA . 6.56 -6.68 40.44
O10 LPP RA . 6.56 -6.51 41.66
C12 LPP RA . 6.18 -5.62 39.45
C13 LPP RA . 5.38 -4.47 40.04
C14 LPP RA . 3.90 -4.47 39.66
C15 LPP RA . 3.37 -3.04 39.36
C16 LPP RA . 3.61 -2.54 37.93
C17 LPP RA . 2.88 -1.20 37.65
C18 LPP RA . 1.52 -1.34 36.99
C19 LPP RA . 1.57 -1.39 35.45
C20 LPP RA . 2.05 -0.10 34.78
C21 LPP RA . 0.95 0.71 34.07
C22 LPP RA . 0.45 0.08 32.74
C23 LPP RA . -0.99 0.49 32.39
C24 LPP RA . -1.23 0.81 30.90
C25 LPP RA . -2.43 1.77 30.76
C26 LPP RA . -3.10 1.73 29.39
C29 LPP RA . 3.88 -9.80 41.61
O28 LPP RA . 3.90 -9.82 42.83
C30 LPP RA . 2.57 -9.90 40.83
C31 LPP RA . 2.67 -10.57 39.45
C32 LPP RA . 1.66 -9.97 38.45
C33 LPP RA . 1.12 -8.57 38.88
C34 LPP RA . 1.02 -7.51 37.76
C35 LPP RA . 0.23 -6.23 38.17
C36 LPP RA . -0.30 -5.38 36.99
C37 LPP RA . -1.50 -4.44 37.28
C38 LPP RA . -1.85 -3.53 36.07
C39 LPP RA . -3.10 -2.64 36.18
C40 LPP RA . -3.30 -1.75 34.94
C41 LPP RA . -4.58 -0.88 34.90
C42 LPP RA . -4.51 0.25 33.85
C43 LPP RA . -5.60 1.32 34.02
C44 LPP RA . -5.08 2.74 33.92
C1 GOL SA . -11.92 13.42 38.90
O1 GOL SA . -12.53 12.41 39.64
C2 GOL SA . -12.47 14.79 39.34
O2 GOL SA . -13.35 15.34 38.39
C3 GOL SA . -11.20 15.67 39.48
C1 PLM TA . -12.17 8.50 33.57
O2 PLM TA . -13.14 8.39 34.35
C2 PLM TA . -11.32 7.22 33.33
C3 PLM TA . -12.02 5.89 33.64
C4 PLM TA . -11.61 5.23 34.97
C5 PLM TA . -12.18 3.83 35.16
C6 PLM TA . -12.74 3.57 36.55
C7 PLM TA . -13.27 2.15 36.75
C8 PLM TA . -13.75 1.84 38.17
C9 PLM TA . -13.87 0.33 38.45
CA PLM TA . -14.71 -0.03 39.68
CB PLM TA . -14.89 -1.54 39.88
CC PLM TA . -15.93 -1.95 40.93
CD PLM TA . -15.98 -3.48 41.18
CE PLM TA . -17.31 -3.99 41.77
CF PLM TA . -17.47 -5.54 41.79
CG PLM TA . -18.89 -6.03 42.11
C1 L8Z UA . -11.18 -20.06 50.51
C2 L8Z UA . -11.42 -18.80 51.29
C3 L8Z UA . -10.19 -18.14 51.91
C4 L8Z UA . -10.47 -16.65 52.19
C5 L8Z UA . -10.64 -15.78 50.92
C6 L8Z UA . -11.94 -14.92 50.77
C7 L8Z UA . -11.72 -13.38 50.51
C8 L8Z UA . -12.28 -12.79 49.18
C9 L8Z UA . -13.76 -12.34 49.18
C10 L8Z UA . -14.13 -11.27 48.12
C11 L8Z UA . -15.63 -10.91 47.94
C12 L8Z UA . -16.04 -9.54 48.53
C13 L8Z UA . -15.60 -9.30 49.99
C14 L8Z UA . -16.31 -8.15 50.69
O2 L8Z UA . -11.40 -19.91 49.17
O3 L8Z UA . -9.88 -18.77 53.09
O1 L8Z UA . -15.22 -22.26 43.28
C15 L8Z UA . -13.83 -22.44 50.95
C21 L8Z UA . -15.16 -22.00 50.41
C31 L8Z UA . -16.24 -21.70 51.43
C41 L8Z UA . -17.38 -20.73 50.91
C51 L8Z UA . -16.99 -19.50 49.99
C61 L8Z UA . -18.19 -18.64 49.46
C71 L8Z UA . -17.93 -17.75 48.19
C81 L8Z UA . -18.99 -17.85 47.00
C91 L8Z UA . -19.80 -16.55 46.64
C16 L8Z UA . -20.04 -16.22 45.10
C17 L8Z UA . -20.07 -14.69 44.69
C18 L8Z UA . -18.99 -14.18 43.63
C19 L8Z UA . -18.06 -12.99 44.06
C20 L8Z UA . -16.71 -12.91 43.34
O21 L8Z UA . -13.67 -22.21 52.28
O31 L8Z UA . -16.80 -22.89 51.83
C1A L8Z UA . -13.29 -24.33 46.31
C22 L8Z UA . -14.29 -23.25 46.80
C32 L8Z UA . -15.57 -22.99 46.01
C42 L8Z UA . -16.84 -23.25 46.85
C52 L8Z UA . -18.18 -22.74 46.28
C62 L8Z UA . -19.32 -22.60 47.30
C72 L8Z UA . -20.74 -22.55 46.71
C82 L8Z UA . -21.26 -21.17 46.22
C92 L8Z UA . -22.59 -21.19 45.40
C23 L8Z UA . -23.54 -19.98 45.60
C24 L8Z UA . -23.06 -18.63 44.97
C25 L8Z UA . -24.16 -17.72 44.35
C26 L8Z UA . -25.14 -18.41 43.35
C27 L8Z UA . -25.56 -17.55 42.15
O22 L8Z UA . -12.11 -23.81 45.85
O32 L8Z UA . -15.61 -21.67 45.64
C1B L8Z UA . -15.43 -21.35 44.29
C28 L8Z UA . -15.44 -19.94 43.71
C33 L8Z UA . -16.84 -19.37 43.83
C43 L8Z UA . -17.04 -18.39 42.71
C53 L8Z UA . -18.53 -18.29 42.45
C63 L8Z UA . -18.79 -17.37 41.28
C73 L8Z UA . -20.04 -17.82 40.53
C83 L8Z UA . -19.89 -17.47 39.07
C93 L8Z UA . -21.13 -17.86 38.30
C29 L8Z UA . -22.14 -16.74 38.40
C30 L8Z UA . -23.01 -16.76 37.15
C34 L8Z UA . -23.64 -15.40 36.90
C1C L8Z UA . -14.45 -27.51 43.01
C2A L8Z UA . -15.47 -26.85 42.09
C35 L8Z UA . -16.57 -26.05 42.81
C44 L8Z UA . -17.15 -24.87 42.01
C54 L8Z UA . -18.71 -24.74 42.00
C64 L8Z UA . -19.30 -23.33 41.73
C74 L8Z UA . -20.82 -23.26 41.35
C84 L8Z UA . -21.59 -21.94 41.67
C94 L8Z UA . -23.10 -21.91 41.31
C36 L8Z UA . -23.57 -20.85 40.26
C37 L8Z UA . -24.28 -21.37 38.97
C38 L8Z UA . -25.54 -20.59 38.45
C39 L8Z UA . -26.36 -21.24 37.29
C40 L8Z UA . -27.29 -20.30 36.53
O23 L8Z UA . -14.34 -28.86 42.78
O33 L8Z UA . -17.63 -26.85 43.08
C1D L8Z UA . -17.76 -27.38 44.36
O11 L8Z UA . -16.90 -27.12 45.23
C2B L8Z UA . -18.95 -28.24 44.69
C3A L8Z UA . -20.06 -27.31 45.15
C45 L8Z UA . -20.97 -27.96 46.17
C55 L8Z UA . -21.71 -26.91 46.98
C65 L8Z UA . -22.13 -25.74 46.10
C75 L8Z UA . -23.60 -25.76 45.71
C85 L8Z UA . -23.85 -26.64 44.49
C95 L8Z UA . -25.22 -26.36 43.88
C46 L8Z UA . -25.32 -24.89 43.47
C47 L8Z UA . -26.73 -24.37 43.71
C48 L8Z UA . -26.78 -22.85 43.72
C49 L8Z UA . -27.93 -22.35 44.61
C50 L8Z UA . -28.19 -20.88 44.35
P L8Z UA . -7.77 -22.11 52.04
O12 L8Z UA . -8.45 -20.91 52.65
O24 L8Z UA . -6.81 -22.71 53.03
O34 L8Z UA . -7.02 -21.69 50.81
P1 L8Z UA . -11.36 -29.23 41.94
O13 L8Z UA . -10.05 -28.49 41.87
O25 L8Z UA . -12.31 -28.57 41.00
O35 L8Z UA . -11.14 -30.65 41.49
C1E L8Z UA . -9.22 -22.94 50.32
O14 L8Z UA . -8.87 -23.21 51.64
C2C L8Z UA . -10.63 -22.33 50.21
N2 L8Z UA . -10.81 -21.18 51.07
C3B L8Z UA . -11.63 -23.40 50.60
O36 L8Z UA . -12.87 -22.99 50.13
C4A L8Z UA . -11.51 -24.63 49.73
O4 L8Z UA . -12.33 -25.47 50.51
C56 L8Z UA . -10.12 -25.19 49.70
O5 L8Z UA . -9.16 -24.17 49.63
C66 L8Z UA . -10.06 -26.07 48.43
O6 L8Z UA . -11.38 -26.15 47.91
C1F L8Z UA . -11.70 -27.13 46.98
C2D L8Z UA . -12.35 -26.44 45.81
C3C L8Z UA . -12.76 -27.47 44.84
C4B L8Z UA . -11.55 -28.06 44.18
C57 L8Z UA . -10.57 -28.59 45.26
C67 L8Z UA . -9.17 -28.72 44.74
N21 L8Z UA . -13.49 -25.63 46.31
O37 L8Z UA . -13.71 -26.82 43.95
O41 L8Z UA . -11.97 -29.20 43.44
O51 L8Z UA . -10.45 -27.79 46.49
O61 L8Z UA . -8.28 -28.38 45.78
C1G L8Z UA . -7.97 -30.98 45.62
O1A L8Z UA . -7.43 -31.32 44.54
O1B L8Z UA . -8.77 -31.59 46.25
C2E L8Z UA . -7.42 -29.48 46.16
C3D L8Z UA . -7.32 -29.56 47.68
C4C L8Z UA . -6.62 -28.35 48.30
O42 L8Z UA . -6.35 -28.62 49.63
C58 L8Z UA . -5.27 -28.19 47.64
O52 L8Z UA . -4.59 -29.34 47.94
C68 L8Z UA . -5.47 -28.08 46.08
O62 L8Z UA . -6.15 -29.22 45.59
C76 L8Z UA . -4.05 -27.92 45.32
O7 L8Z UA . -3.73 -26.60 45.19
C86 L8Z UA . -4.01 -28.63 43.88
O8 L8Z UA . -3.87 -29.99 44.08
P1 LPP VA . 1.48 -17.89 40.85
O2 LPP VA . 2.43 -17.91 39.67
O3 LPP VA . 1.55 -16.68 41.75
O4 LPP VA . 1.19 -19.23 41.51
O5 LPP VA . -0.11 -17.50 39.95
C6 LPP VA . -0.08 -16.83 38.81
C7 LPP VA . -1.09 -17.44 37.67
C8 LPP VA . -2.17 -18.37 38.26
O9 LPP VA . -1.67 -16.35 36.94
O27 LPP VA . -3.33 -18.24 37.40
C11 LPP VA . -2.36 -15.31 37.49
O10 LPP VA . -2.55 -15.17 38.68
C12 LPP VA . -2.86 -14.34 36.42
C13 LPP VA . -4.09 -13.53 36.84
C14 LPP VA . -5.35 -13.79 36.02
C15 LPP VA . -6.42 -12.70 36.24
C16 LPP VA . -6.30 -11.48 35.31
C17 LPP VA . -7.54 -10.57 35.34
C18 LPP VA . -8.56 -10.81 34.23
C19 LPP VA . -8.07 -10.47 32.82
C20 LPP VA . -7.85 -8.97 32.54
C21 LPP VA . -8.97 -8.30 31.72
C22 LPP VA . -8.90 -8.56 30.20
C23 LPP VA . -10.21 -8.23 29.48
C24 LPP VA . -10.08 -7.15 28.39
C25 LPP VA . -11.45 -6.58 28.00
C26 LPP VA . -11.37 -5.52 26.89
C29 LPP VA . -4.45 -18.93 37.62
O28 LPP VA . -4.55 -19.71 38.55
C30 LPP VA . -5.57 -18.68 36.62
C31 LPP VA . -5.79 -19.80 35.57
C32 LPP VA . -6.16 -19.26 34.16
C33 LPP VA . -7.47 -18.44 34.14
C34 LPP VA . -7.38 -17.03 33.51
C35 LPP VA . -8.68 -16.19 33.59
C36 LPP VA . -8.77 -15.03 32.56
C37 LPP VA . -10.21 -14.61 32.15
C38 LPP VA . -10.28 -13.67 30.91
C39 LPP VA . -11.73 -13.29 30.50
C40 LPP VA . -11.88 -12.50 29.18
C41 LPP VA . -13.24 -11.78 29.01
C42 LPP VA . -13.13 -10.26 28.77
C43 LPP VA . -14.43 -9.59 28.27
C44 LPP VA . -14.67 -8.22 28.93
C1 PLM WA . -23.03 -3.70 27.91
O2 PLM WA . -24.07 -4.09 28.49
C2 PLM WA . -21.82 -4.70 27.84
C3 PLM WA . -22.15 -6.15 27.60
C4 PLM WA . -21.45 -7.12 28.58
C5 PLM WA . -21.86 -8.59 28.38
C6 PLM WA . -22.71 -9.17 29.51
C7 PLM WA . -23.06 -10.62 29.28
C8 PLM WA . -23.43 -11.41 30.54
C9 PLM WA . -23.16 -12.92 30.40
CA PLM WA . -24.18 -13.79 31.14
CB PLM WA . -23.92 -15.28 31.00
CC PLM WA . -25.05 -16.14 31.55
CD PLM WA . -24.70 -17.64 31.66
CE PLM WA . -25.90 -18.56 31.90
CF PLM WA . -25.67 -20.02 31.50
CG PLM WA . -26.98 -20.82 31.32
C1 GOL XA . -27.03 -1.18 32.59
O1 GOL XA . -26.43 -1.52 33.79
C2 GOL XA . -28.38 -0.47 32.91
O2 GOL XA . -29.24 -1.25 33.69
C3 GOL XA . -28.98 -0.09 31.51
C1 L8Z YA . -18.47 -35.13 40.08
C2 L8Z YA . -19.37 -34.32 40.98
C3 L8Z YA . -19.37 -32.81 40.64
C4 L8Z YA . -20.34 -31.96 41.48
C5 L8Z YA . -20.05 -30.43 41.51
C6 L8Z YA . -19.81 -29.71 40.14
C7 L8Z YA . -20.70 -28.47 39.85
C8 L8Z YA . -22.22 -28.75 39.69
C9 L8Z YA . -23.19 -27.55 39.89
C10 L8Z YA . -23.14 -26.42 38.81
C11 L8Z YA . -24.34 -26.33 37.81
C12 L8Z YA . -25.51 -25.38 38.20
C13 L8Z YA . -25.92 -25.35 39.71
C14 L8Z YA . -27.21 -24.57 40.02
O2 L8Z YA . -18.18 -34.48 38.92
O3 L8Z YA . -18.11 -32.34 40.85
O1 L8Z YA . -19.05 -36.37 31.85
C15 L8Z YA . -19.76 -38.17 38.33
C21 L8Z YA . -21.09 -38.86 38.10
C31 L8Z YA . -22.42 -38.18 38.51
C41 L8Z YA . -23.20 -37.53 37.36
C51 L8Z YA . -22.42 -36.76 36.27
C61 L8Z YA . -22.43 -35.21 36.38
C71 L8Z YA . -22.68 -34.41 35.05
C81 L8Z YA . -23.60 -33.16 35.14
C91 L8Z YA . -23.24 -31.94 34.23
C16 L8Z YA . -24.38 -30.93 33.87
C17 L8Z YA . -24.25 -29.45 34.41
C18 L8Z YA . -24.20 -28.30 33.35
C19 L8Z YA . -22.79 -27.92 32.80
C20 L8Z YA . -22.80 -26.99 31.58
O21 L8Z YA . -19.76 -36.87 37.93
O31 L8Z YA . -23.24 -39.15 39.02
C1A L8Z YA . -18.03 -38.52 33.98
C22 L8Z YA . -19.47 -38.29 34.41
C32 L8Z YA . -20.54 -38.19 33.32
C42 L8Z YA . -21.78 -39.14 33.54
C52 L8Z YA . -23.04 -38.91 32.67
C62 L8Z YA . -24.30 -38.25 33.35
C72 L8Z YA . -25.34 -37.62 32.41
C82 L8Z YA . -24.87 -36.35 31.62
C92 L8Z YA . -25.64 -35.99 30.32
C23 L8Z YA . -27.16 -36.34 30.30
C24 L8Z YA . -28.14 -35.17 30.04
C25 L8Z YA . -29.59 -35.55 29.64
C26 L8Z YA . -30.27 -34.62 28.61
C27 L8Z YA . -31.69 -35.04 28.20
O22 L8Z YA . -17.40 -37.37 33.60
O32 L8Z YA . -20.98 -36.90 33.25
C1B L8Z YA . -20.21 -36.01 32.50
C28 L8Z YA . -20.50 -34.55 32.31
C33 L8Z YA . -21.78 -34.33 31.52
C43 L8Z YA . -21.77 -32.90 31.03
C53 L8Z YA . -23.13 -32.51 30.52
C63 L8Z YA . -22.96 -31.77 29.20
C73 L8Z YA . -23.99 -32.30 28.21
C83 L8Z YA . -24.07 -31.41 26.98
C93 L8Z YA . -25.29 -31.78 26.18
C29 L8Z YA . -24.93 -31.72 24.71
C30 L8Z YA . -26.07 -32.30 23.89
C34 L8Z YA . -27.26 -31.38 23.88
C1C L8Z YA . -17.23 -40.95 30.37
C2A L8Z YA . -18.12 -40.47 29.26
C35 L8Z YA . -19.48 -39.95 29.74
C44 L8Z YA . -20.11 -38.86 28.86
C54 L8Z YA . -21.64 -39.03 28.64
C64 L8Z YA . -22.26 -38.28 27.44
C74 L8Z YA . -23.81 -38.35 27.31
C84 L8Z YA . -24.52 -37.14 26.65
C94 L8Z YA . -25.86 -37.44 25.92
C36 L8Z YA . -26.87 -36.28 25.81
C37 L8Z YA . -27.32 -35.90 24.37
C38 L8Z YA . -28.85 -35.73 24.14
C39 L8Z YA . -29.35 -35.84 22.67
C40 L8Z YA . -28.41 -35.28 21.60
O23 L8Z YA . -17.05 -42.30 30.37
O33 L8Z YA . -20.37 -40.97 29.75
C1D L8Z YA . -20.57 -41.71 30.91
O11 L8Z YA . -19.92 -41.42 31.94
C2B L8Z YA . -21.56 -42.83 30.93
C3A L8Z YA . -22.94 -42.26 30.58
C45 L8Z YA . -24.01 -43.33 30.66
C55 L8Z YA . -25.37 -42.80 30.24
C65 L8Z YA . -25.34 -42.31 28.80
C75 L8Z YA . -26.70 -42.51 28.14
C85 L8Z YA . -27.81 -41.77 28.89
C95 L8Z YA . -27.62 -40.26 28.87
C46 L8Z YA . -28.93 -39.58 29.23
C47 L8Z YA . -30.01 -40.02 28.25
C48 L8Z YA . -31.40 -39.55 28.67
C49 L8Z YA . -32.44 -39.94 27.62
C50 L8Z YA . -33.80 -39.32 27.94
P L8Z YA . -14.47 -36.32 41.80
O12 L8Z YA . -15.07 -36.41 43.19
O24 L8Z YA . -13.02 -36.70 41.92
O34 L8Z YA . -14.58 -34.92 41.30
P1 L8Z YA . -13.37 -41.19 29.68
O13 L8Z YA . -12.53 -40.01 30.08
O25 L8Z YA . -14.28 -40.78 28.57
O35 L8Z YA . -12.44 -42.27 29.20
C1E L8Z YA . -15.64 -36.73 39.61
O14 L8Z YA . -15.25 -37.34 40.80
C2C L8Z YA . -17.17 -36.88 39.32
N2 L8Z YA . -18.01 -36.32 40.35
C3B L8Z YA . -17.36 -38.37 39.13
O36 L8Z YA . -18.69 -38.83 38.87
C4A L8Z YA . -16.63 -38.77 37.85
O4 L8Z YA . -16.98 -40.12 37.74
C56 L8Z YA . -15.16 -38.66 38.10
O5 L8Z YA . -14.89 -37.36 38.58
C66 L8Z YA . -14.45 -39.00 36.75
O6 L8Z YA . -15.45 -39.37 35.81
C1F L8Z YA . -15.18 -40.19 34.70
C2D L8Z YA . -16.01 -39.73 33.52
C3C L8Z YA . -15.81 -40.62 32.35
C4B L8Z YA . -14.38 -40.71 31.94
C57 L8Z YA . -13.58 -41.13 33.17
C67 L8Z YA . -12.13 -41.31 32.86
N21 L8Z YA . -17.42 -39.69 33.96
O37 L8Z YA . -16.65 -40.10 31.30
O41 L8Z YA . -14.25 -41.72 30.93
O51 L8Z YA . -13.75 -40.18 34.28
O61 L8Z YA . -11.37 -40.73 33.87
C1G L8Z YA . -11.37 -43.34 34.40
O1A L8Z YA . -10.53 -43.87 33.65
O1B L8Z YA . -12.37 -43.81 34.81
C2E L8Z YA . -10.92 -41.72 34.81
C3D L8Z YA . -11.44 -41.37 36.20
C4C L8Z YA . -10.32 -41.03 37.21
O42 L8Z YA . -9.62 -42.18 37.55
C58 L8Z YA . -9.31 -39.99 36.65
O52 L8Z YA . -8.11 -40.20 37.27
C68 L8Z YA . -9.14 -40.21 35.11
O62 L8Z YA . -9.53 -41.51 34.76
C76 L8Z YA . -7.63 -39.97 34.66
O7 L8Z YA . -6.91 -39.43 35.68
C86 L8Z YA . -7.54 -39.05 33.40
O8 L8Z YA . -8.32 -39.65 32.41
P1 LPP ZA . -4.88 -27.49 34.10
O2 LPP ZA . -3.59 -27.45 33.33
O3 LPP ZA . -4.99 -26.55 35.27
O4 LPP ZA . -5.54 -28.84 34.25
O5 LPP ZA . -6.04 -26.65 32.89
C6 LPP ZA . -5.54 -25.98 31.85
C7 LPP ZA . -6.09 -26.52 30.38
C8 LPP ZA . -6.95 -27.81 30.54
O9 LPP ZA . -6.76 -25.44 29.69
O27 LPP ZA . -7.67 -28.04 29.31
C11 LPP ZA . -7.72 -24.62 30.20
O10 LPP ZA . -8.15 -24.66 31.35
C12 LPP ZA . -8.21 -23.62 29.17
C13 LPP ZA . -9.66 -23.17 29.39
C14 LPP ZA . -10.66 -23.72 28.38
C15 LPP ZA . -12.04 -23.06 28.50
C16 LPP ZA . -12.07 -21.56 28.23
C17 LPP ZA . -13.39 -21.09 27.63
C18 LPP ZA . -13.46 -21.21 26.10
C19 LPP ZA . -12.55 -20.21 25.39
C20 LPP ZA . -13.07 -18.77 25.46
C21 LPP ZA . -14.21 -18.46 24.48
C22 LPP ZA . -13.78 -17.68 23.23
C23 LPP ZA . -14.69 -17.95 22.02
C24 LPP ZA . -14.49 -16.97 20.86
C25 LPP ZA . -15.79 -16.78 20.07
C26 LPP ZA . -15.65 -15.86 18.87
C29 LPP ZA . -8.73 -28.86 29.31
O28 LPP ZA . -9.12 -29.43 30.31
C30 LPP ZA . -9.41 -29.03 27.97
C31 LPP ZA . -8.48 -29.30 26.78
C32 LPP ZA . -9.03 -28.75 25.45
C33 LPP ZA . -10.46 -28.11 25.54
C34 LPP ZA . -10.58 -26.73 24.86
C35 LPP ZA . -12.01 -26.14 24.86
C36 LPP ZA . -12.23 -25.03 23.80
C37 LPP ZA . -13.70 -24.74 23.42
C38 LPP ZA . -13.86 -23.63 22.36
C39 LPP ZA . -15.28 -23.00 22.30
C40 LPP ZA . -15.53 -22.04 21.10
C41 LPP ZA . -17.00 -22.02 20.61
C42 LPP ZA . -17.52 -20.63 20.14
C43 LPP ZA . -19.05 -20.50 20.18
C44 LPP ZA . -19.54 -19.06 20.00
C1 GOL AB . -32.86 -16.31 22.50
O1 GOL AB . -32.10 -16.71 23.57
C2 GOL AB . -33.99 -15.46 23.08
O2 GOL AB . -34.57 -16.09 24.16
C3 GOL AB . -34.96 -15.28 21.90
C1 PLM BB . -27.89 -16.90 17.53
O2 PLM BB . -28.87 -17.68 17.60
C2 PLM BB . -26.46 -17.49 17.72
C3 PLM BB . -26.20 -18.88 17.14
C4 PLM BB . -26.57 -20.06 18.07
C5 PLM BB . -25.97 -21.42 17.62
C6 PLM BB . -26.79 -22.65 18.05
C7 PLM BB . -26.00 -23.96 17.95
C8 PLM BB . -26.84 -25.24 18.15
C9 PLM BB . -26.01 -26.55 18.04
CA PLM BB . -26.85 -27.83 18.18
CB PLM BB . -26.01 -29.10 18.13
CC PLM BB . -26.84 -30.39 18.02
CD PLM BB . -25.98 -31.66 18.11
CE PLM BB . -26.57 -32.87 17.36
CF PLM BB . -25.58 -34.04 17.18
CG PLM BB . -26.07 -35.12 16.22
C1 L8Z CB . -17.35 -47.78 25.04
C2 L8Z CB . -18.58 -47.32 25.83
C3 L8Z CB . -18.81 -45.78 25.89
C4 L8Z CB . -20.22 -45.35 26.36
C5 L8Z CB . -20.62 -43.84 26.29
C6 L8Z CB . -22.16 -43.52 26.23
C7 L8Z CB . -22.58 -42.21 25.49
C8 L8Z CB . -23.40 -42.36 24.17
C9 L8Z CB . -23.71 -41.05 23.37
C10 L8Z CB . -23.78 -41.16 21.82
C11 L8Z CB . -25.10 -40.67 21.12
C12 L8Z CB . -26.21 -40.06 22.03
C13 L8Z CB . -27.26 -41.06 22.63
C14 L8Z CB . -28.47 -40.41 23.32
O2 L8Z CB . -17.23 -47.13 23.85
O3 L8Z CB . -17.93 -45.24 26.78
O1 L8Z CB . -16.86 -48.19 16.00
C15 L8Z CB . -17.74 -50.84 23.17
C21 L8Z CB . -18.82 -50.62 22.14
C31 L8Z CB . -20.07 -51.52 22.05
C41 L8Z CB . -21.23 -50.80 21.32
C51 L8Z CB . -20.83 -49.82 20.15
C61 L8Z CB . -20.82 -48.27 20.46
C71 L8Z CB . -21.49 -47.34 19.40
C81 L8Z CB . -22.83 -46.68 19.82
C91 L8Z CB . -23.50 -45.73 18.79
C16 L8Z CB . -22.54 -44.81 17.99
C17 L8Z CB . -22.99 -43.34 17.75
C18 L8Z CB . -21.88 -42.24 17.85
C19 L8Z CB . -22.36 -40.77 17.91
C20 L8Z CB . -22.64 -40.14 16.55
O21 L8Z CB . -18.05 -51.67 24.18
O31 L8Z CB . -19.77 -52.65 21.35
C1A L8Z CB . -14.87 -50.59 18.53
C22 L8Z CB . -16.22 -51.26 18.39
C32 L8Z CB . -17.20 -50.73 17.31
C42 L8Z CB . -18.30 -51.78 16.92
C52 L8Z CB . -18.78 -51.85 15.46
C62 L8Z CB . -20.30 -51.60 15.23
C72 L8Z CB . -20.71 -50.74 13.98
C82 L8Z CB . -20.89 -49.20 14.21
C92 L8Z CB . -22.34 -48.62 14.22
C23 L8Z CB . -23.50 -49.63 14.05
C24 L8Z CB . -24.05 -49.81 12.60
C25 L8Z CB . -24.20 -51.27 12.09
C26 L8Z CB . -24.22 -51.41 10.57
C27 L8Z CB . -24.78 -50.19 9.85
O22 L8Z CB . -14.97 -49.26 18.80
O32 L8Z CB . -17.84 -49.62 17.77
C1B L8Z CB . -17.67 -48.39 17.11
C28 L8Z CB . -18.32 -47.09 17.52
C33 L8Z CB . -19.37 -46.75 16.47
C43 L8Z CB . -18.88 -45.62 15.58
C53 L8Z CB . -19.64 -45.72 14.27
C63 L8Z CB . -20.00 -44.33 13.78
C73 L8Z CB . -20.49 -44.43 12.34
C83 L8Z CB . -20.38 -43.05 11.71
C93 L8Z CB . -20.88 -43.07 10.28
C29 L8Z CB . -21.66 -41.79 9.99
C30 L8Z CB . -22.46 -41.94 8.71
C34 L8Z CB . -23.39 -40.75 8.50
C1C L8Z CB . -12.26 -51.16 15.11
C2A L8Z CB . -12.91 -50.73 13.83
C35 L8Z CB . -14.42 -50.96 13.79
C44 L8Z CB . -15.25 -49.73 13.32
C54 L8Z CB . -16.32 -50.04 12.25
C64 L8Z CB . -17.27 -48.88 11.82
C74 L8Z CB . -18.14 -49.17 10.57
C84 L8Z CB . -19.60 -48.64 10.61
C94 L8Z CB . -20.13 -47.99 9.32
C36 L8Z CB . -21.68 -47.77 9.21
C37 L8Z CB . -22.21 -46.31 9.36
C38 L8Z CB . -23.18 -45.82 8.28
C39 L8Z CB . -24.35 -46.78 7.96
C40 L8Z CB . -24.54 -47.12 6.47
O23 L8Z CB . -11.77 -52.43 15.06
O33 L8Z CB . -14.69 -51.99 12.94
C1D L8Z CB . -15.31 -53.13 13.43
O11 L8Z CB . -15.61 -53.19 14.64
C2B L8Z CB . -15.64 -54.30 12.54
C3A L8Z CB . -16.83 -55.01 13.17
C45 L8Z CB . -17.61 -55.87 12.20
C55 L8Z CB . -19.09 -55.94 12.60
C65 L8Z CB . -19.87 -54.70 12.18
C75 L8Z CB . -20.07 -54.64 10.68
C85 L8Z CB . -19.29 -53.49 10.03
C95 L8Z CB . -19.27 -53.57 8.51
C46 L8Z CB . -20.59 -53.11 7.89
C47 L8Z CB . -21.48 -54.31 7.56
C48 L8Z CB . -22.88 -53.86 7.15
C49 L8Z CB . -23.86 -55.02 7.09
C50 L8Z CB . -25.14 -54.58 6.40
P L8Z CB . -14.17 -48.77 27.63
O12 L8Z CB . -15.62 -48.39 27.59
O24 L8Z CB . -13.94 -49.57 28.89
O34 L8Z CB . -13.31 -47.53 27.63
P1 L8Z CB . -8.34 -50.40 15.69
O13 L8Z CB . -7.19 -49.73 16.39
O25 L8Z CB . -9.12 -49.35 14.94
O35 L8Z CB . -7.76 -51.39 14.72
C1E L8Z CB . -13.98 -48.87 25.22
O14 L8Z CB . -13.83 -49.67 26.35
C2C L8Z CB . -15.37 -48.98 24.53
N2 L8Z CB . -16.50 -48.70 25.43
C3B L8Z CB . -15.50 -50.35 23.89
O36 L8Z CB . -16.54 -50.20 23.01
C4A L8Z CB . -14.38 -50.63 22.87
O4 L8Z CB . -14.52 -52.03 22.80
C56 L8Z CB . -12.98 -50.30 23.38
O5 L8Z CB . -12.96 -49.24 24.32
C66 L8Z CB . -12.11 -49.88 22.15
O6 L8Z CB . -12.71 -50.26 20.92
C1F L8Z CB . -11.87 -50.72 19.89
C2D L8Z CB . -12.45 -50.46 18.53
C3C L8Z CB . -11.54 -50.86 17.43
C4B L8Z CB . -10.13 -50.36 17.54
C57 L8Z CB . -9.65 -50.59 18.96
C67 L8Z CB . -8.31 -49.97 19.17
N21 L8Z CB . -13.73 -51.23 18.38
O37 L8Z CB . -12.17 -50.35 16.23
O41 L8Z CB . -9.32 -51.19 16.71
O51 L8Z CB . -10.55 -50.03 19.97
O61 L8Z CB . -7.83 -50.37 20.42
C1G L8Z CB . -6.64 -52.56 20.60
O1A L8Z CB . -5.61 -52.16 20.01
O1B L8Z CB . -7.08 -53.66 20.65
C2E L8Z CB . -7.46 -51.27 21.39
C3D L8Z CB . -8.04 -51.74 22.73
C4C L8Z CB . -8.79 -50.57 23.35
O42 L8Z CB . -9.45 -50.98 24.50
C58 L8Z CB . -7.75 -49.53 23.70
O52 L8Z CB . -6.77 -50.15 24.44
C68 L8Z CB . -7.15 -49.03 22.36
O62 L8Z CB . -6.63 -50.12 21.60
C76 L8Z CB . -5.98 -48.00 22.63
O7 L8Z CB . -6.53 -46.84 23.08
C86 L8Z CB . -5.14 -47.71 21.32
O8 L8Z CB . -4.90 -48.91 20.68
P1 LPP DB . -5.24 -36.79 25.18
O2 LPP DB . -4.05 -36.27 24.42
O3 LPP DB . -5.90 -35.79 26.09
O4 LPP DB . -5.18 -38.22 25.63
O5 LPP DB . -6.51 -36.86 23.81
C6 LPP DB . -6.93 -35.74 23.24
C7 LPP DB . -6.97 -35.83 21.60
C8 LPP DB . -7.60 -37.17 21.13
O9 LPP DB . -7.66 -34.67 21.14
O27 LPP DB . -7.87 -37.01 19.74
C11 LPP DB . -9.00 -34.43 21.26
O10 LPP DB . -9.77 -35.22 21.80
C12 LPP DB . -9.43 -33.11 20.68
C13 LPP DB . -10.93 -33.04 20.35
C14 LPP DB . -11.37 -33.80 19.09
C15 LPP DB . -12.62 -33.17 18.44
C16 LPP DB . -12.34 -31.95 17.56
C17 LPP DB . -13.63 -31.30 17.03
C18 LPP DB . -13.46 -30.50 15.74
C19 LPP DB . -12.91 -29.09 15.95
C20 LPP DB . -13.87 -27.98 15.47
C21 LPP DB . -14.38 -28.10 14.02
C22 LPP DB . -13.96 -26.92 13.11
C23 LPP DB . -14.93 -26.69 11.94
C24 LPP DB . -14.46 -25.64 10.91
C25 LPP DB . -15.42 -25.57 9.69
C26 LPP DB . -14.94 -24.66 8.58
C29 LPP DB . -8.41 -37.99 19.01
O28 LPP DB . -8.72 -39.08 19.47
C30 LPP DB . -8.60 -37.65 17.53
C31 LPP DB . -7.36 -36.94 16.91
C32 LPP DB . -7.73 -35.79 15.97
C33 LPP DB . -9.09 -35.96 15.30
C34 LPP DB . -9.69 -34.66 14.75
C35 LPP DB . -11.03 -34.82 13.98
C36 LPP DB . -11.15 -33.91 12.72
C37 LPP DB . -12.59 -33.72 12.21
C38 LPP DB . -12.99 -32.26 11.92
C39 LPP DB . -14.40 -32.10 11.33
C40 LPP DB . -14.56 -30.89 10.37
C41 LPP DB . -15.82 -30.96 9.47
C42 LPP DB . -16.63 -29.65 9.42
C43 LPP DB . -18.03 -29.83 8.83
C44 LPP DB . -18.80 -28.51 8.69
C1 GOL EB . -32.71 -29.61 7.31
O1 GOL EB . -31.67 -29.05 8.07
C2 GOL EB . -34.03 -28.88 7.64
O2 GOL EB . -35.00 -29.15 6.68
C3 GOL EB . -33.65 -27.36 7.64
C1 PLM FB . -26.19 -27.61 3.81
O2 PLM FB . -26.69 -28.67 3.38
C2 PLM FB . -24.67 -27.67 4.20
C3 PLM FB . -23.90 -28.82 3.57
C4 PLM FB . -22.83 -29.45 4.46
C5 PLM FB . -22.14 -30.65 3.81
C6 PLM FB . -22.99 -31.92 3.72
C7 PLM FB . -22.24 -33.17 4.15
C8 PLM FB . -22.89 -34.49 3.74
C9 PLM FB . -21.86 -35.63 3.55
CA PLM FB . -22.47 -37.04 3.38
CB PLM FB . -21.41 -38.11 3.14
CC PLM FB . -21.98 -39.51 2.89
CD PLM FB . -20.91 -40.56 2.48
CE PLM FB . -21.42 -42.02 2.47
CF PLM FB . -20.43 -43.02 1.85
CG PLM FB . -20.76 -43.43 0.41
C1 L8Z GB . -9.02 -55.88 7.76
C2 L8Z GB . -10.52 -55.88 8.02
C3 L8Z GB . -10.95 -55.16 9.33
C4 L8Z GB . -12.48 -55.21 9.59
C5 L8Z GB . -13.21 -53.84 9.78
C6 L8Z GB . -14.56 -53.64 9.03
C7 L8Z GB . -14.84 -52.20 8.51
C8 L8Z GB . -15.78 -52.06 7.27
C9 L8Z GB . -15.93 -50.61 6.69
C10 L8Z GB . -16.51 -50.50 5.24
C11 L8Z GB . -17.21 -51.78 4.65
C12 L8Z GB . -18.76 -51.69 4.36
C13 L8Z GB . -19.59 -50.74 5.30
C14 L8Z GB . -21.11 -50.83 5.17
O2 L8Z GB . -8.69 -55.37 6.55
O3 L8Z GB . -10.31 -55.76 10.37
O1 L8Z GB . -6.12 -53.60 3.01
C15 L8Z GB . -7.75 -58.84 6.28
C21 L8Z GB . -8.53 -59.11 5.05
C31 L8Z GB . -10.02 -58.96 5.23
C41 L8Z GB . -10.54 -57.54 4.86
C51 L8Z GB . -10.15 -56.97 3.46
C61 L8Z GB . -10.70 -55.55 3.11
C71 L8Z GB . -11.09 -55.29 1.63
C81 L8Z GB . -12.53 -54.69 1.40
C91 L8Z GB . -12.64 -53.13 1.24
C16 L8Z GB . -11.48 -52.37 0.50
C17 L8Z GB . -11.89 -51.15 -0.42
C18 L8Z GB . -11.71 -49.70 0.15
C19 L8Z GB . -13.01 -48.80 0.20
C20 L8Z GB . -12.89 -47.48 0.99
O21 L8Z GB . -7.92 -59.80 7.24
O31 L8Z GB . -10.62 -59.88 4.43
C1A L8Z GB . -4.21 -55.95 3.55
C22 L8Z GB . -5.51 -56.53 3.00
C32 L8Z GB . -5.78 -56.29 1.49
C42 L8Z GB . -6.38 -57.54 0.79
C52 L8Z GB . -7.06 -57.31 -0.59
C62 L8Z GB . -8.60 -57.24 -0.61
C72 L8Z GB . -9.23 -57.15 -2.01
C82 L8Z GB . -8.91 -55.85 -2.81
C92 L8Z GB . -10.03 -55.29 -3.74
C23 L8Z GB . -11.01 -54.26 -3.09
C24 L8Z GB . -12.38 -54.10 -3.78
C25 L8Z GB . -12.55 -54.89 -5.10
C26 L8Z GB . -12.91 -54.03 -6.34
C27 L8Z GB . -13.58 -54.81 -7.49
O22 L8Z GB . -4.39 -54.75 4.20
O32 L8Z GB . -6.66 -55.26 1.21
C1B L8Z GB . -6.81 -54.04 1.89
C28 L8Z GB . -7.79 -52.97 1.46
C33 L8Z GB . -7.25 -52.29 0.21
C43 L8Z GB . -8.21 -51.21 -0.22
C53 L8Z GB . -8.51 -51.36 -1.69
C63 L8Z GB . -9.04 -50.06 -2.29
C73 L8Z GB . -9.28 -50.29 -3.77
C83 L8Z GB . -9.35 -48.97 -4.52
C93 L8Z GB . -10.64 -48.91 -5.29
C29 L8Z GB . -11.75 -48.52 -4.32
C30 L8Z GB . -13.07 -48.39 -5.09
C34 L8Z GB . -13.94 -47.27 -4.54
C1C L8Z GB . -0.40 -55.46 0.73
C2A L8Z GB . -0.95 -55.01 -0.60
C35 L8Z GB . -2.48 -55.23 -0.76
C44 L8Z GB . -3.18 -54.25 -1.70
C54 L8Z GB . -3.58 -54.81 -3.09
C64 L8Z GB . -4.12 -53.78 -4.11
C74 L8Z GB . -5.35 -54.19 -4.94
C84 L8Z GB . -6.51 -53.16 -5.00
C94 L8Z GB . -7.62 -53.45 -6.04
C36 L8Z GB . -7.35 -52.95 -7.50
C37 L8Z GB . -8.15 -53.66 -8.64
C38 L8Z GB . -8.40 -52.84 -9.93
C39 L8Z GB . -7.20 -52.70 -10.92
C40 L8Z GB . -7.50 -51.93 -12.21
O23 L8Z GB . 0.90 -55.91 0.67
O33 L8Z GB . -2.70 -56.46 -1.27
C1D L8Z GB . -2.80 -57.59 -0.45
O11 L8Z GB . -2.68 -57.49 0.80
C2B L8Z GB . -3.06 -58.91 -1.11
C3A L8Z GB . -4.04 -58.60 -2.25
C45 L8Z GB . -4.51 -59.85 -2.97
C55 L8Z GB . -5.25 -59.42 -4.23
C65 L8Z GB . -4.49 -58.32 -4.95
C75 L8Z GB . -5.07 -58.06 -6.33
C85 L8Z GB . -6.57 -57.79 -6.26
C95 L8Z GB . -7.16 -57.61 -7.64
C46 L8Z GB . -8.65 -57.31 -7.54
C47 L8Z GB . -9.27 -57.06 -8.91
C48 L8Z GB . -10.79 -57.03 -8.84
C49 L8Z GB . -11.36 -56.82 -10.23
C50 L8Z GB . -12.86 -57.06 -10.26
P L8Z GB . -7.14 -57.18 11.39
O12 L8Z GB . -8.25 -58.16 11.14
O24 L8Z GB . -6.63 -57.40 12.79
O34 L8Z GB . -7.69 -55.79 11.26
P1 L8Z GB . 2.28 -53.87 2.51
O13 L8Z GB . 1.52 -52.74 3.15
O25 L8Z GB . 2.21 -53.74 1.01
O35 L8Z GB . 3.72 -53.82 2.93
C1E L8Z GB . -5.82 -56.25 9.54
O14 L8Z GB . -5.94 -57.39 10.34
C2C L8Z GB . -6.70 -56.32 8.29
N2 L8Z GB . -8.13 -56.35 8.62
C3B L8Z GB . -6.26 -57.60 7.63
O36 L8Z GB . -6.94 -57.74 6.44
C4A L8Z GB . -4.82 -57.51 7.15
O4 L8Z GB . -4.65 -58.87 6.88
C56 L8Z GB . -3.87 -57.13 8.26
O5 L8Z GB . -4.47 -56.22 9.15
C66 L8Z GB . -2.55 -56.53 7.65
O6 L8Z GB . -2.71 -56.21 6.27
C1F L8Z GB . -1.60 -56.28 5.44
C2D L8Z GB . -1.89 -55.74 4.05
C3C L8Z GB . -0.71 -55.84 3.18
C4B L8Z GB . 0.43 -55.03 3.71
C57 L8Z GB . 0.71 -55.53 5.12
C67 L8Z GB . 1.84 -54.79 5.77
N21 L8Z GB . -3.02 -56.50 3.44
O37 L8Z GB . -1.17 -55.40 1.88
O41 L8Z GB . 1.62 -55.27 2.94
O51 L8Z GB . -0.47 -55.46 6.00
O61 L8Z GB . 1.73 -54.96 7.15
C1G L8Z GB . 3.49 -56.99 6.49
O1A L8Z GB . 4.63 -56.49 6.50
O1B L8Z GB . 3.13 -57.93 5.88
C2E L8Z GB . 2.38 -56.17 7.58
C3D L8Z GB . 1.40 -57.23 8.19
C4C L8Z GB . 0.82 -56.98 9.58
O42 L8Z GB . 0.63 -58.21 10.22
C58 L8Z GB . 1.80 -56.16 10.44
O52 L8Z GB . 2.89 -56.96 10.75
C68 L8Z GB . 2.26 -54.92 9.64
O62 L8Z GB . 3.03 -55.35 8.55
C76 L8Z GB . 3.15 -53.96 10.54
O7 L8Z GB . 2.35 -53.02 11.11
C86 L8Z GB . 4.28 -53.22 9.74
O8 L8Z GB . 3.83 -53.07 8.45
P1 LPP HB . -2.29 -42.76 14.15
O2 LPP HB . -1.22 -41.82 13.68
O3 LPP HB . -3.22 -42.23 15.20
O4 LPP HB . -1.95 -44.23 14.19
O5 LPP HB . -3.42 -42.68 12.69
C6 LPP HB . -3.46 -41.54 12.01
C7 LPP HB . -2.53 -41.59 10.65
C8 LPP HB . -2.68 -42.99 9.95
O9 LPP HB . -2.86 -40.39 9.89
O27 LPP HB . -2.62 -42.81 8.53
C11 LPP HB . -4.06 -40.21 9.31
O10 LPP HB . -4.93 -41.06 9.38
C12 LPP HB . -4.20 -38.89 8.57
C13 LPP HB . -5.66 -38.47 8.31
C14 LPP HB . -6.51 -39.46 7.47
C15 LPP HB . -7.94 -38.98 7.21
C16 LPP HB . -8.05 -37.59 6.60
C17 LPP HB . -9.13 -37.49 5.50
C18 LPP HB . -8.61 -37.04 4.13
C19 LPP HB . -8.05 -35.60 4.13
C20 LPP HB . -9.09 -34.52 4.44
C21 LPP HB . -9.93 -34.04 3.24
C22 LPP HB . -9.73 -32.54 2.91
C23 LPP HB . -10.57 -32.06 1.71
C24 LPP HB . -9.77 -31.26 0.66
C25 LPP HB . -10.60 -30.96 -0.60
C26 LPP HB . -9.84 -30.17 -1.66
C29 LPP HB . -1.72 -43.50 7.80
O28 LPP HB . -0.93 -44.29 8.29
C30 LPP HB . -1.77 -43.20 6.29
C31 LPP HB . -0.78 -42.12 5.80
C32 LPP HB . -1.43 -41.03 4.93
C33 LPP HB . -2.88 -41.31 4.45
C34 LPP HB . -3.77 -40.05 4.35
C35 LPP HB . -4.80 -40.04 3.21
C36 LPP HB . -5.30 -38.63 2.81
C37 LPP HB . -6.22 -38.55 1.57
C38 LPP HB . -6.21 -37.15 0.91
C39 LPP HB . -7.43 -36.79 0.01
C40 LPP HB . -7.58 -35.27 -0.25
C41 LPP HB . -8.19 -34.90 -1.63
C42 LPP HB . -9.63 -34.34 -1.55
C43 LPP HB . -10.25 -34.05 -2.94
C44 LPP HB . -11.77 -33.89 -2.92
C1 GOL IB . -9.13 -37.96 -22.74
O1 GOL IB . -9.35 -38.90 -21.75
C2 GOL IB . -8.86 -38.78 -24.02
O2 GOL IB . -9.51 -40.02 -23.96
C3 GOL IB . -7.30 -38.91 -24.09
C1 PLM JB . -18.09 -34.14 -9.86
O2 PLM JB . -18.54 -35.13 -10.52
C2 PLM JB . -16.63 -34.22 -9.27
C3 PLM JB . -15.57 -34.96 -10.11
C4 PLM JB . -15.55 -36.48 -9.95
C5 PLM JB . -14.14 -37.12 -9.96
C6 PLM JB . -14.16 -38.64 -10.13
C7 PLM JB . -12.80 -39.25 -10.41
C8 PLM JB . -12.86 -40.64 -11.05
C9 PLM JB . -11.53 -41.41 -10.95
CA PLM JB . -11.56 -42.77 -11.65
CB PLM JB . -10.25 -43.53 -11.50
CC PLM JB . -9.76 -44.23 -12.77
CD PLM JB . -8.22 -44.29 -12.85
CE PLM JB . -7.65 -45.46 -13.71
CF PLM JB . -6.12 -45.37 -13.94
CG PLM JB . -5.47 -46.70 -14.33
C1 GOL KB . -22.96 -37.46 -9.18
O1 GOL KB . -23.51 -38.13 -8.11
C2 GOL KB . -23.34 -38.26 -10.45
O2 GOL KB . -22.75 -39.50 -10.48
C3 GOL KB . -22.91 -37.37 -11.66
C1 L8Z LB . 5.06 -57.06 -6.19
C2 L8Z LB . 3.60 -57.45 -6.37
C3 L8Z LB . 2.65 -56.66 -5.43
C4 L8Z LB . 1.27 -57.30 -5.14
C5 L8Z LB . 0.06 -56.40 -5.39
C6 L8Z LB . 0.21 -55.43 -6.59
C7 L8Z LB . -0.81 -54.25 -6.70
C8 L8Z LB . -1.56 -54.10 -8.05
C9 L8Z LB . -2.33 -55.36 -8.55
C10 L8Z LB . -3.51 -55.07 -9.52
C11 L8Z LB . -3.91 -56.23 -10.48
C12 L8Z LB . -5.44 -56.33 -10.79
C13 L8Z LB . -5.84 -56.31 -12.29
C14 L8Z LB . -4.95 -55.44 -13.20
O2 L8Z LB . 5.27 -55.73 -6.37
O3 L8Z LB . 3.29 -56.52 -4.23
O1 L8Z LB . 9.02 -51.77 -9.93
C15 L8Z LB . 7.44 -59.02 -8.46
C21 L8Z LB . 7.05 -59.03 -9.94
C31 L8Z LB . 5.67 -59.70 -10.25
C41 L8Z LB . 5.22 -59.62 -11.75
C51 L8Z LB . 5.88 -58.56 -12.69
C61 L8Z LB . 5.47 -57.06 -12.45
C71 L8Z LB . 6.03 -56.00 -13.43
C81 L8Z LB . 5.01 -54.94 -13.99
C91 L8Z LB . 4.48 -53.83 -13.01
C16 L8Z LB . 3.82 -52.56 -13.68
C17 L8Z LB . 2.57 -51.93 -12.95
C18 L8Z LB . 2.26 -50.41 -13.24
C19 L8Z LB . 1.31 -49.68 -12.24
C20 L8Z LB . 0.78 -48.32 -12.73
O21 L8Z LB . 7.00 -60.14 -7.83
O31 L8Z LB . 5.73 -61.02 -9.88
C1A L8Z LB . 11.08 -54.21 -8.27
C22 L8Z LB . 10.11 -54.63 -9.35
C32 L8Z LB . 10.34 -54.12 -10.76
C42 L8Z LB . 11.01 -55.18 -11.70
C52 L8Z LB . 10.76 -55.08 -13.23
C62 L8Z LB . 9.77 -56.11 -13.85
C72 L8Z LB . 9.51 -55.97 -15.37
C82 L8Z LB . 8.44 -54.90 -15.78
C92 L8Z LB . 8.38 -54.49 -17.28
C23 L8Z LB . 7.03 -53.94 -17.82
C24 L8Z LB . 7.05 -52.48 -18.33
C25 L8Z LB . 7.34 -52.33 -19.86
C26 L8Z LB . 7.15 -50.92 -20.46
C27 L8Z LB . 6.70 -50.91 -21.93
O22 L8Z LB . 10.47 -53.59 -7.21
O32 L8Z LB . 9.11 -53.84 -11.25
C1B L8Z LB . 8.48 -52.68 -10.82
C28 L8Z LB . 7.12 -52.22 -11.27
C33 L8Z LB . 7.26 -51.31 -12.48
C43 L8Z LB . 6.32 -50.13 -12.29
C53 L8Z LB . 5.79 -49.67 -13.63
C63 L8Z LB . 6.44 -48.35 -13.99
C73 L8Z LB . 6.47 -48.20 -15.49
C83 L8Z LB . 5.38 -47.26 -15.93
C93 L8Z LB . 6.01 -46.03 -16.53
C29 L8Z LB . 5.06 -45.43 -17.55
C30 L8Z LB . 5.84 -44.76 -18.68
C34 L8Z LB . 4.90 -44.04 -19.62
C1C L8Z LB . 14.37 -52.35 -9.55
C2A L8Z LB . 14.34 -51.22 -10.56
C35 L8Z LB . 13.51 -51.54 -11.83
C44 L8Z LB . 12.57 -50.41 -12.31
C54 L8Z LB . 12.39 -50.26 -13.85
C64 L8Z LB . 11.53 -51.34 -14.60
C74 L8Z LB . 10.78 -50.84 -15.85
C84 L8Z LB . 11.15 -49.40 -16.33
C94 L8Z LB . 10.94 -49.07 -17.85
C36 L8Z LB . 12.18 -49.23 -18.80
C37 L8Z LB . 11.87 -49.19 -20.33
C38 L8Z LB . 10.51 -48.54 -20.75
C39 L8Z LB . 9.85 -49.08 -22.07
C40 L8Z LB . 9.99 -48.18 -23.33
O23 L8Z LB . 14.39 -53.57 -10.14
O33 L8Z LB . 14.32 -51.84 -12.87
C1D L8Z LB . 14.47 -53.20 -13.18
O11 L8Z LB . 13.90 -54.05 -12.48
C2B L8Z LB . 15.32 -53.64 -14.34
C3A L8Z LB . 14.40 -54.36 -15.33
C45 L8Z LB . 15.06 -54.55 -16.68
C55 L8Z LB . 14.02 -55.01 -17.70
C65 L8Z LB . 12.79 -54.11 -17.68
C75 L8Z LB . 12.09 -54.14 -19.04
C85 L8Z LB . 12.07 -52.74 -19.65
C95 L8Z LB . 12.34 -52.77 -21.15
C46 L8Z LB . 11.29 -53.64 -21.84
C47 L8Z LB . 11.20 -53.31 -23.33
C48 L8Z LB . 9.96 -53.92 -23.97
C49 L8Z LB . 9.74 -53.40 -25.38
C50 L8Z LB . 8.35 -53.75 -25.90
P L8Z LB . 6.92 -59.36 -3.07
O12 L8Z LB . 6.42 -60.67 -3.64
O24 L8Z LB . 7.51 -59.60 -1.71
O34 L8Z LB . 5.77 -58.40 -3.01
P1 L8Z LB . 16.62 -51.00 -6.27
O13 L8Z LB . 15.96 -50.41 -5.05
O25 L8Z LB . 16.00 -50.42 -7.51
O35 L8Z LB . 18.08 -50.64 -6.23
C1E L8Z LB . 7.83 -57.41 -4.29
O14 L8Z LB . 8.10 -58.74 -3.99
C2C L8Z LB . 7.37 -57.32 -5.71
N2 L8Z LB . 6.03 -57.89 -5.86
C3B L8Z LB . 8.42 -58.11 -6.48
O36 L8Z LB . 8.13 -58.00 -7.84
C4A L8Z LB . 9.85 -57.51 -6.34
O4 L8Z LB . 10.58 -58.69 -6.60
C56 L8Z LB . 10.19 -57.04 -4.91
O5 L8Z LB . 9.03 -56.73 -4.17
C66 L8Z LB . 11.17 -55.80 -4.97
O6 L8Z LB . 12.10 -55.93 -6.04
C1F L8Z LB . 13.23 -55.10 -6.13
C2D L8Z LB . 13.07 -53.93 -7.05
C3C L8Z LB . 14.42 -53.33 -7.29
C4B L8Z LB . 15.04 -52.89 -6.01
C57 L8Z LB . 15.00 -53.99 -4.92
C67 L8Z LB . 15.37 -53.45 -3.57
N21 L8Z LB . 12.38 -54.42 -8.28
O37 L8Z LB . 14.38 -52.17 -8.17
O41 L8Z LB . 16.42 -52.59 -6.27
O51 L8Z LB . 13.68 -54.60 -4.80
O61 L8Z LB . 14.52 -54.04 -2.63
C1G L8Z LB . 16.74 -55.31 -2.22
O1A L8Z LB . 17.63 -54.66 -1.63
O1B L8Z LB . 16.84 -56.16 -3.02
C2E L8Z LB . 15.26 -54.84 -1.69
C3D L8Z LB . 14.53 -56.15 -1.42
C4C L8Z LB . 14.94 -56.74 -0.05
O42 L8Z LB . 16.32 -56.95 -0.02
C58 L8Z LB . 14.55 -55.76 1.11
O52 L8Z LB . 15.49 -55.82 2.14
C68 L8Z LB . 14.39 -54.29 0.52
O62 L8Z LB . 15.37 -54.06 -0.49
C76 L8Z LB . 14.44 -53.17 1.66
O7 L8Z LB . 13.23 -53.11 2.26
C86 L8Z LB . 14.79 -51.75 1.11
O8 L8Z LB . 15.25 -51.90 -0.19
P1 LPP MB . 5.27 -44.86 5.22
O2 LPP MB . 5.65 -43.54 5.83
O3 LPP MB . 4.00 -45.46 5.79
O4 LPP MB . 6.38 -45.80 4.84
O5 LPP MB . 4.66 -44.30 3.54
C6 LPP MB . 4.59 -43.01 3.24
C7 LPP MB . 5.95 -42.38 2.55
C8 LPP MB . 6.92 -43.47 2.01
O9 LPP MB . 5.55 -41.39 1.59
O27 LPP MB . 7.49 -42.92 0.80
C11 LPP MB . 4.92 -41.67 0.41
O10 LPP MB . 4.62 -42.81 0.08
C12 LPP MB . 4.61 -40.44 -0.41
C13 LPP MB . 3.13 -40.20 -0.79
C14 LPP MB . 2.65 -40.90 -2.07
C15 LPP MB . 1.29 -40.37 -2.56
C16 LPP MB . 1.26 -38.85 -2.87
C17 LPP MB . 0.86 -38.52 -4.31
C18 LPP MB . 1.59 -37.32 -4.94
C19 LPP MB . 1.10 -35.93 -4.48
C20 LPP MB . -0.42 -35.80 -4.36
C21 LPP MB . -1.13 -35.51 -5.69
C22 LPP MB . -1.47 -34.02 -5.89
C23 LPP MB . -1.73 -33.64 -7.35
C24 LPP MB . -1.69 -32.12 -7.60
C25 LPP MB . -1.69 -31.81 -9.11
C26 LPP MB . -1.60 -30.32 -9.42
C29 LPP MB . 8.19 -43.65 -0.08
O28 LPP MB . 8.41 -44.83 0.07
C30 LPP MB . 8.69 -42.85 -1.31
C31 LPP MB . 8.85 -41.31 -1.13
C32 LPP MB . 7.72 -40.43 -1.73
C33 LPP MB . 7.43 -40.52 -3.27
C34 LPP MB . 6.63 -39.29 -3.83
C35 LPP MB . 5.79 -39.47 -5.15
C36 LPP MB . 5.45 -38.12 -5.89
C37 LPP MB . 4.37 -38.14 -7.01
C38 LPP MB . 3.91 -36.70 -7.48
C39 LPP MB . 3.13 -36.59 -8.83
C40 LPP MB . 2.43 -35.23 -9.08
C41 LPP MB . 1.87 -35.06 -10.52
C42 LPP MB . 0.39 -34.59 -10.64
C43 LPP MB . -0.08 -34.35 -12.09
C44 LPP MB . -1.53 -33.89 -12.21
#